data_8P2L
#
_entry.id   8P2L
#
_cell.length_a   1.00
_cell.length_b   1.00
_cell.length_c   1.00
_cell.angle_alpha   90.00
_cell.angle_beta   90.00
_cell.angle_gamma   90.00
#
_symmetry.space_group_name_H-M   'P 1'
#
loop_
_entity.id
_entity.type
_entity.pdbx_description
1 polymer 'NAD(+) hydrolase SARM1,NAD(+) hydrolase tir-1'
2 non-polymer NICOTINAMIDE-ADENINE-DINUCLEOTIDE
#
_entity_poly.entity_id   1
_entity_poly.type   'polypeptide(L)'
_entity_poly.pdbx_seq_one_letter_code
;MSYHHHHHHDYDIPTTENLYFQGAMGSERLAVPGPDGGGGTGPWWAAGGRGPREVSPGAGTEVQDALERALPELQQALSA
LKQAGGARAVGAGLAEVFQLVEEAWLLPAVGREVAQGLCDAIRLDGGLDLLLRLLQAPELETRVQAARLLEQILVAENRD
RVARIGLGVILNLAKEREPVELARSVAGILEHMFKHSEETCQRLVAAGGLDAVLYWCRRTDPALLRHCALALGNCALHGG
QAVQRRMVEKRAAEWLFPLAFSKEDELLRLHACLAVAVLATNKEVEREVERSGTLALVEPLVASLDPGRFARCLVDASDT
SQGRGPDDLQRLVPLLDSNRLEAQCIGAFYLCAEAAIKSLQGKTKVFSDIGAIQSLKRLVSYSTNGTKSALAKRALRLLG
EEVPRPILPSVPSWKEAEVQTWLQQIGFSKYCESFREQQVDGDLLLRLTEEELQTDLGMKSGITRKRFFRELTELKTFAN
YSTCDRSNLADWLGSLDPRFRQYTYGLVSCGLDRSLLHRVSEQQLLEDCGIHLGVHRARILTAAREMLHSPLPCTGGKPS
GDTPDVFISYRRSTGNQLASLIKVLLQLRGYRVFIDVDKLYAGKFDSSLLKNIQAAKHFILVLTPNSLDRLLNDDNCEDW
VHKELKCAFEHQKNIIPIFDTAFEFPTKEDQIPNDIRMITKYNGVKWVHDYQDACMAKVVRFITGELNRTTPTTKEMPSI
SRKTTQQR
;
_entity_poly.pdbx_strand_id   A,B,C,D,E,F,G,H,J,I,K,L,M,N,O,P
#
# COMPACT_ATOMS: atom_id res chain seq x y z
N GLY A 58 43.65 -27.94 -59.36
CA GLY A 58 43.85 -27.20 -58.08
C GLY A 58 45.34 -27.19 -57.67
N ALA A 59 45.85 -26.00 -57.34
CA ALA A 59 47.26 -25.76 -57.05
C ALA A 59 47.77 -26.56 -55.85
N GLY A 60 46.85 -26.97 -54.95
CA GLY A 60 47.14 -27.82 -53.80
C GLY A 60 47.88 -29.10 -54.17
N THR A 61 47.63 -29.63 -55.37
CA THR A 61 48.33 -30.80 -55.91
C THR A 61 49.85 -30.53 -56.01
N GLU A 62 50.23 -29.36 -56.51
CA GLU A 62 51.63 -28.95 -56.64
C GLU A 62 52.31 -28.86 -55.27
N VAL A 63 51.55 -28.49 -54.23
CA VAL A 63 52.04 -28.48 -52.85
C VAL A 63 52.34 -29.92 -52.39
N GLN A 64 51.50 -30.88 -52.79
CA GLN A 64 51.77 -32.30 -52.51
C GLN A 64 53.04 -32.75 -53.24
N ASP A 65 53.24 -32.30 -54.49
CA ASP A 65 54.46 -32.57 -55.24
C ASP A 65 55.69 -31.99 -54.54
N ALA A 66 55.59 -30.74 -54.05
CA ALA A 66 56.64 -30.07 -53.30
C ALA A 66 56.99 -30.83 -52.01
N LEU A 67 55.95 -31.29 -51.30
CA LEU A 67 56.10 -32.14 -50.12
C LEU A 67 56.76 -33.47 -50.48
N GLU A 68 56.29 -34.13 -51.55
CA GLU A 68 56.82 -35.41 -52.01
C GLU A 68 58.28 -35.32 -52.47
N ARG A 69 58.74 -34.12 -52.85
CA ARG A 69 60.17 -33.83 -53.04
C ARG A 69 60.87 -33.63 -51.70
N ALA A 70 60.40 -32.69 -50.87
CA ALA A 70 61.09 -32.22 -49.68
C ALA A 70 61.15 -33.28 -48.56
N LEU A 71 60.08 -34.09 -48.44
CA LEU A 71 59.92 -35.06 -47.36
C LEU A 71 61.00 -36.14 -47.38
N PRO A 72 61.29 -36.87 -48.50
CA PRO A 72 62.37 -37.84 -48.51
C PRO A 72 63.75 -37.23 -48.26
N GLU A 73 64.00 -36.00 -48.74
CA GLU A 73 65.23 -35.28 -48.41
C GLU A 73 65.34 -35.06 -46.89
N LEU A 74 64.22 -34.64 -46.29
CA LEU A 74 64.11 -34.47 -44.84
C LEU A 74 64.31 -35.79 -44.09
N GLN A 75 63.71 -36.89 -44.58
CA GLN A 75 63.91 -38.22 -43.99
C GLN A 75 65.38 -38.61 -43.99
N GLN A 76 66.08 -38.37 -45.11
CA GLN A 76 67.52 -38.62 -45.19
C GLN A 76 68.28 -37.78 -44.15
N ALA A 77 68.05 -36.45 -44.15
CA ALA A 77 68.74 -35.53 -43.25
C ALA A 77 68.47 -35.86 -41.78
N LEU A 78 67.21 -36.22 -41.44
CA LEU A 78 66.82 -36.65 -40.10
C LEU A 78 67.49 -37.98 -39.73
N SER A 79 67.47 -38.96 -40.65
CA SER A 79 68.12 -40.25 -40.40
C SER A 79 69.61 -40.05 -40.10
N ALA A 80 70.23 -39.07 -40.79
CA ALA A 80 71.61 -38.63 -40.59
C ALA A 80 71.81 -37.80 -39.30
N LEU A 81 70.77 -37.74 -38.44
CA LEU A 81 70.87 -37.23 -37.07
C LEU A 81 70.48 -38.27 -36.03
N LYS A 82 69.85 -39.39 -36.43
CA LYS A 82 69.42 -40.44 -35.51
C LYS A 82 70.62 -41.19 -34.90
N GLN A 83 71.72 -41.30 -35.66
CA GLN A 83 73.01 -41.80 -35.18
C GLN A 83 73.74 -40.73 -34.36
N ALA A 84 74.42 -41.15 -33.28
CA ALA A 84 75.24 -40.26 -32.45
C ALA A 84 76.60 -40.01 -33.11
N GLY A 85 76.59 -39.30 -34.26
CA GLY A 85 77.74 -39.19 -35.15
C GLY A 85 78.86 -38.27 -34.66
N GLY A 86 78.65 -37.57 -33.53
CA GLY A 86 79.60 -36.59 -33.01
C GLY A 86 79.42 -35.20 -33.64
N ALA A 87 80.11 -34.20 -33.08
CA ALA A 87 79.86 -32.79 -33.29
C ALA A 87 79.81 -32.39 -34.78
N ARG A 88 80.78 -32.91 -35.57
CA ARG A 88 80.91 -32.61 -36.99
C ARG A 88 79.73 -33.14 -37.80
N ALA A 89 79.38 -34.41 -37.57
CA ALA A 89 78.31 -35.10 -38.27
C ALA A 89 76.94 -34.50 -37.94
N VAL A 90 76.66 -34.28 -36.64
CA VAL A 90 75.39 -33.70 -36.22
C VAL A 90 75.27 -32.24 -36.65
N GLY A 91 76.38 -31.48 -36.62
CA GLY A 91 76.42 -30.12 -37.17
C GLY A 91 75.94 -30.06 -38.62
N ALA A 92 76.50 -30.96 -39.45
CA ALA A 92 76.11 -31.11 -40.85
C ALA A 92 74.64 -31.52 -40.99
N GLY A 93 74.22 -32.57 -40.27
CA GLY A 93 72.83 -33.05 -40.32
C GLY A 93 71.81 -31.98 -39.93
N LEU A 94 72.12 -31.21 -38.88
CA LEU A 94 71.30 -30.09 -38.43
C LEU A 94 71.25 -29.00 -39.51
N ALA A 95 72.40 -28.65 -40.11
CA ALA A 95 72.46 -27.70 -41.20
C ALA A 95 71.62 -28.14 -42.41
N GLU A 96 71.58 -29.45 -42.71
CA GLU A 96 70.77 -29.99 -43.79
C GLU A 96 69.27 -29.79 -43.54
N VAL A 97 68.78 -30.21 -42.37
CA VAL A 97 67.37 -30.03 -42.04
C VAL A 97 67.00 -28.55 -41.91
N PHE A 98 67.92 -27.72 -41.37
CA PHE A 98 67.76 -26.29 -41.27
C PHE A 98 67.58 -25.67 -42.67
N GLN A 99 68.50 -26.00 -43.59
CA GLN A 99 68.39 -25.62 -45.00
C GLN A 99 67.04 -26.04 -45.60
N LEU A 100 66.66 -27.32 -45.44
CA LEU A 100 65.41 -27.85 -45.99
C LEU A 100 64.19 -27.04 -45.51
N VAL A 101 64.12 -26.73 -44.22
CA VAL A 101 62.95 -26.04 -43.69
C VAL A 101 62.98 -24.54 -43.95
N GLU A 102 64.17 -23.90 -43.93
CA GLU A 102 64.31 -22.52 -44.38
C GLU A 102 63.86 -22.37 -45.83
N GLU A 103 64.35 -23.26 -46.71
CA GLU A 103 63.94 -23.31 -48.11
C GLU A 103 62.42 -23.48 -48.21
N ALA A 104 61.83 -24.36 -47.41
CA ALA A 104 60.39 -24.59 -47.38
C ALA A 104 59.60 -23.32 -47.00
N TRP A 105 60.04 -22.58 -45.96
CA TRP A 105 59.42 -21.30 -45.59
C TRP A 105 59.51 -20.29 -46.73
N LEU A 106 60.65 -20.28 -47.45
CA LEU A 106 60.95 -19.29 -48.48
C LEU A 106 60.21 -19.51 -49.81
N LEU A 107 59.55 -20.68 -50.01
CA LEU A 107 58.87 -20.96 -51.28
C LEU A 107 57.70 -19.99 -51.54
N PRO A 108 57.67 -19.29 -52.72
CA PRO A 108 56.50 -18.50 -53.12
C PRO A 108 55.25 -19.35 -53.35
N ALA A 109 55.45 -20.62 -53.75
CA ALA A 109 54.39 -21.60 -53.92
C ALA A 109 53.91 -22.12 -52.55
N VAL A 110 53.27 -21.21 -51.79
CA VAL A 110 52.64 -21.44 -50.49
C VAL A 110 53.54 -22.20 -49.53
N GLY A 111 54.79 -21.71 -49.39
CA GLY A 111 55.85 -22.31 -48.59
C GLY A 111 55.43 -22.70 -47.18
N ARG A 112 54.52 -21.91 -46.57
CA ARG A 112 53.99 -22.16 -45.23
C ARG A 112 53.40 -23.56 -45.10
N GLU A 113 52.68 -24.04 -46.13
CA GLU A 113 52.07 -25.35 -46.10
C GLU A 113 53.12 -26.46 -46.16
N VAL A 114 54.10 -26.30 -47.05
CA VAL A 114 55.22 -27.23 -47.21
C VAL A 114 55.99 -27.31 -45.89
N ALA A 115 56.40 -26.16 -45.36
CA ALA A 115 57.17 -26.04 -44.14
C ALA A 115 56.41 -26.57 -42.93
N GLN A 116 55.09 -26.33 -42.84
CA GLN A 116 54.25 -26.95 -41.82
C GLN A 116 54.32 -28.47 -41.92
N GLY A 117 54.19 -29.02 -43.14
CA GLY A 117 54.37 -30.45 -43.39
C GLY A 117 55.73 -30.99 -42.94
N LEU A 118 56.81 -30.21 -43.15
CA LEU A 118 58.13 -30.57 -42.65
C LEU A 118 58.18 -30.53 -41.13
N CYS A 119 57.59 -29.50 -40.50
CA CYS A 119 57.51 -29.36 -39.05
C CYS A 119 56.71 -30.51 -38.42
N ASP A 120 55.65 -30.95 -39.11
CA ASP A 120 54.86 -32.14 -38.77
C ASP A 120 55.72 -33.40 -38.84
N ALA A 121 56.44 -33.59 -39.96
CA ALA A 121 57.33 -34.71 -40.14
C ALA A 121 58.39 -34.78 -39.03
N ILE A 122 59.00 -33.63 -38.68
CA ILE A 122 59.98 -33.54 -37.60
C ILE A 122 59.35 -33.88 -36.25
N ARG A 123 58.08 -33.51 -36.03
CA ARG A 123 57.36 -33.85 -34.81
C ARG A 123 57.05 -35.36 -34.74
N LEU A 124 56.64 -35.94 -35.87
CA LEU A 124 56.20 -37.33 -35.95
C LEU A 124 57.37 -38.32 -35.86
N ASP A 125 58.47 -38.03 -36.59
CA ASP A 125 59.61 -38.92 -36.70
C ASP A 125 60.83 -38.32 -36.00
N GLY A 126 61.37 -39.03 -34.99
CA GLY A 126 62.45 -38.51 -34.17
C GLY A 126 61.97 -37.49 -33.14
N GLY A 127 61.02 -36.64 -33.55
CA GLY A 127 60.39 -35.66 -32.69
C GLY A 127 61.26 -34.42 -32.44
N LEU A 128 60.73 -33.51 -31.61
CA LEU A 128 61.53 -32.44 -31.04
C LEU A 128 62.53 -32.99 -30.01
N ASP A 129 62.41 -34.27 -29.63
CA ASP A 129 63.17 -34.87 -28.54
C ASP A 129 64.68 -34.86 -28.81
N LEU A 130 65.09 -35.33 -30.00
CA LEU A 130 66.50 -35.33 -30.36
C LEU A 130 67.04 -33.89 -30.49
N LEU A 131 66.20 -32.95 -30.92
CA LEU A 131 66.56 -31.54 -30.93
C LEU A 131 66.80 -31.07 -29.50
N LEU A 132 65.88 -31.37 -28.57
CA LEU A 132 65.98 -30.98 -27.17
C LEU A 132 67.18 -31.61 -26.45
N ARG A 133 67.61 -32.81 -26.90
CA ARG A 133 68.84 -33.42 -26.42
C ARG A 133 70.06 -32.70 -26.97
N LEU A 134 70.11 -32.45 -28.29
CA LEU A 134 71.19 -31.70 -28.90
C LEU A 134 71.28 -30.28 -28.32
N LEU A 135 70.13 -29.68 -27.99
CA LEU A 135 70.00 -28.35 -27.42
C LEU A 135 70.71 -28.20 -26.07
N GLN A 136 71.09 -29.33 -25.44
CA GLN A 136 71.79 -29.34 -24.15
C GLN A 136 73.09 -30.18 -24.19
N ALA A 137 73.50 -30.65 -25.38
CA ALA A 137 74.83 -31.22 -25.60
C ALA A 137 75.90 -30.15 -25.34
N PRO A 138 77.11 -30.50 -24.83
CA PRO A 138 78.10 -29.49 -24.42
C PRO A 138 78.66 -28.59 -25.54
N GLU A 139 78.87 -29.15 -26.74
CA GLU A 139 79.48 -28.42 -27.85
C GLU A 139 78.58 -27.29 -28.37
N LEU A 140 79.07 -26.04 -28.29
CA LEU A 140 78.32 -24.86 -28.67
C LEU A 140 77.74 -24.95 -30.08
N GLU A 141 78.52 -25.47 -31.05
CA GLU A 141 78.09 -25.62 -32.44
C GLU A 141 76.78 -26.41 -32.54
N THR A 142 76.70 -27.52 -31.79
CA THR A 142 75.54 -28.39 -31.80
C THR A 142 74.32 -27.69 -31.22
N ARG A 143 74.51 -26.97 -30.11
CA ARG A 143 73.45 -26.20 -29.46
C ARG A 143 72.94 -25.10 -30.38
N VAL A 144 73.87 -24.35 -31.00
CA VAL A 144 73.55 -23.30 -31.96
C VAL A 144 72.73 -23.87 -33.12
N GLN A 145 73.20 -24.95 -33.75
CA GLN A 145 72.53 -25.56 -34.88
C GLN A 145 71.16 -26.12 -34.50
N ALA A 146 71.05 -26.71 -33.30
CA ALA A 146 69.78 -27.20 -32.75
C ALA A 146 68.80 -26.04 -32.55
N ALA A 147 69.26 -24.98 -31.88
CA ALA A 147 68.47 -23.79 -31.60
C ALA A 147 67.99 -23.12 -32.89
N ARG A 148 68.89 -22.96 -33.86
CA ARG A 148 68.61 -22.44 -35.19
C ARG A 148 67.44 -23.19 -35.84
N LEU A 149 67.54 -24.53 -35.83
CA LEU A 149 66.52 -25.39 -36.40
C LEU A 149 65.20 -25.23 -35.64
N LEU A 150 65.26 -25.35 -34.31
CA LEU A 150 64.06 -25.32 -33.47
C LEU A 150 63.29 -24.01 -33.65
N GLU A 151 64.00 -22.88 -33.61
CA GLU A 151 63.44 -21.55 -33.85
C GLU A 151 62.67 -21.47 -35.18
N GLN A 152 63.07 -22.25 -36.20
CA GLN A 152 62.38 -22.24 -37.48
C GLN A 152 61.20 -23.20 -37.56
N ILE A 153 60.91 -23.98 -36.50
CA ILE A 153 59.90 -25.05 -36.63
C ILE A 153 58.85 -25.04 -35.50
N LEU A 154 58.82 -23.99 -34.67
CA LEU A 154 57.83 -23.87 -33.61
C LEU A 154 56.44 -23.43 -34.13
N VAL A 155 55.94 -24.19 -35.10
CA VAL A 155 54.53 -24.26 -35.47
C VAL A 155 53.70 -24.60 -34.23
N ALA A 156 52.39 -24.32 -34.25
CA ALA A 156 51.47 -24.52 -33.13
C ALA A 156 51.64 -25.88 -32.43
N GLU A 157 51.54 -27.00 -33.16
CA GLU A 157 51.64 -28.33 -32.56
C GLU A 157 53.03 -28.59 -31.96
N ASN A 158 54.06 -27.99 -32.56
CA ASN A 158 55.43 -28.11 -32.09
C ASN A 158 55.61 -27.34 -30.78
N ARG A 159 55.03 -26.14 -30.69
CA ARG A 159 54.93 -25.39 -29.43
C ARG A 159 54.18 -26.24 -28.41
N ASP A 160 53.08 -26.87 -28.84
CA ASP A 160 52.24 -27.67 -27.96
C ASP A 160 53.01 -28.83 -27.35
N ARG A 161 53.91 -29.47 -28.13
CA ARG A 161 54.81 -30.51 -27.65
C ARG A 161 55.84 -29.95 -26.67
N VAL A 162 56.62 -28.95 -27.05
CA VAL A 162 57.69 -28.48 -26.18
C VAL A 162 57.17 -27.76 -24.94
N ALA A 163 55.90 -27.33 -24.94
CA ALA A 163 55.24 -26.81 -23.75
C ALA A 163 55.10 -27.86 -22.65
N ARG A 164 55.02 -29.16 -23.02
CA ARG A 164 54.78 -30.27 -22.12
C ARG A 164 56.00 -31.18 -21.94
N ILE A 165 56.87 -31.26 -22.97
CA ILE A 165 58.14 -31.96 -22.87
C ILE A 165 59.29 -30.94 -22.88
N GLY A 166 60.15 -31.00 -21.84
CA GLY A 166 61.44 -30.34 -21.82
C GLY A 166 61.45 -28.81 -21.98
N LEU A 167 60.35 -28.12 -21.63
CA LEU A 167 60.36 -26.66 -21.58
C LEU A 167 61.50 -26.14 -20.71
N GLY A 168 61.80 -26.85 -19.60
CA GLY A 168 62.92 -26.57 -18.71
C GLY A 168 64.29 -26.47 -19.41
N VAL A 169 64.45 -27.17 -20.55
CA VAL A 169 65.67 -27.12 -21.35
C VAL A 169 65.83 -25.72 -21.96
N ILE A 170 64.73 -25.19 -22.52
CA ILE A 170 64.70 -23.86 -23.11
C ILE A 170 65.05 -22.82 -22.04
N LEU A 171 64.45 -22.95 -20.84
CA LEU A 171 64.75 -22.04 -19.74
C LEU A 171 66.18 -22.22 -19.21
N ASN A 172 66.77 -23.40 -19.40
CA ASN A 172 68.19 -23.60 -19.11
C ASN A 172 69.05 -22.78 -20.07
N LEU A 173 68.77 -22.87 -21.39
CA LEU A 173 69.44 -22.06 -22.41
C LEU A 173 69.24 -20.55 -22.20
N ALA A 174 68.11 -20.14 -21.61
CA ALA A 174 67.84 -18.73 -21.33
C ALA A 174 68.88 -18.10 -20.38
N LYS A 175 69.74 -18.92 -19.76
CA LYS A 175 70.86 -18.46 -18.93
C LYS A 175 72.15 -18.29 -19.73
N GLU A 176 72.26 -18.97 -20.88
CA GLU A 176 73.39 -18.84 -21.79
C GLU A 176 73.28 -17.57 -22.65
N ARG A 177 73.45 -16.40 -22.02
CA ARG A 177 73.06 -15.13 -22.62
C ARG A 177 74.13 -14.54 -23.54
N GLU A 178 75.36 -15.09 -23.51
CA GLU A 178 76.55 -14.49 -24.11
C GLU A 178 76.73 -14.77 -25.61
N PRO A 179 76.65 -16.03 -26.12
CA PRO A 179 76.91 -16.31 -27.53
C PRO A 179 75.76 -15.83 -28.41
N VAL A 180 76.04 -14.88 -29.30
CA VAL A 180 74.98 -14.18 -30.04
C VAL A 180 74.18 -15.11 -30.95
N GLU A 181 74.83 -16.09 -31.60
CA GLU A 181 74.15 -17.04 -32.48
C GLU A 181 73.13 -17.89 -31.71
N LEU A 182 73.51 -18.25 -30.48
CA LEU A 182 72.62 -18.94 -29.56
C LEU A 182 71.51 -17.99 -29.11
N ALA A 183 71.87 -16.80 -28.59
CA ALA A 183 70.95 -15.78 -28.09
C ALA A 183 69.84 -15.49 -29.10
N ARG A 184 70.20 -15.21 -30.36
CA ARG A 184 69.23 -14.98 -31.44
C ARG A 184 68.19 -16.10 -31.50
N SER A 185 68.69 -17.33 -31.55
CA SER A 185 67.89 -18.53 -31.72
C SER A 185 66.97 -18.73 -30.50
N VAL A 186 67.54 -18.60 -29.29
CA VAL A 186 66.83 -18.75 -28.03
C VAL A 186 65.75 -17.68 -27.87
N ALA A 187 66.09 -16.42 -28.18
CA ALA A 187 65.10 -15.34 -28.18
C ALA A 187 63.93 -15.66 -29.11
N GLY A 188 64.20 -16.14 -30.33
CA GLY A 188 63.17 -16.55 -31.26
C GLY A 188 62.31 -17.70 -30.72
N ILE A 189 62.97 -18.68 -30.08
CA ILE A 189 62.28 -19.79 -29.41
C ILE A 189 61.34 -19.24 -28.33
N LEU A 190 61.87 -18.39 -27.44
CA LEU A 190 61.10 -17.79 -26.36
C LEU A 190 59.92 -17.00 -26.92
N GLU A 191 60.17 -16.13 -27.90
CA GLU A 191 59.11 -15.44 -28.64
C GLU A 191 57.99 -16.40 -29.03
N HIS A 192 58.32 -17.50 -29.72
CA HIS A 192 57.32 -18.46 -30.17
C HIS A 192 56.60 -19.12 -29.00
N MET A 193 57.34 -19.44 -27.94
CA MET A 193 56.76 -20.10 -26.78
C MET A 193 55.82 -19.17 -26.00
N PHE A 194 56.14 -17.87 -25.90
CA PHE A 194 55.22 -16.90 -25.32
C PHE A 194 53.92 -16.82 -26.11
N LYS A 195 53.88 -17.28 -27.35
CA LYS A 195 52.65 -17.27 -28.15
C LYS A 195 51.76 -18.47 -27.83
N HIS A 196 52.18 -19.38 -26.94
CA HIS A 196 51.53 -20.69 -26.82
C HIS A 196 50.23 -20.62 -26.02
N SER A 197 50.34 -20.27 -24.73
CA SER A 197 49.22 -20.28 -23.79
C SER A 197 49.55 -19.46 -22.54
N GLU A 198 48.50 -19.17 -21.76
CA GLU A 198 48.65 -18.40 -20.52
C GLU A 198 49.58 -19.13 -19.54
N GLU A 199 49.39 -20.45 -19.42
CA GLU A 199 50.18 -21.28 -18.52
C GLU A 199 51.65 -21.23 -18.93
N THR A 200 51.92 -21.40 -20.23
CA THR A 200 53.28 -21.37 -20.73
C THR A 200 53.95 -20.03 -20.40
N CYS A 201 53.21 -18.93 -20.58
CA CYS A 201 53.73 -17.61 -20.24
C CYS A 201 54.04 -17.53 -18.76
N GLN A 202 53.13 -18.01 -17.90
CA GLN A 202 53.33 -18.00 -16.46
C GLN A 202 54.63 -18.71 -16.11
N ARG A 203 54.87 -19.89 -16.72
CA ARG A 203 56.06 -20.68 -16.45
C ARG A 203 57.31 -19.93 -16.89
N LEU A 204 57.28 -19.38 -18.12
CA LEU A 204 58.39 -18.63 -18.68
C LEU A 204 58.71 -17.35 -17.89
N VAL A 205 57.73 -16.73 -17.23
CA VAL A 205 57.89 -15.48 -16.51
C VAL A 205 58.31 -15.73 -15.06
N ALA A 206 57.83 -16.84 -14.47
CA ALA A 206 58.19 -17.23 -13.09
C ALA A 206 59.67 -17.61 -13.00
N ALA A 207 60.15 -18.39 -13.98
CA ALA A 207 61.58 -18.66 -14.14
C ALA A 207 62.24 -17.60 -15.03
N GLY A 208 63.49 -17.84 -15.45
CA GLY A 208 64.31 -16.81 -16.06
C GLY A 208 63.99 -16.42 -17.51
N GLY A 209 62.89 -16.93 -18.08
CA GLY A 209 62.54 -16.73 -19.49
C GLY A 209 62.32 -15.26 -19.85
N LEU A 210 61.51 -14.55 -19.07
CA LEU A 210 61.29 -13.12 -19.32
C LEU A 210 62.58 -12.31 -19.08
N ASP A 211 63.34 -12.68 -18.04
CA ASP A 211 64.58 -11.99 -17.70
C ASP A 211 65.61 -12.04 -18.84
N ALA A 212 65.61 -13.12 -19.62
CA ALA A 212 66.47 -13.27 -20.78
C ALA A 212 66.19 -12.21 -21.85
N VAL A 213 64.92 -12.05 -22.27
CA VAL A 213 64.56 -11.08 -23.29
C VAL A 213 64.76 -9.65 -22.77
N LEU A 214 64.43 -9.39 -21.50
CA LEU A 214 64.65 -8.07 -20.93
C LEU A 214 66.13 -7.73 -20.81
N TYR A 215 66.98 -8.72 -20.50
CA TYR A 215 68.42 -8.53 -20.57
C TYR A 215 68.86 -8.23 -22.00
N TRP A 216 68.49 -9.09 -22.95
CA TRP A 216 68.88 -8.95 -24.35
C TRP A 216 68.44 -7.64 -25.01
N CYS A 217 67.44 -6.93 -24.47
CA CYS A 217 67.10 -5.60 -24.93
C CYS A 217 68.24 -4.59 -24.80
N ARG A 218 69.28 -4.89 -24.00
CA ARG A 218 70.45 -4.01 -23.85
C ARG A 218 71.56 -4.31 -24.87
N ARG A 219 71.38 -5.35 -25.72
CA ARG A 219 72.30 -5.71 -26.79
C ARG A 219 72.02 -4.88 -28.05
N THR A 220 72.91 -5.01 -29.06
CA THR A 220 72.87 -4.22 -30.29
C THR A 220 72.37 -5.02 -31.50
N ASP A 221 72.31 -6.36 -31.38
CA ASP A 221 72.12 -7.21 -32.55
C ASP A 221 70.71 -7.10 -33.14
N PRO A 222 70.53 -6.79 -34.46
CA PRO A 222 69.20 -6.66 -35.07
C PRO A 222 68.24 -7.82 -34.88
N ALA A 223 68.69 -9.03 -35.19
CA ALA A 223 67.84 -10.22 -35.12
C ALA A 223 67.39 -10.49 -33.68
N LEU A 224 68.35 -10.40 -32.74
CA LEU A 224 68.08 -10.55 -31.32
C LEU A 224 67.01 -9.55 -30.86
N LEU A 225 67.20 -8.27 -31.18
CA LEU A 225 66.27 -7.22 -30.77
C LEU A 225 64.89 -7.42 -31.39
N ARG A 226 64.82 -7.80 -32.67
CA ARG A 226 63.56 -8.10 -33.33
C ARG A 226 62.79 -9.19 -32.58
N HIS A 227 63.48 -10.28 -32.24
CA HIS A 227 62.89 -11.34 -31.43
C HIS A 227 62.48 -10.82 -30.04
N CYS A 228 63.29 -9.97 -29.40
CA CYS A 228 62.92 -9.42 -28.10
C CYS A 228 61.61 -8.61 -28.16
N ALA A 229 61.48 -7.74 -29.16
CA ALA A 229 60.27 -6.96 -29.36
C ALA A 229 59.07 -7.88 -29.52
N LEU A 230 59.19 -8.86 -30.42
CA LEU A 230 58.10 -9.80 -30.67
C LEU A 230 57.81 -10.66 -29.44
N ALA A 231 58.83 -11.04 -28.66
CA ALA A 231 58.64 -11.81 -27.45
C ALA A 231 57.80 -11.05 -26.44
N LEU A 232 58.20 -9.81 -26.13
CA LEU A 232 57.48 -8.98 -25.17
C LEU A 232 56.06 -8.69 -25.64
N GLY A 233 55.87 -8.43 -26.92
CA GLY A 233 54.53 -8.29 -27.47
C GLY A 233 53.69 -9.56 -27.35
N ASN A 234 54.25 -10.71 -27.74
CA ASN A 234 53.57 -11.99 -27.67
C ASN A 234 53.20 -12.31 -26.22
N CYS A 235 54.13 -12.08 -25.29
CA CYS A 235 53.91 -12.28 -23.87
C CYS A 235 52.74 -11.42 -23.37
N ALA A 236 52.73 -10.11 -23.64
CA ALA A 236 51.65 -9.23 -23.27
C ALA A 236 50.30 -9.64 -23.87
N LEU A 237 50.27 -10.13 -25.11
CA LEU A 237 49.04 -10.52 -25.79
C LEU A 237 48.45 -11.86 -25.33
N HIS A 238 49.26 -12.76 -24.73
CA HIS A 238 48.82 -14.12 -24.42
C HIS A 238 48.90 -14.48 -22.93
N GLY A 239 49.74 -13.79 -22.16
CA GLY A 239 50.09 -14.14 -20.79
C GLY A 239 49.02 -13.82 -19.75
N GLY A 240 47.97 -13.09 -20.17
CA GLY A 240 46.86 -12.70 -19.31
C GLY A 240 47.26 -11.75 -18.19
N GLN A 241 46.30 -11.49 -17.29
CA GLN A 241 46.34 -10.41 -16.32
C GLN A 241 47.56 -10.52 -15.40
N ALA A 242 47.88 -11.76 -15.01
CA ALA A 242 48.92 -12.06 -14.04
C ALA A 242 50.29 -11.68 -14.57
N VAL A 243 50.64 -12.11 -15.79
CA VAL A 243 51.97 -11.83 -16.30
C VAL A 243 52.13 -10.39 -16.76
N GLN A 244 51.07 -9.76 -17.29
CA GLN A 244 51.17 -8.36 -17.66
C GLN A 244 51.66 -7.53 -16.49
N ARG A 245 51.11 -7.81 -15.30
CA ARG A 245 51.46 -7.14 -14.06
C ARG A 245 52.94 -7.39 -13.72
N ARG A 246 53.41 -8.63 -13.92
CA ARG A 246 54.81 -8.99 -13.72
C ARG A 246 55.74 -8.29 -14.71
N MET A 247 55.36 -8.21 -15.98
CA MET A 247 56.17 -7.54 -17.00
C MET A 247 56.42 -6.08 -16.61
N VAL A 248 55.38 -5.38 -16.19
CA VAL A 248 55.47 -3.98 -15.84
C VAL A 248 56.29 -3.80 -14.57
N GLU A 249 56.10 -4.70 -13.58
CA GLU A 249 56.88 -4.71 -12.36
C GLU A 249 58.37 -4.95 -12.67
N LYS A 250 58.67 -5.80 -13.65
CA LYS A 250 60.01 -6.05 -14.18
C LYS A 250 60.50 -4.93 -15.11
N ARG A 251 59.79 -3.80 -15.19
CA ARG A 251 60.21 -2.61 -15.95
C ARG A 251 60.30 -2.85 -17.45
N ALA A 252 59.42 -3.70 -18.00
CA ALA A 252 59.40 -4.01 -19.42
C ALA A 252 59.12 -2.80 -20.31
N ALA A 253 58.30 -1.86 -19.80
CA ALA A 253 57.92 -0.67 -20.54
C ALA A 253 59.12 0.23 -20.82
N GLU A 254 60.00 0.39 -19.80
CA GLU A 254 61.29 1.05 -19.96
C GLU A 254 62.17 0.31 -20.97
N TRP A 255 62.30 -1.01 -20.82
CA TRP A 255 63.18 -1.77 -21.69
C TRP A 255 62.69 -1.84 -23.14
N LEU A 256 61.41 -1.56 -23.39
CA LEU A 256 60.92 -1.39 -24.75
C LEU A 256 61.34 -0.04 -25.36
N PHE A 257 61.73 0.94 -24.54
CA PHE A 257 62.04 2.28 -25.00
C PHE A 257 63.12 2.27 -26.09
N PRO A 258 64.33 1.67 -25.90
CA PRO A 258 65.38 1.73 -26.91
C PRO A 258 65.00 1.05 -28.22
N LEU A 259 64.09 0.07 -28.15
CA LEU A 259 63.63 -0.63 -29.35
C LEU A 259 62.63 0.23 -30.12
N ALA A 260 61.73 0.92 -29.41
CA ALA A 260 60.82 1.90 -29.99
C ALA A 260 61.56 3.13 -30.54
N PHE A 261 62.62 3.59 -29.84
CA PHE A 261 63.46 4.73 -30.20
C PHE A 261 64.57 4.34 -31.19
N SER A 262 64.55 3.10 -31.72
CA SER A 262 65.52 2.66 -32.71
C SER A 262 65.39 3.44 -34.02
N LYS A 263 66.41 3.35 -34.89
CA LYS A 263 66.51 4.19 -36.08
C LYS A 263 66.43 3.35 -37.37
N GLU A 264 67.24 2.28 -37.43
CA GLU A 264 67.50 1.51 -38.65
C GLU A 264 66.27 0.70 -39.12
N ASP A 265 65.39 0.29 -38.19
CA ASP A 265 64.36 -0.69 -38.50
C ASP A 265 62.99 -0.24 -38.01
N GLU A 266 62.13 0.17 -38.97
CA GLU A 266 60.74 0.55 -38.72
C GLU A 266 59.98 -0.55 -37.98
N LEU A 267 60.23 -1.83 -38.33
CA LEU A 267 59.51 -2.93 -37.71
C LEU A 267 59.97 -3.21 -36.28
N LEU A 268 61.24 -2.96 -35.96
CA LEU A 268 61.67 -3.03 -34.56
C LEU A 268 60.91 -1.98 -33.73
N ARG A 269 60.78 -0.75 -34.25
CA ARG A 269 60.00 0.29 -33.59
C ARG A 269 58.53 -0.14 -33.47
N LEU A 270 57.95 -0.67 -34.54
CA LEU A 270 56.52 -0.97 -34.64
C LEU A 270 56.14 -2.12 -33.71
N HIS A 271 57.00 -3.14 -33.59
CA HIS A 271 56.76 -4.25 -32.70
C HIS A 271 56.90 -3.79 -31.25
N ALA A 272 57.91 -2.97 -30.95
CA ALA A 272 58.09 -2.44 -29.61
C ALA A 272 56.89 -1.58 -29.18
N CYS A 273 56.36 -0.77 -30.09
CA CYS A 273 55.19 0.04 -29.85
C CYS A 273 53.94 -0.80 -29.61
N LEU A 274 53.74 -1.90 -30.35
CA LEU A 274 52.62 -2.80 -30.10
C LEU A 274 52.65 -3.34 -28.67
N ALA A 275 53.83 -3.75 -28.21
CA ALA A 275 53.99 -4.24 -26.85
C ALA A 275 53.47 -3.22 -25.82
N VAL A 276 53.95 -1.97 -25.86
CA VAL A 276 53.54 -0.99 -24.85
C VAL A 276 52.07 -0.60 -25.00
N ALA A 277 51.53 -0.63 -26.22
CA ALA A 277 50.12 -0.34 -26.47
C ALA A 277 49.22 -1.39 -25.82
N VAL A 278 49.58 -2.66 -25.99
CA VAL A 278 48.87 -3.76 -25.36
C VAL A 278 48.95 -3.65 -23.84
N LEU A 279 50.14 -3.38 -23.26
CA LEU A 279 50.28 -3.16 -21.83
C LEU A 279 49.44 -1.97 -21.32
N ALA A 280 49.39 -0.86 -22.06
CA ALA A 280 48.64 0.31 -21.65
C ALA A 280 47.12 0.07 -21.71
N THR A 281 46.68 -0.95 -22.43
CA THR A 281 45.26 -1.32 -22.49
C THR A 281 44.78 -1.95 -21.18
N ASN A 282 45.70 -2.44 -20.34
CA ASN A 282 45.42 -2.98 -19.02
C ASN A 282 45.39 -1.81 -18.04
N LYS A 283 44.22 -1.56 -17.40
CA LYS A 283 43.96 -0.37 -16.61
C LYS A 283 44.81 -0.28 -15.34
N GLU A 284 45.15 -1.44 -14.77
CA GLU A 284 45.91 -1.45 -13.53
C GLU A 284 47.34 -0.97 -13.77
N VAL A 285 47.96 -1.41 -14.86
CA VAL A 285 49.36 -1.11 -15.11
C VAL A 285 49.55 0.18 -15.92
N GLU A 286 48.46 0.75 -16.45
CA GLU A 286 48.44 1.92 -17.33
C GLU A 286 49.35 3.04 -16.80
N ARG A 287 49.21 3.38 -15.53
CA ARG A 287 49.92 4.49 -14.93
C ARG A 287 51.44 4.31 -14.94
N GLU A 288 51.94 3.08 -14.78
CA GLU A 288 53.36 2.81 -14.82
C GLU A 288 53.91 2.79 -16.25
N VAL A 289 53.13 2.26 -17.22
CA VAL A 289 53.60 2.28 -18.60
C VAL A 289 53.57 3.70 -19.19
N GLU A 290 52.71 4.59 -18.66
CA GLU A 290 52.84 6.01 -18.90
C GLU A 290 54.15 6.53 -18.35
N ARG A 291 54.45 6.16 -17.09
CA ARG A 291 55.62 6.67 -16.39
C ARG A 291 56.92 6.38 -17.15
N SER A 292 56.96 5.26 -17.92
CA SER A 292 58.15 4.90 -18.69
C SER A 292 58.44 5.89 -19.81
N GLY A 293 57.41 6.61 -20.28
CA GLY A 293 57.56 7.55 -21.38
C GLY A 293 57.49 6.91 -22.76
N THR A 294 57.46 5.57 -22.82
CA THR A 294 57.55 4.86 -24.08
C THR A 294 56.29 5.04 -24.94
N LEU A 295 55.15 5.32 -24.30
CA LEU A 295 53.92 5.57 -25.02
C LEU A 295 53.99 6.82 -25.90
N ALA A 296 54.78 7.83 -25.51
CA ALA A 296 54.94 9.06 -26.28
C ALA A 296 55.52 8.81 -27.68
N LEU A 297 56.18 7.67 -27.89
CA LEU A 297 56.75 7.29 -29.17
C LEU A 297 55.71 6.70 -30.13
N VAL A 298 54.54 6.24 -29.64
CA VAL A 298 53.67 5.39 -30.42
C VAL A 298 52.99 6.16 -31.55
N GLU A 299 52.30 7.27 -31.24
CA GLU A 299 51.58 8.01 -32.28
C GLU A 299 52.52 8.57 -33.37
N PRO A 300 53.64 9.26 -33.00
CA PRO A 300 54.59 9.75 -33.98
C PRO A 300 55.09 8.67 -34.93
N LEU A 301 55.37 7.45 -34.43
CA LEU A 301 55.73 6.33 -35.27
C LEU A 301 54.57 5.93 -36.20
N VAL A 302 53.39 5.70 -35.64
CA VAL A 302 52.26 5.20 -36.40
C VAL A 302 51.89 6.17 -37.52
N ALA A 303 52.05 7.48 -37.27
CA ALA A 303 51.82 8.53 -38.27
C ALA A 303 52.83 8.48 -39.42
N SER A 304 54.05 8.00 -39.15
CA SER A 304 55.16 7.93 -40.09
C SER A 304 55.00 6.82 -41.13
N LEU A 305 54.52 5.64 -40.72
CA LEU A 305 54.50 4.43 -41.55
C LEU A 305 53.29 4.38 -42.49
N ASP A 306 53.32 3.38 -43.40
CA ASP A 306 52.25 3.12 -44.36
C ASP A 306 51.68 1.71 -44.18
N PRO A 307 50.38 1.52 -43.85
CA PRO A 307 49.76 0.19 -43.79
C PRO A 307 49.84 -0.64 -45.07
N GLY A 308 49.93 0.01 -46.22
CA GLY A 308 50.00 -0.67 -47.50
C GLY A 308 51.27 -1.50 -47.70
N ARG A 309 52.33 -1.20 -46.92
CA ARG A 309 53.65 -1.82 -47.04
C ARG A 309 53.58 -3.35 -47.04
N PHE A 310 52.89 -3.92 -46.05
CA PHE A 310 52.80 -5.36 -45.86
C PHE A 310 52.16 -6.06 -47.07
N ALA A 311 51.06 -5.48 -47.59
CA ALA A 311 50.35 -6.00 -48.74
C ALA A 311 51.14 -5.92 -50.06
N ARG A 312 52.29 -5.20 -50.08
CA ARG A 312 53.21 -5.19 -51.21
C ARG A 312 54.55 -5.92 -50.93
N CYS A 313 54.81 -6.26 -49.66
CA CYS A 313 55.82 -7.26 -49.29
C CYS A 313 55.33 -8.65 -49.70
N LEU A 314 54.05 -8.93 -49.39
CA LEU A 314 53.26 -9.99 -50.01
C LEU A 314 53.17 -9.76 -51.52
N VAL A 315 53.16 -10.85 -52.33
CA VAL A 315 52.92 -10.75 -53.77
C VAL A 315 51.42 -10.93 -54.10
N ASP A 316 51.10 -10.93 -55.40
CA ASP A 316 49.73 -11.05 -55.90
C ASP A 316 49.20 -12.50 -55.82
N ALA A 317 47.98 -12.69 -56.35
CA ALA A 317 47.23 -13.94 -56.30
C ALA A 317 47.01 -14.39 -54.84
N SER A 318 47.17 -15.70 -54.57
CA SER A 318 46.83 -16.30 -53.29
C SER A 318 48.05 -16.50 -52.37
N ASP A 319 49.07 -15.63 -52.51
CA ASP A 319 50.20 -15.57 -51.58
C ASP A 319 49.70 -15.51 -50.14
N THR A 320 50.15 -16.49 -49.32
CA THR A 320 49.78 -16.63 -47.91
C THR A 320 51.01 -16.52 -47.00
N SER A 321 52.13 -16.00 -47.52
CA SER A 321 53.39 -15.81 -46.79
C SER A 321 53.28 -14.77 -45.67
N GLN A 322 52.25 -13.90 -45.73
CA GLN A 322 51.89 -12.97 -44.67
C GLN A 322 50.38 -12.97 -44.44
N GLY A 323 49.97 -12.55 -43.23
CA GLY A 323 48.58 -12.40 -42.83
C GLY A 323 48.22 -13.19 -41.57
N ARG A 324 47.76 -12.47 -40.54
CA ARG A 324 47.31 -13.02 -39.27
C ARG A 324 46.05 -13.88 -39.43
N GLY A 325 45.99 -14.98 -38.66
CA GLY A 325 44.77 -15.77 -38.56
C GLY A 325 43.75 -15.13 -37.63
N PRO A 326 42.48 -15.61 -37.58
CA PRO A 326 41.44 -15.02 -36.75
C PRO A 326 41.78 -14.78 -35.28
N ASP A 327 42.50 -15.71 -34.62
CA ASP A 327 42.92 -15.54 -33.24
C ASP A 327 43.83 -14.31 -33.11
N ASP A 328 44.85 -14.22 -33.99
CA ASP A 328 45.83 -13.15 -33.95
C ASP A 328 45.22 -11.80 -34.29
N LEU A 329 44.17 -11.79 -35.13
CA LEU A 329 43.41 -10.58 -35.42
C LEU A 329 42.56 -10.20 -34.23
N GLN A 330 41.85 -11.16 -33.63
CA GLN A 330 40.87 -10.89 -32.59
C GLN A 330 41.51 -10.12 -31.43
N ARG A 331 42.78 -10.38 -31.15
CA ARG A 331 43.52 -9.75 -30.07
C ARG A 331 43.81 -8.26 -30.32
N LEU A 332 43.79 -7.83 -31.58
CA LEU A 332 43.98 -6.43 -31.92
C LEU A 332 42.72 -5.60 -31.65
N VAL A 333 41.53 -6.15 -31.88
CA VAL A 333 40.27 -5.41 -31.75
C VAL A 333 40.13 -4.68 -30.41
N PRO A 334 40.37 -5.28 -29.23
CA PRO A 334 40.33 -4.52 -27.97
C PRO A 334 41.29 -3.33 -27.88
N LEU A 335 42.31 -3.26 -28.75
CA LEU A 335 43.10 -2.04 -28.84
C LEU A 335 42.29 -0.89 -29.43
N LEU A 336 41.47 -1.17 -30.45
CA LEU A 336 40.53 -0.18 -30.97
C LEU A 336 39.53 0.26 -29.90
N ASP A 337 39.05 -0.69 -29.10
CA ASP A 337 38.02 -0.41 -28.12
C ASP A 337 38.56 0.29 -26.89
N SER A 338 39.89 0.37 -26.74
CA SER A 338 40.51 0.99 -25.57
C SER A 338 40.34 2.51 -25.52
N ASN A 339 40.57 3.08 -24.33
CA ASN A 339 40.51 4.52 -24.15
C ASN A 339 41.84 5.17 -24.52
N ARG A 340 42.91 4.39 -24.66
CA ARG A 340 44.23 4.95 -24.97
C ARG A 340 44.26 5.38 -26.44
N LEU A 341 44.66 6.63 -26.67
CA LEU A 341 44.90 7.09 -28.01
C LEU A 341 45.96 6.20 -28.70
N GLU A 342 47.04 5.85 -27.98
CA GLU A 342 48.16 5.13 -28.56
C GLU A 342 47.71 3.74 -29.03
N ALA A 343 47.01 3.02 -28.16
CA ALA A 343 46.47 1.71 -28.52
C ALA A 343 45.47 1.77 -29.68
N GLN A 344 44.61 2.79 -29.73
CA GLN A 344 43.69 2.96 -30.83
C GLN A 344 44.44 3.23 -32.12
N CYS A 345 45.52 4.03 -32.09
CA CYS A 345 46.32 4.30 -33.27
C CYS A 345 46.98 3.03 -33.79
N ILE A 346 47.75 2.34 -32.93
CA ILE A 346 48.49 1.16 -33.37
C ILE A 346 47.57 -0.02 -33.72
N GLY A 347 46.48 -0.17 -33.00
CA GLY A 347 45.46 -1.13 -33.39
C GLY A 347 44.86 -0.85 -34.76
N ALA A 348 44.53 0.41 -35.05
CA ALA A 348 44.05 0.79 -36.36
C ALA A 348 45.12 0.60 -37.41
N PHE A 349 46.40 0.85 -37.08
CA PHE A 349 47.49 0.60 -38.01
C PHE A 349 47.56 -0.87 -38.42
N TYR A 350 47.72 -1.77 -37.44
CA TYR A 350 47.83 -3.21 -37.70
C TYR A 350 46.60 -3.75 -38.42
N LEU A 351 45.41 -3.32 -38.02
CA LEU A 351 44.20 -3.82 -38.61
C LEU A 351 43.98 -3.28 -40.01
N CYS A 352 44.53 -2.10 -40.31
CA CYS A 352 44.51 -1.56 -41.66
C CYS A 352 45.49 -2.33 -42.57
N ALA A 353 46.69 -2.63 -42.07
CA ALA A 353 47.63 -3.48 -42.78
C ALA A 353 47.00 -4.84 -43.15
N GLU A 354 46.34 -5.47 -42.17
CA GLU A 354 45.60 -6.69 -42.39
C GLU A 354 44.46 -6.53 -43.38
N ALA A 355 43.73 -5.42 -43.33
CA ALA A 355 42.67 -5.16 -44.30
C ALA A 355 43.21 -5.14 -45.72
N ALA A 356 44.39 -4.55 -45.92
CA ALA A 356 45.05 -4.55 -47.23
C ALA A 356 45.36 -5.97 -47.68
N ILE A 357 46.02 -6.75 -46.82
CA ILE A 357 46.40 -8.14 -47.09
C ILE A 357 45.16 -9.00 -47.41
N LYS A 358 44.15 -8.95 -46.53
CA LYS A 358 42.95 -9.76 -46.64
C LYS A 358 42.10 -9.39 -47.86
N SER A 359 41.98 -8.10 -48.18
CA SER A 359 41.23 -7.67 -49.36
C SER A 359 41.91 -8.13 -50.64
N LEU A 360 43.25 -8.08 -50.70
CA LEU A 360 44.02 -8.66 -51.80
C LEU A 360 43.73 -10.16 -51.94
N GLN A 361 43.75 -10.90 -50.81
CA GLN A 361 43.50 -12.34 -50.77
C GLN A 361 42.03 -12.71 -50.97
N GLY A 362 41.11 -11.73 -50.95
CA GLY A 362 39.67 -11.97 -51.06
C GLY A 362 39.03 -12.56 -49.79
N LYS A 363 39.69 -12.39 -48.64
CA LYS A 363 39.32 -13.01 -47.37
C LYS A 363 38.73 -11.99 -46.39
N THR A 364 37.87 -11.09 -46.87
CA THR A 364 37.38 -9.96 -46.08
C THR A 364 36.34 -10.34 -45.03
N LYS A 365 35.76 -11.57 -45.12
CA LYS A 365 34.68 -12.02 -44.24
C LYS A 365 35.04 -11.90 -42.76
N VAL A 366 36.30 -12.21 -42.42
CA VAL A 366 36.80 -12.31 -41.05
C VAL A 366 36.50 -11.07 -40.21
N PHE A 367 36.71 -9.86 -40.76
CA PHE A 367 36.53 -8.64 -40.02
C PHE A 367 35.10 -8.43 -39.50
N SER A 368 34.12 -9.00 -40.20
CA SER A 368 32.71 -8.78 -39.91
C SER A 368 32.27 -9.52 -38.63
N ASP A 369 32.94 -10.63 -38.28
CA ASP A 369 32.58 -11.47 -37.14
C ASP A 369 33.64 -11.48 -36.03
N ILE A 370 34.87 -11.10 -36.35
CA ILE A 370 35.81 -10.57 -35.36
C ILE A 370 35.26 -9.31 -34.66
N GLY A 371 34.29 -8.64 -35.29
CA GLY A 371 33.64 -7.43 -34.78
C GLY A 371 34.47 -6.17 -35.00
N ALA A 372 35.42 -6.21 -35.93
CA ALA A 372 36.30 -5.09 -36.25
C ALA A 372 35.52 -3.92 -36.89
N ILE A 373 34.50 -4.23 -37.70
CA ILE A 373 33.84 -3.24 -38.53
C ILE A 373 33.18 -2.15 -37.68
N GLN A 374 32.27 -2.54 -36.77
CA GLN A 374 31.63 -1.57 -35.89
C GLN A 374 32.65 -0.78 -35.06
N SER A 375 33.76 -1.43 -34.67
CA SER A 375 34.77 -0.78 -33.87
C SER A 375 35.51 0.30 -34.67
N LEU A 376 35.85 0.00 -35.93
CA LEU A 376 36.45 1.00 -36.81
C LEU A 376 35.46 2.14 -37.09
N LYS A 377 34.19 1.84 -37.40
CA LYS A 377 33.18 2.87 -37.59
C LYS A 377 33.06 3.77 -36.37
N ARG A 378 33.14 3.20 -35.17
CA ARG A 378 33.15 3.98 -33.94
C ARG A 378 34.38 4.88 -33.83
N LEU A 379 35.59 4.41 -34.20
CA LEU A 379 36.76 5.27 -34.18
C LEU A 379 36.56 6.47 -35.09
N VAL A 380 36.01 6.28 -36.29
CA VAL A 380 35.82 7.39 -37.21
C VAL A 380 34.78 8.34 -36.63
N SER A 381 33.67 7.81 -36.12
CA SER A 381 32.54 8.59 -35.67
C SER A 381 32.95 9.58 -34.58
N TYR A 382 33.59 9.10 -33.52
CA TYR A 382 33.90 9.95 -32.38
C TYR A 382 35.36 10.40 -32.38
N SER A 383 35.97 10.44 -33.57
CA SER A 383 37.38 10.79 -33.74
C SER A 383 37.66 12.23 -33.30
N THR A 384 38.81 12.41 -32.63
CA THR A 384 39.35 13.72 -32.31
C THR A 384 40.85 13.78 -32.60
N ASN A 385 41.26 12.96 -33.58
CA ASN A 385 42.66 12.74 -33.91
C ASN A 385 42.78 12.25 -35.34
N GLY A 386 43.64 12.94 -36.12
CA GLY A 386 43.79 12.70 -37.54
C GLY A 386 44.40 11.35 -37.85
N THR A 387 45.50 11.00 -37.15
CA THR A 387 46.28 9.80 -37.43
C THR A 387 45.40 8.57 -37.31
N LYS A 388 44.69 8.46 -36.18
CA LYS A 388 43.71 7.41 -35.93
C LYS A 388 42.63 7.38 -37.02
N SER A 389 42.09 8.54 -37.41
CA SER A 389 40.97 8.64 -38.33
C SER A 389 41.36 8.18 -39.73
N ALA A 390 42.54 8.61 -40.19
CA ALA A 390 43.06 8.26 -41.49
C ALA A 390 43.13 6.74 -41.63
N LEU A 391 43.77 6.09 -40.65
CA LEU A 391 43.93 4.65 -40.62
C LEU A 391 42.60 3.93 -40.61
N ALA A 392 41.66 4.35 -39.77
CA ALA A 392 40.36 3.71 -39.66
C ALA A 392 39.52 3.85 -40.94
N LYS A 393 39.52 5.03 -41.56
CA LYS A 393 38.79 5.27 -42.79
C LYS A 393 39.43 4.44 -43.91
N ARG A 394 40.77 4.44 -43.99
CA ARG A 394 41.49 3.66 -44.99
C ARG A 394 41.16 2.17 -44.88
N ALA A 395 41.15 1.66 -43.64
CA ALA A 395 40.76 0.29 -43.36
C ALA A 395 39.35 -0.01 -43.86
N LEU A 396 38.35 0.82 -43.49
CA LEU A 396 36.99 0.61 -43.94
C LEU A 396 36.86 0.62 -45.47
N ARG A 397 37.59 1.51 -46.16
CA ARG A 397 37.61 1.55 -47.62
C ARG A 397 38.22 0.29 -48.22
N LEU A 398 39.35 -0.19 -47.67
CA LEU A 398 39.96 -1.44 -48.13
C LEU A 398 39.00 -2.62 -47.99
N LEU A 399 38.20 -2.62 -46.91
CA LEU A 399 37.19 -3.65 -46.66
C LEU A 399 35.89 -3.41 -47.43
N GLY A 400 35.82 -2.34 -48.24
CA GLY A 400 34.65 -2.04 -49.07
C GLY A 400 33.41 -1.63 -48.28
N GLU A 401 33.58 -1.19 -47.02
CA GLU A 401 32.49 -0.65 -46.23
C GLU A 401 32.24 0.83 -46.55
N GLU A 402 31.00 1.28 -46.36
CA GLU A 402 30.70 2.70 -46.35
C GLU A 402 31.31 3.36 -45.10
N VAL A 403 31.85 4.58 -45.27
CA VAL A 403 32.61 5.26 -44.24
C VAL A 403 31.74 6.33 -43.60
N PRO A 404 31.62 6.36 -42.24
CA PRO A 404 30.76 7.35 -41.60
C PRO A 404 31.40 8.74 -41.61
N ARG A 405 30.56 9.78 -41.73
CA ARG A 405 30.99 11.15 -41.48
C ARG A 405 31.28 11.34 -39.99
N PRO A 406 32.37 12.03 -39.57
CA PRO A 406 32.58 12.30 -38.15
C PRO A 406 31.42 13.18 -37.69
N ILE A 407 30.87 12.88 -36.52
CA ILE A 407 29.59 13.45 -36.09
C ILE A 407 29.79 14.82 -35.42
N LEU A 408 28.84 15.76 -35.60
CA LEU A 408 28.98 17.11 -35.04
C LEU A 408 28.94 17.08 -33.50
N PRO A 409 29.93 17.60 -32.76
CA PRO A 409 29.91 17.47 -31.32
C PRO A 409 28.84 18.27 -30.55
N SER A 410 28.24 19.29 -31.16
CA SER A 410 27.30 20.15 -30.44
C SER A 410 25.90 19.52 -30.40
N VAL A 411 25.78 18.44 -29.63
CA VAL A 411 24.60 17.60 -29.62
C VAL A 411 23.37 18.41 -29.26
N PRO A 412 23.41 19.33 -28.32
CA PRO A 412 22.21 20.09 -27.97
C PRO A 412 21.60 20.87 -29.11
N SER A 413 22.43 21.24 -30.09
CA SER A 413 21.98 21.97 -31.28
C SER A 413 21.58 21.07 -32.47
N TRP A 414 21.63 19.75 -32.35
CA TRP A 414 21.30 18.89 -33.46
C TRP A 414 19.83 19.05 -33.82
N LYS A 415 19.52 18.95 -35.11
CA LYS A 415 18.15 18.82 -35.54
C LYS A 415 17.87 17.36 -35.87
N GLU A 416 16.67 17.08 -36.40
CA GLU A 416 16.28 15.74 -36.79
C GLU A 416 17.29 15.04 -37.70
N ALA A 417 17.84 15.76 -38.67
CA ALA A 417 18.75 15.12 -39.62
C ALA A 417 20.05 14.60 -38.97
N GLU A 418 20.55 15.30 -37.95
CA GLU A 418 21.74 14.79 -37.27
C GLU A 418 21.38 13.54 -36.49
N VAL A 419 20.23 13.53 -35.82
CA VAL A 419 19.82 12.36 -35.08
C VAL A 419 19.70 11.19 -36.03
N GLN A 420 19.02 11.36 -37.17
CA GLN A 420 18.97 10.28 -38.13
C GLN A 420 20.36 9.83 -38.57
N THR A 421 21.32 10.73 -38.75
CA THR A 421 22.66 10.34 -39.13
C THR A 421 23.30 9.50 -38.04
N TRP A 422 23.24 9.95 -36.80
CA TRP A 422 23.90 9.27 -35.70
C TRP A 422 23.32 7.89 -35.49
N LEU A 423 21.99 7.74 -35.55
CA LEU A 423 21.37 6.44 -35.44
C LEU A 423 21.90 5.44 -36.49
N GLN A 424 22.14 5.90 -37.71
CA GLN A 424 22.69 5.04 -38.74
C GLN A 424 24.13 4.62 -38.44
N GLN A 425 24.94 5.50 -37.89
CA GLN A 425 26.30 5.14 -37.56
C GLN A 425 26.38 4.12 -36.43
N ILE A 426 25.59 4.27 -35.38
CA ILE A 426 25.66 3.39 -34.23
C ILE A 426 24.87 2.11 -34.48
N GLY A 427 24.33 1.95 -35.70
CA GLY A 427 23.71 0.69 -36.10
C GLY A 427 22.31 0.50 -35.55
N PHE A 428 21.66 1.60 -35.16
CA PHE A 428 20.25 1.56 -34.79
C PHE A 428 19.34 1.95 -35.97
N SER A 429 19.77 1.74 -37.22
CA SER A 429 19.01 2.20 -38.38
C SER A 429 17.58 1.64 -38.45
N LYS A 430 17.32 0.52 -37.78
CA LYS A 430 15.99 -0.02 -37.68
C LYS A 430 15.03 0.96 -37.00
N TYR A 431 15.53 1.84 -36.15
CA TYR A 431 14.71 2.77 -35.38
C TYR A 431 14.60 4.15 -36.03
N CYS A 432 15.32 4.41 -37.12
CA CYS A 432 15.32 5.71 -37.77
C CYS A 432 13.92 6.23 -38.03
N GLU A 433 13.05 5.37 -38.55
CA GLU A 433 11.69 5.76 -38.84
C GLU A 433 10.96 6.28 -37.60
N SER A 434 11.03 5.56 -36.48
CA SER A 434 10.37 6.00 -35.27
C SER A 434 10.93 7.34 -34.83
N PHE A 435 12.25 7.50 -34.78
CA PHE A 435 12.83 8.73 -34.32
C PHE A 435 12.47 9.89 -35.25
N ARG A 436 12.26 9.62 -36.55
CA ARG A 436 11.85 10.62 -37.53
C ARG A 436 10.39 11.02 -37.29
N GLU A 437 9.52 10.04 -37.20
CA GLU A 437 8.11 10.28 -36.98
C GLU A 437 7.84 11.01 -35.67
N GLN A 438 8.50 10.64 -34.57
CA GLN A 438 8.37 11.34 -33.32
C GLN A 438 9.18 12.64 -33.30
N GLN A 439 9.90 12.97 -34.37
CA GLN A 439 10.68 14.20 -34.47
C GLN A 439 11.70 14.41 -33.34
N VAL A 440 12.49 13.38 -33.03
CA VAL A 440 13.47 13.55 -31.99
C VAL A 440 14.60 14.39 -32.57
N ASP A 441 15.05 15.37 -31.78
CA ASP A 441 16.18 16.23 -32.14
C ASP A 441 17.19 16.19 -31.00
N GLY A 442 18.21 17.02 -31.07
CA GLY A 442 19.29 16.88 -30.12
C GLY A 442 18.89 17.02 -28.66
N ASP A 443 18.03 17.99 -28.34
CA ASP A 443 17.61 18.19 -26.98
C ASP A 443 16.76 17.02 -26.50
N LEU A 444 15.89 16.50 -27.36
CA LEU A 444 15.08 15.37 -26.96
C LEU A 444 15.92 14.10 -26.81
N LEU A 445 16.87 13.88 -27.72
CA LEU A 445 17.74 12.72 -27.68
C LEU A 445 18.51 12.74 -26.37
N LEU A 446 19.13 13.84 -25.98
CA LEU A 446 19.91 13.90 -24.76
C LEU A 446 19.08 13.67 -23.51
N ARG A 447 17.76 13.70 -23.62
CA ARG A 447 16.88 13.57 -22.46
C ARG A 447 15.99 12.34 -22.52
N LEU A 448 16.18 11.39 -23.47
CA LEU A 448 15.32 10.23 -23.59
C LEU A 448 15.41 9.41 -22.33
N THR A 449 14.23 9.09 -21.79
CA THR A 449 14.13 8.20 -20.66
C THR A 449 13.84 6.80 -21.18
N GLU A 450 13.99 5.79 -20.31
CA GLU A 450 13.65 4.43 -20.72
C GLU A 450 12.19 4.25 -21.14
N GLU A 451 11.29 4.95 -20.45
CA GLU A 451 9.87 4.93 -20.74
C GLU A 451 9.52 5.38 -22.16
N GLU A 452 10.13 6.50 -22.60
CA GLU A 452 9.86 7.02 -23.93
C GLU A 452 10.40 6.06 -24.96
N LEU A 453 11.60 5.57 -24.69
CA LEU A 453 12.32 4.71 -25.62
C LEU A 453 11.52 3.45 -25.85
N GLN A 454 10.97 2.88 -24.78
CA GLN A 454 10.11 1.70 -24.85
C GLN A 454 8.80 1.96 -25.57
N THR A 455 8.09 3.00 -25.10
CA THR A 455 6.69 3.18 -25.45
C THR A 455 6.46 3.95 -26.77
N ASP A 456 7.21 5.04 -26.97
CA ASP A 456 6.98 5.99 -28.05
C ASP A 456 7.81 5.66 -29.27
N LEU A 457 9.04 5.19 -29.05
CA LEU A 457 9.94 4.89 -30.17
C LEU A 457 9.90 3.41 -30.56
N GLY A 458 9.29 2.55 -29.72
CA GLY A 458 9.07 1.18 -30.15
C GLY A 458 10.20 0.20 -29.82
N MET A 459 11.08 0.58 -28.91
CA MET A 459 12.22 -0.24 -28.58
C MET A 459 11.83 -1.16 -27.41
N LYS A 460 11.19 -2.28 -27.78
CA LYS A 460 10.51 -3.18 -26.84
C LYS A 460 11.49 -3.90 -25.92
N SER A 461 12.57 -4.43 -26.50
CA SER A 461 13.54 -5.26 -25.82
C SER A 461 14.34 -4.47 -24.79
N GLY A 462 14.38 -4.92 -23.56
CA GLY A 462 15.17 -4.26 -22.52
C GLY A 462 16.65 -4.32 -22.81
N ILE A 463 17.10 -5.41 -23.46
CA ILE A 463 18.51 -5.53 -23.82
C ILE A 463 18.79 -4.47 -24.89
N THR A 464 17.89 -4.32 -25.88
CA THR A 464 18.14 -3.33 -26.91
C THR A 464 18.19 -1.93 -26.31
N ARG A 465 17.29 -1.59 -25.39
CA ARG A 465 17.39 -0.32 -24.72
C ARG A 465 18.72 -0.19 -23.99
N LYS A 466 19.24 -1.23 -23.38
CA LYS A 466 20.49 -1.20 -22.65
C LYS A 466 21.60 -0.90 -23.66
N ARG A 467 21.54 -1.42 -24.89
CA ARG A 467 22.57 -1.10 -25.86
C ARG A 467 22.42 0.34 -26.32
N PHE A 468 21.18 0.81 -26.53
CA PHE A 468 20.97 2.19 -26.93
C PHE A 468 21.55 3.13 -25.89
N PHE A 469 21.24 2.96 -24.62
CA PHE A 469 21.81 3.83 -23.64
C PHE A 469 23.33 3.76 -23.55
N ARG A 470 23.90 2.62 -23.89
CA ARG A 470 25.36 2.47 -23.91
C ARG A 470 25.93 3.39 -24.98
N GLU A 471 25.29 3.44 -26.16
CA GLU A 471 25.67 4.31 -27.27
C GLU A 471 25.48 5.77 -26.89
N LEU A 472 24.28 6.07 -26.40
CA LEU A 472 23.92 7.41 -26.05
C LEU A 472 24.87 7.95 -24.98
N THR A 473 25.37 7.08 -24.10
CA THR A 473 26.27 7.57 -23.06
C THR A 473 27.61 7.96 -23.64
N GLU A 474 28.06 7.28 -24.69
CA GLU A 474 29.28 7.68 -25.32
C GLU A 474 29.06 9.05 -25.98
N LEU A 475 27.95 9.24 -26.72
CA LEU A 475 27.64 10.54 -27.30
C LEU A 475 27.58 11.61 -26.24
N LYS A 476 26.79 11.43 -25.18
CA LYS A 476 26.76 12.41 -24.12
C LYS A 476 28.16 12.76 -23.60
N THR A 477 29.08 11.81 -23.57
CA THR A 477 30.40 12.03 -23.00
C THR A 477 31.26 12.79 -24.00
N PHE A 478 31.05 12.60 -25.29
CA PHE A 478 31.80 13.23 -26.36
C PHE A 478 31.38 14.67 -26.56
N ALA A 479 30.10 14.96 -26.29
CA ALA A 479 29.44 16.19 -26.72
C ALA A 479 30.04 17.46 -26.16
N ASN A 480 29.77 18.54 -26.92
CA ASN A 480 30.13 19.91 -26.61
C ASN A 480 28.90 20.62 -26.03
N TYR A 481 29.00 21.16 -24.81
CA TYR A 481 27.84 21.75 -24.19
C TYR A 481 27.94 23.30 -24.07
N SER A 482 28.68 23.97 -24.95
CA SER A 482 28.96 25.40 -24.89
C SER A 482 27.68 26.24 -24.90
N THR A 483 26.65 25.76 -25.58
CA THR A 483 25.41 26.49 -25.68
C THR A 483 24.52 26.36 -24.44
N CYS A 484 24.95 25.60 -23.43
CA CYS A 484 24.10 25.16 -22.32
C CYS A 484 24.77 25.47 -20.99
N ASP A 485 26.05 25.15 -20.92
CA ASP A 485 26.76 25.09 -19.67
C ASP A 485 27.54 26.39 -19.49
N ARG A 486 26.96 27.36 -18.79
CA ARG A 486 27.64 28.62 -18.47
C ARG A 486 28.83 28.40 -17.52
N SER A 487 28.74 27.40 -16.63
CA SER A 487 29.62 27.29 -15.48
C SER A 487 30.70 26.22 -15.65
N ASN A 488 30.74 25.61 -16.85
CA ASN A 488 31.64 24.52 -17.18
C ASN A 488 31.50 23.41 -16.14
N LEU A 489 30.25 23.06 -15.90
CA LEU A 489 29.91 21.96 -15.03
C LEU A 489 30.33 20.65 -15.65
N ALA A 490 30.41 20.56 -16.98
CA ALA A 490 30.93 19.38 -17.64
C ALA A 490 32.35 19.04 -17.13
N ASP A 491 33.26 20.01 -17.06
CA ASP A 491 34.59 19.72 -16.60
C ASP A 491 34.62 19.39 -15.13
N TRP A 492 33.70 19.95 -14.37
CA TRP A 492 33.67 19.63 -12.94
C TRP A 492 33.31 18.18 -12.77
N LEU A 493 32.25 17.73 -13.46
CA LEU A 493 31.83 16.35 -13.44
C LEU A 493 32.98 15.46 -13.91
N GLY A 494 33.57 15.80 -15.05
CA GLY A 494 34.63 14.99 -15.60
C GLY A 494 35.88 14.94 -14.70
N SER A 495 36.10 15.94 -13.88
CA SER A 495 37.23 15.94 -12.96
C SER A 495 37.00 14.99 -11.79
N LEU A 496 35.75 14.68 -11.41
CA LEU A 496 35.53 13.61 -10.44
C LEU A 496 35.84 12.29 -11.10
N ASP A 497 35.16 12.07 -12.21
CA ASP A 497 35.18 10.77 -12.88
C ASP A 497 34.80 10.94 -14.33
N PRO A 498 35.64 10.50 -15.30
CA PRO A 498 35.32 10.67 -16.71
C PRO A 498 33.93 10.24 -17.11
N ARG A 499 33.39 9.24 -16.41
CA ARG A 499 32.08 8.74 -16.75
C ARG A 499 30.94 9.56 -16.13
N PHE A 500 31.25 10.57 -15.34
CA PHE A 500 30.22 11.47 -14.85
C PHE A 500 29.91 12.57 -15.87
N ARG A 501 30.81 12.84 -16.81
CA ARG A 501 30.60 13.95 -17.70
C ARG A 501 29.31 13.78 -18.47
N GLN A 502 28.81 12.56 -18.63
CA GLN A 502 27.59 12.32 -19.40
C GLN A 502 26.38 12.93 -18.69
N TYR A 503 26.46 13.26 -17.40
CA TYR A 503 25.31 13.81 -16.71
C TYR A 503 25.21 15.34 -16.88
N THR A 504 26.13 15.97 -17.59
CA THR A 504 26.10 17.41 -17.78
C THR A 504 24.74 17.92 -18.23
N TYR A 505 24.18 17.39 -19.33
CA TYR A 505 22.98 18.04 -19.84
C TYR A 505 21.81 17.84 -18.89
N GLY A 506 21.74 16.74 -18.15
CA GLY A 506 20.72 16.64 -17.13
C GLY A 506 20.82 17.70 -16.05
N LEU A 507 22.02 17.96 -15.55
CA LEU A 507 22.21 18.99 -14.55
C LEU A 507 21.84 20.37 -15.09
N VAL A 508 22.43 20.75 -16.23
CA VAL A 508 22.25 22.10 -16.69
C VAL A 508 20.85 22.36 -17.20
N SER A 509 20.21 21.35 -17.76
CA SER A 509 18.83 21.47 -18.20
C SER A 509 17.87 21.73 -17.02
N CYS A 510 18.12 21.20 -15.84
CA CYS A 510 17.40 21.61 -14.63
C CYS A 510 17.82 22.99 -14.14
N GLY A 511 18.85 23.59 -14.69
CA GLY A 511 19.25 24.91 -14.23
C GLY A 511 20.26 24.92 -13.09
N LEU A 512 20.83 23.77 -12.73
CA LEU A 512 21.94 23.78 -11.78
C LEU A 512 23.19 24.34 -12.44
N ASP A 513 24.14 24.69 -11.58
CA ASP A 513 25.42 25.24 -11.98
C ASP A 513 26.37 25.12 -10.79
N ARG A 514 27.66 25.40 -10.99
CA ARG A 514 28.64 25.15 -9.96
C ARG A 514 28.30 25.83 -8.64
N SER A 515 27.71 27.02 -8.71
CA SER A 515 27.38 27.76 -7.50
C SER A 515 26.22 27.10 -6.75
N LEU A 516 25.22 26.67 -7.49
CA LEU A 516 24.03 26.10 -6.93
C LEU A 516 24.25 24.68 -6.45
N LEU A 517 25.23 23.94 -6.97
CA LEU A 517 25.23 22.49 -6.85
C LEU A 517 25.32 22.03 -5.41
N HIS A 518 25.98 22.83 -4.56
CA HIS A 518 26.12 22.54 -3.13
C HIS A 518 24.80 22.34 -2.39
N ARG A 519 23.71 22.84 -2.95
CA ARG A 519 22.39 22.79 -2.35
C ARG A 519 21.55 21.64 -2.90
N VAL A 520 22.03 20.91 -3.91
CA VAL A 520 21.20 19.90 -4.57
C VAL A 520 20.99 18.76 -3.59
N SER A 521 19.93 17.96 -3.78
CA SER A 521 19.67 16.83 -2.90
C SER A 521 19.65 15.53 -3.67
N GLU A 522 19.80 14.39 -2.98
CA GLU A 522 19.88 13.15 -3.72
C GLU A 522 18.63 12.92 -4.57
N GLN A 523 17.48 13.30 -4.03
CA GLN A 523 16.24 13.12 -4.76
C GLN A 523 16.22 13.98 -6.01
N GLN A 524 16.66 15.23 -5.94
CA GLN A 524 16.77 16.03 -7.15
C GLN A 524 17.74 15.44 -8.18
N LEU A 525 18.89 14.87 -7.79
CA LEU A 525 19.77 14.28 -8.77
C LEU A 525 19.09 13.09 -9.43
N LEU A 526 18.31 12.31 -8.67
CA LEU A 526 17.59 11.18 -9.23
C LEU A 526 16.47 11.64 -10.16
N GLU A 527 15.57 12.47 -9.63
CA GLU A 527 14.29 12.77 -10.27
C GLU A 527 14.41 13.84 -11.34
N ASP A 528 15.10 14.93 -11.02
CA ASP A 528 15.20 16.04 -11.96
C ASP A 528 16.29 15.76 -12.98
N CYS A 529 17.49 15.48 -12.49
CA CYS A 529 18.65 15.37 -13.35
C CYS A 529 18.83 14.00 -14.00
N GLY A 530 18.12 12.97 -13.53
CA GLY A 530 18.12 11.69 -14.22
C GLY A 530 19.35 10.82 -13.96
N ILE A 531 20.08 11.04 -12.86
CA ILE A 531 21.20 10.16 -12.54
C ILE A 531 20.65 8.92 -11.82
N HIS A 532 20.50 7.82 -12.56
CA HIS A 532 19.90 6.61 -12.05
C HIS A 532 20.75 5.83 -11.05
N LEU A 533 22.06 5.70 -11.27
CA LEU A 533 22.91 4.94 -10.36
C LEU A 533 23.14 5.67 -9.03
N GLY A 534 22.82 4.98 -7.93
CA GLY A 534 22.99 5.54 -6.60
C GLY A 534 24.46 5.88 -6.28
N VAL A 535 25.39 5.02 -6.70
CA VAL A 535 26.77 5.32 -6.39
C VAL A 535 27.22 6.64 -7.04
N HIS A 536 26.72 6.89 -8.27
CA HIS A 536 27.08 8.12 -8.95
C HIS A 536 26.46 9.32 -8.24
N ARG A 537 25.16 9.21 -7.89
CA ARG A 537 24.50 10.25 -7.13
C ARG A 537 25.30 10.58 -5.90
N ALA A 538 25.65 9.57 -5.11
CA ALA A 538 26.34 9.80 -3.85
C ALA A 538 27.70 10.48 -4.06
N ARG A 539 28.46 10.12 -5.08
CA ARG A 539 29.75 10.74 -5.29
C ARG A 539 29.64 12.18 -5.74
N ILE A 540 28.73 12.45 -6.67
CA ILE A 540 28.49 13.81 -7.16
C ILE A 540 28.08 14.65 -5.97
N LEU A 541 27.13 14.16 -5.20
CA LEU A 541 26.56 14.90 -4.10
C LEU A 541 27.62 15.20 -3.05
N THR A 542 28.46 14.22 -2.70
CA THR A 542 29.57 14.39 -1.77
C THR A 542 30.52 15.47 -2.24
N ALA A 543 30.97 15.40 -3.48
CA ALA A 543 31.90 16.39 -4.00
C ALA A 543 31.26 17.77 -4.01
N ALA A 544 29.96 17.84 -4.27
CA ALA A 544 29.27 19.12 -4.26
C ALA A 544 29.27 19.73 -2.86
N ARG A 545 29.09 18.95 -1.79
CA ARG A 545 29.24 19.50 -0.45
C ARG A 545 30.67 20.01 -0.22
N GLU A 546 31.69 19.21 -0.54
CA GLU A 546 33.08 19.57 -0.32
C GLU A 546 33.48 20.83 -1.09
N MET A 547 32.85 21.06 -2.24
CA MET A 547 33.12 22.22 -3.08
C MET A 547 32.77 23.56 -2.40
N LEU A 548 31.94 23.55 -1.34
CA LEU A 548 31.29 24.73 -0.78
C LEU A 548 32.26 25.87 -0.42
N HIS A 549 33.53 25.55 -0.12
CA HIS A 549 34.57 26.55 0.11
C HIS A 549 34.81 27.50 -1.07
N SER A 550 34.35 27.14 -2.28
CA SER A 550 34.44 27.96 -3.49
C SER A 550 33.20 28.83 -3.72
N PRO A 551 31.95 28.31 -3.63
CA PRO A 551 30.73 29.14 -3.56
C PRO A 551 30.60 30.13 -2.41
N LEU A 552 31.21 29.85 -1.24
CA LEU A 552 31.09 30.71 -0.06
C LEU A 552 31.63 32.14 -0.30
N PRO A 553 32.89 32.32 -0.80
CA PRO A 553 33.37 33.65 -1.24
C PRO A 553 32.45 34.42 -2.20
N GLY B 58 26.20 -67.77 -30.46
CA GLY B 58 26.59 -66.80 -29.39
C GLY B 58 27.65 -67.40 -28.47
N ALA B 59 28.74 -66.64 -28.25
CA ALA B 59 29.91 -67.06 -27.50
C ALA B 59 29.60 -67.45 -26.04
N GLY B 60 28.50 -66.91 -25.49
CA GLY B 60 27.99 -67.23 -24.17
C GLY B 60 27.83 -68.75 -23.93
N THR B 61 27.51 -69.51 -24.99
CA THR B 61 27.43 -70.96 -24.95
C THR B 61 28.77 -71.58 -24.53
N GLU B 62 29.87 -71.10 -25.09
CA GLU B 62 31.23 -71.57 -24.75
C GLU B 62 31.57 -71.30 -23.29
N VAL B 63 31.02 -70.20 -22.73
CA VAL B 63 31.16 -69.90 -21.31
C VAL B 63 30.44 -70.94 -20.46
N GLN B 64 29.26 -71.40 -20.92
CA GLN B 64 28.54 -72.49 -20.27
C GLN B 64 29.36 -73.78 -20.34
N ASP B 65 30.01 -74.06 -21.48
CA ASP B 65 30.90 -75.20 -21.63
C ASP B 65 32.09 -75.12 -20.65
N ALA B 66 32.70 -73.93 -20.53
CA ALA B 66 33.80 -73.67 -19.60
C ALA B 66 33.36 -73.89 -18.16
N LEU B 67 32.15 -73.41 -17.81
CA LEU B 67 31.55 -73.65 -16.50
C LEU B 67 31.27 -75.14 -16.28
N GLU B 68 30.71 -75.82 -17.28
CA GLU B 68 30.38 -77.26 -17.20
C GLU B 68 31.65 -78.13 -17.08
N ARG B 69 32.81 -77.61 -17.50
CA ARG B 69 34.10 -78.22 -17.20
C ARG B 69 34.53 -77.90 -15.76
N ALA B 70 34.62 -76.61 -15.42
CA ALA B 70 35.24 -76.12 -14.18
C ALA B 70 34.42 -76.50 -12.93
N LEU B 71 33.09 -76.50 -13.04
CA LEU B 71 32.18 -76.70 -11.92
C LEU B 71 32.33 -78.10 -11.29
N PRO B 72 32.29 -79.24 -12.03
CA PRO B 72 32.52 -80.55 -11.41
C PRO B 72 33.90 -80.69 -10.79
N GLU B 73 34.94 -80.10 -11.40
CA GLU B 73 36.28 -80.06 -10.80
C GLU B 73 36.24 -79.35 -9.44
N LEU B 74 35.54 -78.19 -9.40
CA LEU B 74 35.32 -77.42 -8.19
C LEU B 74 34.52 -78.22 -7.15
N GLN B 75 33.46 -78.93 -7.57
CA GLN B 75 32.68 -79.79 -6.68
C GLN B 75 33.56 -80.86 -6.03
N GLN B 76 34.44 -81.49 -6.82
CA GLN B 76 35.39 -82.45 -6.29
C GLN B 76 36.32 -81.80 -5.26
N ALA B 77 36.96 -80.69 -5.63
CA ALA B 77 37.91 -79.99 -4.76
C ALA B 77 37.24 -79.49 -3.47
N LEU B 78 36.01 -78.98 -3.57
CA LEU B 78 35.22 -78.56 -2.42
C LEU B 78 34.84 -79.75 -1.54
N SER B 79 34.37 -80.85 -2.15
CA SER B 79 34.02 -82.04 -1.40
C SER B 79 35.24 -82.55 -0.61
N ALA B 80 36.43 -82.43 -1.21
CA ALA B 80 37.72 -82.72 -0.60
C ALA B 80 38.17 -81.69 0.46
N LEU B 81 37.27 -80.75 0.81
CA LEU B 81 37.44 -79.86 1.97
C LEU B 81 36.31 -80.01 3.00
N LYS B 82 35.20 -80.69 2.63
CA LYS B 82 34.06 -80.88 3.54
C LYS B 82 34.40 -81.83 4.70
N GLN B 83 35.31 -82.79 4.47
CA GLN B 83 35.90 -83.65 5.50
C GLN B 83 36.99 -82.90 6.28
N ALA B 84 37.05 -83.11 7.60
CA ALA B 84 38.09 -82.52 8.45
C ALA B 84 39.41 -83.31 8.32
N GLY B 85 40.03 -83.26 7.13
CA GLY B 85 41.14 -84.13 6.75
C GLY B 85 42.48 -83.80 7.41
N GLY B 86 42.55 -82.70 8.17
CA GLY B 86 43.80 -82.25 8.79
C GLY B 86 44.65 -81.37 7.86
N ALA B 87 45.71 -80.77 8.41
CA ALA B 87 46.43 -79.65 7.79
C ALA B 87 46.89 -79.95 6.37
N ARG B 88 47.44 -81.15 6.13
CA ARG B 88 47.99 -81.56 4.84
C ARG B 88 46.88 -81.68 3.78
N ALA B 89 45.78 -82.37 4.14
CA ALA B 89 44.65 -82.62 3.25
C ALA B 89 43.93 -81.32 2.90
N VAL B 90 43.63 -80.47 3.91
CA VAL B 90 42.94 -79.21 3.67
C VAL B 90 43.83 -78.22 2.92
N GLY B 91 45.14 -78.21 3.19
CA GLY B 91 46.11 -77.44 2.42
C GLY B 91 46.03 -77.74 0.93
N ALA B 92 46.04 -79.03 0.59
CA ALA B 92 45.89 -79.51 -0.78
C ALA B 92 44.54 -79.12 -1.38
N GLY B 93 43.43 -79.39 -0.66
CA GLY B 93 42.09 -79.07 -1.12
C GLY B 93 41.91 -77.57 -1.40
N LEU B 94 42.43 -76.72 -0.51
CA LEU B 94 42.44 -75.27 -0.68
C LEU B 94 43.25 -74.87 -1.90
N ALA B 95 44.45 -75.44 -2.07
CA ALA B 95 45.28 -75.20 -3.24
C ALA B 95 44.57 -75.58 -4.55
N GLU B 96 43.78 -76.67 -4.54
CA GLU B 96 43.01 -77.10 -5.70
C GLU B 96 41.95 -76.07 -6.10
N VAL B 97 41.10 -75.65 -5.14
CA VAL B 97 40.09 -74.65 -5.42
C VAL B 97 40.70 -73.29 -5.78
N PHE B 98 41.81 -72.93 -5.12
CA PHE B 98 42.57 -71.73 -5.42
C PHE B 98 43.06 -71.75 -6.86
N GLN B 99 43.71 -72.84 -7.28
CA GLN B 99 44.10 -73.07 -8.67
C GLN B 99 42.92 -72.93 -9.62
N LEU B 100 41.80 -73.62 -9.34
CA LEU B 100 40.61 -73.59 -10.20
C LEU B 100 40.09 -72.17 -10.41
N VAL B 101 40.02 -71.37 -9.35
CA VAL B 101 39.45 -70.03 -9.47
C VAL B 101 40.46 -69.01 -10.03
N GLU B 102 41.76 -69.15 -9.70
CA GLU B 102 42.79 -68.36 -10.34
C GLU B 102 42.79 -68.60 -11.85
N GLU B 103 42.76 -69.88 -12.26
CA GLU B 103 42.66 -70.27 -13.66
C GLU B 103 41.42 -69.65 -14.30
N ALA B 104 40.27 -69.68 -13.60
CA ALA B 104 39.03 -69.10 -14.08
C ALA B 104 39.15 -67.58 -14.31
N TRP B 105 39.76 -66.83 -13.37
CA TRP B 105 40.02 -65.39 -13.57
C TRP B 105 40.93 -65.14 -14.78
N LEU B 106 41.91 -66.02 -15.00
CA LEU B 106 42.94 -65.86 -16.02
C LEU B 106 42.46 -66.17 -17.44
N LEU B 107 41.27 -66.79 -17.63
CA LEU B 107 40.78 -67.16 -18.95
C LEU B 107 40.53 -65.94 -19.86
N PRO B 108 41.16 -65.86 -21.07
CA PRO B 108 40.81 -64.82 -22.06
C PRO B 108 39.37 -64.90 -22.55
N ALA B 109 38.80 -66.12 -22.55
CA ALA B 109 37.42 -66.38 -22.89
C ALA B 109 36.49 -65.96 -21.73
N VAL B 110 36.44 -64.64 -21.49
CA VAL B 110 35.59 -63.96 -20.52
C VAL B 110 35.65 -64.61 -19.13
N GLY B 111 36.88 -64.85 -18.65
CA GLY B 111 37.18 -65.52 -17.39
C GLY B 111 36.38 -65.02 -16.20
N ARG B 112 36.07 -63.71 -16.17
CA ARG B 112 35.28 -63.08 -15.12
C ARG B 112 33.92 -63.76 -14.91
N GLU B 113 33.26 -64.16 -16.00
CA GLU B 113 31.97 -64.83 -15.92
C GLU B 113 32.11 -66.22 -15.32
N VAL B 114 33.10 -66.98 -15.79
CA VAL B 114 33.40 -68.32 -15.30
C VAL B 114 33.72 -68.26 -13.81
N ALA B 115 34.66 -67.37 -13.44
CA ALA B 115 35.11 -67.20 -12.08
C ALA B 115 33.99 -66.71 -11.15
N GLN B 116 33.12 -65.80 -11.63
CA GLN B 116 31.92 -65.43 -10.89
C GLN B 116 31.04 -66.65 -10.62
N GLY B 117 30.81 -67.49 -11.64
CA GLY B 117 30.10 -68.76 -11.49
C GLY B 117 30.73 -69.68 -10.45
N LEU B 118 32.08 -69.74 -10.39
CA LEU B 118 32.78 -70.50 -9.37
C LEU B 118 32.59 -69.88 -7.98
N CYS B 119 32.67 -68.54 -7.89
CA CYS B 119 32.44 -67.81 -6.64
C CYS B 119 31.01 -68.00 -6.12
N ASP B 120 30.04 -68.06 -7.05
CA ASP B 120 28.65 -68.41 -6.78
C ASP B 120 28.53 -69.83 -6.24
N ALA B 121 29.16 -70.80 -6.93
CA ALA B 121 29.17 -72.18 -6.50
C ALA B 121 29.76 -72.33 -5.08
N ILE B 122 30.87 -71.65 -4.80
CA ILE B 122 31.49 -71.65 -3.48
C ILE B 122 30.56 -71.03 -2.43
N ARG B 123 29.78 -70.00 -2.79
CA ARG B 123 28.81 -69.39 -1.89
C ARG B 123 27.63 -70.33 -1.62
N LEU B 124 27.15 -71.02 -2.66
CA LEU B 124 25.96 -71.87 -2.59
C LEU B 124 26.23 -73.17 -1.84
N ASP B 125 27.37 -73.83 -2.14
CA ASP B 125 27.71 -75.14 -1.62
C ASP B 125 28.89 -75.04 -0.65
N GLY B 126 28.70 -75.44 0.61
CA GLY B 126 29.71 -75.28 1.65
C GLY B 126 29.80 -73.84 2.17
N GLY B 127 29.66 -72.88 1.25
CA GLY B 127 29.64 -71.46 1.57
C GLY B 127 31.02 -70.88 1.85
N LEU B 128 31.05 -69.59 2.19
CA LEU B 128 32.23 -68.97 2.76
C LEU B 128 32.48 -69.48 4.20
N ASP B 129 31.53 -70.23 4.77
CA ASP B 129 31.55 -70.63 6.17
C ASP B 129 32.76 -71.51 6.49
N LEU B 130 32.97 -72.57 5.70
CA LEU B 130 34.13 -73.44 5.92
C LEU B 130 35.45 -72.70 5.68
N LEU B 131 35.46 -71.72 4.76
CA LEU B 131 36.62 -70.85 4.58
C LEU B 131 36.85 -70.05 5.85
N LEU B 132 35.81 -69.41 6.40
CA LEU B 132 35.87 -68.60 7.61
C LEU B 132 36.27 -69.42 8.85
N ARG B 133 35.94 -70.71 8.88
CA ARG B 133 36.42 -71.62 9.92
C ARG B 133 37.90 -71.94 9.73
N LEU B 134 38.31 -72.30 8.51
CA LEU B 134 39.72 -72.55 8.20
C LEU B 134 40.57 -71.30 8.45
N LEU B 135 39.99 -70.11 8.17
CA LEU B 135 40.62 -68.81 8.34
C LEU B 135 41.04 -68.52 9.79
N GLN B 136 40.51 -69.31 10.75
CA GLN B 136 40.82 -69.16 12.17
C GLN B 136 41.29 -70.47 12.83
N ALA B 137 41.53 -71.52 12.02
CA ALA B 137 42.22 -72.72 12.46
C ALA B 137 43.66 -72.38 12.86
N PRO B 138 44.28 -73.06 13.86
CA PRO B 138 45.59 -72.66 14.37
C PRO B 138 46.76 -72.73 13.39
N GLU B 139 46.79 -73.74 12.51
CA GLU B 139 47.90 -73.97 11.59
C GLU B 139 47.99 -72.87 10.53
N LEU B 140 49.14 -72.15 10.50
CA LEU B 140 49.37 -71.02 9.62
C LEU B 140 49.11 -71.37 8.15
N GLU B 141 49.56 -72.55 7.69
CA GLU B 141 49.37 -73.01 6.31
C GLU B 141 47.89 -72.96 5.89
N THR B 142 47.02 -73.44 6.79
CA THR B 142 45.59 -73.51 6.52
C THR B 142 45.00 -72.11 6.43
N ARG B 143 45.39 -71.22 7.34
CA ARG B 143 44.95 -69.82 7.34
C ARG B 143 45.41 -69.11 6.07
N VAL B 144 46.68 -69.27 5.71
CA VAL B 144 47.26 -68.71 4.49
C VAL B 144 46.47 -69.18 3.27
N GLN B 145 46.28 -70.49 3.13
CA GLN B 145 45.57 -71.07 1.99
C GLN B 145 44.10 -70.61 1.93
N ALA B 146 43.46 -70.51 3.10
CA ALA B 146 42.09 -70.00 3.21
C ALA B 146 42.02 -68.54 2.76
N ALA B 147 42.92 -67.71 3.30
CA ALA B 147 43.00 -66.29 2.99
C ALA B 147 43.27 -66.06 1.51
N ARG B 148 44.24 -66.81 0.94
CA ARG B 148 44.56 -66.81 -0.48
C ARG B 148 43.32 -67.03 -1.34
N LEU B 149 42.56 -68.08 -1.00
CA LEU B 149 41.35 -68.43 -1.71
C LEU B 149 40.30 -67.32 -1.56
N LEU B 150 40.04 -66.90 -0.32
CA LEU B 150 39.00 -65.91 -0.02
C LEU B 150 39.26 -64.60 -0.77
N GLU B 151 40.50 -64.11 -0.72
CA GLU B 151 40.94 -62.91 -1.44
C GLU B 151 40.62 -62.99 -2.95
N GLN B 152 40.63 -64.19 -3.54
CA GLN B 152 40.32 -64.35 -4.95
C GLN B 152 38.83 -64.49 -5.25
N ILE B 153 37.94 -64.49 -4.24
CA ILE B 153 36.53 -64.83 -4.51
C ILE B 153 35.55 -63.82 -3.90
N LEU B 154 36.03 -62.68 -3.39
CA LEU B 154 35.16 -61.64 -2.85
C LEU B 154 34.47 -60.80 -3.94
N VAL B 155 33.77 -61.50 -4.84
CA VAL B 155 32.71 -60.98 -5.69
C VAL B 155 31.65 -60.30 -4.81
N ALA B 156 30.83 -59.42 -5.40
CA ALA B 156 29.81 -58.63 -4.70
C ALA B 156 28.99 -59.45 -3.70
N GLU B 157 28.32 -60.55 -4.14
CA GLU B 157 27.48 -61.36 -3.26
C GLU B 157 28.27 -62.03 -2.14
N ASN B 158 29.54 -62.34 -2.43
CA ASN B 158 30.43 -62.97 -1.46
C ASN B 158 30.83 -61.95 -0.39
N ARG B 159 31.12 -60.71 -0.78
CA ARG B 159 31.28 -59.59 0.14
C ARG B 159 30.01 -59.41 0.95
N ASP B 160 28.86 -59.49 0.30
CA ASP B 160 27.56 -59.30 0.93
C ASP B 160 27.32 -60.32 2.04
N ARG B 161 27.74 -61.58 1.81
CA ARG B 161 27.70 -62.64 2.82
C ARG B 161 28.67 -62.35 3.97
N VAL B 162 29.96 -62.17 3.70
CA VAL B 162 30.92 -62.02 4.79
C VAL B 162 30.76 -60.70 5.55
N ALA B 163 30.06 -59.72 4.97
CA ALA B 163 29.67 -58.51 5.67
C ALA B 163 28.72 -58.77 6.84
N ARG B 164 27.92 -59.86 6.75
CA ARG B 164 26.88 -60.21 7.72
C ARG B 164 27.23 -61.44 8.55
N ILE B 165 28.02 -62.37 7.98
CA ILE B 165 28.54 -63.52 8.70
C ILE B 165 30.05 -63.36 8.91
N GLY B 166 30.49 -63.43 10.17
CA GLY B 166 31.88 -63.60 10.54
C GLY B 166 32.86 -62.51 10.07
N LEU B 167 32.39 -61.28 9.81
CA LEU B 167 33.31 -60.17 9.53
C LEU B 167 34.35 -60.01 10.64
N GLY B 168 33.95 -60.25 11.90
CA GLY B 168 34.83 -60.27 13.06
C GLY B 168 36.05 -61.18 12.94
N VAL B 169 35.94 -62.26 12.14
CA VAL B 169 37.05 -63.17 11.87
C VAL B 169 38.13 -62.46 11.07
N ILE B 170 37.72 -61.71 10.04
CA ILE B 170 38.62 -60.93 9.20
C ILE B 170 39.35 -59.90 10.06
N LEU B 171 38.61 -59.19 10.93
CA LEU B 171 39.22 -58.22 11.84
C LEU B 171 40.10 -58.88 12.90
N ASN B 172 39.85 -60.17 13.21
CA ASN B 172 40.77 -60.93 14.05
C ASN B 172 42.10 -61.15 13.34
N LEU B 173 42.05 -61.61 12.07
CA LEU B 173 43.24 -61.75 11.22
C LEU B 173 43.99 -60.43 11.02
N ALA B 174 43.28 -59.30 11.01
CA ALA B 174 43.90 -57.99 10.85
C ALA B 174 44.93 -57.67 11.95
N LYS B 175 44.97 -58.49 13.03
CA LYS B 175 45.97 -58.37 14.09
C LYS B 175 47.20 -59.25 13.84
N GLU B 176 47.06 -60.28 12.99
CA GLU B 176 48.16 -61.15 12.58
C GLU B 176 49.01 -60.48 11.48
N ARG B 177 49.76 -59.43 11.85
CA ARG B 177 50.36 -58.52 10.88
C ARG B 177 51.70 -59.01 10.33
N GLU B 178 52.29 -60.05 10.95
CA GLU B 178 53.68 -60.46 10.74
C GLU B 178 53.90 -61.37 9.51
N PRO B 179 53.14 -62.49 9.32
CA PRO B 179 53.41 -63.41 8.20
C PRO B 179 52.98 -62.80 6.87
N VAL B 180 53.93 -62.59 5.95
CA VAL B 180 53.69 -61.81 4.74
C VAL B 180 52.64 -62.47 3.83
N GLU B 181 52.65 -63.80 3.70
CA GLU B 181 51.69 -64.52 2.86
C GLU B 181 50.25 -64.31 3.35
N LEU B 182 50.11 -64.29 4.69
CA LEU B 182 48.84 -63.98 5.32
C LEU B 182 48.50 -62.50 5.10
N ALA B 183 49.44 -61.58 5.43
CA ALA B 183 49.28 -60.14 5.32
C ALA B 183 48.79 -59.74 3.92
N ARG B 184 49.45 -60.24 2.85
CA ARG B 184 49.04 -60.00 1.48
C ARG B 184 47.56 -60.33 1.27
N SER B 185 47.19 -61.54 1.69
CA SER B 185 45.85 -62.09 1.50
C SER B 185 44.81 -61.27 2.29
N VAL B 186 45.12 -60.96 3.56
CA VAL B 186 44.26 -60.21 4.46
C VAL B 186 44.09 -58.77 3.95
N ALA B 187 45.17 -58.12 3.52
CA ALA B 187 45.10 -56.80 2.91
C ALA B 187 44.16 -56.81 1.69
N GLY B 188 44.28 -57.81 0.81
CA GLY B 188 43.38 -57.95 -0.33
C GLY B 188 41.93 -58.16 0.09
N ILE B 189 41.71 -58.97 1.12
CA ILE B 189 40.38 -59.17 1.72
C ILE B 189 39.83 -57.84 2.21
N LEU B 190 40.60 -57.11 3.01
CA LEU B 190 40.19 -55.82 3.56
C LEU B 190 39.88 -54.84 2.44
N GLU B 191 40.77 -54.71 1.45
CA GLU B 191 40.53 -53.95 0.23
C GLU B 191 39.14 -54.25 -0.33
N HIS B 192 38.82 -55.52 -0.59
CA HIS B 192 37.54 -55.91 -1.15
C HIS B 192 36.38 -55.55 -0.23
N MET B 193 36.57 -55.75 1.07
CA MET B 193 35.51 -55.47 2.04
C MET B 193 35.24 -53.97 2.17
N PHE B 194 36.27 -53.12 2.10
CA PHE B 194 36.08 -51.68 2.05
C PHE B 194 35.26 -51.26 0.83
N LYS B 195 35.16 -52.09 -0.20
CA LYS B 195 34.36 -51.77 -1.38
C LYS B 195 32.87 -52.07 -1.17
N HIS B 196 32.48 -52.62 -0.01
CA HIS B 196 31.16 -53.21 0.16
C HIS B 196 30.06 -52.16 0.35
N SER B 197 30.14 -51.43 1.47
CA SER B 197 29.12 -50.48 1.90
C SER B 197 29.67 -49.52 2.95
N GLU B 198 28.92 -48.44 3.20
CA GLU B 198 29.28 -47.44 4.19
C GLU B 198 29.39 -48.07 5.58
N GLU B 199 28.40 -48.91 5.92
CA GLU B 199 28.34 -49.59 7.20
C GLU B 199 29.56 -50.48 7.38
N THR B 200 29.88 -51.27 6.36
CA THR B 200 31.03 -52.16 6.42
C THR B 200 32.31 -51.37 6.68
N CYS B 201 32.47 -50.23 5.99
CA CYS B 201 33.63 -49.36 6.21
C CYS B 201 33.66 -48.86 7.64
N GLN B 202 32.51 -48.41 8.17
CA GLN B 202 32.42 -47.92 9.53
C GLN B 202 32.92 -48.99 10.50
N ARG B 203 32.47 -50.25 10.31
CA ARG B 203 32.84 -51.36 11.18
C ARG B 203 34.34 -51.62 11.09
N LEU B 204 34.88 -51.69 9.86
CA LEU B 204 36.30 -51.93 9.61
C LEU B 204 37.19 -50.81 10.15
N VAL B 205 36.71 -49.57 10.24
CA VAL B 205 37.49 -48.41 10.67
C VAL B 205 37.40 -48.24 12.19
N ALA B 206 36.26 -48.58 12.79
CA ALA B 206 36.04 -48.50 14.23
C ALA B 206 36.93 -49.51 14.98
N ALA B 207 36.98 -50.74 14.45
CA ALA B 207 37.93 -51.76 14.89
C ALA B 207 39.24 -51.67 14.12
N GLY B 208 40.12 -52.68 14.27
CA GLY B 208 41.49 -52.57 13.81
C GLY B 208 41.74 -52.70 12.30
N GLY B 209 40.68 -52.75 11.48
CA GLY B 209 40.78 -52.98 10.04
C GLY B 209 41.59 -51.91 9.30
N LEU B 210 41.27 -50.63 9.53
CA LEU B 210 42.04 -49.56 8.92
C LEU B 210 43.48 -49.52 9.45
N ASP B 211 43.66 -49.77 10.74
CA ASP B 211 44.98 -49.76 11.38
C ASP B 211 45.92 -50.79 10.75
N ALA B 212 45.39 -51.92 10.29
CA ALA B 212 46.16 -52.95 9.61
C ALA B 212 46.78 -52.44 8.31
N VAL B 213 45.98 -51.83 7.42
CA VAL B 213 46.49 -51.33 6.15
C VAL B 213 47.44 -50.14 6.37
N LEU B 214 47.13 -49.27 7.33
CA LEU B 214 48.01 -48.15 7.64
C LEU B 214 49.35 -48.62 8.23
N TYR B 215 49.32 -49.68 9.05
CA TYR B 215 50.55 -50.31 9.50
C TYR B 215 51.33 -50.89 8.31
N TRP B 216 50.67 -51.73 7.51
CA TRP B 216 51.30 -52.40 6.37
C TRP B 216 51.89 -51.46 5.32
N CYS B 217 51.46 -50.19 5.27
CA CYS B 217 52.12 -49.20 4.43
C CYS B 217 53.59 -48.97 4.76
N ARG B 218 54.07 -49.41 5.94
CA ARG B 218 55.48 -49.30 6.33
C ARG B 218 56.31 -50.52 5.90
N ARG B 219 55.68 -51.55 5.30
CA ARG B 219 56.34 -52.73 4.76
C ARG B 219 56.86 -52.48 3.35
N THR B 220 57.63 -53.46 2.81
CA THR B 220 58.30 -53.33 1.51
C THR B 220 57.62 -54.17 0.41
N ASP B 221 56.73 -55.09 0.79
CA ASP B 221 56.25 -56.11 -0.14
C ASP B 221 55.34 -55.53 -1.23
N PRO B 222 55.62 -55.74 -2.55
CA PRO B 222 54.81 -55.19 -3.64
C PRO B 222 53.31 -55.48 -3.58
N ALA B 223 52.95 -56.77 -3.41
CA ALA B 223 51.56 -57.19 -3.42
C ALA B 223 50.81 -56.58 -2.23
N LEU B 224 51.43 -56.63 -1.05
CA LEU B 224 50.88 -56.02 0.16
C LEU B 224 50.61 -54.52 -0.05
N LEU B 225 51.60 -53.78 -0.55
CA LEU B 225 51.48 -52.36 -0.78
C LEU B 225 50.39 -52.04 -1.81
N ARG B 226 50.32 -52.81 -2.90
CA ARG B 226 49.29 -52.63 -3.90
C ARG B 226 47.89 -52.75 -3.29
N HIS B 227 47.69 -53.80 -2.48
CA HIS B 227 46.45 -53.96 -1.74
C HIS B 227 46.22 -52.80 -0.76
N CYS B 228 47.25 -52.31 -0.06
CA CYS B 228 47.08 -51.18 0.84
C CYS B 228 46.60 -49.92 0.11
N ALA B 229 47.21 -49.60 -1.03
CA ALA B 229 46.81 -48.47 -1.85
C ALA B 229 45.33 -48.60 -2.25
N LEU B 230 44.98 -49.77 -2.79
CA LEU B 230 43.61 -50.00 -3.22
C LEU B 230 42.63 -50.01 -2.04
N ALA B 231 43.05 -50.50 -0.86
CA ALA B 231 42.21 -50.50 0.31
C ALA B 231 41.87 -49.07 0.74
N LEU B 232 42.90 -48.21 0.89
CA LEU B 232 42.69 -46.83 1.30
C LEU B 232 41.87 -46.07 0.26
N GLY B 233 42.12 -46.30 -1.01
CA GLY B 233 41.27 -45.72 -2.04
C GLY B 233 39.81 -46.19 -1.97
N ASN B 234 39.59 -47.50 -1.85
CA ASN B 234 38.26 -48.09 -1.77
C ASN B 234 37.53 -47.54 -0.54
N CYS B 235 38.23 -47.47 0.60
CA CYS B 235 37.69 -46.93 1.84
C CYS B 235 37.26 -45.47 1.65
N ALA B 236 38.11 -44.60 1.12
CA ALA B 236 37.75 -43.21 0.83
C ALA B 236 36.58 -43.08 -0.12
N LEU B 237 36.45 -43.93 -1.14
CA LEU B 237 35.39 -43.85 -2.13
C LEU B 237 34.03 -44.38 -1.65
N HIS B 238 33.98 -45.23 -0.60
CA HIS B 238 32.75 -45.90 -0.18
C HIS B 238 32.33 -45.60 1.25
N GLY B 239 33.28 -45.21 2.12
CA GLY B 239 33.08 -45.10 3.56
C GLY B 239 32.29 -43.87 4.01
N GLY B 240 32.01 -42.95 3.07
CA GLY B 240 31.25 -41.74 3.33
C GLY B 240 31.96 -40.77 4.28
N GLN B 241 31.23 -39.71 4.67
CA GLN B 241 31.77 -38.53 5.31
C GLN B 241 32.49 -38.87 6.62
N ALA B 242 31.89 -39.80 7.38
CA ALA B 242 32.33 -40.17 8.70
C ALA B 242 33.70 -40.83 8.67
N VAL B 243 33.91 -41.82 7.80
CA VAL B 243 35.19 -42.52 7.80
C VAL B 243 36.28 -41.70 7.12
N GLN B 244 35.96 -40.89 6.10
CA GLN B 244 36.97 -40.03 5.49
C GLN B 244 37.66 -39.20 6.55
N ARG B 245 36.85 -38.64 7.47
CA ARG B 245 37.33 -37.81 8.57
C ARG B 245 38.24 -38.62 9.49
N ARG B 246 37.87 -39.89 9.77
CA ARG B 246 38.69 -40.80 10.56
C ARG B 246 40.00 -41.16 9.88
N MET B 247 39.97 -41.42 8.56
CA MET B 247 41.18 -41.75 7.81
C MET B 247 42.22 -40.64 7.94
N VAL B 248 41.78 -39.39 7.76
CA VAL B 248 42.67 -38.24 7.80
C VAL B 248 43.18 -38.02 9.22
N GLU B 249 42.31 -38.18 10.23
CA GLU B 249 42.69 -38.11 11.63
C GLU B 249 43.74 -39.18 11.98
N LYS B 250 43.61 -40.38 11.40
CA LYS B 250 44.57 -41.48 11.47
C LYS B 250 45.80 -41.28 10.58
N ARG B 251 45.97 -40.10 9.99
CA ARG B 251 47.15 -39.72 9.21
C ARG B 251 47.34 -40.56 7.94
N ALA B 252 46.23 -40.96 7.30
CA ALA B 252 46.26 -41.77 6.10
C ALA B 252 46.95 -41.06 4.92
N ALA B 253 46.82 -39.73 4.86
CA ALA B 253 47.39 -38.93 3.78
C ALA B 253 48.93 -39.00 3.79
N GLU B 254 49.52 -38.92 5.00
CA GLU B 254 50.95 -39.15 5.20
C GLU B 254 51.33 -40.58 4.81
N TRP B 255 50.59 -41.58 5.28
CA TRP B 255 50.94 -42.96 5.00
C TRP B 255 50.76 -43.35 3.53
N LEU B 256 50.01 -42.58 2.75
CA LEU B 256 49.97 -42.76 1.30
C LEU B 256 51.23 -42.20 0.62
N PHE B 257 52.00 -41.33 1.29
CA PHE B 257 53.15 -40.67 0.70
C PHE B 257 54.16 -41.69 0.12
N PRO B 258 54.67 -42.68 0.89
CA PRO B 258 55.69 -43.60 0.37
C PRO B 258 55.20 -44.43 -0.80
N LEU B 259 53.89 -44.68 -0.87
CA LEU B 259 53.29 -45.45 -1.95
C LEU B 259 53.19 -44.59 -3.23
N ALA B 260 52.82 -43.32 -3.07
CA ALA B 260 52.84 -42.35 -4.16
C ALA B 260 54.26 -42.04 -4.64
N PHE B 261 55.23 -41.95 -3.72
CA PHE B 261 56.64 -41.68 -3.98
C PHE B 261 57.42 -42.95 -4.35
N SER B 262 56.73 -44.08 -4.57
CA SER B 262 57.37 -45.33 -4.98
C SER B 262 57.97 -45.20 -6.39
N LYS B 263 58.85 -46.15 -6.76
CA LYS B 263 59.65 -46.06 -7.98
C LYS B 263 59.28 -47.16 -8.98
N GLU B 264 59.26 -48.41 -8.49
CA GLU B 264 59.18 -49.61 -9.32
C GLU B 264 57.83 -49.78 -10.02
N ASP B 265 56.73 -49.27 -9.43
CA ASP B 265 55.39 -49.59 -9.89
C ASP B 265 54.54 -48.33 -10.06
N GLU B 266 54.29 -47.97 -11.33
CA GLU B 266 53.43 -46.87 -11.73
C GLU B 266 52.03 -47.00 -11.12
N LEU B 267 51.50 -48.23 -11.05
CA LEU B 267 50.16 -48.44 -10.53
C LEU B 267 50.10 -48.30 -9.01
N LEU B 268 51.16 -48.64 -8.28
CA LEU B 268 51.20 -48.35 -6.86
C LEU B 268 51.14 -46.84 -6.63
N ARG B 269 51.88 -46.05 -7.41
CA ARG B 269 51.81 -44.59 -7.36
C ARG B 269 50.42 -44.10 -7.71
N LEU B 270 49.82 -44.64 -8.78
CA LEU B 270 48.57 -44.17 -9.33
C LEU B 270 47.40 -44.45 -8.39
N HIS B 271 47.40 -45.61 -7.73
CA HIS B 271 46.37 -45.96 -6.78
C HIS B 271 46.52 -45.10 -5.52
N ALA B 272 47.75 -44.89 -5.05
CA ALA B 272 47.98 -44.03 -3.90
C ALA B 272 47.53 -42.58 -4.16
N CYS B 273 47.78 -42.08 -5.36
CA CYS B 273 47.35 -40.76 -5.77
C CYS B 273 45.84 -40.65 -5.84
N LEU B 274 45.13 -41.68 -6.34
CA LEU B 274 43.67 -41.66 -6.34
C LEU B 274 43.10 -41.51 -4.93
N ALA B 275 43.67 -42.24 -3.98
CA ALA B 275 43.27 -42.13 -2.60
C ALA B 275 43.31 -40.69 -2.08
N VAL B 276 44.46 -40.00 -2.21
CA VAL B 276 44.59 -38.65 -1.69
C VAL B 276 43.73 -37.66 -2.47
N ALA B 277 43.52 -37.89 -3.76
CA ALA B 277 42.65 -37.04 -4.58
C ALA B 277 41.21 -37.10 -4.11
N VAL B 278 40.72 -38.32 -3.85
CA VAL B 278 39.38 -38.52 -3.30
C VAL B 278 39.26 -37.85 -1.93
N LEU B 279 40.23 -38.04 -1.03
CA LEU B 279 40.23 -37.36 0.27
C LEU B 279 40.24 -35.84 0.14
N ALA B 280 41.02 -35.27 -0.78
CA ALA B 280 41.10 -33.83 -0.97
C ALA B 280 39.80 -33.24 -1.54
N THR B 281 38.95 -34.08 -2.13
CA THR B 281 37.66 -33.64 -2.65
C THR B 281 36.66 -33.33 -1.51
N ASN B 282 36.92 -33.84 -0.30
CA ASN B 282 36.15 -33.56 0.89
C ASN B 282 36.68 -32.27 1.50
N LYS B 283 35.83 -31.22 1.58
CA LYS B 283 36.24 -29.87 1.92
C LYS B 283 36.72 -29.73 3.36
N GLU B 284 36.17 -30.53 4.26
CA GLU B 284 36.52 -30.44 5.66
C GLU B 284 37.96 -30.92 5.90
N VAL B 285 38.34 -32.01 5.25
CA VAL B 285 39.65 -32.62 5.49
C VAL B 285 40.74 -32.07 4.56
N GLU B 286 40.35 -31.29 3.53
CA GLU B 286 41.21 -30.76 2.48
C GLU B 286 42.50 -30.18 3.05
N ARG B 287 42.40 -29.34 4.07
CA ARG B 287 43.53 -28.62 4.63
C ARG B 287 44.58 -29.56 5.24
N GLU B 288 44.16 -30.66 5.85
CA GLU B 288 45.08 -31.63 6.41
C GLU B 288 45.73 -32.51 5.34
N VAL B 289 44.98 -32.90 4.30
CA VAL B 289 45.59 -33.68 3.22
C VAL B 289 46.55 -32.85 2.38
N GLU B 290 46.35 -31.52 2.33
CA GLU B 290 47.39 -30.61 1.84
C GLU B 290 48.61 -30.67 2.73
N ARG B 291 48.40 -30.60 4.04
CA ARG B 291 49.48 -30.54 5.01
C ARG B 291 50.42 -31.74 4.89
N SER B 292 49.91 -32.91 4.46
CA SER B 292 50.71 -34.12 4.31
C SER B 292 51.75 -33.98 3.18
N GLY B 293 51.49 -33.09 2.22
CA GLY B 293 52.38 -32.90 1.08
C GLY B 293 52.16 -33.92 -0.05
N THR B 294 51.33 -34.93 0.19
CA THR B 294 51.16 -36.02 -0.76
C THR B 294 50.46 -35.58 -2.04
N LEU B 295 49.65 -34.51 -1.97
CA LEU B 295 48.99 -33.99 -3.14
C LEU B 295 49.97 -33.45 -4.18
N ALA B 296 51.13 -32.93 -3.75
CA ALA B 296 52.15 -32.41 -4.65
C ALA B 296 52.68 -33.46 -5.64
N LEU B 297 52.50 -34.74 -5.31
CA LEU B 297 52.93 -35.84 -6.17
C LEU B 297 51.93 -36.14 -7.30
N VAL B 298 50.68 -35.68 -7.21
CA VAL B 298 49.60 -36.18 -8.05
C VAL B 298 49.76 -35.71 -9.49
N GLU B 299 49.87 -34.39 -9.72
CA GLU B 299 49.96 -33.88 -11.09
C GLU B 299 51.21 -34.39 -11.83
N PRO B 300 52.43 -34.30 -11.23
CA PRO B 300 53.64 -34.84 -11.85
C PRO B 300 53.51 -36.29 -12.27
N LEU B 301 52.88 -37.14 -11.45
CA LEU B 301 52.59 -38.52 -11.83
C LEU B 301 51.62 -38.59 -13.01
N VAL B 302 50.48 -37.93 -12.90
CA VAL B 302 49.44 -38.01 -13.91
C VAL B 302 49.95 -37.55 -15.27
N ALA B 303 50.85 -36.55 -15.27
CA ALA B 303 51.48 -36.04 -16.48
C ALA B 303 52.43 -37.07 -17.13
N SER B 304 53.02 -37.96 -16.31
CA SER B 304 53.99 -38.98 -16.71
C SER B 304 53.35 -40.15 -17.48
N LEU B 305 52.18 -40.63 -17.01
CA LEU B 305 51.56 -41.85 -17.50
C LEU B 305 50.77 -41.65 -18.81
N ASP B 306 50.32 -42.78 -19.39
CA ASP B 306 49.51 -42.80 -20.60
C ASP B 306 48.17 -43.51 -20.34
N PRO B 307 47.00 -42.83 -20.50
CA PRO B 307 45.68 -43.48 -20.39
C PRO B 307 45.44 -44.67 -21.32
N GLY B 308 46.12 -44.69 -22.48
CA GLY B 308 45.97 -45.77 -23.44
C GLY B 308 46.45 -47.13 -22.95
N ARG B 309 47.31 -47.14 -21.92
CA ARG B 309 47.95 -48.34 -21.38
C ARG B 309 46.96 -49.46 -21.06
N PHE B 310 45.90 -49.13 -20.32
CA PHE B 310 44.90 -50.08 -19.86
C PHE B 310 44.18 -50.76 -21.04
N ALA B 311 43.80 -49.97 -22.05
CA ALA B 311 43.13 -50.47 -23.24
C ALA B 311 44.01 -51.34 -24.13
N ARG B 312 45.34 -51.41 -23.87
CA ARG B 312 46.25 -52.34 -24.54
C ARG B 312 46.76 -53.46 -23.62
N CYS B 313 46.53 -53.35 -22.30
CA CYS B 313 46.62 -54.47 -21.37
C CYS B 313 45.45 -55.43 -21.61
N LEU B 314 44.24 -54.85 -21.77
CA LEU B 314 43.09 -55.48 -22.39
C LEU B 314 43.42 -55.88 -23.83
N VAL B 315 42.87 -57.01 -24.32
CA VAL B 315 43.01 -57.41 -25.72
C VAL B 315 41.81 -56.90 -26.55
N ASP B 316 41.80 -57.26 -27.84
CA ASP B 316 40.75 -56.84 -28.79
C ASP B 316 39.43 -57.62 -28.60
N ALA B 317 38.46 -57.33 -29.49
CA ALA B 317 37.11 -57.87 -29.45
C ALA B 317 36.41 -57.52 -28.13
N SER B 318 35.67 -58.49 -27.55
CA SER B 318 34.80 -58.27 -26.40
C SER B 318 35.47 -58.64 -25.06
N ASP B 319 36.81 -58.54 -24.99
CA ASP B 319 37.55 -58.72 -23.75
C ASP B 319 36.95 -57.83 -22.63
N THR B 320 36.56 -58.47 -21.51
CA THR B 320 35.94 -57.82 -20.36
C THR B 320 36.79 -58.00 -19.10
N SER B 321 38.06 -58.41 -19.26
CA SER B 321 39.01 -58.62 -18.17
C SER B 321 39.40 -57.33 -17.43
N GLN B 322 39.15 -56.17 -18.07
CA GLN B 322 39.29 -54.84 -17.46
C GLN B 322 38.09 -53.96 -17.83
N GLY B 323 37.82 -52.95 -16.99
CA GLY B 323 36.79 -51.95 -17.19
C GLY B 323 35.81 -51.84 -16.03
N ARG B 324 35.73 -50.64 -15.43
CA ARG B 324 34.82 -50.31 -14.34
C ARG B 324 33.36 -50.37 -14.77
N GLY B 325 32.50 -50.85 -13.86
CA GLY B 325 31.06 -50.77 -14.05
C GLY B 325 30.51 -49.38 -13.76
N PRO B 326 29.24 -49.06 -14.09
CA PRO B 326 28.67 -47.73 -13.88
C PRO B 326 28.82 -47.14 -12.48
N ASP B 327 28.68 -47.94 -11.41
CA ASP B 327 28.88 -47.48 -10.04
C ASP B 327 30.31 -46.98 -9.85
N ASP B 328 31.29 -47.79 -10.27
CA ASP B 328 32.71 -47.48 -10.11
C ASP B 328 33.14 -46.27 -10.94
N LEU B 329 32.49 -46.07 -12.09
CA LEU B 329 32.71 -44.89 -12.91
C LEU B 329 32.08 -43.67 -12.25
N GLN B 330 30.84 -43.78 -11.77
CA GLN B 330 30.09 -42.65 -11.27
C GLN B 330 30.84 -41.93 -10.16
N ARG B 331 31.61 -42.68 -9.35
CA ARG B 331 32.39 -42.15 -8.24
C ARG B 331 33.58 -41.29 -8.69
N LEU B 332 34.05 -41.45 -9.93
CA LEU B 332 35.12 -40.64 -10.47
C LEU B 332 34.62 -39.25 -10.89
N VAL B 333 33.40 -39.14 -11.43
CA VAL B 333 32.89 -37.88 -11.95
C VAL B 333 33.00 -36.72 -10.97
N PRO B 334 32.60 -36.81 -9.68
CA PRO B 334 32.83 -35.71 -8.74
C PRO B 334 34.29 -35.28 -8.56
N LEU B 335 35.26 -36.10 -8.96
CA LEU B 335 36.64 -35.64 -9.01
C LEU B 335 36.84 -34.59 -10.11
N LEU B 336 36.22 -34.79 -11.27
CA LEU B 336 36.20 -33.76 -12.32
C LEU B 336 35.52 -32.48 -11.83
N ASP B 337 34.43 -32.62 -11.09
CA ASP B 337 33.64 -31.48 -10.66
C ASP B 337 34.29 -30.73 -9.51
N SER B 338 35.32 -31.30 -8.89
CA SER B 338 35.98 -30.69 -7.73
C SER B 338 36.78 -29.43 -8.09
N ASN B 339 37.11 -28.64 -7.07
CA ASN B 339 37.93 -27.46 -7.24
C ASN B 339 39.42 -27.81 -7.21
N ARG B 340 39.77 -29.01 -6.75
CA ARG B 340 41.18 -29.39 -6.66
C ARG B 340 41.73 -29.69 -8.06
N LEU B 341 42.84 -29.04 -8.39
CA LEU B 341 43.55 -29.37 -9.60
C LEU B 341 43.92 -30.86 -9.62
N GLU B 342 44.42 -31.40 -8.49
CA GLU B 342 44.91 -32.76 -8.41
C GLU B 342 43.79 -33.76 -8.70
N ALA B 343 42.66 -33.58 -8.03
CA ALA B 343 41.50 -34.43 -8.26
C ALA B 343 40.95 -34.34 -9.70
N GLN B 344 40.96 -33.14 -10.30
CA GLN B 344 40.54 -32.99 -11.68
C GLN B 344 41.50 -33.71 -12.61
N CYS B 345 42.81 -33.65 -12.34
CA CYS B 345 43.80 -34.34 -13.16
C CYS B 345 43.61 -35.84 -13.10
N ILE B 346 43.62 -36.42 -11.88
CA ILE B 346 43.52 -37.86 -11.73
C ILE B 346 42.15 -38.41 -12.14
N GLY B 347 41.10 -37.67 -11.87
CA GLY B 347 39.78 -38.02 -12.40
C GLY B 347 39.73 -38.05 -13.92
N ALA B 348 40.32 -37.06 -14.58
CA ALA B 348 40.41 -37.04 -16.03
C ALA B 348 41.30 -38.18 -16.52
N PHE B 349 42.37 -38.52 -15.79
CA PHE B 349 43.21 -39.66 -16.15
C PHE B 349 42.42 -40.96 -16.18
N TYR B 350 41.81 -41.33 -15.03
CA TYR B 350 41.05 -42.56 -14.90
C TYR B 350 39.89 -42.63 -15.90
N LEU B 351 39.20 -41.52 -16.09
CA LEU B 351 38.05 -41.50 -16.97
C LEU B 351 38.46 -41.56 -18.43
N CYS B 352 39.66 -41.08 -18.75
CA CYS B 352 40.22 -41.22 -20.09
C CYS B 352 40.64 -42.66 -20.36
N ALA B 353 41.29 -43.31 -19.38
CA ALA B 353 41.60 -44.73 -19.47
C ALA B 353 40.34 -45.57 -19.75
N GLU B 354 39.27 -45.30 -18.99
CA GLU B 354 37.98 -45.94 -19.19
C GLU B 354 37.39 -45.61 -20.55
N ALA B 355 37.51 -44.37 -21.03
CA ALA B 355 37.02 -44.02 -22.36
C ALA B 355 37.69 -44.86 -23.44
N ALA B 356 39.00 -45.12 -23.30
CA ALA B 356 39.72 -45.99 -24.22
C ALA B 356 39.16 -47.41 -24.20
N ILE B 357 39.03 -48.00 -22.99
CA ILE B 357 38.49 -49.34 -22.79
C ILE B 357 37.07 -49.47 -23.37
N LYS B 358 36.18 -48.55 -22.97
CA LYS B 358 34.78 -48.59 -23.34
C LYS B 358 34.57 -48.36 -24.83
N SER B 359 35.33 -47.46 -25.46
CA SER B 359 35.23 -47.22 -26.90
C SER B 359 35.68 -48.44 -27.70
N LEU B 360 36.75 -49.12 -27.24
CA LEU B 360 37.16 -50.40 -27.81
C LEU B 360 36.03 -51.44 -27.72
N GLN B 361 35.40 -51.55 -26.54
CA GLN B 361 34.31 -52.48 -26.27
C GLN B 361 32.98 -52.07 -26.94
N GLY B 362 32.88 -50.85 -27.48
CA GLY B 362 31.65 -50.33 -28.07
C GLY B 362 30.58 -49.92 -27.04
N LYS B 363 31.00 -49.66 -25.80
CA LYS B 363 30.11 -49.43 -24.66
C LYS B 363 30.12 -47.95 -24.23
N THR B 364 30.11 -47.03 -25.19
CA THR B 364 30.30 -45.61 -24.92
C THR B 364 29.07 -44.92 -24.29
N LYS B 365 27.90 -45.57 -24.31
CA LYS B 365 26.64 -45.01 -23.84
C LYS B 365 26.74 -44.50 -22.40
N VAL B 366 27.45 -45.25 -21.54
CA VAL B 366 27.54 -45.04 -20.10
C VAL B 366 27.94 -43.61 -19.73
N PHE B 367 28.93 -43.03 -20.42
CA PHE B 367 29.43 -41.70 -20.08
C PHE B 367 28.37 -40.60 -20.22
N SER B 368 27.39 -40.81 -21.09
CA SER B 368 26.40 -39.78 -21.42
C SER B 368 25.38 -39.59 -20.28
N ASP B 369 25.16 -40.64 -19.45
CA ASP B 369 24.16 -40.62 -18.39
C ASP B 369 24.77 -40.73 -16.98
N ILE B 370 26.01 -41.21 -16.88
CA ILE B 370 26.89 -40.89 -15.75
C ILE B 370 27.13 -39.38 -15.61
N GLY B 371 26.91 -38.62 -16.70
CA GLY B 371 27.07 -37.17 -16.75
C GLY B 371 28.53 -36.74 -16.91
N ALA B 372 29.40 -37.65 -17.39
CA ALA B 372 30.82 -37.39 -17.59
C ALA B 372 31.05 -36.37 -18.71
N ILE B 373 30.22 -36.40 -19.76
CA ILE B 373 30.48 -35.65 -20.98
C ILE B 373 30.49 -34.15 -20.71
N GLN B 374 29.41 -33.59 -20.16
CA GLN B 374 29.37 -32.17 -19.82
C GLN B 374 30.50 -31.78 -18.85
N SER B 375 30.88 -32.69 -17.94
CA SER B 375 31.92 -32.40 -16.98
C SER B 375 33.29 -32.30 -17.66
N LEU B 376 33.58 -33.21 -18.59
CA LEU B 376 34.81 -33.13 -19.37
C LEU B 376 34.81 -31.87 -20.25
N LYS B 377 33.71 -31.56 -20.95
CA LYS B 377 33.60 -30.34 -21.73
C LYS B 377 33.86 -29.10 -20.88
N ARG B 378 33.37 -29.09 -19.65
CA ARG B 378 33.65 -28.01 -18.72
C ARG B 378 35.13 -27.93 -18.35
N LEU B 379 35.82 -29.05 -18.12
CA LEU B 379 37.25 -29.01 -17.84
C LEU B 379 38.00 -28.37 -18.99
N VAL B 380 37.67 -28.72 -20.24
CA VAL B 380 38.36 -28.16 -21.38
C VAL B 380 38.07 -26.67 -21.48
N SER B 381 36.80 -26.29 -21.32
CA SER B 381 36.35 -24.92 -21.51
C SER B 381 37.09 -23.95 -20.60
N TYR B 382 37.09 -24.21 -19.30
CA TYR B 382 37.67 -23.27 -18.34
C TYR B 382 39.06 -23.69 -17.89
N SER B 383 39.76 -24.46 -18.74
CA SER B 383 41.08 -25.00 -18.44
C SER B 383 42.11 -23.89 -18.25
N THR B 384 42.99 -24.09 -17.25
CA THR B 384 44.16 -23.24 -17.05
C THR B 384 45.39 -24.10 -16.74
N ASN B 385 45.37 -25.32 -17.29
CA ASN B 385 46.35 -26.35 -16.99
C ASN B 385 46.40 -27.36 -18.13
N GLY B 386 47.60 -27.60 -18.65
CA GLY B 386 47.82 -28.44 -19.82
C GLY B 386 47.50 -29.91 -19.56
N THR B 387 48.00 -30.45 -18.43
CA THR B 387 47.90 -31.87 -18.12
C THR B 387 46.44 -32.30 -18.09
N LYS B 388 45.64 -31.55 -17.32
CA LYS B 388 44.20 -31.73 -17.24
C LYS B 388 43.53 -31.64 -18.63
N SER B 389 43.91 -30.63 -19.43
CA SER B 389 43.28 -30.34 -20.71
C SER B 389 43.53 -31.46 -21.71
N ALA B 390 44.78 -31.94 -21.77
CA ALA B 390 45.19 -33.02 -22.66
C ALA B 390 44.31 -34.24 -22.42
N LEU B 391 44.24 -34.67 -21.15
CA LEU B 391 43.45 -35.83 -20.74
C LEU B 391 41.98 -35.67 -21.09
N ALA B 392 41.38 -34.52 -20.78
CA ALA B 392 39.98 -34.28 -21.04
C ALA B 392 39.63 -34.25 -22.54
N LYS B 393 40.48 -33.61 -23.37
CA LYS B 393 40.29 -33.57 -24.80
C LYS B 393 40.45 -34.96 -25.38
N ARG B 394 41.48 -35.70 -24.94
CA ARG B 394 41.72 -37.07 -25.39
C ARG B 394 40.53 -37.97 -25.08
N ALA B 395 39.99 -37.85 -23.86
CA ALA B 395 38.79 -38.56 -23.45
C ALA B 395 37.61 -38.26 -24.38
N LEU B 396 37.30 -36.97 -24.60
CA LEU B 396 36.21 -36.59 -25.49
C LEU B 396 36.37 -37.14 -26.90
N ARG B 397 37.60 -37.14 -27.44
CA ARG B 397 37.89 -37.70 -28.76
C ARG B 397 37.68 -39.21 -28.78
N LEU B 398 38.15 -39.95 -27.76
CA LEU B 398 37.92 -41.38 -27.65
C LEU B 398 36.43 -41.71 -27.63
N LEU B 399 35.62 -40.85 -26.97
CA LEU B 399 34.18 -41.00 -26.91
C LEU B 399 33.47 -40.47 -28.14
N GLY B 400 34.21 -39.96 -29.14
CA GLY B 400 33.64 -39.46 -30.39
C GLY B 400 32.81 -38.18 -30.24
N GLU B 401 33.01 -37.44 -29.15
CA GLU B 401 32.37 -36.13 -28.98
C GLU B 401 33.16 -35.04 -29.69
N GLU B 402 32.45 -33.96 -30.08
CA GLU B 402 33.11 -32.73 -30.51
C GLU B 402 33.77 -32.05 -29.30
N VAL B 403 34.96 -31.47 -29.52
CA VAL B 403 35.80 -30.95 -28.45
C VAL B 403 35.68 -29.43 -28.43
N PRO B 404 35.38 -28.79 -27.28
CA PRO B 404 35.22 -27.33 -27.25
C PRO B 404 36.58 -26.63 -27.32
N ARG B 405 36.60 -25.47 -27.97
CA ARG B 405 37.74 -24.54 -27.89
C ARG B 405 37.83 -23.95 -26.49
N PRO B 406 39.02 -23.84 -25.85
CA PRO B 406 39.10 -23.17 -24.56
C PRO B 406 38.68 -21.71 -24.78
N ILE B 407 37.86 -21.18 -23.86
CA ILE B 407 37.17 -19.92 -24.09
C ILE B 407 38.06 -18.71 -23.72
N LEU B 408 37.95 -17.59 -24.45
CA LEU B 408 38.80 -16.42 -24.19
C LEU B 408 38.49 -15.79 -22.83
N PRO B 409 39.44 -15.63 -21.89
CA PRO B 409 39.10 -15.12 -20.57
C PRO B 409 38.64 -13.66 -20.47
N SER B 410 38.92 -12.82 -21.48
CA SER B 410 38.61 -11.40 -21.38
C SER B 410 37.15 -11.13 -21.73
N VAL B 411 36.25 -11.56 -20.85
CA VAL B 411 34.82 -11.57 -21.11
C VAL B 411 34.32 -10.17 -21.44
N PRO B 412 34.77 -9.12 -20.77
CA PRO B 412 34.26 -7.79 -21.08
C PRO B 412 34.48 -7.36 -22.52
N SER B 413 35.52 -7.91 -23.16
CA SER B 413 35.83 -7.60 -24.56
C SER B 413 35.16 -8.55 -25.58
N TRP B 414 34.36 -9.53 -25.17
CA TRP B 414 33.78 -10.45 -26.11
C TRP B 414 32.81 -9.71 -27.01
N LYS B 415 32.72 -10.15 -28.27
CA LYS B 415 31.66 -9.71 -29.15
C LYS B 415 30.60 -10.80 -29.23
N GLU B 416 29.60 -10.60 -30.10
CA GLU B 416 28.54 -11.57 -30.30
C GLU B 416 29.04 -12.98 -30.58
N ALA B 417 30.07 -13.12 -31.40
CA ALA B 417 30.53 -14.46 -31.76
C ALA B 417 31.09 -15.25 -30.57
N GLU B 418 31.73 -14.58 -29.61
CA GLU B 418 32.20 -15.30 -28.45
C GLU B 418 31.02 -15.75 -27.60
N VAL B 419 30.02 -14.87 -27.44
CA VAL B 419 28.85 -15.24 -26.67
C VAL B 419 28.19 -16.45 -27.32
N GLN B 420 27.98 -16.43 -28.63
CA GLN B 420 27.45 -17.60 -29.28
C GLN B 420 28.29 -18.85 -29.04
N THR B 421 29.61 -18.73 -29.03
CA THR B 421 30.47 -19.89 -28.78
C THR B 421 30.25 -20.41 -27.36
N TRP B 422 30.27 -19.53 -26.37
CA TRP B 422 30.16 -19.94 -24.99
C TRP B 422 28.83 -20.60 -24.72
N LEU B 423 27.73 -20.03 -25.24
CA LEU B 423 26.43 -20.65 -25.10
C LEU B 423 26.39 -22.09 -25.62
N GLN B 424 27.07 -22.38 -26.72
CA GLN B 424 27.13 -23.73 -27.24
C GLN B 424 27.92 -24.67 -26.34
N GLN B 425 28.99 -24.20 -25.73
CA GLN B 425 29.75 -25.05 -24.83
C GLN B 425 28.98 -25.40 -23.56
N ILE B 426 28.30 -24.45 -22.96
CA ILE B 426 27.60 -24.68 -21.69
C ILE B 426 26.24 -25.32 -21.94
N GLY B 427 25.95 -25.67 -23.20
CA GLY B 427 24.76 -26.46 -23.52
C GLY B 427 23.46 -25.64 -23.52
N PHE B 428 23.59 -24.32 -23.67
CA PHE B 428 22.43 -23.47 -23.86
C PHE B 428 22.17 -23.18 -25.35
N SER B 429 22.58 -24.07 -26.26
CA SER B 429 22.49 -23.81 -27.69
C SER B 429 21.06 -23.51 -28.18
N LYS B 430 20.06 -23.94 -27.43
CA LYS B 430 18.68 -23.62 -27.73
C LYS B 430 18.43 -22.11 -27.70
N TYR B 431 19.23 -21.36 -26.95
CA TYR B 431 19.04 -19.92 -26.77
C TYR B 431 19.92 -19.09 -27.69
N CYS B 432 20.82 -19.71 -28.46
CA CYS B 432 21.75 -18.99 -29.32
C CYS B 432 21.05 -17.99 -30.21
N GLU B 433 19.93 -18.40 -30.81
CA GLU B 433 19.18 -17.50 -31.69
C GLU B 433 18.73 -16.23 -30.97
N SER B 434 18.15 -16.37 -29.78
CA SER B 434 17.72 -15.19 -29.04
C SER B 434 18.90 -14.29 -28.72
N PHE B 435 20.00 -14.85 -28.22
CA PHE B 435 21.12 -14.03 -27.85
C PHE B 435 21.72 -13.34 -29.08
N ARG B 436 21.62 -13.97 -30.27
CA ARG B 436 22.10 -13.40 -31.52
C ARG B 436 21.20 -12.25 -31.96
N GLU B 437 19.90 -12.50 -31.99
CA GLU B 437 18.93 -11.49 -32.38
C GLU B 437 18.96 -10.28 -31.46
N GLN B 438 19.04 -10.45 -30.14
CA GLN B 438 19.16 -9.35 -29.23
C GLN B 438 20.59 -8.78 -29.19
N GLN B 439 21.52 -9.35 -29.95
CA GLN B 439 22.90 -8.86 -30.01
C GLN B 439 23.62 -8.78 -28.66
N VAL B 440 23.53 -9.83 -27.86
CA VAL B 440 24.22 -9.80 -26.58
C VAL B 440 25.70 -9.99 -26.86
N ASP B 441 26.51 -9.17 -26.19
CA ASP B 441 27.96 -9.25 -26.27
C ASP B 441 28.52 -9.34 -24.86
N GLY B 442 29.83 -9.28 -24.71
CA GLY B 442 30.41 -9.56 -23.42
C GLY B 442 29.94 -8.65 -22.29
N ASP B 443 29.83 -7.35 -22.55
CA ASP B 443 29.39 -6.43 -21.53
C ASP B 443 27.93 -6.67 -21.17
N LEU B 444 27.09 -6.95 -22.15
CA LEU B 444 25.71 -7.22 -21.86
C LEU B 444 25.53 -8.54 -21.12
N LEU B 445 26.29 -9.59 -21.53
CA LEU B 445 26.21 -10.88 -20.90
C LEU B 445 26.58 -10.74 -19.43
N LEU B 446 27.68 -10.08 -19.09
CA LEU B 446 28.12 -9.94 -17.71
C LEU B 446 27.11 -9.18 -16.85
N ARG B 447 26.14 -8.52 -17.47
CA ARG B 447 25.20 -7.68 -16.73
C ARG B 447 23.75 -8.17 -16.85
N LEU B 448 23.48 -9.36 -17.43
CA LEU B 448 22.12 -9.84 -17.60
C LEU B 448 21.46 -10.00 -16.24
N THR B 449 20.27 -9.40 -16.15
CA THR B 449 19.44 -9.56 -14.98
C THR B 449 18.44 -10.68 -15.24
N GLU B 450 17.78 -11.16 -14.18
CA GLU B 450 16.74 -12.17 -14.37
C GLU B 450 15.59 -11.71 -15.28
N GLU B 451 15.22 -10.44 -15.15
CA GLU B 451 14.16 -9.84 -15.94
C GLU B 451 14.43 -9.89 -17.46
N GLU B 452 15.66 -9.55 -17.86
CA GLU B 452 16.01 -9.55 -19.27
C GLU B 452 16.00 -10.97 -19.79
N LEU B 453 16.58 -11.86 -18.98
CA LEU B 453 16.75 -13.26 -19.36
C LEU B 453 15.39 -13.89 -19.58
N GLN B 454 14.43 -13.59 -18.69
CA GLN B 454 13.05 -14.06 -18.83
C GLN B 454 12.33 -13.48 -20.03
N THR B 455 12.35 -12.14 -20.11
CA THR B 455 11.46 -11.42 -21.01
C THR B 455 11.98 -11.26 -22.44
N ASP B 456 13.27 -10.90 -22.58
CA ASP B 456 13.87 -10.50 -23.84
C ASP B 456 14.51 -11.69 -24.55
N LEU B 457 15.13 -12.60 -23.78
CA LEU B 457 15.81 -13.72 -24.38
C LEU B 457 14.93 -14.98 -24.42
N GLY B 458 13.79 -14.97 -23.71
CA GLY B 458 12.85 -16.06 -23.87
C GLY B 458 13.04 -17.26 -22.93
N MET B 459 13.79 -17.05 -21.85
CA MET B 459 14.10 -18.13 -20.95
C MET B 459 13.03 -18.14 -19.84
N LYS B 460 11.90 -18.81 -20.16
CA LYS B 460 10.66 -18.75 -19.38
C LYS B 460 10.80 -19.42 -18.03
N SER B 461 11.41 -20.62 -18.02
CA SER B 461 11.52 -21.47 -16.85
C SER B 461 12.44 -20.87 -15.80
N GLY B 462 11.99 -20.72 -14.58
CA GLY B 462 12.82 -20.23 -13.49
C GLY B 462 13.97 -21.17 -13.18
N ILE B 463 13.75 -22.48 -13.35
CA ILE B 463 14.81 -23.43 -13.11
C ILE B 463 15.85 -23.23 -14.19
N THR B 464 15.44 -23.04 -15.45
CA THR B 464 16.42 -22.86 -16.50
C THR B 464 17.22 -21.59 -16.26
N ARG B 465 16.59 -20.49 -15.85
CA ARG B 465 17.34 -19.32 -15.49
C ARG B 465 18.32 -19.61 -14.36
N LYS B 466 17.96 -20.41 -13.38
CA LYS B 466 18.81 -20.74 -12.26
C LYS B 466 20.02 -21.50 -12.80
N ARG B 467 19.86 -22.35 -13.82
CA ARG B 467 21.02 -23.05 -14.37
C ARG B 467 21.88 -22.08 -15.16
N PHE B 468 21.26 -21.16 -15.92
CA PHE B 468 22.02 -20.18 -16.67
C PHE B 468 22.86 -19.36 -15.72
N PHE B 469 22.30 -18.81 -14.66
CA PHE B 469 23.11 -18.05 -13.75
C PHE B 469 24.21 -18.86 -13.09
N ARG B 470 24.01 -20.15 -12.91
CA ARG B 470 25.02 -21.02 -12.34
C ARG B 470 26.22 -21.06 -13.29
N GLU B 471 25.97 -21.17 -14.61
CA GLU B 471 26.99 -21.17 -15.64
C GLU B 471 27.68 -19.82 -15.70
N LEU B 472 26.86 -18.77 -15.79
CA LEU B 472 27.36 -17.43 -15.90
C LEU B 472 28.24 -17.08 -14.70
N THR B 473 27.94 -17.64 -13.54
CA THR B 473 28.75 -17.31 -12.38
C THR B 473 30.11 -17.96 -12.46
N GLU B 474 30.20 -19.12 -13.07
CA GLU B 474 31.50 -19.72 -13.28
C GLU B 474 32.30 -18.85 -14.26
N LEU B 475 31.70 -18.43 -15.37
CA LEU B 475 32.37 -17.52 -16.31
C LEU B 475 32.80 -16.25 -15.61
N LYS B 476 31.90 -15.55 -14.92
CA LYS B 476 32.31 -14.36 -14.20
C LYS B 476 33.51 -14.61 -13.28
N THR B 477 33.63 -15.79 -12.69
CA THR B 477 34.66 -16.09 -11.73
C THR B 477 35.97 -16.36 -12.46
N PHE B 478 35.90 -16.92 -13.65
CA PHE B 478 37.05 -17.28 -14.46
C PHE B 478 37.67 -16.05 -15.13
N ALA B 479 36.83 -15.06 -15.44
CA ALA B 479 37.15 -13.97 -16.35
C ALA B 479 38.31 -13.09 -15.90
N ASN B 480 38.89 -12.45 -16.92
CA ASN B 480 39.98 -11.48 -16.82
C ASN B 480 39.37 -10.08 -16.91
N TYR B 481 39.58 -9.24 -15.90
CA TYR B 481 38.95 -7.93 -15.92
C TYR B 481 39.96 -6.77 -16.11
N SER B 482 41.11 -7.01 -16.77
CA SER B 482 42.19 -6.05 -16.92
C SER B 482 41.75 -4.76 -17.61
N THR B 483 40.77 -4.87 -18.50
CA THR B 483 40.29 -3.71 -19.23
C THR B 483 39.32 -2.84 -18.42
N CYS B 484 39.00 -3.22 -17.18
CA CYS B 484 37.89 -2.66 -16.42
C CYS B 484 38.37 -2.24 -15.04
N ASP B 485 39.13 -3.13 -14.41
CA ASP B 485 39.42 -3.02 -13.01
C ASP B 485 40.80 -2.38 -12.84
N ARG B 486 40.84 -1.06 -12.63
CA ARG B 486 42.07 -0.35 -12.37
C ARG B 486 42.70 -0.73 -11.02
N SER B 487 41.85 -1.09 -10.04
CA SER B 487 42.26 -1.15 -8.65
C SER B 487 42.45 -2.59 -8.15
N ASN B 488 42.30 -3.56 -9.08
CA ASN B 488 42.38 -4.98 -8.79
C ASN B 488 41.41 -5.32 -7.66
N LEU B 489 40.19 -4.83 -7.83
CA LEU B 489 39.09 -5.13 -6.95
C LEU B 489 38.70 -6.59 -7.05
N ALA B 490 38.94 -7.24 -8.20
CA ALA B 490 38.72 -8.66 -8.33
C ALA B 490 39.50 -9.44 -7.27
N ASP B 491 40.79 -9.16 -7.07
CA ASP B 491 41.55 -9.89 -6.08
C ASP B 491 41.11 -9.55 -4.68
N TRP B 492 40.64 -8.33 -4.46
CA TRP B 492 40.17 -7.99 -3.13
C TRP B 492 38.95 -8.83 -2.78
N LEU B 493 37.98 -8.88 -3.71
CA LEU B 493 36.80 -9.70 -3.55
C LEU B 493 37.21 -11.15 -3.34
N GLY B 494 38.06 -11.67 -4.21
CA GLY B 494 38.47 -13.06 -4.12
C GLY B 494 39.23 -13.38 -2.83
N SER B 495 39.89 -12.41 -2.23
CA SER B 495 40.59 -12.62 -0.97
C SER B 495 39.63 -12.75 0.20
N LEU B 496 38.42 -12.18 0.14
CA LEU B 496 37.42 -12.47 1.16
C LEU B 496 36.95 -13.89 0.98
N ASP B 497 36.49 -14.15 -0.24
CA ASP B 497 35.81 -15.41 -0.54
C ASP B 497 35.87 -15.68 -2.03
N PRO B 498 36.41 -16.83 -2.48
CA PRO B 498 36.51 -17.11 -3.90
C PRO B 498 35.24 -16.88 -4.69
N ARG B 499 34.09 -17.06 -4.05
CA ARG B 499 32.83 -16.89 -4.74
C ARG B 499 32.36 -15.43 -4.80
N PHE B 500 33.09 -14.51 -4.20
CA PHE B 500 32.79 -13.10 -4.36
C PHE B 500 33.41 -12.53 -5.63
N ARG B 501 34.43 -13.18 -6.18
CA ARG B 501 35.10 -12.60 -7.31
C ARG B 501 34.14 -12.37 -8.46
N GLN B 502 33.03 -13.09 -8.52
CA GLN B 502 32.08 -12.94 -9.62
C GLN B 502 31.40 -11.57 -9.58
N TYR B 503 31.45 -10.84 -8.46
CA TYR B 503 30.80 -9.54 -8.41
C TYR B 503 31.70 -8.42 -8.94
N THR B 504 32.93 -8.71 -9.36
CA THR B 504 33.82 -7.69 -9.86
C THR B 504 33.18 -6.78 -10.91
N TYR B 505 32.61 -7.34 -11.99
CA TYR B 505 32.18 -6.43 -13.04
C TYR B 505 31.00 -5.58 -12.59
N GLY B 506 30.14 -6.08 -11.71
CA GLY B 506 29.11 -5.21 -11.16
C GLY B 506 29.67 -4.03 -10.39
N LEU B 507 30.67 -4.25 -9.54
CA LEU B 507 31.27 -3.17 -8.79
C LEU B 507 31.95 -2.15 -9.73
N VAL B 508 32.82 -2.64 -10.61
CA VAL B 508 33.60 -1.72 -11.38
C VAL B 508 32.78 -1.00 -12.43
N SER B 509 31.77 -1.66 -12.96
CA SER B 509 30.86 -1.03 -13.91
C SER B 509 30.09 0.15 -13.27
N CYS B 510 29.74 0.11 -12.00
CA CYS B 510 29.24 1.27 -11.28
C CYS B 510 30.33 2.29 -10.99
N GLY B 511 31.59 1.98 -11.23
CA GLY B 511 32.63 2.95 -10.94
C GLY B 511 33.22 2.89 -9.54
N LEU B 512 32.87 1.89 -8.74
CA LEU B 512 33.58 1.70 -7.47
C LEU B 512 34.99 1.20 -7.71
N ASP B 513 35.78 1.32 -6.65
CA ASP B 513 37.17 0.90 -6.65
C ASP B 513 37.62 0.80 -5.20
N ARG B 514 38.81 0.26 -4.95
CA ARG B 514 39.23 -0.02 -3.59
C ARG B 514 39.16 1.21 -2.68
N SER B 515 39.46 2.39 -3.22
CA SER B 515 39.48 3.60 -2.43
C SER B 515 38.05 4.02 -2.06
N LEU B 516 37.14 3.91 -3.01
CA LEU B 516 35.77 4.33 -2.84
C LEU B 516 34.98 3.33 -2.01
N LEU B 517 35.36 2.06 -1.94
CA LEU B 517 34.44 1.02 -1.51
C LEU B 517 33.97 1.22 -0.08
N HIS B 518 34.83 1.82 0.75
CA HIS B 518 34.51 2.10 2.16
C HIS B 518 33.25 2.94 2.37
N ARG B 519 32.82 3.66 1.34
CA ARG B 519 31.68 4.55 1.39
C ARG B 519 30.42 3.90 0.82
N VAL B 520 30.50 2.68 0.26
CA VAL B 520 29.36 2.10 -0.43
C VAL B 520 28.32 1.74 0.63
N SER B 521 27.05 1.61 0.23
CA SER B 521 25.99 1.26 1.18
C SER B 521 25.30 -0.03 0.76
N GLU B 522 24.59 -0.67 1.69
CA GLU B 522 24.01 -1.95 1.33
C GLU B 522 23.06 -1.82 0.13
N GLN B 523 22.32 -0.72 0.10
CA GLN B 523 21.39 -0.50 -0.99
C GLN B 523 22.12 -0.35 -2.31
N GLN B 524 23.21 0.38 -2.35
CA GLN B 524 24.01 0.44 -3.57
C GLN B 524 24.56 -0.93 -4.00
N LEU B 525 25.01 -1.79 -3.08
CA LEU B 525 25.50 -3.10 -3.50
C LEU B 525 24.35 -3.92 -4.08
N LEU B 526 23.14 -3.78 -3.53
CA LEU B 526 21.98 -4.48 -4.06
C LEU B 526 21.57 -3.93 -5.42
N GLU B 527 21.30 -2.62 -5.48
CA GLU B 527 20.61 -2.00 -6.59
C GLU B 527 21.56 -1.68 -7.75
N ASP B 528 22.71 -1.09 -7.44
CA ASP B 528 23.63 -0.69 -8.49
C ASP B 528 24.47 -1.88 -8.93
N CYS B 529 25.13 -2.51 -7.97
CA CYS B 529 26.10 -3.56 -8.27
C CYS B 529 25.50 -4.94 -8.49
N GLY B 530 24.24 -5.16 -8.11
CA GLY B 530 23.56 -6.40 -8.45
C GLY B 530 23.92 -7.58 -7.55
N ILE B 531 24.42 -7.36 -6.33
CA ILE B 531 24.67 -8.47 -5.43
C ILE B 531 23.37 -8.82 -4.71
N HIS B 532 22.70 -9.88 -5.20
CA HIS B 532 21.38 -10.26 -4.70
C HIS B 532 21.39 -10.89 -3.30
N LEU B 533 22.34 -11.76 -2.97
CA LEU B 533 22.37 -12.40 -1.66
C LEU B 533 22.77 -11.42 -0.54
N GLY B 534 21.91 -11.33 0.48
CA GLY B 534 22.16 -10.47 1.61
C GLY B 534 23.43 -10.84 2.38
N VAL B 535 23.69 -12.14 2.55
CA VAL B 535 24.87 -12.50 3.29
C VAL B 535 26.14 -12.00 2.58
N HIS B 536 26.14 -12.06 1.24
CA HIS B 536 27.28 -11.60 0.49
C HIS B 536 27.43 -10.09 0.62
N ARG B 537 26.32 -9.35 0.47
CA ARG B 537 26.32 -7.92 0.67
C ARG B 537 26.93 -7.58 2.00
N ALA B 538 26.43 -8.21 3.08
CA ALA B 538 26.90 -7.87 4.41
C ALA B 538 28.39 -8.16 4.59
N ARG B 539 28.92 -9.24 4.05
CA ARG B 539 30.33 -9.53 4.22
C ARG B 539 31.21 -8.58 3.45
N ILE B 540 30.85 -8.27 2.21
CA ILE B 540 31.59 -7.34 1.38
C ILE B 540 31.60 -6.00 2.10
N LEU B 541 30.43 -5.56 2.54
CA LEU B 541 30.27 -4.27 3.15
C LEU B 541 31.09 -4.16 4.43
N THR B 542 31.05 -5.19 5.28
CA THR B 542 31.85 -5.27 6.50
C THR B 542 33.34 -5.14 6.20
N ALA B 543 33.85 -5.92 5.27
CA ALA B 543 35.25 -5.87 4.94
C ALA B 543 35.63 -4.51 4.39
N ALA B 544 34.73 -3.89 3.64
CA ALA B 544 34.98 -2.57 3.11
C ALA B 544 35.12 -1.53 4.23
N ARG B 545 34.32 -1.60 5.29
CA ARG B 545 34.55 -0.71 6.43
C ARG B 545 35.92 -0.98 7.08
N GLU B 546 36.25 -2.25 7.35
CA GLU B 546 37.50 -2.61 7.99
C GLU B 546 38.72 -2.18 7.17
N MET B 547 38.58 -2.14 5.85
CA MET B 547 39.66 -1.75 4.95
C MET B 547 40.09 -0.29 5.13
N LEU B 548 39.29 0.56 5.77
CA LEU B 548 39.42 2.02 5.76
C LEU B 548 40.81 2.52 6.20
N HIS B 549 41.53 1.74 7.02
CA HIS B 549 42.90 2.04 7.42
C HIS B 549 43.89 2.15 6.24
N SER B 550 43.52 1.63 5.05
CA SER B 550 44.30 1.71 3.82
C SER B 550 43.93 2.92 2.94
N PRO B 551 42.63 3.21 2.66
CA PRO B 551 42.21 4.49 2.07
C PRO B 551 42.53 5.79 2.84
N LEU B 552 42.61 5.73 4.19
CA LEU B 552 42.86 6.91 5.00
C LEU B 552 44.19 7.60 4.68
N PRO B 553 45.36 6.89 4.67
CA PRO B 553 46.63 7.46 4.17
C PRO B 553 46.57 8.11 2.78
N GLY C 58 -16.89 -76.92 -2.37
CA GLY C 58 -16.16 -75.98 -1.48
C GLY C 58 -15.88 -76.60 -0.11
N ALA C 59 -14.61 -76.50 0.32
CA ALA C 59 -14.09 -77.13 1.55
C ALA C 59 -14.82 -76.65 2.81
N GLY C 60 -15.43 -75.45 2.77
CA GLY C 60 -16.23 -74.90 3.85
C GLY C 60 -17.34 -75.84 4.33
N THR C 61 -17.87 -76.69 3.42
CA THR C 61 -18.85 -77.72 3.77
C THR C 61 -18.29 -78.70 4.79
N GLU C 62 -17.04 -79.15 4.59
CA GLU C 62 -16.37 -80.07 5.50
C GLU C 62 -16.17 -79.45 6.89
N VAL C 63 -15.99 -78.12 6.95
CA VAL C 63 -15.94 -77.39 8.21
C VAL C 63 -17.28 -77.46 8.93
N GLN C 64 -18.39 -77.37 8.17
CA GLN C 64 -19.73 -77.55 8.73
C GLN C 64 -19.90 -78.98 9.26
N ASP C 65 -19.38 -79.99 8.54
CA ASP C 65 -19.37 -81.37 9.00
C ASP C 65 -18.58 -81.53 10.30
N ALA C 66 -17.39 -80.90 10.38
CA ALA C 66 -16.55 -80.90 11.57
C ALA C 66 -17.27 -80.26 12.76
N LEU C 67 -17.95 -79.13 12.51
CA LEU C 67 -18.79 -78.47 13.51
C LEU C 67 -19.96 -79.36 13.93
N GLU C 68 -20.66 -79.98 12.97
CA GLU C 68 -21.80 -80.86 13.24
C GLU C 68 -21.40 -82.12 14.02
N ARG C 69 -20.11 -82.51 13.96
CA ARG C 69 -19.55 -83.51 14.87
C ARG C 69 -19.26 -82.92 16.24
N ALA C 70 -18.46 -81.84 16.30
CA ALA C 70 -17.90 -81.30 17.54
C ALA C 70 -18.97 -80.65 18.43
N LEU C 71 -19.97 -80.01 17.83
CA LEU C 71 -20.99 -79.24 18.53
C LEU C 71 -21.85 -80.10 19.46
N PRO C 72 -22.46 -81.24 19.04
CA PRO C 72 -23.20 -82.09 19.96
C PRO C 72 -22.33 -82.67 21.09
N GLU C 73 -21.06 -83.01 20.80
CA GLU C 73 -20.14 -83.43 21.85
C GLU C 73 -19.94 -82.32 22.88
N LEU C 74 -19.77 -81.08 22.40
CA LEU C 74 -19.68 -79.88 23.23
C LEU C 74 -20.96 -79.65 24.04
N GLN C 75 -22.13 -79.80 23.41
CA GLN C 75 -23.42 -79.68 24.10
C GLN C 75 -23.52 -80.67 25.26
N GLN C 76 -23.11 -81.93 25.03
CA GLN C 76 -23.07 -82.94 26.08
C GLN C 76 -22.13 -82.50 27.21
N ALA C 77 -20.89 -82.16 26.89
CA ALA C 77 -19.88 -81.77 27.87
C ALA C 77 -20.30 -80.53 28.67
N LEU C 78 -20.90 -79.53 28.00
CA LEU C 78 -21.45 -78.34 28.63
C LEU C 78 -22.63 -78.69 29.53
N SER C 79 -23.57 -79.51 29.05
CA SER C 79 -24.71 -79.92 29.86
C SER C 79 -24.23 -80.62 31.14
N ALA C 80 -23.13 -81.39 31.04
CA ALA C 80 -22.43 -82.04 32.14
C ALA C 80 -21.63 -81.07 33.03
N LEU C 81 -21.79 -79.75 32.80
CA LEU C 81 -21.32 -78.70 33.70
C LEU C 81 -22.45 -77.81 34.23
N LYS C 82 -23.66 -77.89 33.63
CA LYS C 82 -24.80 -77.08 34.05
C LYS C 82 -25.32 -77.50 35.43
N GLN C 83 -25.19 -78.79 35.78
CA GLN C 83 -25.45 -79.32 37.12
C GLN C 83 -24.28 -79.00 38.07
N ALA C 84 -24.60 -78.67 39.33
CA ALA C 84 -23.58 -78.42 40.35
C ALA C 84 -23.04 -79.75 40.92
N GLY C 85 -22.33 -80.50 40.08
CA GLY C 85 -21.96 -81.89 40.35
C GLY C 85 -20.84 -82.08 41.39
N GLY C 86 -20.24 -80.98 41.86
CA GLY C 86 -19.12 -81.05 42.79
C GLY C 86 -17.77 -81.18 42.07
N ALA C 87 -16.67 -81.05 42.84
CA ALA C 87 -15.32 -80.84 42.31
C ALA C 87 -14.90 -81.88 41.27
N ARG C 88 -15.19 -83.17 41.54
CA ARG C 88 -14.81 -84.29 40.68
C ARG C 88 -15.54 -84.22 39.33
N ALA C 89 -16.87 -84.03 39.38
CA ALA C 89 -17.73 -83.99 38.21
C ALA C 89 -17.43 -82.78 37.33
N VAL C 90 -17.31 -81.59 37.94
CA VAL C 90 -17.00 -80.37 37.18
C VAL C 90 -15.57 -80.39 36.63
N GLY C 91 -14.61 -80.97 37.37
CA GLY C 91 -13.26 -81.19 36.89
C GLY C 91 -13.25 -81.98 35.58
N ALA C 92 -13.98 -83.11 35.56
CA ALA C 92 -14.16 -83.94 34.38
C ALA C 92 -14.86 -83.19 33.24
N GLY C 93 -15.99 -82.53 33.53
CA GLY C 93 -16.73 -81.77 32.53
C GLY C 93 -15.90 -80.66 31.87
N LEU C 94 -15.11 -79.94 32.69
CA LEU C 94 -14.19 -78.92 32.22
C LEU C 94 -13.10 -79.53 31.34
N ALA C 95 -12.52 -80.66 31.77
CA ALA C 95 -11.52 -81.37 30.99
C ALA C 95 -12.08 -81.82 29.63
N GLU C 96 -13.36 -82.24 29.58
CA GLU C 96 -14.02 -82.63 28.34
C GLU C 96 -14.12 -81.46 27.35
N VAL C 97 -14.66 -80.32 27.79
CA VAL C 97 -14.78 -79.15 26.92
C VAL C 97 -13.41 -78.59 26.54
N PHE C 98 -12.45 -78.63 27.48
CA PHE C 98 -11.07 -78.24 27.24
C PHE C 98 -10.46 -79.10 26.12
N GLN C 99 -10.57 -80.43 26.24
CA GLN C 99 -10.17 -81.36 25.19
C GLN C 99 -10.83 -81.03 23.86
N LEU C 100 -12.16 -80.86 23.84
CA LEU C 100 -12.90 -80.57 22.62
C LEU C 100 -12.37 -79.32 21.91
N VAL C 101 -12.12 -78.23 22.65
CA VAL C 101 -11.70 -76.99 22.03
C VAL C 101 -10.20 -76.98 21.70
N GLU C 102 -9.36 -77.62 22.51
CA GLU C 102 -7.95 -77.82 22.15
C GLU C 102 -7.85 -78.63 20.85
N GLU C 103 -8.60 -79.74 20.76
CA GLU C 103 -8.67 -80.55 19.55
C GLU C 103 -9.13 -79.70 18.36
N ALA C 104 -10.15 -78.85 18.56
CA ALA C 104 -10.65 -77.95 17.53
C ALA C 104 -9.58 -76.96 17.02
N TRP C 105 -8.81 -76.34 17.93
CA TRP C 105 -7.68 -75.47 17.55
C TRP C 105 -6.62 -76.24 16.75
N LEU C 106 -6.37 -77.50 17.12
CA LEU C 106 -5.32 -78.33 16.56
C LEU C 106 -5.64 -78.89 15.16
N LEU C 107 -6.89 -78.81 14.68
CA LEU C 107 -7.27 -79.39 13.38
C LEU C 107 -6.55 -78.70 12.22
N PRO C 108 -5.81 -79.45 11.35
CA PRO C 108 -5.27 -78.90 10.11
C PRO C 108 -6.33 -78.41 9.12
N ALA C 109 -7.52 -79.03 9.18
CA ALA C 109 -8.70 -78.65 8.40
C ALA C 109 -9.33 -77.39 9.00
N VAL C 110 -8.59 -76.27 8.89
CA VAL C 110 -9.00 -74.92 9.29
C VAL C 110 -9.60 -74.87 10.70
N GLY C 111 -8.88 -75.49 11.66
CA GLY C 111 -9.27 -75.64 13.05
C GLY C 111 -9.79 -74.36 13.71
N ARG C 112 -9.21 -73.21 13.33
CA ARG C 112 -9.61 -71.90 13.83
C ARG C 112 -11.10 -71.63 13.65
N GLU C 113 -11.67 -72.03 12.51
CA GLU C 113 -13.09 -71.82 12.23
C GLU C 113 -13.96 -72.70 13.14
N VAL C 114 -13.58 -73.97 13.26
CA VAL C 114 -14.27 -74.94 14.11
C VAL C 114 -14.24 -74.45 15.55
N ALA C 115 -13.04 -74.13 16.05
CA ALA C 115 -12.82 -73.67 17.41
C ALA C 115 -13.53 -72.35 17.70
N GLN C 116 -13.55 -71.41 16.74
CA GLN C 116 -14.35 -70.20 16.85
C GLN C 116 -15.84 -70.55 17.03
N GLY C 117 -16.36 -71.48 16.22
CA GLY C 117 -17.72 -72.01 16.37
C GLY C 117 -17.99 -72.61 17.75
N LEU C 118 -17.00 -73.32 18.32
CA LEU C 118 -17.12 -73.85 19.68
C LEU C 118 -17.12 -72.71 20.72
N CYS C 119 -16.25 -71.71 20.53
CA CYS C 119 -16.17 -70.53 21.40
C CYS C 119 -17.47 -69.72 21.36
N ASP C 120 -18.10 -69.64 20.18
CA ASP C 120 -19.41 -69.07 19.97
C ASP C 120 -20.48 -69.86 20.72
N ALA C 121 -20.49 -71.19 20.55
CA ALA C 121 -21.42 -72.07 21.26
C ALA C 121 -21.31 -71.90 22.78
N ILE C 122 -20.07 -71.84 23.31
CA ILE C 122 -19.82 -71.64 24.74
C ILE C 122 -20.33 -70.26 25.18
N ARG C 123 -20.23 -69.24 24.33
CA ARG C 123 -20.75 -67.90 24.64
C ARG C 123 -22.28 -67.88 24.64
N LEU C 124 -22.90 -68.58 23.67
CA LEU C 124 -24.34 -68.57 23.47
C LEU C 124 -25.08 -69.39 24.53
N ASP C 125 -24.56 -70.59 24.84
CA ASP C 125 -25.21 -71.54 25.73
C ASP C 125 -24.40 -71.69 27.03
N GLY C 126 -25.01 -71.37 28.18
CA GLY C 126 -24.32 -71.35 29.46
C GLY C 126 -23.45 -70.11 29.64
N GLY C 127 -22.80 -69.69 28.54
CA GLY C 127 -21.99 -68.49 28.52
C GLY C 127 -20.62 -68.66 29.16
N LEU C 128 -19.86 -67.56 29.19
CA LEU C 128 -18.67 -67.48 30.03
C LEU C 128 -19.04 -67.40 31.51
N ASP C 129 -20.33 -67.24 31.84
CA ASP C 129 -20.79 -66.98 33.19
C ASP C 129 -20.49 -68.15 34.13
N LEU C 130 -20.84 -69.38 33.73
CA LEU C 130 -20.53 -70.54 34.56
C LEU C 130 -19.03 -70.77 34.69
N LEU C 131 -18.25 -70.42 33.66
CA LEU C 131 -16.79 -70.43 33.74
C LEU C 131 -16.33 -69.43 34.79
N LEU C 132 -16.83 -68.19 34.75
CA LEU C 132 -16.48 -67.13 35.68
C LEU C 132 -16.90 -67.44 37.13
N ARG C 133 -17.96 -68.24 37.31
CA ARG C 133 -18.34 -68.74 38.62
C ARG C 133 -17.37 -69.83 39.09
N LEU C 134 -17.08 -70.82 38.23
CA LEU C 134 -16.10 -71.86 38.54
C LEU C 134 -14.71 -71.26 38.81
N LEU C 135 -14.37 -70.18 38.09
CA LEU C 135 -13.11 -69.46 38.19
C LEU C 135 -12.87 -68.87 39.58
N GLN C 136 -13.91 -68.80 40.42
CA GLN C 136 -13.83 -68.27 41.78
C GLN C 136 -14.40 -69.25 42.84
N ALA C 137 -14.73 -70.47 42.44
CA ALA C 137 -15.03 -71.57 43.36
C ALA C 137 -13.78 -71.90 44.19
N PRO C 138 -13.91 -72.32 45.47
CA PRO C 138 -12.74 -72.50 46.35
C PRO C 138 -11.71 -73.55 45.94
N GLU C 139 -12.17 -74.68 45.38
CA GLU C 139 -11.29 -75.80 45.03
C GLU C 139 -10.36 -75.45 43.86
N LEU C 140 -9.04 -75.52 44.12
CA LEU C 140 -8.01 -75.15 43.15
C LEU C 140 -8.17 -75.87 41.82
N GLU C 141 -8.49 -77.18 41.83
CA GLU C 141 -8.68 -77.98 40.63
C GLU C 141 -9.70 -77.35 39.68
N THR C 142 -10.83 -76.89 40.25
CA THR C 142 -11.92 -76.31 39.49
C THR C 142 -11.48 -74.98 38.87
N ARG C 143 -10.78 -74.15 39.64
CA ARG C 143 -10.25 -72.87 39.16
C ARG C 143 -9.25 -73.08 38.04
N VAL C 144 -8.31 -74.02 38.24
CA VAL C 144 -7.32 -74.39 37.25
C VAL C 144 -8.00 -74.83 35.95
N GLN C 145 -8.93 -75.78 36.03
CA GLN C 145 -9.64 -76.31 34.87
C GLN C 145 -10.46 -75.23 34.16
N ALA C 146 -11.10 -74.33 34.94
CA ALA C 146 -11.84 -73.20 34.41
C ALA C 146 -10.91 -72.24 33.65
N ALA C 147 -9.80 -71.87 34.30
CA ALA C 147 -8.80 -70.97 33.74
C ALA C 147 -8.20 -71.54 32.46
N ARG C 148 -7.84 -72.82 32.48
CA ARG C 148 -7.34 -73.58 31.33
C ARG C 148 -8.28 -73.44 30.14
N LEU C 149 -9.57 -73.70 30.39
CA LEU C 149 -10.59 -73.62 29.36
C LEU C 149 -10.73 -72.18 28.85
N LEU C 150 -10.88 -71.23 29.77
CA LEU C 150 -11.11 -69.83 29.42
C LEU C 150 -9.97 -69.28 28.56
N GLU C 151 -8.72 -69.53 28.97
CA GLU C 151 -7.53 -69.15 28.23
C GLU C 151 -7.55 -69.66 26.77
N GLN C 152 -8.20 -70.80 26.51
CA GLN C 152 -8.29 -71.34 25.16
C GLN C 152 -9.47 -70.80 24.35
N ILE C 153 -10.32 -69.92 24.92
CA ILE C 153 -11.56 -69.55 24.22
C ILE C 153 -11.78 -68.03 24.16
N LEU C 154 -10.80 -67.22 24.55
CA LEU C 154 -10.91 -65.77 24.48
C LEU C 154 -10.73 -65.22 23.05
N VAL C 155 -11.55 -65.75 22.13
CA VAL C 155 -11.88 -65.15 20.85
C VAL C 155 -12.42 -63.74 21.08
N ALA C 156 -12.40 -62.88 20.05
CA ALA C 156 -12.81 -61.48 20.11
C ALA C 156 -14.13 -61.26 20.87
N GLU C 157 -15.23 -61.92 20.47
CA GLU C 157 -16.54 -61.74 21.11
C GLU C 157 -16.53 -62.20 22.57
N ASN C 158 -15.72 -63.21 22.87
CA ASN C 158 -15.59 -63.75 24.21
C ASN C 158 -14.84 -62.75 25.10
N ARG C 159 -13.77 -62.13 24.58
CA ARG C 159 -13.11 -60.99 25.22
C ARG C 159 -14.12 -59.87 25.43
N ASP C 160 -14.93 -59.60 24.42
CA ASP C 160 -15.91 -58.53 24.45
C ASP C 160 -16.93 -58.73 25.59
N ARG C 161 -17.35 -59.97 25.82
CA ARG C 161 -18.21 -60.34 26.94
C ARG C 161 -17.48 -60.17 28.28
N VAL C 162 -16.33 -60.81 28.49
CA VAL C 162 -15.70 -60.75 29.80
C VAL C 162 -15.13 -59.37 30.13
N ALA C 163 -14.96 -58.50 29.12
CA ALA C 163 -14.62 -57.10 29.34
C ALA C 163 -15.71 -56.33 30.09
N ARG C 164 -16.99 -56.77 29.94
CA ARG C 164 -18.16 -56.10 30.49
C ARG C 164 -18.80 -56.87 31.64
N ILE C 165 -18.68 -58.21 31.64
CA ILE C 165 -19.13 -59.06 32.74
C ILE C 165 -17.90 -59.63 33.47
N GLY C 166 -17.83 -59.40 34.78
CA GLY C 166 -16.93 -60.10 35.68
C GLY C 166 -15.43 -59.99 35.38
N LEU C 167 -14.97 -58.93 34.71
CA LEU C 167 -13.53 -58.67 34.56
C LEU C 167 -12.84 -58.65 35.92
N GLY C 168 -13.51 -58.11 36.95
CA GLY C 168 -13.04 -58.11 38.33
C GLY C 168 -12.67 -59.49 38.89
N VAL C 169 -13.27 -60.56 38.36
CA VAL C 169 -12.95 -61.93 38.75
C VAL C 169 -11.54 -62.28 38.28
N ILE C 170 -11.21 -61.93 37.03
CA ILE C 170 -9.89 -62.15 36.46
C ILE C 170 -8.84 -61.40 37.27
N LEU C 171 -9.12 -60.13 37.63
CA LEU C 171 -8.21 -59.35 38.46
C LEU C 171 -8.13 -59.88 39.88
N ASN C 172 -9.15 -60.59 40.36
CA ASN C 172 -9.09 -61.29 41.63
C ASN C 172 -8.08 -62.45 41.55
N LEU C 173 -8.18 -63.27 40.49
CA LEU C 173 -7.22 -64.35 40.22
C LEU C 173 -5.79 -63.83 40.01
N ALA C 174 -5.63 -62.61 39.49
CA ALA C 174 -4.32 -62.01 39.30
C ALA C 174 -3.52 -61.85 40.61
N LYS C 175 -4.17 -62.05 41.77
CA LYS C 175 -3.53 -62.06 43.08
C LYS C 175 -3.08 -63.46 43.51
N GLU C 176 -3.69 -64.50 42.93
CA GLU C 176 -3.31 -65.89 43.17
C GLU C 176 -2.06 -66.28 42.36
N ARG C 177 -0.90 -65.73 42.75
CA ARG C 177 0.29 -65.74 41.90
C ARG C 177 1.11 -67.03 42.03
N GLU C 178 0.81 -67.87 43.05
CA GLU C 178 1.66 -68.98 43.47
C GLU C 178 1.46 -70.28 42.65
N PRO C 179 0.23 -70.81 42.43
CA PRO C 179 0.06 -72.10 41.75
C PRO C 179 0.32 -71.95 40.24
N VAL C 180 1.34 -72.66 39.75
CA VAL C 180 1.85 -72.45 38.39
C VAL C 180 0.81 -72.77 37.32
N GLU C 181 -0.01 -73.82 37.51
CA GLU C 181 -1.04 -74.21 36.55
C GLU C 181 -2.10 -73.11 36.39
N LEU C 182 -2.42 -72.47 37.53
CA LEU C 182 -3.30 -71.32 37.55
C LEU C 182 -2.61 -70.12 36.89
N ALA C 183 -1.38 -69.78 37.35
CA ALA C 183 -0.58 -68.66 36.85
C ALA C 183 -0.48 -68.67 35.33
N ARG C 184 -0.10 -69.82 34.73
CA ARG C 184 -0.03 -69.99 33.29
C ARG C 184 -1.32 -69.55 32.61
N SER C 185 -2.43 -70.09 33.11
CA SER C 185 -3.76 -69.89 32.56
C SER C 185 -4.19 -68.42 32.69
N VAL C 186 -3.97 -67.84 33.88
CA VAL C 186 -4.31 -66.45 34.19
C VAL C 186 -3.47 -65.49 33.35
N ALA C 187 -2.16 -65.75 33.24
CA ALA C 187 -1.30 -64.95 32.37
C ALA C 187 -1.81 -64.97 30.91
N GLY C 188 -2.19 -66.14 30.39
CA GLY C 188 -2.76 -66.25 29.06
C GLY C 188 -4.08 -65.47 28.92
N ILE C 189 -4.93 -65.55 29.95
CA ILE C 189 -6.17 -64.78 30.02
C ILE C 189 -5.85 -63.28 29.95
N LEU C 190 -4.94 -62.81 30.81
CA LEU C 190 -4.54 -61.41 30.86
C LEU C 190 -3.98 -60.97 29.52
N GLU C 191 -3.05 -61.74 28.95
CA GLU C 191 -2.56 -61.52 27.59
C GLU C 191 -3.70 -61.26 26.61
N HIS C 192 -4.70 -62.16 26.55
CA HIS C 192 -5.81 -62.01 25.64
C HIS C 192 -6.64 -60.76 25.94
N MET C 193 -6.85 -60.48 27.23
CA MET C 193 -7.65 -59.34 27.64
C MET C 193 -6.95 -58.00 27.32
N PHE C 194 -5.62 -57.93 27.46
CA PHE C 194 -4.86 -56.77 27.02
C PHE C 194 -5.01 -56.53 25.52
N LYS C 195 -5.43 -57.51 24.74
CA LYS C 195 -5.64 -57.34 23.31
C LYS C 195 -7.01 -56.71 23.00
N HIS C 196 -7.84 -56.44 24.01
CA HIS C 196 -9.26 -56.13 23.79
C HIS C 196 -9.47 -54.70 23.31
N SER C 197 -9.14 -53.73 24.19
CA SER C 197 -9.40 -52.32 23.97
C SER C 197 -8.58 -51.45 24.92
N GLU C 198 -8.52 -50.15 24.61
CA GLU C 198 -7.79 -49.19 25.42
C GLU C 198 -8.35 -49.15 26.84
N GLU C 199 -9.68 -49.12 26.96
CA GLU C 199 -10.37 -49.08 28.24
C GLU C 199 -10.02 -50.32 29.06
N THR C 200 -10.09 -51.50 28.44
CA THR C 200 -9.77 -52.73 29.13
C THR C 200 -8.35 -52.70 29.67
N CYS C 201 -7.40 -52.21 28.86
CA CYS C 201 -6.02 -52.07 29.31
C CYS C 201 -5.92 -51.13 30.50
N GLN C 202 -6.61 -49.98 30.44
CA GLN C 202 -6.61 -49.01 31.51
C GLN C 202 -7.06 -49.68 32.80
N ARG C 203 -8.15 -50.47 32.74
CA ARG C 203 -8.70 -51.14 33.91
C ARG C 203 -7.70 -52.16 34.46
N LEU C 204 -7.13 -52.98 33.58
CA LEU C 204 -6.15 -54.00 33.94
C LEU C 204 -4.86 -53.41 34.53
N VAL C 205 -4.47 -52.19 34.15
CA VAL C 205 -3.24 -51.55 34.57
C VAL C 205 -3.44 -50.76 35.86
N ALA C 206 -4.65 -50.17 36.04
CA ALA C 206 -5.01 -49.42 37.24
C ALA C 206 -5.09 -50.34 38.46
N ALA C 207 -5.72 -51.51 38.29
CA ALA C 207 -5.71 -52.58 39.28
C ALA C 207 -4.51 -53.51 39.06
N GLY C 208 -4.49 -54.66 39.75
CA GLY C 208 -3.29 -55.48 39.84
C GLY C 208 -2.93 -56.32 38.61
N GLY C 209 -3.63 -56.14 37.48
CA GLY C 209 -3.45 -56.95 36.28
C GLY C 209 -2.04 -56.86 35.68
N LEU C 210 -1.53 -55.65 35.49
CA LEU C 210 -0.17 -55.48 34.99
C LEU C 210 0.87 -55.99 36.00
N ASP C 211 0.62 -55.74 37.29
CA ASP C 211 1.54 -56.16 38.36
C ASP C 211 1.73 -57.69 38.39
N ALA C 212 0.69 -58.44 38.02
CA ALA C 212 0.76 -59.89 37.93
C ALA C 212 1.78 -60.36 36.89
N VAL C 213 1.69 -59.85 35.65
CA VAL C 213 2.61 -60.25 34.59
C VAL C 213 4.04 -59.76 34.89
N LEU C 214 4.18 -58.55 35.44
CA LEU C 214 5.50 -58.05 35.81
C LEU C 214 6.12 -58.85 36.95
N TYR C 215 5.31 -59.31 37.91
CA TYR C 215 5.78 -60.24 38.92
C TYR C 215 6.21 -61.56 38.28
N TRP C 216 5.32 -62.18 37.50
CA TRP C 216 5.58 -63.46 36.86
C TRP C 216 6.81 -63.49 35.93
N CYS C 217 7.28 -62.33 35.44
CA CYS C 217 8.53 -62.27 34.71
C CYS C 217 9.75 -62.73 35.53
N ARG C 218 9.63 -62.83 36.87
CA ARG C 218 10.71 -63.32 37.73
C ARG C 218 10.67 -64.85 37.93
N ARG C 219 9.66 -65.54 37.37
CA ARG C 219 9.52 -66.98 37.41
C ARG C 219 10.31 -67.64 36.27
N THR C 220 10.39 -68.99 36.30
CA THR C 220 11.19 -69.77 35.37
C THR C 220 10.35 -70.50 34.31
N ASP C 221 9.03 -70.58 34.51
CA ASP C 221 8.19 -71.48 33.72
C ASP C 221 8.04 -71.01 32.27
N PRO C 222 8.35 -71.84 31.24
CA PRO C 222 8.25 -71.45 29.83
C PRO C 222 6.92 -70.87 29.36
N ALA C 223 5.82 -71.58 29.67
CA ALA C 223 4.49 -71.17 29.23
C ALA C 223 4.09 -69.84 29.87
N LEU C 224 4.33 -69.72 31.18
CA LEU C 224 4.08 -68.49 31.93
C LEU C 224 4.84 -67.31 31.31
N LEU C 225 6.15 -67.48 31.07
CA LEU C 225 6.97 -66.42 30.50
C LEU C 225 6.52 -66.05 29.09
N ARG C 226 6.17 -67.03 28.26
CA ARG C 226 5.66 -66.77 26.92
C ARG C 226 4.42 -65.88 26.97
N HIS C 227 3.48 -66.23 27.85
CA HIS C 227 2.30 -65.41 28.08
C HIS C 227 2.68 -64.02 28.61
N CYS C 228 3.65 -63.91 29.53
CA CYS C 228 4.07 -62.60 30.02
C CYS C 228 4.61 -61.70 28.90
N ALA C 229 5.47 -62.24 28.04
CA ALA C 229 6.00 -61.51 26.90
C ALA C 229 4.87 -61.01 26.01
N LEU C 230 3.96 -61.92 25.64
CA LEU C 230 2.84 -61.56 24.79
C LEU C 230 1.88 -60.58 25.47
N ALA C 231 1.70 -60.69 26.79
CA ALA C 231 0.86 -59.77 27.54
C ALA C 231 1.41 -58.35 27.47
N LEU C 232 2.70 -58.18 27.82
CA LEU C 232 3.33 -56.87 27.80
C LEU C 232 3.36 -56.28 26.39
N GLY C 233 3.62 -57.10 25.38
CA GLY C 233 3.51 -56.64 24.01
C GLY C 233 2.10 -56.21 23.62
N ASN C 234 1.10 -57.04 23.93
CA ASN C 234 -0.31 -56.75 23.63
C ASN C 234 -0.74 -55.47 24.34
N CYS C 235 -0.35 -55.30 25.61
CA CYS C 235 -0.64 -54.12 26.39
C CYS C 235 -0.04 -52.88 25.74
N ALA C 236 1.24 -52.87 25.39
CA ALA C 236 1.89 -51.77 24.70
C ALA C 236 1.23 -51.44 23.36
N LEU C 237 0.79 -52.44 22.59
CA LEU C 237 0.19 -52.23 21.28
C LEU C 237 -1.25 -51.72 21.30
N HIS C 238 -2.00 -51.91 22.41
CA HIS C 238 -3.43 -51.60 22.47
C HIS C 238 -3.81 -50.58 23.53
N GLY C 239 -2.99 -50.42 24.58
CA GLY C 239 -3.33 -49.65 25.78
C GLY C 239 -3.25 -48.14 25.61
N GLY C 240 -2.72 -47.69 24.46
CA GLY C 240 -2.59 -46.27 24.14
C GLY C 240 -1.61 -45.53 25.05
N GLN C 241 -1.58 -44.19 24.88
CA GLN C 241 -0.55 -43.32 25.41
C GLN C 241 -0.44 -43.42 26.93
N ALA C 242 -1.61 -43.51 27.58
CA ALA C 242 -1.73 -43.48 29.02
C ALA C 242 -1.07 -44.69 29.66
N VAL C 243 -1.39 -45.90 29.18
CA VAL C 243 -0.84 -47.09 29.81
C VAL C 243 0.62 -47.32 29.45
N GLN C 244 1.05 -46.95 28.23
CA GLN C 244 2.45 -47.08 27.88
C GLN C 244 3.32 -46.38 28.91
N ARG C 245 2.90 -45.17 29.30
CA ARG C 245 3.58 -44.35 30.28
C ARG C 245 3.62 -45.06 31.64
N ARG C 246 2.51 -45.71 32.03
CA ARG C 246 2.43 -46.50 33.25
C ARG C 246 3.33 -47.73 33.21
N MET C 247 3.37 -48.44 32.09
CA MET C 247 4.22 -49.62 31.94
C MET C 247 5.69 -49.26 32.20
N VAL C 248 6.15 -48.18 31.61
CA VAL C 248 7.53 -47.76 31.72
C VAL C 248 7.83 -47.28 33.14
N GLU C 249 6.87 -46.55 33.76
CA GLU C 249 6.98 -46.12 35.14
C GLU C 249 7.06 -47.33 36.09
N LYS C 250 6.31 -48.40 35.78
CA LYS C 250 6.34 -49.69 36.46
C LYS C 250 7.56 -50.53 36.09
N ARG C 251 8.54 -49.97 35.36
CA ARG C 251 9.81 -50.63 35.03
C ARG C 251 9.64 -51.87 34.14
N ALA C 252 8.66 -51.86 33.24
CA ALA C 252 8.39 -52.97 32.34
C ALA C 252 9.55 -53.28 31.39
N ALA C 253 10.30 -52.23 30.99
CA ALA C 253 11.41 -52.36 30.07
C ALA C 253 12.54 -53.20 30.68
N GLU C 254 12.84 -52.97 31.98
CA GLU C 254 13.75 -53.80 32.74
C GLU C 254 13.23 -55.24 32.85
N TRP C 255 11.95 -55.40 33.21
CA TRP C 255 11.41 -56.74 33.41
C TRP C 255 11.29 -57.54 32.10
N LEU C 256 11.32 -56.88 30.95
CA LEU C 256 11.44 -57.58 29.66
C LEU C 256 12.86 -58.09 29.41
N PHE C 257 13.87 -57.57 30.12
CA PHE C 257 15.27 -57.92 29.88
C PHE C 257 15.50 -59.43 29.97
N PRO C 258 15.14 -60.14 31.07
CA PRO C 258 15.44 -61.56 31.20
C PRO C 258 14.75 -62.42 30.15
N LEU C 259 13.60 -61.94 29.64
CA LEU C 259 12.85 -62.65 28.62
C LEU C 259 13.53 -62.48 27.24
N ALA C 260 14.01 -61.27 26.95
CA ALA C 260 14.81 -60.98 25.77
C ALA C 260 16.18 -61.68 25.81
N PHE C 261 16.81 -61.75 27.00
CA PHE C 261 18.10 -62.38 27.24
C PHE C 261 17.97 -63.90 27.48
N SER C 262 16.78 -64.47 27.27
CA SER C 262 16.57 -65.92 27.42
C SER C 262 17.35 -66.70 26.36
N LYS C 263 17.49 -68.02 26.57
CA LYS C 263 18.37 -68.86 25.77
C LYS C 263 17.57 -69.91 24.98
N GLU C 264 16.69 -70.64 25.67
CA GLU C 264 16.03 -71.84 25.18
C GLU C 264 15.02 -71.55 24.06
N ASP C 265 14.41 -70.35 24.05
CA ASP C 265 13.25 -70.08 23.20
C ASP C 265 13.41 -68.77 22.44
N GLU C 266 13.67 -68.89 21.13
CA GLU C 266 13.76 -67.76 20.20
C GLU C 266 12.51 -66.89 20.25
N LEU C 267 11.32 -67.50 20.38
CA LEU C 267 10.08 -66.75 20.37
C LEU C 267 9.85 -66.00 21.69
N LEU C 268 10.33 -66.52 22.82
CA LEU C 268 10.30 -65.74 24.05
C LEU C 268 11.15 -64.47 23.90
N ARG C 269 12.35 -64.59 23.31
CA ARG C 269 13.19 -63.44 23.01
C ARG C 269 12.49 -62.48 22.05
N LEU C 270 11.88 -63.01 20.98
CA LEU C 270 11.31 -62.23 19.90
C LEU C 270 10.08 -61.45 20.36
N HIS C 271 9.25 -62.07 21.21
CA HIS C 271 8.08 -61.40 21.76
C HIS C 271 8.51 -60.32 22.74
N ALA C 272 9.51 -60.61 23.59
CA ALA C 272 10.02 -59.63 24.53
C ALA C 272 10.61 -58.41 23.80
N CYS C 273 11.32 -58.64 22.70
CA CYS C 273 11.88 -57.59 21.89
C CYS C 273 10.80 -56.75 21.22
N LEU C 274 9.71 -57.36 20.72
CA LEU C 274 8.61 -56.59 20.16
C LEU C 274 8.03 -55.60 21.18
N ALA C 275 7.85 -56.07 22.41
CA ALA C 275 7.35 -55.21 23.48
C ALA C 275 8.21 -53.95 23.64
N VAL C 276 9.54 -54.08 23.81
CA VAL C 276 10.38 -52.91 24.03
C VAL C 276 10.48 -52.03 22.78
N ALA C 277 10.39 -52.63 21.59
CA ALA C 277 10.40 -51.87 20.34
C ALA C 277 9.17 -50.97 20.22
N VAL C 278 8.00 -51.53 20.54
CA VAL C 278 6.76 -50.77 20.56
C VAL C 278 6.84 -49.65 21.60
N LEU C 279 7.31 -49.92 22.83
CA LEU C 279 7.51 -48.89 23.84
C LEU C 279 8.50 -47.79 23.39
N ALA C 280 9.59 -48.15 22.73
CA ALA C 280 10.59 -47.18 22.28
C ALA C 280 10.06 -46.30 21.14
N THR C 281 8.99 -46.73 20.47
CA THR C 281 8.35 -45.93 19.42
C THR C 281 7.60 -44.73 19.99
N ASN C 282 7.27 -44.74 21.28
CA ASN C 282 6.64 -43.65 22.01
C ASN C 282 7.75 -42.71 22.46
N LYS C 283 7.74 -41.44 21.98
CA LYS C 283 8.83 -40.50 22.14
C LYS C 283 9.04 -40.07 23.59
N GLU C 284 7.96 -40.02 24.37
CA GLU C 284 8.05 -39.57 25.73
C GLU C 284 8.81 -40.57 26.60
N VAL C 285 8.54 -41.87 26.41
CA VAL C 285 9.12 -42.89 27.26
C VAL C 285 10.45 -43.43 26.71
N GLU C 286 10.81 -43.06 25.48
CA GLU C 286 11.98 -43.53 24.74
C GLU C 286 13.23 -43.55 25.61
N ARG C 287 13.50 -42.43 26.30
CA ARG C 287 14.71 -42.26 27.08
C ARG C 287 14.84 -43.26 28.23
N GLU C 288 13.72 -43.63 28.87
CA GLU C 288 13.73 -44.61 29.93
C GLU C 288 13.87 -46.04 29.42
N VAL C 289 13.23 -46.37 28.28
CA VAL C 289 13.39 -47.71 27.72
C VAL C 289 14.79 -47.92 27.14
N GLU C 290 15.47 -46.83 26.73
CA GLU C 290 16.91 -46.89 26.48
C GLU C 290 17.64 -47.22 27.76
N ARG C 291 17.31 -46.51 28.84
CA ARG C 291 18.01 -46.63 30.10
C ARG C 291 18.00 -48.08 30.63
N SER C 292 16.95 -48.85 30.30
CA SER C 292 16.85 -50.24 30.73
C SER C 292 17.92 -51.14 30.10
N GLY C 293 18.44 -50.74 28.93
CA GLY C 293 19.43 -51.52 28.21
C GLY C 293 18.83 -52.62 27.34
N THR C 294 17.52 -52.85 27.46
CA THR C 294 16.88 -53.98 26.79
C THR C 294 16.83 -53.80 25.27
N LEU C 295 16.86 -52.55 24.79
CA LEU C 295 16.89 -52.28 23.37
C LEU C 295 18.16 -52.80 22.69
N ALA C 296 19.29 -52.85 23.40
CA ALA C 296 20.56 -53.35 22.87
C ALA C 296 20.46 -54.82 22.42
N LEU C 297 19.48 -55.57 22.93
CA LEU C 297 19.27 -56.95 22.56
C LEU C 297 18.52 -57.12 21.23
N VAL C 298 17.83 -56.07 20.75
CA VAL C 298 16.84 -56.24 19.68
C VAL C 298 17.50 -56.56 18.35
N GLU C 299 18.45 -55.71 17.90
CA GLU C 299 19.06 -55.93 16.58
C GLU C 299 19.84 -57.26 16.51
N PRO C 300 20.71 -57.59 17.49
CA PRO C 300 21.42 -58.86 17.51
C PRO C 300 20.49 -60.07 17.40
N LEU C 301 19.34 -60.04 18.10
CA LEU C 301 18.33 -61.08 17.95
C LEU C 301 17.74 -61.12 16.54
N VAL C 302 17.26 -59.98 16.04
CA VAL C 302 16.58 -59.91 14.76
C VAL C 302 17.50 -60.38 13.64
N ALA C 303 18.80 -60.10 13.75
CA ALA C 303 19.81 -60.55 12.80
C ALA C 303 20.01 -62.07 12.81
N SER C 304 19.77 -62.71 13.96
CA SER C 304 19.95 -64.14 14.19
C SER C 304 18.86 -65.00 13.53
N LEU C 305 17.59 -64.56 13.61
CA LEU C 305 16.44 -65.35 13.19
C LEU C 305 16.18 -65.32 11.68
N ASP C 306 15.23 -66.18 11.24
CA ASP C 306 14.80 -66.27 9.84
C ASP C 306 13.31 -65.99 9.72
N PRO C 307 12.85 -64.94 8.99
CA PRO C 307 11.42 -64.71 8.73
C PRO C 307 10.65 -65.85 8.07
N GLY C 308 11.36 -66.68 7.30
CA GLY C 308 10.75 -67.81 6.61
C GLY C 308 10.19 -68.89 7.54
N ARG C 309 10.66 -68.92 8.79
CA ARG C 309 10.32 -69.94 9.79
C ARG C 309 8.80 -70.14 9.93
N PHE C 310 8.08 -69.03 10.13
CA PHE C 310 6.64 -69.05 10.37
C PHE C 310 5.88 -69.66 9.19
N ALA C 311 6.25 -69.28 7.96
CA ALA C 311 5.62 -69.78 6.74
C ALA C 311 5.91 -71.27 6.47
N ARG C 312 6.83 -71.90 7.22
CA ARG C 312 7.08 -73.34 7.18
C ARG C 312 6.61 -74.08 8.45
N CYS C 313 6.29 -73.34 9.52
CA CYS C 313 5.49 -73.85 10.64
C CYS C 313 4.04 -74.06 10.19
N LEU C 314 3.50 -73.06 9.47
CA LEU C 314 2.33 -73.19 8.61
C LEU C 314 2.59 -74.26 7.52
N VAL C 315 1.56 -75.01 7.13
CA VAL C 315 1.65 -75.95 6.00
C VAL C 315 1.20 -75.28 4.69
N ASP C 316 1.19 -76.07 3.60
CA ASP C 316 0.80 -75.61 2.27
C ASP C 316 -0.71 -75.43 2.11
N ALA C 317 -1.13 -75.09 0.87
CA ALA C 317 -2.50 -74.77 0.50
C ALA C 317 -3.04 -73.58 1.33
N SER C 318 -4.29 -73.68 1.80
CA SER C 318 -5.00 -72.58 2.46
C SER C 318 -4.97 -72.69 3.99
N ASP C 319 -3.92 -73.31 4.56
CA ASP C 319 -3.68 -73.31 6.00
C ASP C 319 -3.77 -71.88 6.56
N THR C 320 -4.66 -71.70 7.56
CA THR C 320 -4.93 -70.43 8.20
C THR C 320 -4.61 -70.48 9.70
N SER C 321 -3.86 -71.51 10.13
CA SER C 321 -3.46 -71.72 11.53
C SER C 321 -2.49 -70.65 12.05
N GLN C 322 -1.85 -69.91 11.13
CA GLN C 322 -1.03 -68.74 11.44
C GLN C 322 -1.34 -67.60 10.45
N GLY C 323 -1.05 -66.36 10.88
CA GLY C 323 -1.18 -65.15 10.07
C GLY C 323 -2.06 -64.09 10.73
N ARG C 324 -1.48 -62.90 10.97
CA ARG C 324 -2.16 -61.74 11.53
C ARG C 324 -3.23 -61.20 10.60
N GLY C 325 -4.36 -60.74 11.19
CA GLY C 325 -5.38 -60.01 10.45
C GLY C 325 -4.98 -58.56 10.20
N PRO C 326 -5.70 -57.80 9.33
CA PRO C 326 -5.35 -56.41 9.03
C PRO C 326 -5.10 -55.48 10.21
N ASP C 327 -5.89 -55.57 11.29
CA ASP C 327 -5.69 -54.78 12.49
C ASP C 327 -4.31 -55.07 13.10
N ASP C 328 -3.99 -56.35 13.28
CA ASP C 328 -2.75 -56.79 13.90
C ASP C 328 -1.53 -56.45 13.05
N LEU C 329 -1.70 -56.43 11.72
CA LEU C 329 -0.65 -55.98 10.80
C LEU C 329 -0.49 -54.48 10.88
N GLN C 330 -1.59 -53.72 10.88
CA GLN C 330 -1.56 -52.28 10.78
C GLN C 330 -0.72 -51.68 11.90
N ARG C 331 -0.73 -52.31 13.08
CA ARG C 331 0.00 -51.87 14.26
C ARG C 331 1.53 -52.01 14.13
N LEU C 332 1.98 -52.90 13.23
CA LEU C 332 3.41 -53.05 12.98
C LEU C 332 3.96 -51.93 12.10
N VAL C 333 3.19 -51.43 11.13
CA VAL C 333 3.67 -50.42 10.18
C VAL C 333 4.31 -49.20 10.85
N PRO C 334 3.73 -48.55 11.88
CA PRO C 334 4.43 -47.46 12.57
C PRO C 334 5.78 -47.81 13.19
N LEU C 335 6.07 -49.10 13.38
CA LEU C 335 7.43 -49.49 13.75
C LEU C 335 8.42 -49.25 12.62
N LEU C 336 8.02 -49.55 11.37
CA LEU C 336 8.83 -49.19 10.21
C LEU C 336 9.02 -47.68 10.10
N ASP C 337 7.97 -46.91 10.38
CA ASP C 337 8.00 -45.47 10.21
C ASP C 337 8.76 -44.78 11.33
N SER C 338 9.09 -45.49 12.41
CA SER C 338 9.79 -44.91 13.56
C SER C 338 11.24 -44.53 13.27
N ASN C 339 11.81 -43.68 14.13
CA ASN C 339 13.19 -43.29 14.02
C ASN C 339 14.11 -44.31 14.70
N ARG C 340 13.55 -45.22 15.52
CA ARG C 340 14.37 -46.20 16.22
C ARG C 340 14.86 -47.27 15.24
N LEU C 341 16.16 -47.50 15.23
CA LEU C 341 16.71 -48.61 14.47
C LEU C 341 16.07 -49.93 14.93
N GLU C 342 15.91 -50.13 16.25
CA GLU C 342 15.44 -51.38 16.81
C GLU C 342 14.01 -51.67 16.34
N ALA C 343 13.14 -50.67 16.48
CA ALA C 343 11.76 -50.81 16.01
C ALA C 343 11.66 -51.04 14.50
N GLN C 344 12.50 -50.38 13.69
CA GLN C 344 12.52 -50.61 12.27
C GLN C 344 12.97 -52.02 11.95
N CYS C 345 13.96 -52.56 12.68
CA CYS C 345 14.43 -53.92 12.47
C CYS C 345 13.33 -54.92 12.79
N ILE C 346 12.77 -54.87 14.01
CA ILE C 346 11.78 -55.85 14.43
C ILE C 346 10.46 -55.71 13.66
N GLY C 347 10.06 -54.50 13.34
CA GLY C 347 8.95 -54.29 12.44
C GLY C 347 9.14 -54.91 11.07
N ALA C 348 10.32 -54.74 10.48
CA ALA C 348 10.64 -55.36 9.21
C ALA C 348 10.70 -56.87 9.36
N PHE C 349 11.18 -57.39 10.49
CA PHE C 349 11.19 -58.82 10.74
C PHE C 349 9.77 -59.41 10.71
N TYR C 350 8.89 -58.90 11.58
CA TYR C 350 7.51 -59.38 11.68
C TYR C 350 6.76 -59.23 10.36
N LEU C 351 6.95 -58.11 9.68
CA LEU C 351 6.23 -57.86 8.45
C LEU C 351 6.76 -58.71 7.31
N CYS C 352 8.03 -59.11 7.37
CA CYS C 352 8.60 -60.04 6.41
C CYS C 352 8.08 -61.46 6.65
N ALA C 353 8.00 -61.89 7.91
CA ALA C 353 7.37 -63.15 8.26
C ALA C 353 5.93 -63.24 7.72
N GLU C 354 5.15 -62.18 7.95
CA GLU C 354 3.80 -62.06 7.42
C GLU C 354 3.78 -62.06 5.89
N ALA C 355 4.73 -61.39 5.24
CA ALA C 355 4.81 -61.42 3.78
C ALA C 355 4.97 -62.84 3.26
N ALA C 356 5.79 -63.65 3.93
CA ALA C 356 5.97 -65.04 3.57
C ALA C 356 4.65 -65.82 3.69
N ILE C 357 3.98 -65.70 4.86
CA ILE C 357 2.70 -66.35 5.12
C ILE C 357 1.63 -65.94 4.10
N LYS C 358 1.45 -64.63 3.91
CA LYS C 358 0.42 -64.07 3.05
C LYS C 358 0.65 -64.41 1.58
N SER C 359 1.91 -64.38 1.11
CA SER C 359 2.23 -64.73 -0.27
C SER C 359 1.95 -66.21 -0.55
N LEU C 360 2.26 -67.08 0.42
CA LEU C 360 1.90 -68.49 0.35
C LEU C 360 0.37 -68.64 0.23
N GLN C 361 -0.39 -67.93 1.07
CA GLN C 361 -1.85 -67.95 1.11
C GLN C 361 -2.50 -67.24 -0.09
N GLY C 362 -1.73 -66.47 -0.88
CA GLY C 362 -2.24 -65.69 -2.00
C GLY C 362 -2.99 -64.42 -1.58
N LYS C 363 -2.72 -63.93 -0.35
CA LYS C 363 -3.45 -62.83 0.28
C LYS C 363 -2.60 -61.54 0.35
N THR C 364 -1.88 -61.24 -0.73
CA THR C 364 -0.89 -60.16 -0.73
C THR C 364 -1.50 -58.76 -0.77
N LYS C 365 -2.80 -58.64 -1.11
CA LYS C 365 -3.50 -57.37 -1.29
C LYS C 365 -3.34 -56.45 -0.08
N VAL C 366 -3.42 -57.04 1.13
CA VAL C 366 -3.46 -56.34 2.41
C VAL C 366 -2.33 -55.32 2.58
N PHE C 367 -1.09 -55.68 2.22
CA PHE C 367 0.06 -54.80 2.40
C PHE C 367 -0.05 -53.48 1.65
N SER C 368 -0.78 -53.48 0.54
CA SER C 368 -0.85 -52.32 -0.36
C SER C 368 -1.70 -51.19 0.23
N ASP C 369 -2.67 -51.53 1.11
CA ASP C 369 -3.59 -50.57 1.69
C ASP C 369 -3.44 -50.39 3.20
N ILE C 370 -2.81 -51.36 3.87
CA ILE C 370 -2.14 -51.12 5.15
C ILE C 370 -1.03 -50.05 5.03
N GLY C 371 -0.55 -49.79 3.81
CA GLY C 371 0.49 -48.83 3.50
C GLY C 371 1.89 -49.31 3.82
N ALA C 372 2.07 -50.64 3.93
CA ALA C 372 3.35 -51.27 4.23
C ALA C 372 4.36 -51.07 3.09
N ILE C 373 3.89 -51.09 1.83
CA ILE C 373 4.76 -51.16 0.67
C ILE C 373 5.66 -49.93 0.59
N GLN C 374 5.09 -48.72 0.54
CA GLN C 374 5.88 -47.50 0.52
C GLN C 374 6.82 -47.40 1.74
N SER C 375 6.39 -47.91 2.90
CA SER C 375 7.20 -47.84 4.09
C SER C 375 8.42 -48.75 3.98
N LEU C 376 8.24 -49.97 3.46
CA LEU C 376 9.37 -50.86 3.21
C LEU C 376 10.31 -50.27 2.14
N LYS C 377 9.76 -49.74 1.03
CA LYS C 377 10.58 -49.09 0.01
C LYS C 377 11.40 -47.96 0.60
N ARG C 378 10.82 -47.19 1.51
CA ARG C 378 11.55 -46.14 2.21
C ARG C 378 12.66 -46.70 3.10
N LEU C 379 12.45 -47.81 3.82
CA LEU C 379 13.53 -48.41 4.61
C LEU C 379 14.70 -48.79 3.70
N VAL C 380 14.44 -49.38 2.53
CA VAL C 380 15.51 -49.79 1.65
C VAL C 380 16.23 -48.54 1.13
N SER C 381 15.47 -47.54 0.70
CA SER C 381 16.00 -46.35 0.04
C SER C 381 17.02 -45.64 0.94
N TYR C 382 16.64 -45.31 2.16
CA TYR C 382 17.49 -44.52 3.03
C TYR C 382 18.22 -45.37 4.06
N SER C 383 18.42 -46.65 3.74
CA SER C 383 19.05 -47.62 4.64
C SER C 383 20.49 -47.25 4.95
N THR C 384 20.87 -47.44 6.22
CA THR C 384 22.26 -47.34 6.66
C THR C 384 22.62 -48.50 7.60
N ASN C 385 21.92 -49.62 7.37
CA ASN C 385 21.99 -50.79 8.24
C ASN C 385 21.59 -52.04 7.46
N GLY C 386 22.46 -53.06 7.52
CA GLY C 386 22.30 -54.27 6.73
C GLY C 386 21.11 -55.11 7.15
N THR C 387 20.96 -55.32 8.48
CA THR C 387 19.94 -56.21 9.04
C THR C 387 18.56 -55.75 8.61
N LYS C 388 18.27 -54.46 8.82
CA LYS C 388 17.05 -53.82 8.39
C LYS C 388 16.84 -53.96 6.87
N SER C 389 17.89 -53.73 6.07
CA SER C 389 17.80 -53.71 4.62
C SER C 389 17.47 -55.09 4.06
N ALA C 390 18.14 -56.12 4.59
CA ALA C 390 17.94 -57.50 4.18
C ALA C 390 16.47 -57.87 4.34
N LEU C 391 15.93 -57.63 5.54
CA LEU C 391 14.55 -57.93 5.87
C LEU C 391 13.57 -57.19 4.96
N ALA C 392 13.78 -55.89 4.75
CA ALA C 392 12.89 -55.09 3.93
C ALA C 392 12.90 -55.50 2.45
N LYS C 393 14.09 -55.79 1.90
CA LYS C 393 14.22 -56.24 0.52
C LYS C 393 13.57 -57.61 0.38
N ARG C 394 13.82 -58.52 1.32
CA ARG C 394 13.24 -59.85 1.32
C ARG C 394 11.71 -59.78 1.33
N ALA C 395 11.17 -58.92 2.20
CA ALA C 395 9.75 -58.66 2.27
C ALA C 395 9.18 -58.20 0.92
N LEU C 396 9.78 -57.16 0.31
CA LEU C 396 9.33 -56.67 -0.99
C LEU C 396 9.37 -57.75 -2.07
N ARG C 397 10.40 -58.60 -2.09
CA ARG C 397 10.49 -59.71 -3.03
C ARG C 397 9.40 -60.75 -2.80
N LEU C 398 9.13 -61.12 -1.53
CA LEU C 398 8.04 -62.05 -1.22
C LEU C 398 6.70 -61.50 -1.70
N LEU C 399 6.50 -60.18 -1.60
CA LEU C 399 5.29 -59.51 -2.05
C LEU C 399 5.29 -59.24 -3.56
N GLY C 400 6.35 -59.65 -4.28
CA GLY C 400 6.44 -59.49 -5.72
C GLY C 400 6.57 -58.03 -6.20
N GLU C 401 6.99 -57.12 -5.31
CA GLU C 401 7.28 -55.75 -5.68
C GLU C 401 8.70 -55.62 -6.25
N GLU C 402 8.89 -54.61 -7.12
CA GLU C 402 10.23 -54.20 -7.52
C GLU C 402 10.95 -53.53 -6.34
N VAL C 403 12.26 -53.82 -6.21
CA VAL C 403 13.04 -53.42 -5.05
C VAL C 403 13.89 -52.21 -5.42
N PRO C 404 13.85 -51.10 -4.63
CA PRO C 404 14.63 -49.92 -4.99
C PRO C 404 16.12 -50.12 -4.69
N ARG C 405 16.98 -49.52 -5.53
CA ARG C 405 18.40 -49.39 -5.22
C ARG C 405 18.59 -48.42 -4.06
N PRO C 406 19.47 -48.69 -3.06
CA PRO C 406 19.73 -47.70 -2.01
C PRO C 406 20.35 -46.48 -2.69
N ILE C 407 19.90 -45.28 -2.31
CA ILE C 407 20.19 -44.07 -3.05
C ILE C 407 21.55 -43.48 -2.64
N LEU C 408 22.29 -42.87 -3.59
CA LEU C 408 23.63 -42.32 -3.30
C LEU C 408 23.54 -41.13 -2.33
N PRO C 409 24.22 -41.12 -1.17
CA PRO C 409 24.04 -40.03 -0.22
C PRO C 409 24.59 -38.65 -0.63
N SER C 410 25.49 -38.58 -1.61
CA SER C 410 26.12 -37.31 -1.95
C SER C 410 25.23 -36.49 -2.89
N VAL C 411 24.12 -35.99 -2.35
CA VAL C 411 23.07 -35.37 -3.12
C VAL C 411 23.60 -34.19 -3.91
N PRO C 412 24.49 -33.35 -3.38
CA PRO C 412 24.98 -32.22 -4.14
C PRO C 412 25.67 -32.58 -5.45
N SER C 413 26.22 -33.79 -5.51
CA SER C 413 26.88 -34.30 -6.72
C SER C 413 25.97 -35.08 -7.67
N TRP C 414 24.68 -35.23 -7.39
CA TRP C 414 23.81 -36.01 -8.26
C TRP C 414 23.69 -35.31 -9.60
N LYS C 415 23.57 -36.10 -10.66
CA LYS C 415 23.18 -35.58 -11.95
C LYS C 415 21.71 -35.89 -12.19
N GLU C 416 21.22 -35.56 -13.39
CA GLU C 416 19.84 -35.82 -13.77
C GLU C 416 19.39 -37.26 -13.51
N ALA C 417 20.24 -38.23 -13.83
CA ALA C 417 19.82 -39.62 -13.68
C ALA C 417 19.55 -40.03 -12.22
N GLU C 418 20.29 -39.47 -11.27
CA GLU C 418 20.00 -39.79 -9.87
C GLU C 418 18.68 -39.16 -9.48
N VAL C 419 18.43 -37.92 -9.90
CA VAL C 419 17.17 -37.28 -9.57
C VAL C 419 16.03 -38.11 -10.13
N GLN C 420 16.11 -38.51 -11.40
CA GLN C 420 15.07 -39.38 -11.93
C GLN C 420 14.92 -40.65 -11.11
N THR C 421 15.99 -41.26 -10.63
CA THR C 421 15.89 -42.46 -9.83
C THR C 421 15.15 -42.17 -8.52
N TRP C 422 15.54 -41.11 -7.82
CA TRP C 422 14.97 -40.81 -6.53
C TRP C 422 13.49 -40.49 -6.65
N LEU C 423 13.09 -39.72 -7.66
CA LEU C 423 11.69 -39.44 -7.89
C LEU C 423 10.85 -40.72 -8.05
N GLN C 424 11.39 -41.74 -8.72
CA GLN C 424 10.69 -42.99 -8.87
C GLN C 424 10.55 -43.74 -7.55
N GLN C 425 11.55 -43.69 -6.70
CA GLN C 425 11.45 -44.37 -5.41
C GLN C 425 10.44 -43.72 -4.48
N ILE C 426 10.39 -42.40 -4.42
CA ILE C 426 9.51 -41.70 -3.50
C ILE C 426 8.11 -41.59 -4.09
N GLY C 427 7.88 -42.20 -5.26
CA GLY C 427 6.53 -42.30 -5.83
C GLY C 427 6.05 -41.02 -6.49
N PHE C 428 6.99 -40.15 -6.87
CA PHE C 428 6.66 -38.99 -7.68
C PHE C 428 6.90 -39.24 -9.18
N SER C 429 6.82 -40.49 -9.64
CA SER C 429 7.17 -40.82 -11.02
C SER C 429 6.34 -40.05 -12.07
N LYS C 430 5.17 -39.55 -11.68
CA LYS C 430 4.37 -38.71 -12.55
C LYS C 430 5.12 -37.44 -12.95
N TYR C 431 6.06 -36.98 -12.14
CA TYR C 431 6.78 -35.74 -12.36
C TYR C 431 8.13 -35.95 -13.04
N CYS C 432 8.56 -37.19 -13.25
CA CYS C 432 9.87 -37.48 -13.83
C CYS C 432 10.10 -36.72 -15.12
N GLU C 433 9.11 -36.69 -16.00
CA GLU C 433 9.23 -36.00 -17.26
C GLU C 433 9.56 -34.51 -17.07
N SER C 434 8.83 -33.81 -16.20
CA SER C 434 9.10 -32.41 -15.96
C SER C 434 10.50 -32.22 -15.42
N PHE C 435 10.91 -33.00 -14.42
CA PHE C 435 12.21 -32.83 -13.85
C PHE C 435 13.31 -33.12 -14.87
N ARG C 436 13.05 -34.03 -15.83
CA ARG C 436 13.98 -34.35 -16.91
C ARG C 436 14.08 -33.19 -17.90
N GLU C 437 12.94 -32.72 -18.37
CA GLU C 437 12.90 -31.62 -19.31
C GLU C 437 13.52 -30.34 -18.74
N GLN C 438 13.24 -29.99 -17.49
CA GLN C 438 13.86 -28.85 -16.87
C GLN C 438 15.30 -29.15 -16.41
N GLN C 439 15.79 -30.37 -16.61
CA GLN C 439 17.16 -30.74 -16.25
C GLN C 439 17.53 -30.51 -14.79
N VAL C 440 16.67 -30.93 -13.86
CA VAL C 440 16.99 -30.74 -12.47
C VAL C 440 18.06 -31.76 -12.11
N ASP C 441 19.07 -31.30 -11.38
CA ASP C 441 20.15 -32.15 -10.88
C ASP C 441 20.27 -31.93 -9.38
N GLY C 442 21.29 -32.51 -8.77
CA GLY C 442 21.34 -32.49 -7.32
C GLY C 442 21.35 -31.11 -6.69
N ASP C 443 22.11 -30.18 -7.25
CA ASP C 443 22.18 -28.84 -6.71
C ASP C 443 20.85 -28.12 -6.88
N LEU C 444 20.19 -28.30 -8.02
CA LEU C 444 18.92 -27.66 -8.23
C LEU C 444 17.84 -28.27 -7.34
N LEU C 445 17.84 -29.59 -7.19
CA LEU C 445 16.88 -30.29 -6.36
C LEU C 445 16.99 -29.78 -4.94
N LEU C 446 18.18 -29.71 -4.36
CA LEU C 446 18.36 -29.27 -2.99
C LEU C 446 17.93 -27.83 -2.76
N ARG C 447 17.70 -27.08 -3.83
CA ARG C 447 17.36 -25.66 -3.72
C ARG C 447 15.98 -25.33 -4.27
N LEU C 448 15.12 -26.31 -4.62
CA LEU C 448 13.82 -26.04 -5.19
C LEU C 448 12.99 -25.26 -4.19
N THR C 449 12.43 -24.16 -4.70
CA THR C 449 11.50 -23.37 -3.92
C THR C 449 10.10 -23.79 -4.29
N GLU C 450 9.09 -23.38 -3.48
CA GLU C 450 7.71 -23.69 -3.83
C GLU C 450 7.27 -23.11 -5.18
N GLU C 451 7.75 -21.91 -5.48
CA GLU C 451 7.45 -21.23 -6.74
C GLU C 451 7.88 -22.02 -7.98
N GLU C 452 9.11 -22.57 -7.96
CA GLU C 452 9.61 -23.33 -9.09
C GLU C 452 8.81 -24.59 -9.24
N LEU C 453 8.56 -25.23 -8.09
CA LEU C 453 7.89 -26.52 -8.06
C LEU C 453 6.51 -26.39 -8.64
N GLN C 454 5.80 -25.31 -8.28
CA GLN C 454 4.48 -25.00 -8.82
C GLN C 454 4.50 -24.67 -10.30
N THR C 455 5.36 -23.71 -10.66
CA THR C 455 5.28 -23.06 -11.97
C THR C 455 6.03 -23.80 -13.09
N ASP C 456 7.25 -24.26 -12.81
CA ASP C 456 8.17 -24.78 -13.79
C ASP C 456 8.05 -26.30 -13.92
N LEU C 457 7.82 -26.98 -12.79
CA LEU C 457 7.75 -28.43 -12.82
C LEU C 457 6.31 -28.93 -12.91
N GLY C 458 5.31 -28.04 -12.71
CA GLY C 458 3.94 -28.44 -12.98
C GLY C 458 3.19 -29.06 -11.79
N MET C 459 3.71 -28.86 -10.59
CA MET C 459 3.12 -29.45 -9.42
C MET C 459 2.10 -28.47 -8.83
N LYS C 460 0.89 -28.51 -9.41
CA LYS C 460 -0.16 -27.51 -9.19
C LYS C 460 -0.70 -27.54 -7.76
N SER C 461 -0.99 -28.74 -7.27
CA SER C 461 -1.64 -28.97 -5.99
C SER C 461 -0.73 -28.57 -4.83
N GLY C 462 -1.20 -27.72 -3.93
CA GLY C 462 -0.44 -27.34 -2.76
C GLY C 462 -0.20 -28.51 -1.82
N ILE C 463 -1.16 -29.46 -1.77
CA ILE C 463 -0.98 -30.64 -0.94
C ILE C 463 0.14 -31.47 -1.56
N THR C 464 0.15 -31.62 -2.89
CA THR C 464 1.20 -32.42 -3.50
C THR C 464 2.56 -31.78 -3.26
N ARG C 465 2.67 -30.45 -3.37
CA ARG C 465 3.93 -29.82 -3.03
C ARG C 465 4.29 -30.09 -1.57
N LYS C 466 3.35 -30.11 -0.65
CA LYS C 466 3.60 -30.34 0.75
C LYS C 466 4.15 -31.77 0.89
N ARG C 467 3.67 -32.74 0.11
CA ARG C 467 4.22 -34.08 0.21
C ARG C 467 5.61 -34.12 -0.39
N PHE C 468 5.84 -33.42 -1.51
CA PHE C 468 7.17 -33.38 -2.11
C PHE C 468 8.17 -32.82 -1.12
N PHE C 469 7.89 -31.68 -0.50
CA PHE C 469 8.83 -31.16 0.46
C PHE C 469 9.05 -32.07 1.66
N ARG C 470 8.06 -32.86 2.01
CA ARG C 470 8.20 -33.82 3.11
C ARG C 470 9.25 -34.85 2.72
N GLU C 471 9.21 -35.34 1.47
CA GLU C 471 10.18 -36.29 0.92
C GLU C 471 11.55 -35.65 0.84
N LEU C 472 11.60 -34.48 0.22
CA LEU C 472 12.83 -33.77 0.02
C LEU C 472 13.51 -33.49 1.34
N THR C 473 12.73 -33.27 2.40
CA THR C 473 13.35 -32.98 3.68
C THR C 473 14.01 -34.21 4.26
N GLU C 474 13.47 -35.39 4.01
CA GLU C 474 14.12 -36.58 4.46
C GLU C 474 15.44 -36.73 3.69
N LEU C 475 15.44 -36.56 2.35
CA LEU C 475 16.67 -36.61 1.58
C LEU C 475 17.67 -35.60 2.08
N LYS C 476 17.30 -34.33 2.20
CA LYS C 476 18.22 -33.35 2.75
C LYS C 476 18.83 -33.79 4.08
N THR C 477 18.08 -34.49 4.92
CA THR C 477 18.53 -34.86 6.25
C THR C 477 19.48 -36.05 6.14
N PHE C 478 19.29 -36.92 5.17
CA PHE C 478 20.09 -38.12 4.96
C PHE C 478 21.43 -37.79 4.33
N ALA C 479 21.46 -36.72 3.51
CA ALA C 479 22.54 -36.45 2.57
C ALA C 479 23.90 -36.21 3.22
N ASN C 480 24.92 -36.44 2.39
CA ASN C 480 26.32 -36.23 2.69
C ASN C 480 26.75 -34.90 2.05
N TYR C 481 27.26 -33.96 2.85
CA TYR C 481 27.60 -32.66 2.31
C TYR C 481 29.12 -32.39 2.27
N SER C 482 29.96 -33.43 2.17
CA SER C 482 31.41 -33.34 2.23
C SER C 482 31.99 -32.41 1.15
N THR C 483 31.33 -32.35 0.01
CA THR C 483 31.80 -31.53 -1.09
C THR C 483 31.46 -30.05 -0.92
N CYS C 484 30.77 -29.66 0.15
CA CYS C 484 30.14 -28.35 0.29
C CYS C 484 30.53 -27.72 1.61
N ASP C 485 30.46 -28.53 2.66
CA ASP C 485 30.50 -28.03 4.02
C ASP C 485 31.92 -28.20 4.55
N ARG C 486 32.73 -27.15 4.45
CA ARG C 486 34.09 -27.14 5.00
C ARG C 486 34.08 -27.21 6.54
N SER C 487 33.05 -26.63 7.18
CA SER C 487 33.08 -26.33 8.60
C SER C 487 32.25 -27.31 9.43
N ASN C 488 31.70 -28.34 8.76
CA ASN C 488 30.82 -29.33 9.36
C ASN C 488 29.67 -28.62 10.08
N LEU C 489 29.08 -27.70 9.35
CA LEU C 489 27.90 -26.99 9.80
C LEU C 489 26.72 -27.93 9.87
N ALA C 490 26.69 -29.00 9.08
CA ALA C 490 25.66 -30.01 9.20
C ALA C 490 25.59 -30.58 10.62
N ASP C 491 26.71 -30.95 11.23
CA ASP C 491 26.68 -31.49 12.56
C ASP C 491 26.31 -30.44 13.58
N TRP C 492 26.66 -29.20 13.32
CA TRP C 492 26.29 -28.14 14.26
C TRP C 492 24.79 -28.01 14.29
N LEU C 493 24.17 -27.93 13.11
CA LEU C 493 22.72 -27.86 12.99
C LEU C 493 22.10 -29.08 13.65
N GLY C 494 22.58 -30.26 13.31
CA GLY C 494 22.02 -31.48 13.85
C GLY C 494 22.18 -31.60 15.37
N SER C 495 23.18 -30.96 15.95
CA SER C 495 23.37 -30.97 17.39
C SER C 495 22.35 -30.09 18.10
N LEU C 496 21.78 -29.06 17.46
CA LEU C 496 20.67 -28.34 18.06
C LEU C 496 19.46 -29.24 18.03
N ASP C 497 19.14 -29.69 16.82
CA ASP C 497 17.90 -30.41 16.57
C ASP C 497 18.04 -31.24 15.32
N PRO C 498 17.81 -32.58 15.37
CA PRO C 498 17.95 -33.42 14.20
C PRO C 498 17.28 -32.90 12.95
N ARG C 499 16.17 -32.18 13.13
CA ARG C 499 15.43 -31.68 11.99
C ARG C 499 15.99 -30.37 11.44
N PHE C 500 17.01 -29.81 12.05
CA PHE C 500 17.68 -28.66 11.49
C PHE C 500 18.73 -29.06 10.46
N ARG C 501 19.20 -30.30 10.48
CA ARG C 501 20.27 -30.68 9.60
C ARG C 501 19.88 -30.47 8.16
N GLN C 502 18.59 -30.46 7.83
CA GLN C 502 18.14 -30.31 6.45
C GLN C 502 18.47 -28.91 5.93
N TYR C 503 18.77 -27.93 6.79
CA TYR C 503 19.07 -26.60 6.30
C TYR C 503 20.55 -26.43 5.92
N THR C 504 21.37 -27.45 6.07
CA THR C 504 22.78 -27.36 5.74
C THR C 504 23.02 -26.76 4.36
N TYR C 505 22.44 -27.32 3.29
CA TYR C 505 22.86 -26.85 1.99
C TYR C 505 22.40 -25.42 1.75
N GLY C 506 21.28 -24.98 2.32
CA GLY C 506 20.95 -23.58 2.23
C GLY C 506 21.97 -22.66 2.87
N LEU C 507 22.45 -23.00 4.07
CA LEU C 507 23.46 -22.21 4.73
C LEU C 507 24.76 -22.17 3.92
N VAL C 508 25.28 -23.34 3.57
CA VAL C 508 26.59 -23.38 2.96
C VAL C 508 26.58 -22.84 1.55
N SER C 509 25.49 -23.01 0.84
CA SER C 509 25.35 -22.46 -0.49
C SER C 509 25.37 -20.91 -0.48
N CYS C 510 24.87 -20.25 0.54
CA CYS C 510 25.09 -18.82 0.74
C CYS C 510 26.51 -18.50 1.19
N GLY C 511 27.31 -19.48 1.52
CA GLY C 511 28.66 -19.18 1.96
C GLY C 511 28.84 -18.96 3.46
N LEU C 512 27.82 -19.22 4.27
CA LEU C 512 28.02 -19.20 5.71
C LEU C 512 28.83 -20.40 6.15
N ASP C 513 29.33 -20.30 7.37
CA ASP C 513 30.13 -21.33 8.00
C ASP C 513 30.17 -21.05 9.49
N ARG C 514 30.69 -21.99 10.30
CA ARG C 514 30.61 -21.86 11.74
C ARG C 514 31.16 -20.53 12.25
N SER C 515 32.22 -20.02 11.62
CA SER C 515 32.85 -18.80 12.07
C SER C 515 31.94 -17.59 11.77
N LEU C 516 31.34 -17.58 10.58
CA LEU C 516 30.53 -16.49 10.13
C LEU C 516 29.17 -16.48 10.80
N LEU C 517 28.66 -17.61 11.28
CA LEU C 517 27.24 -17.73 11.55
C LEU C 517 26.75 -16.77 12.61
N HIS C 518 27.63 -16.43 13.55
CA HIS C 518 27.33 -15.48 14.62
C HIS C 518 26.84 -14.11 14.15
N ARG C 519 27.14 -13.76 12.90
CA ARG C 519 26.82 -12.48 12.31
C ARG C 519 25.54 -12.54 11.47
N VAL C 520 24.95 -13.73 11.27
CA VAL C 520 23.82 -13.85 10.34
C VAL C 520 22.63 -13.15 10.97
N SER C 521 21.64 -12.76 10.16
CA SER C 521 20.46 -12.09 10.68
C SER C 521 19.21 -12.86 10.33
N GLU C 522 18.10 -12.60 11.04
CA GLU C 522 16.92 -13.41 10.78
C GLU C 522 16.48 -13.30 9.32
N GLN C 523 16.60 -12.10 8.75
CA GLN C 523 16.21 -11.89 7.38
C GLN C 523 17.09 -12.69 6.43
N GLN C 524 18.40 -12.73 6.65
CA GLN C 524 19.23 -13.59 5.85
C GLN C 524 18.89 -15.09 5.98
N LEU C 525 18.55 -15.61 7.16
CA LEU C 525 18.17 -17.00 7.26
C LEU C 525 16.90 -17.25 6.48
N LEU C 526 15.96 -16.30 6.48
CA LEU C 526 14.72 -16.44 5.73
C LEU C 526 14.98 -16.36 4.22
N GLU C 527 15.60 -15.26 3.78
CA GLU C 527 15.66 -14.89 2.38
C GLU C 527 16.77 -15.61 1.64
N ASP C 528 17.97 -15.65 2.22
CA ASP C 528 19.10 -16.25 1.54
C ASP C 528 19.08 -17.75 1.73
N CYS C 529 19.04 -18.19 2.98
CA CYS C 529 19.17 -19.59 3.31
C CYS C 529 17.89 -20.41 3.20
N GLY C 530 16.73 -19.76 3.10
CA GLY C 530 15.49 -20.47 2.81
C GLY C 530 14.88 -21.19 4.02
N ILE C 531 15.19 -20.79 5.25
CA ILE C 531 14.54 -21.39 6.40
C ILE C 531 13.20 -20.68 6.63
N HIS C 532 12.12 -21.32 6.17
CA HIS C 532 10.79 -20.74 6.20
C HIS C 532 10.16 -20.63 7.59
N LEU C 533 10.30 -21.65 8.45
CA LEU C 533 9.69 -21.62 9.77
C LEU C 533 10.41 -20.64 10.72
N GLY C 534 9.63 -19.71 11.29
CA GLY C 534 10.17 -18.73 12.21
C GLY C 534 10.77 -19.36 13.47
N VAL C 535 10.13 -20.40 14.00
CA VAL C 535 10.69 -20.99 15.20
C VAL C 535 12.10 -21.56 14.94
N HIS C 536 12.28 -22.14 13.74
CA HIS C 536 13.58 -22.70 13.41
C HIS C 536 14.61 -21.59 13.24
N ARG C 537 14.23 -20.51 12.52
CA ARG C 537 15.10 -19.36 12.38
C ARG C 537 15.54 -18.88 13.74
N ALA C 538 14.59 -18.66 14.65
CA ALA C 538 14.92 -18.11 15.95
C ALA C 538 15.85 -19.02 16.75
N ARG C 539 15.68 -20.34 16.70
CA ARG C 539 16.55 -21.22 17.45
C ARG C 539 17.96 -21.27 16.89
N ILE C 540 18.07 -21.35 15.57
CA ILE C 540 19.37 -21.37 14.90
C ILE C 540 20.07 -20.08 15.26
N LEU C 541 19.38 -18.97 15.10
CA LEU C 541 19.96 -17.66 15.31
C LEU C 541 20.42 -17.48 16.75
N THR C 542 19.62 -17.90 17.72
CA THR C 542 19.97 -17.87 19.13
C THR C 542 21.24 -18.66 19.40
N ALA C 543 21.30 -19.90 18.94
CA ALA C 543 22.46 -20.73 19.17
C ALA C 543 23.69 -20.12 18.51
N ALA C 544 23.52 -19.49 17.36
CA ALA C 544 24.63 -18.85 16.69
C ALA C 544 25.18 -17.69 17.52
N ARG C 545 24.35 -16.89 18.18
CA ARG C 545 24.87 -15.88 19.09
C ARG C 545 25.64 -16.53 20.26
N GLU C 546 25.07 -17.55 20.91
CA GLU C 546 25.69 -18.21 22.04
C GLU C 546 27.02 -18.85 21.68
N MET C 547 27.18 -19.29 20.43
CA MET C 547 28.39 -19.92 19.94
C MET C 547 29.60 -18.98 19.96
N LEU C 548 29.40 -17.64 20.03
CA LEU C 548 30.41 -16.63 19.75
C LEU C 548 31.70 -16.79 20.57
N HIS C 549 31.63 -17.42 21.76
CA HIS C 549 32.79 -17.75 22.56
C HIS C 549 33.82 -18.65 21.85
N SER C 550 33.42 -19.33 20.77
CA SER C 550 34.28 -20.19 19.96
C SER C 550 34.91 -19.43 18.76
N PRO C 551 34.14 -18.65 17.94
CA PRO C 551 34.72 -17.71 16.97
C PRO C 551 35.63 -16.59 17.49
N LEU C 552 35.42 -16.14 18.75
CA LEU C 552 36.21 -15.04 19.31
C LEU C 552 37.71 -15.35 19.39
N PRO C 553 38.17 -16.49 19.98
CA PRO C 553 39.56 -16.93 19.89
C PRO C 553 40.18 -16.96 18.48
N GLY D 58 -60.22 -50.09 8.51
CA GLY D 58 -59.23 -49.39 9.37
C GLY D 58 -59.64 -49.44 10.84
N ALA D 59 -58.68 -49.83 11.70
CA ALA D 59 -58.89 -50.06 13.13
C ALA D 59 -59.39 -48.81 13.88
N GLY D 60 -59.09 -47.62 13.34
CA GLY D 60 -59.56 -46.34 13.85
C GLY D 60 -61.08 -46.29 14.08
N THR D 61 -61.86 -47.03 13.26
CA THR D 61 -63.30 -47.16 13.40
C THR D 61 -63.65 -47.77 14.76
N GLU D 62 -62.94 -48.83 15.17
CA GLU D 62 -63.15 -49.49 16.45
C GLU D 62 -62.87 -48.56 17.63
N VAL D 63 -61.92 -47.62 17.44
CA VAL D 63 -61.64 -46.58 18.44
C VAL D 63 -62.85 -45.63 18.57
N GLN D 64 -63.52 -45.32 17.44
CA GLN D 64 -64.74 -44.54 17.47
C GLN D 64 -65.85 -45.30 18.20
N ASP D 65 -65.95 -46.62 17.99
CA ASP D 65 -66.88 -47.48 18.71
C ASP D 65 -66.60 -47.48 20.21
N ALA D 66 -65.32 -47.58 20.60
CA ALA D 66 -64.88 -47.53 21.99
C ALA D 66 -65.24 -46.19 22.63
N LEU D 67 -65.02 -45.08 21.90
CA LEU D 67 -65.42 -43.75 22.32
C LEU D 67 -66.94 -43.65 22.45
N GLU D 68 -67.69 -44.15 21.45
CA GLU D 68 -69.16 -44.11 21.46
C GLU D 68 -69.77 -44.95 22.59
N ARG D 69 -69.02 -45.93 23.12
CA ARG D 69 -69.36 -46.60 24.36
C ARG D 69 -69.02 -45.74 25.58
N ALA D 70 -67.75 -45.33 25.70
CA ALA D 70 -67.20 -44.70 26.90
C ALA D 70 -67.76 -43.30 27.16
N LEU D 71 -68.03 -42.54 26.08
CA LEU D 71 -68.45 -41.14 26.16
C LEU D 71 -69.81 -40.97 26.86
N PRO D 72 -70.90 -41.68 26.50
CA PRO D 72 -72.16 -41.57 27.24
C PRO D 72 -72.04 -41.99 28.70
N GLU D 73 -71.25 -43.03 29.00
CA GLU D 73 -70.96 -43.40 30.39
C GLU D 73 -70.31 -42.23 31.15
N LEU D 74 -69.33 -41.59 30.50
CA LEU D 74 -68.65 -40.41 31.02
C LEU D 74 -69.63 -39.24 31.20
N GLN D 75 -70.52 -38.99 30.22
CA GLN D 75 -71.54 -37.96 30.33
C GLN D 75 -72.43 -38.18 31.56
N GLN D 76 -72.85 -39.44 31.79
CA GLN D 76 -73.63 -39.79 32.97
C GLN D 76 -72.84 -39.49 34.24
N ALA D 77 -71.62 -40.01 34.34
CA ALA D 77 -70.77 -39.85 35.52
C ALA D 77 -70.46 -38.37 35.81
N LEU D 78 -70.19 -37.58 34.76
CA LEU D 78 -69.98 -36.14 34.86
C LEU D 78 -71.25 -35.42 35.29
N SER D 79 -72.40 -35.75 34.68
CA SER D 79 -73.66 -35.14 35.06
C SER D 79 -73.94 -35.39 36.55
N ALA D 80 -73.57 -36.58 37.05
CA ALA D 80 -73.62 -36.99 38.45
C ALA D 80 -72.56 -36.32 39.33
N LEU D 81 -71.82 -35.33 38.78
CA LEU D 81 -70.96 -34.42 39.53
C LEU D 81 -71.37 -32.95 39.37
N LYS D 82 -72.24 -32.63 38.40
CA LYS D 82 -72.69 -31.26 38.16
C LYS D 82 -73.57 -30.73 39.30
N GLN D 83 -74.34 -31.63 39.94
CA GLN D 83 -75.09 -31.35 41.17
C GLN D 83 -74.17 -31.34 42.40
N ALA D 84 -74.42 -30.41 43.34
CA ALA D 84 -73.67 -30.34 44.59
C ALA D 84 -74.17 -31.38 45.60
N GLY D 85 -73.95 -32.67 45.28
CA GLY D 85 -74.58 -33.79 45.97
C GLY D 85 -74.02 -34.09 47.37
N GLY D 86 -72.95 -33.39 47.78
CA GLY D 86 -72.29 -33.65 49.05
C GLY D 86 -71.22 -34.74 48.96
N ALA D 87 -70.43 -34.90 50.03
CA ALA D 87 -69.18 -35.65 50.03
C ALA D 87 -69.32 -37.08 49.48
N ARG D 88 -70.39 -37.79 49.89
CA ARG D 88 -70.65 -39.17 49.52
C ARG D 88 -70.94 -39.29 48.01
N ALA D 89 -71.84 -38.44 47.52
CA ALA D 89 -72.28 -38.43 46.13
C ALA D 89 -71.13 -38.04 45.18
N VAL D 90 -70.41 -36.95 45.51
CA VAL D 90 -69.30 -36.51 44.68
C VAL D 90 -68.13 -37.49 44.74
N GLY D 91 -67.87 -38.11 45.89
CA GLY D 91 -66.90 -39.19 46.01
C GLY D 91 -67.16 -40.33 45.02
N ALA D 92 -68.41 -40.78 44.98
CA ALA D 92 -68.87 -41.80 44.03
C ALA D 92 -68.73 -41.34 42.58
N GLY D 93 -69.24 -40.13 42.25
CA GLY D 93 -69.16 -39.58 40.90
C GLY D 93 -67.73 -39.46 40.40
N LEU D 94 -66.82 -38.98 41.26
CA LEU D 94 -65.39 -38.89 40.97
C LEU D 94 -64.80 -40.27 40.73
N ALA D 95 -65.12 -41.24 41.59
CA ALA D 95 -64.67 -42.62 41.41
C ALA D 95 -65.15 -43.22 40.09
N GLU D 96 -66.37 -42.89 39.64
CA GLU D 96 -66.91 -43.34 38.36
C GLU D 96 -66.09 -42.81 37.18
N VAL D 97 -65.88 -41.49 37.11
CA VAL D 97 -65.08 -40.90 36.03
C VAL D 97 -63.62 -41.36 36.10
N PHE D 98 -63.07 -41.51 37.31
CA PHE D 98 -61.74 -42.03 37.53
C PHE D 98 -61.60 -43.44 36.95
N GLN D 99 -62.54 -44.34 37.31
CA GLN D 99 -62.64 -45.67 36.73
C GLN D 99 -62.71 -45.62 35.21
N LEU D 100 -63.61 -44.80 34.64
CA LEU D 100 -63.79 -44.70 33.20
C LEU D 100 -62.49 -44.32 32.48
N VAL D 101 -61.74 -43.34 33.01
CA VAL D 101 -60.55 -42.87 32.34
C VAL D 101 -59.33 -43.78 32.61
N GLU D 102 -59.23 -44.37 33.81
CA GLU D 102 -58.23 -45.39 34.06
C GLU D 102 -58.42 -46.57 33.11
N GLU D 103 -59.66 -47.06 32.99
CA GLU D 103 -60.02 -48.12 32.05
C GLU D 103 -59.63 -47.72 30.62
N ALA D 104 -59.91 -46.48 30.23
CA ALA D 104 -59.57 -45.96 28.91
C ALA D 104 -58.05 -45.98 28.65
N TRP D 105 -57.21 -45.54 29.62
CA TRP D 105 -55.76 -45.63 29.52
C TRP D 105 -55.29 -47.08 29.37
N LEU D 106 -55.95 -48.00 30.08
CA LEU D 106 -55.55 -49.41 30.16
C LEU D 106 -55.91 -50.23 28.91
N LEU D 107 -56.74 -49.71 27.98
CA LEU D 107 -57.16 -50.48 26.80
C LEU D 107 -55.97 -50.81 25.87
N PRO D 108 -55.74 -52.11 25.54
CA PRO D 108 -54.76 -52.48 24.51
C PRO D 108 -55.09 -51.96 23.12
N ALA D 109 -56.40 -51.78 22.85
CA ALA D 109 -56.92 -51.20 21.61
C ALA D 109 -56.72 -49.69 21.63
N VAL D 110 -55.44 -49.26 21.57
CA VAL D 110 -54.98 -47.88 21.49
C VAL D 110 -55.66 -46.96 22.51
N GLY D 111 -55.66 -47.41 23.77
CA GLY D 111 -56.31 -46.75 24.91
C GLY D 111 -56.02 -45.26 25.02
N ARG D 112 -54.80 -44.85 24.65
CA ARG D 112 -54.37 -43.45 24.66
C ARG D 112 -55.31 -42.55 23.86
N GLU D 113 -55.79 -43.02 22.71
CA GLU D 113 -56.70 -42.23 21.88
C GLU D 113 -58.07 -42.07 22.55
N VAL D 114 -58.59 -43.17 23.08
CA VAL D 114 -59.87 -43.20 23.80
C VAL D 114 -59.80 -42.27 25.00
N ALA D 115 -58.76 -42.44 25.83
CA ALA D 115 -58.54 -41.66 27.03
C ALA D 115 -58.32 -40.18 26.74
N GLN D 116 -57.58 -39.86 25.66
CA GLN D 116 -57.46 -38.48 25.19
C GLN D 116 -58.85 -37.90 24.86
N GLY D 117 -59.68 -38.66 24.13
CA GLY D 117 -61.07 -38.29 23.86
C GLY D 117 -61.89 -38.04 25.13
N LEU D 118 -61.69 -38.86 26.19
CA LEU D 118 -62.33 -38.63 27.48
C LEU D 118 -61.80 -37.37 28.15
N CYS D 119 -60.48 -37.14 28.10
CA CYS D 119 -59.85 -35.94 28.65
C CYS D 119 -60.33 -34.67 27.94
N ASP D 120 -60.55 -34.77 26.62
CA ASP D 120 -61.17 -33.74 25.80
C ASP D 120 -62.61 -33.48 26.25
N ALA D 121 -63.41 -34.54 26.38
CA ALA D 121 -64.78 -34.43 26.85
C ALA D 121 -64.87 -33.75 28.22
N ILE D 122 -63.97 -34.14 29.16
CA ILE D 122 -63.90 -33.52 30.49
C ILE D 122 -63.50 -32.05 30.40
N ARG D 123 -62.64 -31.67 29.44
CA ARG D 123 -62.26 -30.28 29.22
C ARG D 123 -63.43 -29.47 28.64
N LEU D 124 -64.16 -30.05 27.68
CA LEU D 124 -65.23 -29.38 26.95
C LEU D 124 -66.49 -29.19 27.81
N ASP D 125 -66.89 -30.23 28.55
CA ASP D 125 -68.12 -30.25 29.31
C ASP D 125 -67.82 -30.25 30.82
N GLY D 126 -68.29 -29.24 31.54
CA GLY D 126 -67.97 -29.06 32.95
C GLY D 126 -66.56 -28.50 33.17
N GLY D 127 -65.62 -28.97 32.35
CA GLY D 127 -64.24 -28.49 32.36
C GLY D 127 -63.42 -29.07 33.51
N LEU D 128 -62.16 -28.63 33.58
CA LEU D 128 -61.34 -28.85 34.76
C LEU D 128 -61.82 -28.00 35.94
N ASP D 129 -62.77 -27.07 35.70
CA ASP D 129 -63.20 -26.08 36.68
C ASP D 129 -63.85 -26.73 37.90
N LEU D 130 -64.81 -27.65 37.69
CA LEU D 130 -65.44 -28.34 38.80
C LEU D 130 -64.46 -29.25 39.54
N LEU D 131 -63.46 -29.80 38.83
CA LEU D 131 -62.38 -30.54 39.47
C LEU D 131 -61.58 -29.60 40.36
N LEU D 132 -61.19 -28.42 39.86
CA LEU D 132 -60.42 -27.42 40.59
C LEU D 132 -61.18 -26.87 41.81
N ARG D 133 -62.52 -26.82 41.74
CA ARG D 133 -63.35 -26.48 42.88
C ARG D 133 -63.36 -27.62 43.91
N LEU D 134 -63.61 -28.86 43.47
CA LEU D 134 -63.55 -30.02 44.35
C LEU D 134 -62.17 -30.18 44.99
N LEU D 135 -61.11 -29.85 44.24
CA LEU D 135 -59.71 -29.92 44.65
C LEU D 135 -59.41 -29.03 45.86
N GLN D 136 -60.31 -28.09 46.20
CA GLN D 136 -60.15 -27.19 47.33
C GLN D 136 -61.36 -27.19 48.29
N ALA D 137 -62.32 -28.11 48.07
CA ALA D 137 -63.38 -28.41 49.03
C ALA D 137 -62.77 -28.96 50.32
N PRO D 138 -63.35 -28.70 51.52
CA PRO D 138 -62.71 -29.07 52.79
C PRO D 138 -62.51 -30.57 53.04
N GLU D 139 -63.47 -31.42 52.61
CA GLU D 139 -63.44 -32.86 52.88
C GLU D 139 -62.30 -33.55 52.12
N LEU D 140 -61.37 -34.18 52.87
CA LEU D 140 -60.19 -34.83 52.31
C LEU D 140 -60.54 -35.83 51.20
N GLU D 141 -61.60 -36.64 51.40
CA GLU D 141 -62.04 -37.63 50.41
C GLU D 141 -62.27 -37.01 49.03
N THR D 142 -62.93 -35.85 49.02
CA THR D 142 -63.29 -35.15 47.79
C THR D 142 -62.02 -34.63 47.10
N ARG D 143 -61.09 -34.07 47.88
CA ARG D 143 -59.82 -33.57 47.37
C ARG D 143 -58.99 -34.71 46.80
N VAL D 144 -58.88 -35.82 47.54
CA VAL D 144 -58.19 -37.01 47.10
C VAL D 144 -58.76 -37.52 45.78
N GLN D 145 -60.09 -37.71 45.70
CA GLN D 145 -60.74 -38.21 44.51
C GLN D 145 -60.59 -37.26 43.32
N ALA D 146 -60.65 -35.94 43.58
CA ALA D 146 -60.42 -34.92 42.56
C ALA D 146 -58.99 -34.99 42.03
N ALA D 147 -58.02 -35.02 42.95
CA ALA D 147 -56.60 -35.09 42.63
C ALA D 147 -56.28 -36.36 41.83
N ARG D 148 -56.80 -37.51 42.28
CA ARG D 148 -56.69 -38.79 41.61
C ARG D 148 -57.12 -38.68 40.14
N LEU D 149 -58.31 -38.12 39.93
CA LEU D 149 -58.86 -37.94 38.61
C LEU D 149 -57.99 -36.99 37.77
N LEU D 150 -57.67 -35.82 38.34
CA LEU D 150 -56.92 -34.79 37.62
C LEU D 150 -55.56 -35.32 37.16
N GLU D 151 -54.83 -35.99 38.06
CA GLU D 151 -53.55 -36.63 37.77
C GLU D 151 -53.64 -37.58 36.56
N GLN D 152 -54.79 -38.21 36.33
CA GLN D 152 -54.97 -39.12 35.21
C GLN D 152 -55.39 -38.43 33.91
N ILE D 153 -55.60 -37.10 33.90
CA ILE D 153 -56.19 -36.46 32.71
C ILE D 153 -55.41 -35.22 32.25
N LEU D 154 -54.22 -34.97 32.79
CA LEU D 154 -53.39 -33.84 32.36
C LEU D 154 -52.67 -34.11 31.03
N VAL D 155 -53.47 -34.45 30.01
CA VAL D 155 -53.13 -34.35 28.60
C VAL D 155 -52.70 -32.91 28.28
N ALA D 156 -51.98 -32.70 27.17
CA ALA D 156 -51.43 -31.40 26.77
C ALA D 156 -52.44 -30.25 26.90
N GLU D 157 -53.63 -30.33 26.27
CA GLU D 157 -54.60 -29.25 26.31
C GLU D 157 -55.15 -29.01 27.72
N ASN D 158 -55.20 -30.08 28.52
CA ASN D 158 -55.67 -30.00 29.89
C ASN D 158 -54.64 -29.28 30.76
N ARG D 159 -53.34 -29.58 30.55
CA ARG D 159 -52.23 -28.81 31.13
C ARG D 159 -52.34 -27.36 30.69
N ASP D 160 -52.63 -27.14 29.41
CA ASP D 160 -52.71 -25.81 28.83
C ASP D 160 -53.81 -24.97 29.51
N ARG D 161 -54.95 -25.60 29.84
CA ARG D 161 -56.03 -24.97 30.59
C ARG D 161 -55.60 -24.67 32.03
N VAL D 162 -55.14 -25.66 32.80
CA VAL D 162 -54.85 -25.43 34.21
C VAL D 162 -53.61 -24.54 34.41
N ALA D 163 -52.78 -24.39 33.38
CA ALA D 163 -51.68 -23.43 33.39
C ALA D 163 -52.17 -21.97 33.48
N ARG D 164 -53.39 -21.71 32.96
CA ARG D 164 -53.97 -20.36 32.86
C ARG D 164 -55.14 -20.15 33.81
N ILE D 165 -55.87 -21.22 34.15
CA ILE D 165 -56.92 -21.18 35.16
C ILE D 165 -56.46 -21.95 36.41
N GLY D 166 -56.49 -21.28 37.56
CA GLY D 166 -56.39 -21.91 38.87
C GLY D 166 -55.12 -22.72 39.16
N LEU D 167 -54.01 -22.43 38.48
CA LEU D 167 -52.73 -23.05 38.84
C LEU D 167 -52.40 -22.85 40.33
N GLY D 168 -52.76 -21.68 40.87
CA GLY D 168 -52.64 -21.36 42.29
C GLY D 168 -53.30 -22.35 43.24
N VAL D 169 -54.34 -23.06 42.78
CA VAL D 169 -55.01 -24.10 43.55
C VAL D 169 -54.07 -25.29 43.74
N ILE D 170 -53.38 -25.70 42.67
CA ILE D 170 -52.42 -26.79 42.70
C ILE D 170 -51.29 -26.43 43.67
N LEU D 171 -50.78 -25.20 43.60
CA LEU D 171 -49.74 -24.75 44.52
C LEU D 171 -50.24 -24.61 45.95
N ASN D 172 -51.56 -24.41 46.14
CA ASN D 172 -52.16 -24.46 47.46
C ASN D 172 -52.09 -25.89 48.02
N LEU D 173 -52.50 -26.89 47.22
CA LEU D 173 -52.38 -28.30 47.58
C LEU D 173 -50.94 -28.74 47.83
N ALA D 174 -49.96 -28.12 47.16
CA ALA D 174 -48.55 -28.42 47.35
C ALA D 174 -48.07 -28.19 48.80
N LYS D 175 -48.90 -27.52 49.63
CA LYS D 175 -48.63 -27.34 51.06
C LYS D 175 -49.24 -28.44 51.92
N GLU D 176 -50.25 -29.16 51.40
CA GLU D 176 -50.87 -30.30 52.07
C GLU D 176 -50.02 -31.57 51.90
N ARG D 177 -48.86 -31.59 52.57
CA ARG D 177 -47.81 -32.58 52.27
C ARG D 177 -48.01 -33.92 52.98
N GLU D 178 -48.94 -33.98 53.96
CA GLU D 178 -49.06 -35.09 54.91
C GLU D 178 -49.88 -36.29 54.39
N PRO D 179 -51.11 -36.13 53.84
CA PRO D 179 -51.92 -37.29 53.43
C PRO D 179 -51.36 -37.93 52.16
N VAL D 180 -50.93 -39.19 52.26
CA VAL D 180 -50.18 -39.84 51.20
C VAL D 180 -50.99 -39.98 49.90
N GLU D 181 -52.29 -40.28 49.99
CA GLU D 181 -53.16 -40.43 48.81
C GLU D 181 -53.25 -39.11 48.04
N LEU D 182 -53.31 -38.00 48.79
CA LEU D 182 -53.26 -36.67 48.22
C LEU D 182 -51.87 -36.40 47.63
N ALA D 183 -50.81 -36.59 48.43
CA ALA D 183 -49.42 -36.36 48.05
C ALA D 183 -49.08 -37.05 46.72
N ARG D 184 -49.40 -38.34 46.58
CA ARG D 184 -49.20 -39.09 45.35
C ARG D 184 -49.81 -38.37 44.15
N SER D 185 -51.08 -38.00 44.30
CA SER D 185 -51.86 -37.38 43.24
C SER D 185 -51.30 -36.00 42.88
N VAL D 186 -50.98 -35.19 43.90
CA VAL D 186 -50.44 -33.85 43.75
C VAL D 186 -49.05 -33.90 43.10
N ALA D 187 -48.19 -34.82 43.55
CA ALA D 187 -46.89 -35.03 42.93
C ALA D 187 -47.04 -35.36 41.44
N GLY D 188 -47.97 -36.25 41.08
CA GLY D 188 -48.24 -36.58 39.69
C GLY D 188 -48.74 -35.37 38.89
N ILE D 189 -49.62 -34.57 39.51
CA ILE D 189 -50.10 -33.31 38.93
C ILE D 189 -48.92 -32.37 38.65
N LEU D 190 -48.08 -32.15 39.67
CA LEU D 190 -46.91 -31.28 39.55
C LEU D 190 -45.97 -31.79 38.46
N GLU D 191 -45.65 -33.08 38.47
CA GLU D 191 -44.91 -33.73 37.40
C GLU D 191 -45.44 -33.33 36.03
N HIS D 192 -46.75 -33.51 35.79
CA HIS D 192 -47.36 -33.19 34.51
C HIS D 192 -47.27 -31.70 34.20
N MET D 193 -47.48 -30.86 35.21
CA MET D 193 -47.44 -29.42 35.02
C MET D 193 -46.03 -28.91 34.71
N PHE D 194 -44.99 -29.49 35.32
CA PHE D 194 -43.61 -29.19 34.96
C PHE D 194 -43.32 -29.53 33.51
N LYS D 195 -44.12 -30.37 32.86
CA LYS D 195 -43.92 -30.72 31.46
C LYS D 195 -44.52 -29.66 30.52
N HIS D 196 -45.18 -28.62 31.05
CA HIS D 196 -46.03 -27.75 30.24
C HIS D 196 -45.21 -26.74 29.41
N SER D 197 -44.52 -25.83 30.11
CA SER D 197 -43.80 -24.72 29.50
C SER D 197 -42.79 -24.11 30.48
N GLU D 198 -41.89 -23.30 29.93
CA GLU D 198 -40.87 -22.62 30.73
C GLU D 198 -41.51 -21.73 31.79
N GLU D 199 -42.54 -20.96 31.38
CA GLU D 199 -43.26 -20.06 32.25
C GLU D 199 -43.90 -20.84 33.40
N THR D 200 -44.58 -21.93 33.08
CA THR D 200 -45.22 -22.75 34.09
C THR D 200 -44.21 -23.24 35.11
N CYS D 201 -43.04 -23.70 34.64
CA CYS D 201 -41.97 -24.13 35.53
C CYS D 201 -41.52 -22.99 36.42
N GLN D 202 -41.32 -21.79 35.86
CA GLN D 202 -40.90 -20.62 36.61
C GLN D 202 -41.88 -20.37 37.75
N ARG D 203 -43.20 -20.42 37.45
CA ARG D 203 -44.24 -20.16 38.43
C ARG D 203 -44.20 -21.22 39.53
N LEU D 204 -44.12 -22.51 39.14
CA LEU D 204 -44.06 -23.63 40.08
C LEU D 204 -42.82 -23.61 40.96
N VAL D 205 -41.69 -23.04 40.49
CA VAL D 205 -40.42 -23.05 41.20
C VAL D 205 -40.32 -21.81 42.11
N ALA D 206 -40.90 -20.67 41.68
CA ALA D 206 -40.91 -19.44 42.45
C ALA D 206 -41.75 -19.60 43.72
N ALA D 207 -42.93 -20.21 43.59
CA ALA D 207 -43.75 -20.62 44.71
C ALA D 207 -43.38 -22.03 45.19
N GLY D 208 -44.20 -22.62 46.06
CA GLY D 208 -43.82 -23.83 46.78
C GLY D 208 -43.84 -25.15 46.00
N GLY D 209 -44.07 -25.11 44.68
CA GLY D 209 -44.24 -26.30 43.85
C GLY D 209 -43.00 -27.21 43.83
N LEU D 210 -41.81 -26.63 43.59
CA LEU D 210 -40.59 -27.42 43.62
C LEU D 210 -40.29 -27.93 45.04
N ASP D 211 -40.54 -27.10 46.06
CA ASP D 211 -40.29 -27.46 47.44
C ASP D 211 -41.10 -28.69 47.88
N ALA D 212 -42.30 -28.87 47.32
CA ALA D 212 -43.13 -30.03 47.59
C ALA D 212 -42.46 -31.34 47.14
N VAL D 213 -42.00 -31.41 45.89
CA VAL D 213 -41.36 -32.62 45.38
C VAL D 213 -40.02 -32.87 46.08
N LEU D 214 -39.25 -31.81 46.36
CA LEU D 214 -38.00 -31.97 47.08
C LEU D 214 -38.22 -32.44 48.52
N TYR D 215 -39.29 -31.96 49.17
CA TYR D 215 -39.67 -32.50 50.47
C TYR D 215 -40.06 -33.98 50.35
N TRP D 216 -40.98 -34.29 49.45
CA TRP D 216 -41.48 -35.65 49.27
C TRP D 216 -40.40 -36.69 48.89
N CYS D 217 -39.25 -36.26 48.38
CA CYS D 217 -38.11 -37.16 48.20
C CYS D 217 -37.61 -37.81 49.49
N ARG D 218 -37.99 -37.28 50.67
CA ARG D 218 -37.61 -37.86 51.96
C ARG D 218 -38.63 -38.90 52.46
N ARG D 219 -39.74 -39.12 51.74
CA ARG D 219 -40.75 -40.12 52.03
C ARG D 219 -40.36 -41.49 51.47
N THR D 220 -41.14 -42.53 51.81
CA THR D 220 -40.84 -43.92 51.46
C THR D 220 -41.76 -44.45 50.34
N ASP D 221 -42.85 -43.75 50.04
CA ASP D 221 -43.91 -44.30 49.21
C ASP D 221 -43.49 -44.47 47.74
N PRO D 222 -43.60 -45.68 47.12
CA PRO D 222 -43.19 -45.90 45.73
C PRO D 222 -43.77 -44.95 44.68
N ALA D 223 -45.10 -44.79 44.69
CA ALA D 223 -45.79 -43.98 43.70
C ALA D 223 -45.38 -42.51 43.82
N LEU D 224 -45.34 -42.02 45.07
CA LEU D 224 -44.89 -40.66 45.37
C LEU D 224 -43.47 -40.42 44.84
N LEU D 225 -42.54 -41.32 45.16
CA LEU D 225 -41.15 -41.18 44.74
C LEU D 225 -41.02 -41.24 43.22
N ARG D 226 -41.76 -42.14 42.56
CA ARG D 226 -41.75 -42.22 41.09
C ARG D 226 -42.17 -40.88 40.48
N HIS D 227 -43.26 -40.30 40.98
CA HIS D 227 -43.68 -38.98 40.55
C HIS D 227 -42.63 -37.91 40.86
N CYS D 228 -41.97 -37.96 42.03
CA CYS D 228 -40.92 -37.00 42.35
C CYS D 228 -39.76 -37.05 41.35
N ALA D 229 -39.29 -38.26 41.02
CA ALA D 229 -38.23 -38.45 40.05
C ALA D 229 -38.64 -37.84 38.70
N LEU D 230 -39.83 -38.21 38.23
CA LEU D 230 -40.32 -37.70 36.95
C LEU D 230 -40.55 -36.18 36.99
N ALA D 231 -41.00 -35.64 38.13
CA ALA D 231 -41.19 -34.21 38.27
C ALA D 231 -39.87 -33.45 38.11
N LEU D 232 -38.84 -33.86 38.86
CA LEU D 232 -37.55 -33.21 38.81
C LEU D 232 -36.92 -33.36 37.42
N GLY D 233 -37.05 -34.51 36.80
CA GLY D 233 -36.62 -34.67 35.42
C GLY D 233 -37.36 -33.76 34.44
N ASN D 234 -38.70 -33.75 34.52
CA ASN D 234 -39.54 -32.92 33.65
C ASN D 234 -39.19 -31.44 33.83
N CYS D 235 -39.02 -31.00 35.09
CA CYS D 235 -38.63 -29.65 35.42
C CYS D 235 -37.29 -29.29 34.78
N ALA D 236 -36.25 -30.10 34.96
CA ALA D 236 -34.95 -29.88 34.34
C ALA D 236 -35.01 -29.84 32.82
N LEU D 237 -35.84 -30.66 32.17
CA LEU D 237 -35.94 -30.72 30.72
C LEU D 237 -36.74 -29.58 30.09
N HIS D 238 -37.61 -28.89 30.84
CA HIS D 238 -38.53 -27.90 30.28
C HIS D 238 -38.37 -26.50 30.86
N GLY D 239 -37.83 -26.37 32.08
CA GLY D 239 -37.80 -25.14 32.85
C GLY D 239 -36.77 -24.11 32.40
N GLY D 240 -35.89 -24.51 31.46
CA GLY D 240 -34.86 -23.65 30.91
C GLY D 240 -33.81 -23.22 31.94
N GLN D 241 -32.93 -22.31 31.51
CA GLN D 241 -31.68 -21.97 32.18
C GLN D 241 -31.93 -21.49 33.61
N ALA D 242 -32.98 -20.68 33.77
CA ALA D 242 -33.30 -20.01 35.01
C ALA D 242 -33.67 -21.00 36.10
N VAL D 243 -34.58 -21.95 35.82
CA VAL D 243 -35.01 -22.87 36.86
C VAL D 243 -33.97 -23.95 37.14
N GLN D 244 -33.20 -24.39 36.12
CA GLN D 244 -32.14 -25.36 36.37
C GLN D 244 -31.22 -24.87 37.47
N ARG D 245 -30.86 -23.58 37.39
CA ARG D 245 -29.99 -22.92 38.36
C ARG D 245 -30.65 -22.92 39.74
N ARG D 246 -31.96 -22.66 39.81
CA ARG D 246 -32.73 -22.73 41.06
C ARG D 246 -32.80 -24.13 41.64
N MET D 247 -33.02 -25.15 40.80
CA MET D 247 -33.07 -26.53 41.26
C MET D 247 -31.78 -26.92 41.98
N VAL D 248 -30.64 -26.59 41.37
CA VAL D 248 -29.35 -26.95 41.92
C VAL D 248 -29.07 -26.16 43.19
N GLU D 249 -29.45 -24.86 43.21
CA GLU D 249 -29.35 -24.03 44.41
C GLU D 249 -30.20 -24.59 45.55
N LYS D 250 -31.38 -25.14 45.23
CA LYS D 250 -32.27 -25.86 46.14
C LYS D 250 -31.80 -27.29 46.46
N ARG D 251 -30.58 -27.66 46.05
CA ARG D 251 -29.96 -28.94 46.38
C ARG D 251 -30.70 -30.15 45.80
N ALA D 252 -31.29 -30.00 44.61
CA ALA D 252 -32.04 -31.05 43.94
C ALA D 252 -31.17 -32.28 43.60
N ALA D 253 -29.88 -32.03 43.30
CA ALA D 253 -28.95 -33.10 42.93
C ALA D 253 -28.73 -34.07 44.09
N GLU D 254 -28.57 -33.51 45.31
CA GLU D 254 -28.52 -34.30 46.53
C GLU D 254 -29.83 -35.06 46.74
N TRP D 255 -30.97 -34.39 46.62
CA TRP D 255 -32.25 -35.03 46.89
C TRP D 255 -32.62 -36.09 45.85
N LEU D 256 -31.98 -36.09 44.68
CA LEU D 256 -32.11 -37.19 43.74
C LEU D 256 -31.30 -38.42 44.16
N PHE D 257 -30.32 -38.27 45.06
CA PHE D 257 -29.43 -39.35 45.45
C PHE D 257 -30.20 -40.57 45.96
N PRO D 258 -31.10 -40.47 46.97
CA PRO D 258 -31.79 -41.64 47.52
C PRO D 258 -32.66 -42.35 46.50
N LEU D 259 -33.15 -41.61 45.50
CA LEU D 259 -34.00 -42.17 44.45
C LEU D 259 -33.13 -42.95 43.44
N ALA D 260 -31.96 -42.40 43.09
CA ALA D 260 -30.97 -43.09 42.27
C ALA D 260 -30.37 -44.31 42.98
N PHE D 261 -30.13 -44.20 44.29
CA PHE D 261 -29.57 -45.26 45.15
C PHE D 261 -30.66 -46.23 45.65
N SER D 262 -31.89 -46.13 45.14
CA SER D 262 -32.98 -47.04 45.51
C SER D 262 -32.68 -48.46 45.03
N LYS D 263 -33.42 -49.44 45.57
CA LYS D 263 -33.14 -50.86 45.37
C LYS D 263 -34.26 -51.56 44.57
N GLU D 264 -35.50 -51.37 45.03
CA GLU D 264 -36.67 -52.13 44.59
C GLU D 264 -37.08 -51.84 43.15
N ASP D 265 -36.80 -50.62 42.65
CA ASP D 265 -37.37 -50.16 41.38
C ASP D 265 -36.31 -49.56 40.47
N GLU D 266 -35.96 -50.32 39.42
CA GLU D 266 -35.03 -49.89 38.37
C GLU D 266 -35.45 -48.57 37.74
N LEU D 267 -36.77 -48.37 37.54
CA LEU D 267 -37.25 -47.16 36.90
C LEU D 267 -37.19 -45.94 37.83
N LEU D 268 -37.33 -46.12 39.14
CA LEU D 268 -37.08 -45.02 40.07
C LEU D 268 -35.62 -44.57 39.97
N ARG D 269 -34.68 -45.51 39.92
CA ARG D 269 -33.26 -45.20 39.72
C ARG D 269 -33.04 -44.52 38.37
N LEU D 270 -33.65 -45.03 37.31
CA LEU D 270 -33.42 -44.59 35.94
C LEU D 270 -33.97 -43.17 35.72
N HIS D 271 -35.12 -42.86 36.29
CA HIS D 271 -35.69 -41.53 36.19
C HIS D 271 -34.87 -40.54 37.01
N ALA D 272 -34.43 -40.93 38.21
CA ALA D 272 -33.58 -40.07 39.02
C ALA D 272 -32.25 -39.77 38.32
N CYS D 273 -31.67 -40.76 37.67
CA CYS D 273 -30.44 -40.59 36.91
C CYS D 273 -30.63 -39.67 35.72
N LEU D 274 -31.76 -39.76 34.99
CA LEU D 274 -32.03 -38.83 33.90
C LEU D 274 -32.03 -37.37 34.37
N ALA D 275 -32.66 -37.13 35.52
CA ALA D 275 -32.70 -35.81 36.10
C ALA D 275 -31.29 -35.23 36.28
N VAL D 276 -30.39 -35.95 36.97
CA VAL D 276 -29.05 -35.43 37.23
C VAL D 276 -28.22 -35.32 35.95
N ALA D 277 -28.45 -36.20 34.98
CA ALA D 277 -27.76 -36.15 33.70
C ALA D 277 -28.12 -34.89 32.92
N VAL D 278 -29.41 -34.56 32.89
CA VAL D 278 -29.89 -33.33 32.26
C VAL D 278 -29.31 -32.11 32.98
N LEU D 279 -29.33 -32.07 34.32
CA LEU D 279 -28.70 -30.99 35.07
C LEU D 279 -27.20 -30.85 34.80
N ALA D 280 -26.47 -31.96 34.71
CA ALA D 280 -25.03 -31.93 34.47
C ALA D 280 -24.69 -31.45 33.05
N THR D 281 -25.66 -31.49 32.13
CA THR D 281 -25.47 -31.00 30.77
C THR D 281 -25.40 -29.45 30.73
N ASN D 282 -25.89 -28.78 31.77
CA ASN D 282 -25.81 -27.34 31.94
C ASN D 282 -24.46 -27.02 32.57
N LYS D 283 -23.60 -26.26 31.85
CA LYS D 283 -22.20 -26.05 32.20
C LYS D 283 -22.02 -25.25 33.48
N GLU D 284 -22.95 -24.34 33.76
CA GLU D 284 -22.84 -23.49 34.92
C GLU D 284 -23.03 -24.29 36.21
N VAL D 285 -24.01 -25.19 36.22
CA VAL D 285 -24.35 -25.93 37.43
C VAL D 285 -23.57 -27.24 37.57
N GLU D 286 -22.84 -27.65 36.51
CA GLU D 286 -22.12 -28.92 36.41
C GLU D 286 -21.32 -29.21 37.67
N ARG D 287 -20.54 -28.25 38.14
CA ARG D 287 -19.64 -28.42 39.27
C ARG D 287 -20.37 -28.77 40.57
N GLU D 288 -21.56 -28.21 40.79
CA GLU D 288 -22.35 -28.52 41.96
C GLU D 288 -23.04 -29.87 41.87
N VAL D 289 -23.54 -30.25 40.68
CA VAL D 289 -24.15 -31.57 40.54
C VAL D 289 -23.11 -32.70 40.60
N GLU D 290 -21.85 -32.41 40.25
CA GLU D 290 -20.74 -33.29 40.59
C GLU D 290 -20.59 -33.40 42.10
N ARG D 291 -20.60 -32.26 42.78
CA ARG D 291 -20.37 -32.20 44.21
C ARG D 291 -21.36 -33.07 44.99
N SER D 292 -22.58 -33.25 44.47
CA SER D 292 -23.60 -34.06 45.13
C SER D 292 -23.23 -35.55 45.16
N GLY D 293 -22.38 -35.98 44.22
CA GLY D 293 -21.99 -37.38 44.13
C GLY D 293 -22.98 -38.25 43.36
N THR D 294 -24.13 -37.70 43.02
CA THR D 294 -25.21 -38.48 42.41
C THR D 294 -24.87 -38.94 41.00
N LEU D 295 -23.99 -38.21 40.30
CA LEU D 295 -23.57 -38.60 38.98
C LEU D 295 -22.81 -39.93 38.97
N ALA D 296 -22.09 -40.27 40.05
CA ALA D 296 -21.34 -41.51 40.17
C ALA D 296 -22.25 -42.75 40.05
N LEU D 297 -23.55 -42.59 40.29
CA LEU D 297 -24.51 -43.68 40.20
C LEU D 297 -24.96 -43.95 38.75
N VAL D 298 -24.75 -43.01 37.82
CA VAL D 298 -25.43 -43.05 36.53
C VAL D 298 -24.90 -44.17 35.65
N GLU D 299 -23.57 -44.21 35.41
CA GLU D 299 -23.01 -45.23 34.52
C GLU D 299 -23.24 -46.66 35.05
N PRO D 300 -22.93 -46.97 36.33
CA PRO D 300 -23.20 -48.28 36.91
C PRO D 300 -24.63 -48.74 36.72
N LEU D 301 -25.62 -47.85 36.89
CA LEU D 301 -27.01 -48.16 36.61
C LEU D 301 -27.23 -48.46 35.12
N VAL D 302 -26.81 -47.55 34.25
CA VAL D 302 -27.07 -47.67 32.82
C VAL D 302 -26.46 -48.96 32.27
N ALA D 303 -25.31 -49.38 32.81
CA ALA D 303 -24.65 -50.62 32.43
C ALA D 303 -25.45 -51.86 32.85
N SER D 304 -26.23 -51.75 33.93
CA SER D 304 -27.02 -52.83 34.53
C SER D 304 -28.28 -53.18 33.71
N LEU D 305 -28.99 -52.16 33.19
CA LEU D 305 -30.30 -52.32 32.56
C LEU D 305 -30.21 -52.78 31.10
N ASP D 306 -31.38 -53.12 30.53
CA ASP D 306 -31.52 -53.52 29.13
C ASP D 306 -32.49 -52.59 28.39
N PRO D 307 -32.05 -51.86 27.33
CA PRO D 307 -32.95 -51.05 26.50
C PRO D 307 -34.13 -51.78 25.87
N GLY D 308 -33.98 -53.09 25.63
CA GLY D 308 -35.04 -53.89 25.02
C GLY D 308 -36.29 -54.03 25.89
N ARG D 309 -36.16 -53.80 27.20
CA ARG D 309 -37.23 -53.98 28.18
C ARG D 309 -38.53 -53.27 27.78
N PHE D 310 -38.43 -51.99 27.44
CA PHE D 310 -39.58 -51.16 27.11
C PHE D 310 -40.35 -51.70 25.90
N ALA D 311 -39.62 -52.10 24.85
CA ALA D 311 -40.20 -52.65 23.63
C ALA D 311 -40.86 -54.03 23.83
N ARG D 312 -40.67 -54.68 24.99
CA ARG D 312 -41.39 -55.91 25.36
C ARG D 312 -42.41 -55.71 26.49
N CYS D 313 -42.38 -54.54 27.17
CA CYS D 313 -43.50 -54.06 27.98
C CYS D 313 -44.66 -53.64 27.07
N LEU D 314 -44.33 -52.91 25.99
CA LEU D 314 -45.15 -52.75 24.81
C LEU D 314 -45.43 -54.12 24.16
N VAL D 315 -46.63 -54.31 23.59
CA VAL D 315 -46.95 -55.52 22.81
C VAL D 315 -46.65 -55.32 21.32
N ASP D 316 -46.97 -56.34 20.51
CA ASP D 316 -46.74 -56.33 19.06
C ASP D 316 -47.75 -55.48 18.30
N ALA D 317 -47.65 -55.51 16.96
CA ALA D 317 -48.44 -54.69 16.04
C ALA D 317 -48.26 -53.19 16.31
N SER D 318 -49.36 -52.42 16.28
CA SER D 318 -49.32 -50.97 16.36
C SER D 318 -49.64 -50.44 17.76
N ASP D 319 -49.32 -51.22 18.81
CA ASP D 319 -49.38 -50.77 20.20
C ASP D 319 -48.66 -49.42 20.35
N THR D 320 -49.40 -48.42 20.86
CA THR D 320 -48.92 -47.05 21.07
C THR D 320 -48.96 -46.66 22.55
N SER D 321 -49.10 -47.65 23.46
CA SER D 321 -49.17 -47.44 24.90
C SER D 321 -47.85 -46.93 25.50
N GLN D 322 -46.74 -47.09 24.76
CA GLN D 322 -45.44 -46.50 25.09
C GLN D 322 -44.80 -45.89 23.83
N GLY D 323 -43.88 -44.94 24.06
CA GLY D 323 -43.10 -44.28 23.01
C GLY D 323 -43.23 -42.76 23.03
N ARG D 324 -42.09 -42.08 23.20
CA ARG D 324 -41.99 -40.62 23.19
C ARG D 324 -42.31 -40.03 21.82
N GLY D 325 -42.98 -38.87 21.82
CA GLY D 325 -43.18 -38.09 20.60
C GLY D 325 -41.93 -37.31 20.22
N PRO D 326 -41.86 -36.71 19.01
CA PRO D 326 -40.67 -35.97 18.54
C PRO D 326 -40.11 -34.92 19.50
N ASP D 327 -40.96 -34.14 20.18
CA ASP D 327 -40.52 -33.16 21.16
C ASP D 327 -39.75 -33.85 22.30
N ASP D 328 -40.34 -34.90 22.86
CA ASP D 328 -39.77 -35.63 24.00
C ASP D 328 -38.47 -36.36 23.62
N LEU D 329 -38.36 -36.79 22.35
CA LEU D 329 -37.13 -37.38 21.84
C LEU D 329 -36.08 -36.29 21.64
N GLN D 330 -36.45 -35.15 21.04
CA GLN D 330 -35.51 -34.12 20.65
C GLN D 330 -34.69 -33.64 21.85
N ARG D 331 -35.30 -33.63 23.05
CA ARG D 331 -34.66 -33.21 24.28
C ARG D 331 -33.57 -34.16 24.77
N LEU D 332 -33.60 -35.43 24.33
CA LEU D 332 -32.57 -36.39 24.68
C LEU D 332 -31.30 -36.19 23.86
N VAL D 333 -31.41 -35.80 22.58
CA VAL D 333 -30.26 -35.69 21.69
C VAL D 333 -29.13 -34.83 22.27
N PRO D 334 -29.34 -33.61 22.82
CA PRO D 334 -28.25 -32.88 23.47
C PRO D 334 -27.54 -33.60 24.62
N LEU D 335 -28.16 -34.65 25.19
CA LEU D 335 -27.42 -35.48 26.13
C LEU D 335 -26.32 -36.28 25.43
N LEU D 336 -26.59 -36.80 24.23
CA LEU D 336 -25.55 -37.43 23.41
C LEU D 336 -24.45 -36.43 23.07
N ASP D 337 -24.83 -35.20 22.74
CA ASP D 337 -23.88 -34.21 22.28
C ASP D 337 -23.06 -33.62 23.42
N SER D 338 -23.43 -33.89 24.67
CA SER D 338 -22.74 -33.34 25.84
C SER D 338 -21.34 -33.93 26.04
N ASN D 339 -20.53 -33.24 26.85
CA ASN D 339 -19.20 -33.70 27.20
C ASN D 339 -19.26 -34.68 28.37
N ARG D 340 -20.38 -34.74 29.10
CA ARG D 340 -20.48 -35.62 30.26
C ARG D 340 -20.62 -37.08 29.80
N LEU D 341 -19.75 -37.93 30.33
CA LEU D 341 -19.91 -39.35 30.11
C LEU D 341 -21.29 -39.82 30.57
N GLU D 342 -21.75 -39.37 31.74
CA GLU D 342 -23.00 -39.83 32.34
C GLU D 342 -24.18 -39.49 31.45
N ALA D 343 -24.25 -38.24 31.01
CA ALA D 343 -25.31 -37.81 30.11
C ALA D 343 -25.28 -38.54 28.75
N GLN D 344 -24.08 -38.81 28.21
CA GLN D 344 -23.97 -39.58 26.98
C GLN D 344 -24.45 -41.00 27.18
N CYS D 345 -24.15 -41.62 28.32
CA CYS D 345 -24.60 -42.97 28.62
C CYS D 345 -26.11 -43.03 28.71
N ILE D 346 -26.72 -42.20 29.58
CA ILE D 346 -28.16 -42.25 29.79
C ILE D 346 -28.96 -41.77 28.58
N GLY D 347 -28.44 -40.79 27.87
CA GLY D 347 -29.02 -40.41 26.58
C GLY D 347 -29.01 -41.53 25.56
N ALA D 348 -27.91 -42.26 25.45
CA ALA D 348 -27.82 -43.41 24.57
C ALA D 348 -28.75 -44.52 25.06
N PHE D 349 -28.89 -44.70 26.37
CA PHE D 349 -29.83 -45.68 26.92
C PHE D 349 -31.26 -45.40 26.48
N TYR D 350 -31.78 -44.20 26.81
CA TYR D 350 -33.14 -43.80 26.48
C TYR D 350 -33.40 -43.83 24.98
N LEU D 351 -32.45 -43.37 24.19
CA LEU D 351 -32.63 -43.31 22.76
C LEU D 351 -32.55 -44.69 22.12
N CYS D 352 -31.83 -45.62 22.75
CA CYS D 352 -31.81 -47.01 22.32
C CYS D 352 -33.14 -47.71 22.64
N ALA D 353 -33.68 -47.47 23.84
CA ALA D 353 -35.01 -47.96 24.20
C ALA D 353 -36.07 -47.49 23.18
N GLU D 354 -36.04 -46.20 22.85
CA GLU D 354 -36.91 -45.63 21.83
C GLU D 354 -36.67 -46.23 20.46
N ALA D 355 -35.42 -46.49 20.08
CA ALA D 355 -35.12 -47.13 18.80
C ALA D 355 -35.78 -48.50 18.72
N ALA D 356 -35.77 -49.27 19.82
CA ALA D 356 -36.45 -50.56 19.87
C ALA D 356 -37.96 -50.40 19.64
N ILE D 357 -38.60 -49.49 20.41
CA ILE D 357 -40.02 -49.20 20.31
C ILE D 357 -40.41 -48.76 18.89
N LYS D 358 -39.71 -47.76 18.36
CA LYS D 358 -40.00 -47.15 17.07
C LYS D 358 -39.77 -48.12 15.91
N SER D 359 -38.72 -48.94 15.97
CA SER D 359 -38.46 -49.93 14.93
C SER D 359 -39.54 -51.01 14.90
N LEU D 360 -40.02 -51.44 16.08
CA LEU D 360 -41.16 -52.33 16.19
C LEU D 360 -42.40 -51.70 15.53
N GLN D 361 -42.68 -50.43 15.85
CA GLN D 361 -43.81 -49.68 15.32
C GLN D 361 -43.65 -49.29 13.85
N GLY D 362 -42.46 -49.44 13.26
CA GLY D 362 -42.17 -49.03 11.88
C GLY D 362 -42.02 -47.51 11.70
N LYS D 363 -41.73 -46.78 12.79
CA LYS D 363 -41.71 -45.32 12.83
C LYS D 363 -40.28 -44.78 12.94
N THR D 364 -39.34 -45.36 12.17
CA THR D 364 -37.91 -45.06 12.32
C THR D 364 -37.51 -43.71 11.73
N LYS D 365 -38.38 -43.08 10.91
CA LYS D 365 -38.08 -41.83 10.20
C LYS D 365 -37.61 -40.73 11.14
N VAL D 366 -38.23 -40.64 12.33
CA VAL D 366 -38.06 -39.58 13.31
C VAL D 366 -36.59 -39.33 13.66
N PHE D 367 -35.80 -40.39 13.89
CA PHE D 367 -34.41 -40.25 14.31
C PHE D 367 -33.54 -39.51 13.29
N SER D 368 -33.91 -39.58 12.01
CA SER D 368 -33.09 -39.05 10.93
C SER D 368 -33.14 -37.51 10.88
N ASP D 369 -34.23 -36.90 11.38
CA ASP D 369 -34.46 -35.45 11.33
C ASP D 369 -34.48 -34.80 12.71
N ILE D 370 -34.70 -35.58 13.77
CA ILE D 370 -34.26 -35.23 15.12
C ILE D 370 -32.74 -35.05 15.20
N GLY D 371 -32.00 -35.61 14.22
CA GLY D 371 -30.55 -35.53 14.13
C GLY D 371 -29.83 -36.51 15.06
N ALA D 372 -30.55 -37.56 15.52
CA ALA D 372 -30.00 -38.58 16.42
C ALA D 372 -28.92 -39.41 15.73
N ILE D 373 -29.08 -39.69 14.43
CA ILE D 373 -28.25 -40.67 13.73
C ILE D 373 -26.78 -40.24 13.73
N GLN D 374 -26.47 -39.05 13.20
CA GLN D 374 -25.09 -38.55 13.21
C GLN D 374 -24.52 -38.47 14.64
N SER D 375 -25.36 -38.16 15.63
CA SER D 375 -24.91 -38.05 16.99
C SER D 375 -24.52 -39.42 17.57
N LEU D 376 -25.32 -40.45 17.30
CA LEU D 376 -24.97 -41.80 17.70
C LEU D 376 -23.71 -42.28 16.96
N LYS D 377 -23.61 -42.06 15.65
CA LYS D 377 -22.40 -42.40 14.90
C LYS D 377 -21.17 -41.74 15.49
N ARG D 378 -21.30 -40.49 15.92
CA ARG D 378 -20.22 -39.79 16.60
C ARG D 378 -19.85 -40.43 17.94
N LEU D 379 -20.83 -40.87 18.74
CA LEU D 379 -20.51 -41.56 20.00
C LEU D 379 -19.69 -42.81 19.72
N VAL D 380 -20.06 -43.60 18.71
CA VAL D 380 -19.34 -44.82 18.41
C VAL D 380 -17.93 -44.48 17.94
N SER D 381 -17.81 -43.50 17.04
CA SER D 381 -16.56 -43.15 16.40
C SER D 381 -15.50 -42.78 17.42
N TYR D 382 -15.79 -41.84 18.31
CA TYR D 382 -14.78 -41.33 19.24
C TYR D 382 -14.94 -41.93 20.64
N SER D 383 -15.53 -43.14 20.70
CA SER D 383 -15.81 -43.83 21.96
C SER D 383 -14.53 -44.16 22.71
N THR D 384 -14.57 -43.99 24.03
CA THR D 384 -13.53 -44.45 24.94
C THR D 384 -14.13 -45.13 26.17
N ASN D 385 -15.32 -45.72 25.95
CA ASN D 385 -16.15 -46.27 27.01
C ASN D 385 -17.09 -47.32 26.44
N GLY D 386 -17.07 -48.51 27.04
CA GLY D 386 -17.80 -49.67 26.54
C GLY D 386 -19.32 -49.49 26.66
N THR D 387 -19.78 -49.03 27.83
CA THR D 387 -21.21 -48.95 28.14
C THR D 387 -21.91 -48.06 27.13
N LYS D 388 -21.37 -46.86 26.93
CA LYS D 388 -21.83 -45.92 25.93
C LYS D 388 -21.82 -46.53 24.53
N SER D 389 -20.74 -47.23 24.15
CA SER D 389 -20.53 -47.76 22.80
C SER D 389 -21.55 -48.85 22.49
N ALA D 390 -21.78 -49.75 23.45
CA ALA D 390 -22.72 -50.85 23.31
C ALA D 390 -24.10 -50.30 22.97
N LEU D 391 -24.57 -49.35 23.80
CA LEU D 391 -25.87 -48.73 23.63
C LEU D 391 -26.00 -48.03 22.27
N ALA D 392 -25.00 -47.25 21.88
CA ALA D 392 -25.03 -46.52 20.63
C ALA D 392 -25.02 -47.44 19.39
N LYS D 393 -24.20 -48.49 19.41
CA LYS D 393 -24.15 -49.46 18.33
C LYS D 393 -25.46 -50.21 18.25
N ARG D 394 -26.00 -50.64 19.40
CA ARG D 394 -27.28 -51.34 19.46
C ARG D 394 -28.41 -50.49 18.89
N ALA D 395 -28.43 -49.22 19.26
CA ALA D 395 -29.37 -48.25 18.73
C ALA D 395 -29.28 -48.16 17.20
N LEU D 396 -28.08 -47.93 16.65
CA LEU D 396 -27.89 -47.86 15.21
C LEU D 396 -28.35 -49.12 14.48
N ARG D 397 -28.09 -50.31 15.05
CA ARG D 397 -28.54 -51.57 14.49
C ARG D 397 -30.07 -51.69 14.50
N LEU D 398 -30.72 -51.32 15.62
CA LEU D 398 -32.17 -51.32 15.69
C LEU D 398 -32.79 -50.41 14.63
N LEU D 399 -32.14 -49.26 14.36
CA LEU D 399 -32.57 -48.32 13.34
C LEU D 399 -32.14 -48.73 11.92
N GLY D 400 -31.46 -49.87 11.77
CA GLY D 400 -31.04 -50.39 10.48
C GLY D 400 -29.96 -49.56 9.78
N GLU D 401 -29.23 -48.74 10.54
CA GLU D 401 -28.09 -48.00 10.01
C GLU D 401 -26.82 -48.87 10.00
N GLU D 402 -25.91 -48.56 9.07
CA GLU D 402 -24.56 -49.11 9.13
C GLU D 402 -23.79 -48.51 10.32
N VAL D 403 -23.00 -49.34 11.00
CA VAL D 403 -22.34 -48.97 12.25
C VAL D 403 -20.88 -48.66 11.98
N PRO D 404 -20.35 -47.50 12.42
CA PRO D 404 -18.96 -47.16 12.14
C PRO D 404 -18.00 -47.95 13.01
N ARG D 405 -16.83 -48.29 12.46
CA ARG D 405 -15.71 -48.82 13.24
C ARG D 405 -15.15 -47.71 14.15
N PRO D 406 -14.83 -47.97 15.43
CA PRO D 406 -14.20 -46.93 16.26
C PRO D 406 -12.85 -46.61 15.61
N ILE D 407 -12.51 -45.32 15.53
CA ILE D 407 -11.41 -44.86 14.70
C ILE D 407 -10.07 -44.96 15.45
N LEU D 408 -8.96 -45.27 14.75
CA LEU D 408 -7.65 -45.43 15.40
C LEU D 408 -7.15 -44.11 15.98
N PRO D 409 -6.83 -43.97 17.28
CA PRO D 409 -6.44 -42.68 17.82
C PRO D 409 -5.11 -42.09 17.35
N SER D 410 -4.19 -42.90 16.80
CA SER D 410 -2.87 -42.42 16.46
C SER D 410 -2.88 -41.72 15.10
N VAL D 411 -3.51 -40.54 15.04
CA VAL D 411 -3.79 -39.83 13.82
C VAL D 411 -2.51 -39.55 13.05
N PRO D 412 -1.41 -39.17 13.67
CA PRO D 412 -0.20 -38.88 12.93
C PRO D 412 0.32 -40.04 12.10
N SER D 413 0.00 -41.27 12.52
CA SER D 413 0.40 -42.49 11.80
C SER D 413 -0.62 -42.98 10.77
N TRP D 414 -1.74 -42.31 10.57
CA TRP D 414 -2.73 -42.78 9.63
C TRP D 414 -2.17 -42.75 8.23
N LYS D 415 -2.57 -43.72 7.40
CA LYS D 415 -2.32 -43.65 5.98
C LYS D 415 -3.60 -43.20 5.27
N GLU D 416 -3.57 -43.20 3.93
CA GLU D 416 -4.72 -42.83 3.13
C GLU D 416 -6.00 -43.57 3.50
N ALA D 417 -5.90 -44.87 3.75
CA ALA D 417 -7.11 -45.64 4.03
C ALA D 417 -7.82 -45.21 5.33
N GLU D 418 -7.07 -44.79 6.35
CA GLU D 418 -7.72 -44.31 7.56
C GLU D 418 -8.41 -42.99 7.28
N VAL D 419 -7.76 -42.10 6.52
CA VAL D 419 -8.38 -40.84 6.20
C VAL D 419 -9.67 -41.10 5.44
N GLN D 420 -9.65 -41.95 4.42
CA GLN D 420 -10.88 -42.28 3.75
C GLN D 420 -11.94 -42.83 4.70
N THR D 421 -11.57 -43.64 5.68
CA THR D 421 -12.53 -44.17 6.63
C THR D 421 -13.14 -43.04 7.45
N TRP D 422 -12.31 -42.16 8.00
CA TRP D 422 -12.78 -41.11 8.87
C TRP D 422 -13.69 -40.15 8.13
N LEU D 423 -13.34 -39.77 6.90
CA LEU D 423 -14.20 -38.93 6.10
C LEU D 423 -15.61 -39.52 5.91
N GLN D 424 -15.72 -40.84 5.75
CA GLN D 424 -17.01 -41.47 5.62
C GLN D 424 -17.81 -41.43 6.92
N GLN D 425 -17.16 -41.57 8.06
CA GLN D 425 -17.87 -41.50 9.32
C GLN D 425 -18.40 -40.11 9.62
N ILE D 426 -17.63 -39.07 9.38
CA ILE D 426 -18.04 -37.71 9.71
C ILE D 426 -18.92 -37.13 8.61
N GLY D 427 -19.29 -37.96 7.61
CA GLY D 427 -20.28 -37.57 6.62
C GLY D 427 -19.73 -36.62 5.55
N PHE D 428 -18.41 -36.61 5.37
CA PHE D 428 -17.80 -35.89 4.27
C PHE D 428 -17.51 -36.81 3.07
N SER D 429 -18.28 -37.89 2.90
CA SER D 429 -17.99 -38.89 1.87
C SER D 429 -17.96 -38.31 0.45
N LYS D 430 -18.60 -37.17 0.23
CA LYS D 430 -18.55 -36.48 -1.04
C LYS D 430 -17.12 -36.07 -1.40
N TYR D 431 -16.25 -35.88 -0.40
CA TYR D 431 -14.89 -35.41 -0.61
C TYR D 431 -13.88 -36.54 -0.66
N CYS D 432 -14.28 -37.79 -0.41
CA CYS D 432 -13.36 -38.92 -0.37
C CYS D 432 -12.49 -39.00 -1.60
N GLU D 433 -13.08 -38.81 -2.77
CA GLU D 433 -12.33 -38.87 -4.02
C GLU D 433 -11.20 -37.84 -4.05
N SER D 434 -11.48 -36.58 -3.69
CA SER D 434 -10.43 -35.57 -3.69
C SER D 434 -9.34 -35.95 -2.71
N PHE D 435 -9.69 -36.34 -1.49
CA PHE D 435 -8.67 -36.65 -0.52
C PHE D 435 -7.84 -37.86 -0.95
N ARG D 436 -8.44 -38.79 -1.72
CA ARG D 436 -7.74 -39.96 -2.25
C ARG D 436 -6.78 -39.54 -3.35
N GLU D 437 -7.27 -38.78 -4.32
CA GLU D 437 -6.46 -38.31 -5.43
C GLU D 437 -5.30 -37.44 -4.96
N GLN D 438 -5.50 -36.53 -4.02
CA GLN D 438 -4.43 -35.74 -3.48
C GLN D 438 -3.59 -36.53 -2.45
N GLN D 439 -3.93 -37.78 -2.18
CA GLN D 439 -3.18 -38.63 -1.25
C GLN D 439 -3.00 -38.04 0.15
N VAL D 440 -4.08 -37.54 0.75
CA VAL D 440 -3.96 -37.00 2.09
C VAL D 440 -3.85 -38.18 3.04
N ASP D 441 -2.91 -38.06 3.98
CA ASP D 441 -2.70 -39.05 5.02
C ASP D 441 -2.72 -38.35 6.37
N GLY D 442 -2.41 -39.07 7.44
CA GLY D 442 -2.61 -38.49 8.75
C GLY D 442 -1.85 -37.20 9.02
N ASP D 443 -0.59 -37.12 8.60
CA ASP D 443 0.20 -35.93 8.81
C ASP D 443 -0.34 -34.77 7.99
N LEU D 444 -0.75 -35.03 6.75
CA LEU D 444 -1.30 -33.97 5.94
C LEU D 444 -2.65 -33.50 6.46
N LEU D 445 -3.50 -34.44 6.89
CA LEU D 445 -4.81 -34.12 7.42
C LEU D 445 -4.65 -33.22 8.63
N LEU D 446 -3.80 -33.55 9.59
CA LEU D 446 -3.63 -32.76 10.80
C LEU D 446 -3.11 -31.36 10.51
N ARG D 447 -2.63 -31.11 9.30
CA ARG D 447 -2.02 -29.83 8.96
C ARG D 447 -2.77 -29.07 7.86
N LEU D 448 -3.98 -29.52 7.43
CA LEU D 448 -4.71 -28.86 6.37
C LEU D 448 -5.04 -27.44 6.77
N THR D 449 -4.69 -26.53 5.87
CA THR D 449 -5.04 -25.13 6.03
C THR D 449 -6.33 -24.87 5.26
N GLU D 450 -6.97 -23.72 5.51
CA GLU D 450 -8.16 -23.37 4.74
C GLU D 450 -7.91 -23.25 3.23
N GLU D 451 -6.74 -22.73 2.87
CA GLU D 451 -6.32 -22.56 1.48
C GLU D 451 -6.28 -23.90 0.71
N GLU D 452 -5.69 -24.93 1.33
CA GLU D 452 -5.58 -26.22 0.67
C GLU D 452 -6.95 -26.83 0.51
N LEU D 453 -7.74 -26.71 1.58
CA LEU D 453 -9.06 -27.31 1.64
C LEU D 453 -9.93 -26.72 0.56
N GLN D 454 -9.86 -25.40 0.38
CA GLN D 454 -10.59 -24.70 -0.68
C GLN D 454 -10.12 -25.06 -2.08
N THR D 455 -8.80 -24.93 -2.28
CA THR D 455 -8.24 -24.94 -3.63
C THR D 455 -7.93 -26.33 -4.19
N ASP D 456 -7.33 -27.20 -3.36
CA ASP D 456 -6.77 -28.48 -3.78
C ASP D 456 -7.79 -29.60 -3.61
N LEU D 457 -8.58 -29.54 -2.54
CA LEU D 457 -9.53 -30.60 -2.27
C LEU D 457 -10.93 -30.27 -2.79
N GLY D 458 -11.17 -29.01 -3.18
CA GLY D 458 -12.42 -28.70 -3.86
C GLY D 458 -13.59 -28.29 -2.95
N MET D 459 -13.27 -27.92 -1.71
CA MET D 459 -14.29 -27.59 -0.75
C MET D 459 -14.56 -26.08 -0.83
N LYS D 460 -15.41 -25.71 -1.80
CA LYS D 460 -15.63 -24.33 -2.23
C LYS D 460 -16.31 -23.49 -1.16
N SER D 461 -17.36 -24.05 -0.54
CA SER D 461 -18.22 -23.36 0.41
C SER D 461 -17.48 -23.06 1.71
N GLY D 462 -17.47 -21.82 2.14
CA GLY D 462 -16.86 -21.45 3.41
C GLY D 462 -17.56 -22.07 4.59
N ILE D 463 -18.88 -22.27 4.48
CA ILE D 463 -19.61 -22.90 5.56
C ILE D 463 -19.17 -24.36 5.61
N THR D 464 -19.03 -25.02 4.45
CA THR D 464 -18.62 -26.41 4.48
C THR D 464 -17.23 -26.54 5.08
N ARG D 465 -16.29 -25.66 4.73
CA ARG D 465 -15.00 -25.69 5.37
C ARG D 465 -15.13 -25.49 6.88
N LYS D 466 -16.03 -24.64 7.35
CA LYS D 466 -16.22 -24.39 8.76
C LYS D 466 -16.71 -25.68 9.41
N ARG D 467 -17.54 -26.48 8.74
CA ARG D 467 -17.98 -27.73 9.34
C ARG D 467 -16.83 -28.73 9.34
N PHE D 468 -16.04 -28.77 8.27
CA PHE D 468 -14.89 -29.67 8.22
C PHE D 468 -13.95 -29.36 9.37
N PHE D 469 -13.56 -28.12 9.57
CA PHE D 469 -12.68 -27.83 10.67
C PHE D 469 -13.28 -28.15 12.03
N ARG D 470 -14.59 -28.08 12.15
CA ARG D 470 -15.27 -28.42 13.39
C ARG D 470 -15.04 -29.90 13.68
N GLU D 471 -15.16 -30.77 12.64
CA GLU D 471 -14.92 -32.19 12.73
C GLU D 471 -13.46 -32.47 13.04
N LEU D 472 -12.58 -31.86 12.24
CA LEU D 472 -11.17 -32.06 12.37
C LEU D 472 -10.70 -31.66 13.76
N THR D 473 -11.34 -30.66 14.36
CA THR D 473 -10.89 -30.24 15.69
C THR D 473 -11.27 -31.26 16.73
N GLU D 474 -12.37 -31.97 16.55
CA GLU D 474 -12.68 -33.03 17.48
C GLU D 474 -11.64 -34.15 17.32
N LEU D 475 -11.31 -34.56 16.09
CA LEU D 475 -10.26 -35.55 15.87
C LEU D 475 -8.95 -35.10 16.48
N LYS D 476 -8.47 -33.90 16.17
CA LYS D 476 -7.25 -33.43 16.79
C LYS D 476 -7.29 -33.53 18.31
N THR D 477 -8.44 -33.33 18.94
CA THR D 477 -8.55 -33.31 20.39
C THR D 477 -8.55 -34.73 20.91
N PHE D 478 -9.07 -35.68 20.16
CA PHE D 478 -9.16 -37.09 20.54
C PHE D 478 -7.82 -37.79 20.41
N ALA D 479 -7.00 -37.34 19.45
CA ALA D 479 -5.84 -38.07 18.96
C ALA D 479 -4.77 -38.33 20.01
N ASN D 480 -3.99 -39.37 19.70
CA ASN D 480 -2.83 -39.82 20.45
C ASN D 480 -1.58 -39.31 19.76
N TYR D 481 -0.74 -38.55 20.46
CA TYR D 481 0.42 -37.96 19.82
C TYR D 481 1.76 -38.56 20.30
N SER D 482 1.77 -39.83 20.76
CA SER D 482 2.93 -40.48 21.34
C SER D 482 4.13 -40.53 20.40
N THR D 483 3.86 -40.60 19.10
CA THR D 483 4.92 -40.67 18.12
C THR D 483 5.56 -39.32 17.81
N CYS D 484 5.08 -38.23 18.43
CA CYS D 484 5.38 -36.86 18.02
C CYS D 484 5.85 -36.06 19.22
N ASP D 485 5.11 -36.20 20.31
CA ASP D 485 5.22 -35.30 21.43
C ASP D 485 6.12 -35.94 22.49
N ARG D 486 7.41 -35.61 22.48
CA ARG D 486 8.35 -36.08 23.49
C ARG D 486 8.04 -35.51 24.88
N SER D 487 7.50 -34.29 24.93
CA SER D 487 7.47 -33.50 26.15
C SER D 487 6.08 -33.47 26.80
N ASN D 488 5.13 -34.22 26.21
CA ASN D 488 3.75 -34.27 26.64
C ASN D 488 3.19 -32.85 26.69
N LEU D 489 3.43 -32.13 25.60
CA LEU D 489 2.89 -30.81 25.40
C LEU D 489 1.38 -30.87 25.22
N ALA D 490 0.84 -31.99 24.74
CA ALA D 490 -0.60 -32.17 24.67
C ALA D 490 -1.24 -31.97 26.05
N ASP D 491 -0.72 -32.59 27.10
CA ASP D 491 -1.32 -32.44 28.41
C ASP D 491 -1.12 -31.05 28.96
N TRP D 492 -0.03 -30.40 28.57
CA TRP D 492 0.18 -29.03 29.05
C TRP D 492 -0.90 -28.13 28.47
N LEU D 493 -1.11 -28.23 27.15
CA LEU D 493 -2.15 -27.48 26.48
C LEU D 493 -3.50 -27.80 27.11
N GLY D 494 -3.81 -29.08 27.25
CA GLY D 494 -5.09 -29.48 27.79
C GLY D 494 -5.31 -29.04 29.24
N SER D 495 -4.24 -28.85 30.00
CA SER D 495 -4.35 -28.37 31.37
C SER D 495 -4.70 -26.89 31.43
N LEU D 496 -4.39 -26.08 30.40
CA LEU D 496 -4.90 -24.72 30.36
C LEU D 496 -6.38 -24.78 30.07
N ASP D 497 -6.69 -25.44 28.96
CA ASP D 497 -8.04 -25.44 28.43
C ASP D 497 -8.24 -26.65 27.54
N PRO D 498 -9.25 -27.51 27.79
CA PRO D 498 -9.46 -28.69 26.98
C PRO D 498 -9.45 -28.46 25.49
N ARG D 499 -9.88 -27.27 25.07
CA ARG D 499 -9.94 -26.97 23.65
C ARG D 499 -8.60 -26.50 23.08
N PHE D 500 -7.57 -26.36 23.90
CA PHE D 500 -6.25 -26.07 23.39
C PHE D 500 -5.52 -27.34 22.95
N ARG D 501 -5.94 -28.51 23.43
CA ARG D 501 -5.20 -29.70 23.13
C ARG D 501 -5.12 -29.93 21.63
N GLN D 502 -6.06 -29.38 20.85
CA GLN D 502 -6.06 -29.59 19.41
C GLN D 502 -4.84 -28.93 18.75
N TYR D 503 -4.15 -28.00 19.42
CA TYR D 503 -3.01 -27.34 18.81
C TYR D 503 -1.72 -28.14 18.99
N THR D 504 -1.75 -29.29 19.67
CA THR D 504 -0.56 -30.08 19.88
C THR D 504 0.24 -30.32 18.61
N TYR D 505 -0.38 -30.86 17.55
CA TYR D 505 0.46 -31.25 16.43
C TYR D 505 1.04 -30.04 15.72
N GLY D 506 0.36 -28.90 15.72
CA GLY D 506 0.99 -27.70 15.20
C GLY D 506 2.23 -27.29 15.97
N LEU D 507 2.18 -27.31 17.29
CA LEU D 507 3.33 -26.96 18.09
C LEU D 507 4.49 -27.94 17.85
N VAL D 508 4.22 -29.24 18.00
CA VAL D 508 5.30 -30.18 17.96
C VAL D 508 5.87 -30.35 16.57
N SER D 509 5.05 -30.21 15.56
CA SER D 509 5.52 -30.25 14.19
C SER D 509 6.50 -29.10 13.87
N CYS D 510 6.35 -27.92 14.43
CA CYS D 510 7.37 -26.89 14.39
C CYS D 510 8.57 -27.20 15.26
N GLY D 511 8.53 -28.23 16.09
CA GLY D 511 9.67 -28.52 16.93
C GLY D 511 9.68 -27.84 18.29
N LEU D 512 8.61 -27.16 18.68
CA LEU D 512 8.52 -26.67 20.05
C LEU D 512 8.32 -27.82 21.03
N ASP D 513 8.56 -27.50 22.28
CA ASP D 513 8.42 -28.45 23.38
C ASP D 513 8.36 -27.64 24.68
N ARG D 514 8.06 -28.30 25.80
CA ARG D 514 7.83 -27.57 27.04
C ARG D 514 8.97 -26.65 27.41
N SER D 515 10.21 -27.08 27.14
CA SER D 515 11.37 -26.29 27.51
C SER D 515 11.49 -25.05 26.63
N LEU D 516 11.23 -25.21 25.34
CA LEU D 516 11.37 -24.15 24.37
C LEU D 516 10.22 -23.16 24.46
N LEU D 517 9.04 -23.55 24.94
CA LEU D 517 7.83 -22.80 24.66
C LEU D 517 7.88 -21.39 25.22
N HIS D 518 8.60 -21.21 26.33
CA HIS D 518 8.77 -19.90 26.97
C HIS D 518 9.34 -18.81 26.05
N ARG D 519 9.99 -19.21 24.97
CA ARG D 519 10.64 -18.32 24.03
C ARG D 519 9.78 -18.05 22.80
N VAL D 520 8.62 -18.71 22.66
CA VAL D 520 7.84 -18.60 21.43
C VAL D 520 7.25 -17.19 21.38
N SER D 521 6.88 -16.71 20.19
CA SER D 521 6.31 -15.38 20.06
C SER D 521 4.92 -15.45 19.43
N GLU D 522 4.12 -14.40 19.59
CA GLU D 522 2.76 -14.50 19.09
C GLU D 522 2.75 -14.78 17.58
N GLN D 523 3.68 -14.17 16.86
CA GLN D 523 3.75 -14.37 15.43
C GLN D 523 4.08 -15.82 15.10
N GLN D 524 5.02 -16.43 15.79
CA GLN D 524 5.27 -17.84 15.58
C GLN D 524 4.05 -18.72 15.90
N LEU D 525 3.26 -18.46 16.95
CA LEU D 525 2.09 -19.27 17.20
C LEU D 525 1.09 -19.12 16.07
N LEU D 526 0.97 -17.91 15.50
CA LEU D 526 0.07 -17.68 14.38
C LEU D 526 0.57 -18.37 13.12
N GLU D 527 1.80 -18.04 12.71
CA GLU D 527 2.33 -18.36 11.39
C GLU D 527 2.85 -19.78 11.31
N ASP D 528 3.64 -20.20 12.30
CA ASP D 528 4.25 -21.51 12.25
C ASP D 528 3.27 -22.56 12.74
N CYS D 529 2.75 -22.35 13.95
CA CYS D 529 1.93 -23.35 14.61
C CYS D 529 0.45 -23.35 14.19
N GLY D 530 -0.02 -22.30 13.52
CA GLY D 530 -1.35 -22.30 12.95
C GLY D 530 -2.48 -22.03 13.95
N ILE D 531 -2.20 -21.39 15.09
CA ILE D 531 -3.26 -21.04 16.02
C ILE D 531 -3.89 -19.72 15.55
N HIS D 532 -5.04 -19.83 14.88
CA HIS D 532 -5.69 -18.67 14.26
C HIS D 532 -6.36 -17.70 15.25
N LEU D 533 -7.03 -18.20 16.30
CA LEU D 533 -7.69 -17.32 17.25
C LEU D 533 -6.70 -16.57 18.15
N GLY D 534 -6.81 -15.25 18.16
CA GLY D 534 -5.95 -14.41 18.98
C GLY D 534 -6.09 -14.69 20.48
N VAL D 535 -7.32 -14.92 20.94
CA VAL D 535 -7.47 -15.17 22.36
C VAL D 535 -6.71 -16.43 22.79
N HIS D 536 -6.72 -17.46 21.91
CA HIS D 536 -6.01 -18.68 22.23
C HIS D 536 -4.51 -18.44 22.23
N ARG D 537 -4.00 -17.74 21.20
CA ARG D 537 -2.60 -17.37 21.15
C ARG D 537 -2.20 -16.68 22.43
N ALA D 538 -2.94 -15.66 22.84
CA ALA D 538 -2.58 -14.90 24.01
C ALA D 538 -2.56 -15.74 25.28
N ARG D 539 -3.50 -16.66 25.46
CA ARG D 539 -3.51 -17.46 26.67
C ARG D 539 -2.38 -18.46 26.71
N ILE D 540 -2.11 -19.12 25.58
CA ILE D 540 -1.02 -20.08 25.49
C ILE D 540 0.26 -19.34 25.79
N LEU D 541 0.45 -18.20 25.14
CA LEU D 541 1.66 -17.43 25.25
C LEU D 541 1.89 -16.96 26.69
N THR D 542 0.84 -16.46 27.34
CA THR D 542 0.89 -16.05 28.74
C THR D 542 1.32 -17.19 29.64
N ALA D 543 0.68 -18.35 29.52
CA ALA D 543 1.01 -19.47 30.36
C ALA D 543 2.44 -19.92 30.10
N ALA D 544 2.90 -19.83 28.86
CA ALA D 544 4.26 -20.19 28.53
C ALA D 544 5.26 -19.27 29.24
N ARG D 545 5.01 -17.97 29.34
CA ARG D 545 5.88 -17.11 30.13
C ARG D 545 5.86 -17.53 31.61
N GLU D 546 4.68 -17.73 32.20
CA GLU D 546 4.55 -18.09 33.60
C GLU D 546 5.24 -19.42 33.93
N MET D 547 5.29 -20.32 32.96
CA MET D 547 5.92 -21.63 33.12
C MET D 547 7.43 -21.54 33.39
N LEU D 548 8.08 -20.41 33.09
CA LEU D 548 9.54 -20.29 32.99
C LEU D 548 10.29 -20.75 34.26
N HIS D 549 9.64 -20.70 35.43
CA HIS D 549 10.19 -21.23 36.68
C HIS D 549 10.54 -22.73 36.63
N SER D 550 10.00 -23.47 35.65
CA SER D 550 10.26 -24.89 35.44
C SER D 550 11.40 -25.13 34.43
N PRO D 551 11.45 -24.48 33.23
CA PRO D 551 12.64 -24.47 32.37
C PRO D 551 13.94 -23.87 32.94
N LEU D 552 13.85 -22.92 33.89
CA LEU D 552 15.04 -22.27 34.45
C LEU D 552 15.99 -23.26 35.17
N PRO D 553 15.52 -24.11 36.11
CA PRO D 553 16.34 -25.20 36.67
C PRO D 553 17.02 -26.13 35.64
N GLY E 58 -78.62 -2.90 -4.27
CA GLY E 58 -77.59 -2.53 -3.27
C GLY E 58 -78.19 -1.77 -2.09
N ALA E 59 -77.85 -2.22 -0.87
CA ALA E 59 -78.41 -1.71 0.39
C ALA E 59 -78.13 -0.21 0.60
N GLY E 60 -77.07 0.33 -0.04
CA GLY E 60 -76.72 1.74 -0.02
C GLY E 60 -77.89 2.66 -0.41
N THR E 61 -78.78 2.17 -1.29
CA THR E 61 -80.00 2.89 -1.68
C THR E 61 -80.89 3.17 -0.46
N GLU E 62 -81.07 2.17 0.40
CA GLU E 62 -81.87 2.30 1.62
C GLU E 62 -81.27 3.32 2.58
N VAL E 63 -79.94 3.46 2.59
CA VAL E 63 -79.25 4.50 3.34
C VAL E 63 -79.60 5.89 2.80
N GLN E 64 -79.71 6.02 1.47
CA GLN E 64 -80.18 7.25 0.86
C GLN E 64 -81.61 7.55 1.25
N ASP E 65 -82.48 6.52 1.31
CA ASP E 65 -83.85 6.67 1.79
C ASP E 65 -83.90 7.13 3.26
N ALA E 66 -83.05 6.53 4.11
CA ALA E 66 -82.92 6.91 5.52
C ALA E 66 -82.47 8.37 5.66
N LEU E 67 -81.49 8.78 4.84
CA LEU E 67 -81.04 10.16 4.78
C LEU E 67 -82.15 11.09 4.29
N GLU E 68 -82.87 10.70 3.22
CA GLU E 68 -83.96 11.50 2.65
C GLU E 68 -85.14 11.64 3.63
N ARG E 69 -85.27 10.73 4.60
CA ARG E 69 -86.17 10.90 5.73
C ARG E 69 -85.58 11.86 6.77
N ALA E 70 -84.37 11.56 7.27
CA ALA E 70 -83.77 12.23 8.43
C ALA E 70 -83.38 13.69 8.13
N LEU E 71 -82.93 13.95 6.89
CA LEU E 71 -82.39 15.25 6.49
C LEU E 71 -83.44 16.38 6.57
N PRO E 72 -84.66 16.26 5.98
CA PRO E 72 -85.67 17.31 6.15
C PRO E 72 -86.10 17.52 7.59
N GLU E 73 -86.18 16.45 8.40
CA GLU E 73 -86.44 16.58 9.83
C GLU E 73 -85.34 17.43 10.51
N LEU E 74 -84.08 17.13 10.16
CA LEU E 74 -82.93 17.89 10.62
C LEU E 74 -82.97 19.35 10.15
N GLN E 75 -83.33 19.60 8.88
CA GLN E 75 -83.50 20.95 8.36
C GLN E 75 -84.52 21.75 9.17
N GLN E 76 -85.66 21.11 9.49
CA GLN E 76 -86.68 21.73 10.34
C GLN E 76 -86.11 22.06 11.71
N ALA E 77 -85.52 21.07 12.39
CA ALA E 77 -84.97 21.23 13.72
C ALA E 77 -83.86 22.30 13.78
N LEU E 78 -82.98 22.32 12.76
CA LEU E 78 -81.94 23.34 12.61
C LEU E 78 -82.55 24.72 12.36
N SER E 79 -83.53 24.83 11.45
CA SER E 79 -84.20 26.09 11.18
C SER E 79 -84.82 26.65 12.47
N ALA E 80 -85.34 25.75 13.32
CA ALA E 80 -85.89 26.05 14.65
C ALA E 80 -84.80 26.36 15.70
N LEU E 81 -83.53 26.50 15.26
CA LEU E 81 -82.43 27.05 16.06
C LEU E 81 -81.81 28.30 15.43
N LYS E 82 -82.11 28.60 14.17
CA LYS E 82 -81.56 29.77 13.47
C LYS E 82 -82.10 31.08 14.04
N GLN E 83 -83.36 31.07 14.53
CA GLN E 83 -83.97 32.16 15.28
C GLN E 83 -83.46 32.18 16.73
N ALA E 84 -83.23 33.40 17.28
CA ALA E 84 -82.82 33.57 18.67
C ALA E 84 -84.03 33.45 19.61
N GLY E 85 -84.61 32.24 19.70
CA GLY E 85 -85.91 32.01 20.32
C GLY E 85 -85.90 32.07 21.86
N GLY E 86 -84.73 32.21 22.48
CA GLY E 86 -84.60 32.19 23.94
C GLY E 86 -84.45 30.77 24.49
N ALA E 87 -84.13 30.67 25.79
CA ALA E 87 -83.63 29.45 26.43
C ALA E 87 -84.54 28.23 26.20
N ARG E 88 -85.86 28.42 26.32
CA ARG E 88 -86.86 27.36 26.18
C ARG E 88 -86.90 26.81 24.75
N ALA E 89 -86.97 27.73 23.76
CA ALA E 89 -87.06 27.39 22.35
C ALA E 89 -85.78 26.70 21.86
N VAL E 90 -84.61 27.27 22.19
CA VAL E 90 -83.33 26.70 21.77
C VAL E 90 -83.06 25.37 22.49
N GLY E 91 -83.45 25.24 23.76
CA GLY E 91 -83.40 23.97 24.48
C GLY E 91 -84.13 22.85 23.73
N ALA E 92 -85.37 23.14 23.32
CA ALA E 92 -86.18 22.23 22.53
C ALA E 92 -85.54 21.92 21.17
N GLY E 93 -85.13 22.95 20.42
CA GLY E 93 -84.50 22.78 19.11
C GLY E 93 -83.22 21.92 19.17
N LEU E 94 -82.39 22.16 20.20
CA LEU E 94 -81.19 21.38 20.46
C LEU E 94 -81.55 19.92 20.78
N ALA E 95 -82.55 19.71 21.64
CA ALA E 95 -83.03 18.37 21.96
C ALA E 95 -83.54 17.62 20.71
N GLU E 96 -84.19 18.33 19.77
CA GLU E 96 -84.67 17.75 18.52
C GLU E 96 -83.51 17.25 17.65
N VAL E 97 -82.52 18.10 17.39
CA VAL E 97 -81.36 17.69 16.59
C VAL E 97 -80.53 16.62 17.30
N PHE E 98 -80.41 16.72 18.64
CA PHE E 98 -79.74 15.72 19.46
C PHE E 98 -80.43 14.36 19.30
N GLN E 99 -81.76 14.31 19.47
CA GLN E 99 -82.57 13.13 19.20
C GLN E 99 -82.33 12.58 17.79
N LEU E 100 -82.42 13.43 16.76
CA LEU E 100 -82.24 13.01 15.38
C LEU E 100 -80.88 12.33 15.15
N VAL E 101 -79.80 12.91 15.69
CA VAL E 101 -78.47 12.36 15.45
C VAL E 101 -78.16 11.15 16.34
N GLU E 102 -78.65 11.15 17.58
CA GLU E 102 -78.57 9.95 18.43
C GLU E 102 -79.28 8.78 17.76
N GLU E 103 -80.52 9.01 17.29
CA GLU E 103 -81.29 8.02 16.54
C GLU E 103 -80.50 7.54 15.31
N ALA E 104 -79.87 8.46 14.58
CA ALA E 104 -79.05 8.14 13.42
C ALA E 104 -77.87 7.22 13.77
N TRP E 105 -77.12 7.52 14.85
CA TRP E 105 -76.05 6.64 15.34
C TRP E 105 -76.56 5.25 15.70
N LEU E 106 -77.77 5.20 16.30
CA LEU E 106 -78.35 3.97 16.83
C LEU E 106 -78.92 3.02 15.75
N LEU E 107 -79.08 3.46 14.48
CA LEU E 107 -79.66 2.64 13.43
C LEU E 107 -78.81 1.39 13.14
N PRO E 108 -79.38 0.16 13.21
CA PRO E 108 -78.68 -1.05 12.74
C PRO E 108 -78.38 -1.05 11.24
N ALA E 109 -79.22 -0.34 10.46
CA ALA E 109 -79.05 -0.13 9.03
C ALA E 109 -77.96 0.91 8.78
N VAL E 110 -76.71 0.54 9.13
CA VAL E 110 -75.48 1.30 8.92
C VAL E 110 -75.60 2.76 9.37
N GLY E 111 -76.10 2.93 10.62
CA GLY E 111 -76.38 4.22 11.25
C GLY E 111 -75.24 5.24 11.12
N ARG E 112 -73.99 4.76 11.16
CA ARG E 112 -72.80 5.59 11.02
C ARG E 112 -72.81 6.44 9.75
N GLU E 113 -73.30 5.88 8.63
CA GLU E 113 -73.36 6.60 7.37
C GLU E 113 -74.42 7.69 7.41
N VAL E 114 -75.60 7.36 7.94
CA VAL E 114 -76.71 8.29 8.10
C VAL E 114 -76.27 9.45 9.00
N ALA E 115 -75.73 9.12 10.18
CA ALA E 115 -75.29 10.07 11.17
C ALA E 115 -74.15 10.95 10.67
N GLN E 116 -73.20 10.38 9.90
CA GLN E 116 -72.17 11.16 9.22
C GLN E 116 -72.81 12.18 8.27
N GLY E 117 -73.80 11.74 7.47
CA GLY E 117 -74.59 12.64 6.62
C GLY E 117 -75.28 13.77 7.39
N LEU E 118 -75.80 13.47 8.59
CA LEU E 118 -76.38 14.49 9.46
C LEU E 118 -75.30 15.45 9.98
N CYS E 119 -74.14 14.91 10.39
CA CYS E 119 -73.01 15.71 10.86
C CYS E 119 -72.47 16.62 9.76
N ASP E 120 -72.47 16.13 8.51
CA ASP E 120 -72.16 16.90 7.31
C ASP E 120 -73.17 18.03 7.10
N ALA E 121 -74.47 17.70 7.15
CA ALA E 121 -75.54 18.68 7.04
C ALA E 121 -75.40 19.79 8.09
N ILE E 122 -75.13 19.43 9.35
CA ILE E 122 -74.92 20.38 10.44
C ILE E 122 -73.68 21.24 10.17
N ARG E 123 -72.63 20.69 9.56
CA ARG E 123 -71.43 21.46 9.20
C ARG E 123 -71.73 22.43 8.06
N LEU E 124 -72.50 21.99 7.05
CA LEU E 124 -72.76 22.75 5.83
C LEU E 124 -73.75 23.89 6.08
N ASP E 125 -74.83 23.61 6.82
CA ASP E 125 -75.92 24.56 7.05
C ASP E 125 -75.94 25.01 8.51
N GLY E 126 -75.79 26.33 8.76
CA GLY E 126 -75.68 26.86 10.11
C GLY E 126 -74.30 26.62 10.71
N GLY E 127 -73.72 25.45 10.43
CA GLY E 127 -72.38 25.10 10.87
C GLY E 127 -72.31 24.69 12.34
N LEU E 128 -71.08 24.40 12.79
CA LEU E 128 -70.79 24.30 14.22
C LEU E 128 -70.84 25.67 14.89
N ASP E 129 -70.94 26.76 14.11
CA ASP E 129 -70.83 28.12 14.62
C ASP E 129 -71.94 28.46 15.61
N LEU E 130 -73.20 28.19 15.24
CA LEU E 130 -74.31 28.45 16.16
C LEU E 130 -74.24 27.56 17.40
N LEU E 131 -73.71 26.34 17.26
CA LEU E 131 -73.44 25.48 18.41
C LEU E 131 -72.40 26.13 19.32
N LEU E 132 -71.28 26.61 18.75
CA LEU E 132 -70.21 27.25 19.48
C LEU E 132 -70.65 28.57 20.15
N ARG E 133 -71.63 29.26 19.58
CA ARG E 133 -72.25 30.42 20.21
C ARG E 133 -73.14 29.99 21.38
N LEU E 134 -74.02 29.00 21.17
CA LEU E 134 -74.86 28.46 22.23
C LEU E 134 -74.00 27.88 23.37
N LEU E 135 -72.86 27.28 23.02
CA LEU E 135 -71.91 26.66 23.94
C LEU E 135 -71.33 27.66 24.95
N GLN E 136 -71.50 28.97 24.70
CA GLN E 136 -71.01 30.03 25.59
C GLN E 136 -72.10 31.03 25.98
N ALA E 137 -73.37 30.76 25.62
CA ALA E 137 -74.53 31.48 26.14
C ALA E 137 -74.64 31.26 27.66
N PRO E 138 -75.12 32.25 28.45
CA PRO E 138 -75.08 32.15 29.91
C PRO E 138 -75.90 31.02 30.55
N GLU E 139 -77.09 30.72 29.99
CA GLU E 139 -78.00 29.72 30.55
C GLU E 139 -77.43 28.30 30.45
N LEU E 140 -77.25 27.65 31.61
CA LEU E 140 -76.66 26.32 31.72
C LEU E 140 -77.34 25.31 30.82
N GLU E 141 -78.68 25.32 30.75
CA GLU E 141 -79.47 24.40 29.93
C GLU E 141 -79.02 24.43 28.47
N THR E 142 -78.81 25.65 27.94
CA THR E 142 -78.44 25.86 26.55
C THR E 142 -77.02 25.31 26.30
N ARG E 143 -76.09 25.57 27.23
CA ARG E 143 -74.73 25.07 27.15
C ARG E 143 -74.70 23.55 27.20
N VAL E 144 -75.44 22.97 28.15
CA VAL E 144 -75.56 21.52 28.29
C VAL E 144 -76.10 20.91 26.99
N GLN E 145 -77.22 21.42 26.47
CA GLN E 145 -77.82 20.90 25.26
C GLN E 145 -76.91 21.05 24.04
N ALA E 146 -76.19 22.18 23.95
CA ALA E 146 -75.20 22.42 22.90
C ALA E 146 -74.05 21.41 22.99
N ALA E 147 -73.49 21.25 24.19
CA ALA E 147 -72.39 20.33 24.46
C ALA E 147 -72.79 18.89 24.15
N ARG E 148 -73.98 18.48 24.60
CA ARG E 148 -74.58 17.18 24.33
C ARG E 148 -74.60 16.89 22.82
N LEU E 149 -75.12 17.85 22.05
CA LEU E 149 -75.20 17.74 20.61
C LEU E 149 -73.80 17.66 19.98
N LEU E 150 -72.92 18.60 20.36
CA LEU E 150 -71.59 18.69 19.78
C LEU E 150 -70.80 17.40 19.99
N GLU E 151 -70.81 16.88 21.23
CA GLU E 151 -70.18 15.62 21.59
C GLU E 151 -70.63 14.45 20.68
N GLN E 152 -71.87 14.49 20.18
CA GLN E 152 -72.37 13.44 19.31
C GLN E 152 -72.04 13.66 17.83
N ILE E 153 -71.38 14.76 17.45
CA ILE E 153 -71.23 15.07 16.02
C ILE E 153 -69.78 15.40 15.62
N LEU E 154 -68.81 15.20 16.50
CA LEU E 154 -67.40 15.44 16.19
C LEU E 154 -66.78 14.33 15.32
N VAL E 155 -67.44 14.06 14.18
CA VAL E 155 -66.87 13.39 13.02
C VAL E 155 -65.60 14.12 12.58
N ALA E 156 -64.72 13.46 11.82
CA ALA E 156 -63.43 13.98 11.38
C ALA E 156 -63.50 15.42 10.85
N GLU E 157 -64.35 15.72 9.85
CA GLU E 157 -64.45 17.06 9.27
C GLU E 157 -64.94 18.10 10.27
N ASN E 158 -65.79 17.65 11.21
CA ASN E 158 -66.33 18.51 12.25
C ASN E 158 -65.25 18.87 13.27
N ARG E 159 -64.40 17.88 13.64
CA ARG E 159 -63.18 18.13 14.41
C ARG E 159 -62.29 19.09 13.65
N ASP E 160 -62.15 18.89 12.35
CA ASP E 160 -61.29 19.69 11.50
C ASP E 160 -61.72 21.17 11.50
N ARG E 161 -63.05 21.42 11.50
CA ARG E 161 -63.61 22.75 11.64
C ARG E 161 -63.34 23.35 13.02
N VAL E 162 -63.74 22.67 14.10
CA VAL E 162 -63.61 23.27 15.43
C VAL E 162 -62.15 23.38 15.89
N ALA E 163 -61.23 22.64 15.24
CA ALA E 163 -59.80 22.79 15.46
C ALA E 163 -59.29 24.17 15.03
N ARG E 164 -59.96 24.80 14.04
CA ARG E 164 -59.55 26.07 13.43
C ARG E 164 -60.48 27.23 13.80
N ILE E 165 -61.77 26.95 14.06
CA ILE E 165 -62.72 27.93 14.56
C ILE E 165 -63.06 27.62 16.02
N GLY E 166 -62.86 28.61 16.90
CA GLY E 166 -63.41 28.61 18.25
C GLY E 166 -62.99 27.45 19.16
N LEU E 167 -61.84 26.81 18.93
CA LEU E 167 -61.31 25.82 19.87
C LEU E 167 -61.19 26.41 21.28
N GLY E 168 -60.82 27.71 21.38
CA GLY E 168 -60.77 28.46 22.62
C GLY E 168 -62.07 28.44 23.45
N VAL E 169 -63.22 28.26 22.79
CA VAL E 169 -64.51 28.14 23.46
C VAL E 169 -64.56 26.83 24.26
N ILE E 170 -64.12 25.73 23.64
CA ILE E 170 -64.06 24.43 24.28
C ILE E 170 -63.14 24.49 25.50
N LEU E 171 -61.97 25.13 25.35
CA LEU E 171 -61.05 25.30 26.48
C LEU E 171 -61.60 26.26 27.54
N ASN E 172 -62.51 27.16 27.17
CA ASN E 172 -63.23 27.97 28.14
C ASN E 172 -64.16 27.09 28.99
N LEU E 173 -64.95 26.23 28.33
CA LEU E 173 -65.81 25.26 29.01
C LEU E 173 -65.01 24.27 29.88
N ALA E 174 -63.77 23.96 29.51
CA ALA E 174 -62.91 23.07 30.29
C ALA E 174 -62.65 23.59 31.71
N LYS E 175 -63.01 24.86 32.01
CA LYS E 175 -62.93 25.43 33.35
C LYS E 175 -64.23 25.27 34.14
N GLU E 176 -65.35 25.04 33.44
CA GLU E 176 -66.66 24.78 34.06
C GLU E 176 -66.76 23.32 34.52
N ARG E 177 -66.00 22.96 35.56
CA ARG E 177 -65.76 21.56 35.91
C ARG E 177 -66.86 20.94 36.77
N GLU E 178 -67.78 21.77 37.32
CA GLU E 178 -68.72 21.38 38.37
C GLU E 178 -69.99 20.69 37.86
N PRO E 179 -70.76 21.23 36.86
CA PRO E 179 -72.01 20.62 36.44
C PRO E 179 -71.78 19.33 35.65
N VAL E 180 -72.26 18.21 36.18
CA VAL E 180 -71.90 16.89 35.65
C VAL E 180 -72.38 16.69 34.21
N GLU E 181 -73.57 17.19 33.86
CA GLU E 181 -74.13 17.05 32.51
C GLU E 181 -73.26 17.77 31.48
N LEU E 182 -72.73 18.93 31.89
CA LEU E 182 -71.78 19.68 31.10
C LEU E 182 -70.45 18.92 31.04
N ALA E 183 -69.88 18.55 32.21
CA ALA E 183 -68.62 17.85 32.34
C ALA E 183 -68.56 16.62 31.43
N ARG E 184 -69.58 15.74 31.47
CA ARG E 184 -69.69 14.58 30.61
C ARG E 184 -69.49 14.95 29.14
N SER E 185 -70.26 15.95 28.70
CA SER E 185 -70.31 16.41 27.32
C SER E 185 -68.95 16.99 26.91
N VAL E 186 -68.38 17.86 27.76
CA VAL E 186 -67.10 18.51 27.53
C VAL E 186 -65.96 17.49 27.49
N ALA E 187 -65.95 16.54 28.43
CA ALA E 187 -64.98 15.45 28.41
C ALA E 187 -65.04 14.67 27.09
N GLY E 188 -66.25 14.34 26.61
CA GLY E 188 -66.42 13.68 25.33
C GLY E 188 -65.91 14.52 24.16
N ILE E 189 -66.20 15.83 24.20
CA ILE E 189 -65.69 16.79 23.22
C ILE E 189 -64.15 16.76 23.22
N LEU E 190 -63.54 16.91 24.40
CA LEU E 190 -62.10 16.91 24.55
C LEU E 190 -61.50 15.60 24.03
N GLU E 191 -62.06 14.46 24.46
CA GLU E 191 -61.71 13.15 23.92
C GLU E 191 -61.64 13.18 22.39
N HIS E 192 -62.71 13.62 21.73
CA HIS E 192 -62.76 13.66 20.28
C HIS E 192 -61.71 14.61 19.70
N MET E 193 -61.51 15.76 20.35
CA MET E 193 -60.56 16.75 19.86
C MET E 193 -59.11 16.27 20.01
N PHE E 194 -58.78 15.54 21.08
CA PHE E 194 -57.48 14.91 21.22
C PHE E 194 -57.23 13.90 20.09
N LYS E 195 -58.24 13.43 19.41
CA LYS E 195 -58.07 12.50 18.29
C LYS E 195 -57.71 13.23 16.99
N HIS E 196 -57.65 14.56 16.99
CA HIS E 196 -57.62 15.33 15.74
C HIS E 196 -56.24 15.33 15.09
N SER E 197 -55.25 15.93 15.78
CA SER E 197 -53.91 16.16 15.26
C SER E 197 -52.93 16.48 16.38
N GLU E 198 -51.63 16.40 16.06
CA GLU E 198 -50.58 16.70 17.01
C GLU E 198 -50.69 18.14 17.52
N GLU E 199 -50.94 19.08 16.59
CA GLU E 199 -51.07 20.49 16.90
C GLU E 199 -52.24 20.71 17.86
N THR E 200 -53.39 20.10 17.56
CA THR E 200 -54.57 20.24 18.40
C THR E 200 -54.27 19.75 19.81
N CYS E 201 -53.57 18.61 19.93
CA CYS E 201 -53.18 18.09 21.23
C CYS E 201 -52.28 19.08 21.96
N GLN E 202 -51.29 19.64 21.26
CA GLN E 202 -50.37 20.61 21.84
C GLN E 202 -51.16 21.77 22.43
N ARG E 203 -52.15 22.29 21.68
CA ARG E 203 -52.95 23.42 22.10
C ARG E 203 -53.77 23.05 23.34
N LEU E 204 -54.43 21.90 23.30
CA LEU E 204 -55.26 21.40 24.40
C LEU E 204 -54.44 21.12 25.67
N VAL E 205 -53.15 20.77 25.56
CA VAL E 205 -52.30 20.40 26.68
C VAL E 205 -51.60 21.64 27.26
N ALA E 206 -51.28 22.62 26.39
CA ALA E 206 -50.64 23.87 26.81
C ALA E 206 -51.60 24.71 27.67
N ALA E 207 -52.87 24.80 27.23
CA ALA E 207 -53.95 25.38 28.02
C ALA E 207 -54.62 24.31 28.90
N GLY E 208 -55.76 24.65 29.51
CA GLY E 208 -56.34 23.84 30.57
C GLY E 208 -57.05 22.54 30.14
N GLY E 209 -56.97 22.16 28.87
CA GLY E 209 -57.68 21.01 28.32
C GLY E 209 -57.31 19.67 28.97
N LEU E 210 -56.00 19.39 29.08
CA LEU E 210 -55.57 18.18 29.75
C LEU E 210 -55.88 18.21 31.25
N ASP E 211 -55.74 19.38 31.88
CA ASP E 211 -56.00 19.55 33.31
C ASP E 211 -57.46 19.22 33.66
N ALA E 212 -58.39 19.48 32.75
CA ALA E 212 -59.80 19.15 32.92
C ALA E 212 -60.02 17.64 33.07
N VAL E 213 -59.50 16.83 32.13
CA VAL E 213 -59.67 15.38 32.19
C VAL E 213 -58.93 14.78 33.38
N LEU E 214 -57.73 15.29 33.69
CA LEU E 214 -56.99 14.82 34.85
C LEU E 214 -57.69 15.16 36.16
N TYR E 215 -58.33 16.34 36.24
CA TYR E 215 -59.19 16.65 37.38
C TYR E 215 -60.37 15.70 37.45
N TRP E 216 -61.13 15.58 36.35
CA TRP E 216 -62.31 14.74 36.29
C TRP E 216 -62.07 13.25 36.61
N CYS E 217 -60.83 12.76 36.50
CA CYS E 217 -60.49 11.42 36.95
C CYS E 217 -60.74 11.20 38.46
N ARG E 218 -60.89 12.27 39.25
CA ARG E 218 -61.20 12.16 40.68
C ARG E 218 -62.71 12.12 40.98
N ARG E 219 -63.56 12.23 39.94
CA ARG E 219 -65.02 12.13 40.05
C ARG E 219 -65.47 10.66 39.99
N THR E 220 -66.77 10.43 40.23
CA THR E 220 -67.35 9.09 40.33
C THR E 220 -68.19 8.71 39.11
N ASP E 221 -68.53 9.67 38.26
CA ASP E 221 -69.55 9.47 37.23
C ASP E 221 -69.07 8.54 36.12
N PRO E 222 -69.80 7.44 35.79
CA PRO E 222 -69.38 6.49 34.74
C PRO E 222 -69.06 7.07 33.36
N ALA E 223 -69.98 7.89 32.83
CA ALA E 223 -69.83 8.46 31.50
C ALA E 223 -68.62 9.40 31.45
N LEU E 224 -68.51 10.26 32.47
CA LEU E 224 -67.37 11.17 32.61
C LEU E 224 -66.04 10.40 32.62
N LEU E 225 -65.94 9.37 33.46
CA LEU E 225 -64.73 8.58 33.58
C LEU E 225 -64.41 7.85 32.28
N ARG E 226 -65.41 7.29 31.60
CA ARG E 226 -65.21 6.64 30.32
C ARG E 226 -64.59 7.60 29.30
N HIS E 227 -65.14 8.81 29.21
CA HIS E 227 -64.57 9.85 28.37
C HIS E 227 -63.15 10.22 28.82
N CYS E 228 -62.89 10.33 30.13
CA CYS E 228 -61.54 10.63 30.60
C CYS E 228 -60.51 9.58 30.16
N ALA E 229 -60.85 8.30 30.31
CA ALA E 229 -59.98 7.21 29.88
C ALA E 229 -59.69 7.33 28.39
N LEU E 230 -60.75 7.48 27.58
CA LEU E 230 -60.59 7.60 26.14
C LEU E 230 -59.83 8.88 25.75
N ALA E 231 -60.03 9.98 26.49
CA ALA E 231 -59.31 11.22 26.22
C ALA E 231 -57.81 11.03 26.41
N LEU E 232 -57.40 10.50 27.57
CA LEU E 232 -55.99 10.29 27.87
C LEU E 232 -55.37 9.30 26.89
N GLY E 233 -56.08 8.24 26.54
CA GLY E 233 -55.61 7.34 25.51
C GLY E 233 -55.45 8.01 24.14
N ASN E 234 -56.48 8.74 23.69
CA ASN E 234 -56.46 9.46 22.42
C ASN E 234 -55.30 10.46 22.39
N CYS E 235 -55.11 11.20 23.48
CA CYS E 235 -54.04 12.16 23.63
C CYS E 235 -52.68 11.47 23.49
N ALA E 236 -52.41 10.39 24.22
CA ALA E 236 -51.18 9.63 24.12
C ALA E 236 -50.94 9.08 22.71
N LEU E 237 -51.98 8.63 22.01
CA LEU E 237 -51.85 8.04 20.68
C LEU E 237 -51.63 9.05 19.55
N HIS E 238 -52.00 10.34 19.74
CA HIS E 238 -51.98 11.33 18.66
C HIS E 238 -51.09 12.54 18.94
N GLY E 239 -50.81 12.84 20.21
CA GLY E 239 -50.16 14.08 20.64
C GLY E 239 -48.66 14.13 20.40
N GLY E 240 -48.07 12.99 19.99
CA GLY E 240 -46.65 12.88 19.70
C GLY E 240 -45.76 13.07 20.92
N GLN E 241 -44.44 13.12 20.67
CA GLN E 241 -43.40 13.01 21.68
C GLN E 241 -43.52 14.08 22.76
N ALA E 242 -43.86 15.30 22.32
CA ALA E 242 -43.90 16.47 23.16
C ALA E 242 -44.99 16.35 24.23
N VAL E 243 -46.22 16.01 23.83
CA VAL E 243 -47.29 15.95 24.81
C VAL E 243 -47.22 14.72 25.69
N GLN E 244 -46.74 13.58 25.17
CA GLN E 244 -46.58 12.40 26.01
C GLN E 244 -45.75 12.74 27.24
N ARG E 245 -44.67 13.49 27.02
CA ARG E 245 -43.76 13.93 28.07
C ARG E 245 -44.50 14.83 29.06
N ARG E 246 -45.36 15.73 28.58
CA ARG E 246 -46.19 16.59 29.41
C ARG E 246 -47.22 15.80 30.22
N MET E 247 -47.88 14.81 29.61
CA MET E 247 -48.86 13.98 30.30
C MET E 247 -48.23 13.31 31.53
N VAL E 248 -47.05 12.73 31.34
CA VAL E 248 -46.37 12.00 32.40
C VAL E 248 -45.89 12.96 33.48
N GLU E 249 -45.38 14.15 33.07
CA GLU E 249 -44.99 15.20 34.00
C GLU E 249 -46.19 15.68 34.82
N LYS E 250 -47.37 15.76 34.21
CA LYS E 250 -48.65 16.05 34.84
C LYS E 250 -49.24 14.87 35.62
N ARG E 251 -48.46 13.78 35.80
CA ARG E 251 -48.85 12.63 36.62
C ARG E 251 -50.06 11.87 36.08
N ALA E 252 -50.22 11.80 34.76
CA ALA E 252 -51.33 11.13 34.11
C ALA E 252 -51.37 9.63 34.40
N ALA E 253 -50.18 9.01 34.57
CA ALA E 253 -50.07 7.58 34.82
C ALA E 253 -50.69 7.21 36.17
N GLU E 254 -50.44 8.04 37.20
CA GLU E 254 -51.10 7.91 38.49
C GLU E 254 -52.61 8.11 38.35
N TRP E 255 -53.04 9.16 37.65
CA TRP E 255 -54.46 9.44 37.55
C TRP E 255 -55.23 8.42 36.71
N LEU E 256 -54.54 7.62 35.90
CA LEU E 256 -55.17 6.47 35.24
C LEU E 256 -55.37 5.29 36.21
N PHE E 257 -54.68 5.27 37.35
CA PHE E 257 -54.74 4.15 38.29
C PHE E 257 -56.18 3.84 38.72
N PRO E 258 -56.98 4.80 39.26
CA PRO E 258 -58.32 4.49 39.75
C PRO E 258 -59.26 4.00 38.65
N LEU E 259 -59.00 4.42 37.40
CA LEU E 259 -59.82 3.99 36.28
C LEU E 259 -59.47 2.55 35.86
N ALA E 260 -58.17 2.21 35.88
CA ALA E 260 -57.69 0.85 35.67
C ALA E 260 -58.12 -0.09 36.81
N PHE E 261 -58.10 0.39 38.06
CA PHE E 261 -58.47 -0.34 39.27
C PHE E 261 -59.99 -0.30 39.53
N SER E 262 -60.78 0.21 38.57
CA SER E 262 -62.23 0.23 38.69
C SER E 262 -62.82 -1.19 38.68
N LYS E 263 -64.10 -1.31 39.10
CA LYS E 263 -64.71 -2.61 39.34
C LYS E 263 -65.87 -2.87 38.36
N GLU E 264 -66.79 -1.89 38.25
CA GLU E 264 -68.07 -2.04 37.58
C GLU E 264 -67.95 -2.19 36.06
N ASP E 265 -66.90 -1.62 35.45
CA ASP E 265 -66.83 -1.50 34.00
C ASP E 265 -65.49 -1.97 33.45
N GLU E 266 -65.51 -3.15 32.81
CA GLU E 266 -64.36 -3.74 32.13
C GLU E 266 -63.76 -2.78 31.11
N LEU E 267 -64.60 -2.02 30.38
CA LEU E 267 -64.10 -1.13 29.35
C LEU E 267 -63.46 0.13 29.94
N LEU E 268 -63.91 0.61 31.11
CA LEU E 268 -63.19 1.68 31.78
C LEU E 268 -61.77 1.22 32.16
N ARG E 269 -61.64 -0.01 32.68
CA ARG E 269 -60.34 -0.59 32.97
C ARG E 269 -59.50 -0.72 31.70
N LEU E 270 -60.10 -1.24 30.62
CA LEU E 270 -59.41 -1.57 29.38
C LEU E 270 -58.91 -0.32 28.67
N HIS E 271 -59.70 0.75 28.68
CA HIS E 271 -59.30 2.01 28.07
C HIS E 271 -58.19 2.65 28.90
N ALA E 272 -58.31 2.62 30.23
CA ALA E 272 -57.27 3.16 31.10
C ALA E 272 -55.94 2.41 30.91
N CYS E 273 -55.99 1.10 30.76
CA CYS E 273 -54.82 0.28 30.51
C CYS E 273 -54.19 0.59 29.16
N LEU E 274 -54.98 0.81 28.10
CA LEU E 274 -54.43 1.20 26.81
C LEU E 274 -53.61 2.49 26.92
N ALA E 275 -54.14 3.47 27.64
CA ALA E 275 -53.44 4.72 27.86
C ALA E 275 -52.03 4.49 28.44
N VAL E 276 -51.91 3.76 29.56
CA VAL E 276 -50.61 3.57 30.18
C VAL E 276 -49.68 2.70 29.33
N ALA E 277 -50.24 1.76 28.57
CA ALA E 277 -49.46 0.92 27.67
C ALA E 277 -48.82 1.74 26.55
N VAL E 278 -49.61 2.64 25.96
CA VAL E 278 -49.10 3.56 24.95
C VAL E 278 -48.02 4.47 25.54
N LEU E 279 -48.24 5.06 26.72
CA LEU E 279 -47.22 5.86 27.40
C LEU E 279 -45.94 5.06 27.70
N ALA E 280 -46.05 3.82 28.14
CA ALA E 280 -44.89 2.99 28.47
C ALA E 280 -44.10 2.60 27.21
N THR E 281 -44.70 2.70 26.04
CA THR E 281 -44.01 2.42 24.77
C THR E 281 -43.00 3.52 24.42
N ASN E 282 -43.13 4.71 25.03
CA ASN E 282 -42.20 5.82 24.88
C ASN E 282 -41.07 5.61 25.89
N LYS E 283 -39.82 5.44 25.41
CA LYS E 283 -38.68 5.02 26.20
C LYS E 283 -38.27 6.05 27.25
N GLU E 284 -38.46 7.33 26.94
CA GLU E 284 -38.04 8.38 27.84
C GLU E 284 -38.91 8.40 29.10
N VAL E 285 -40.22 8.23 28.94
CA VAL E 285 -41.14 8.35 30.06
C VAL E 285 -41.39 7.01 30.76
N GLU E 286 -40.91 5.90 30.19
CA GLU E 286 -41.12 4.53 30.64
C GLU E 286 -40.91 4.40 32.15
N ARG E 287 -39.80 4.92 32.65
CA ARG E 287 -39.41 4.77 34.05
C ARG E 287 -40.41 5.41 35.02
N GLU E 288 -41.01 6.55 34.64
CA GLU E 288 -42.01 7.19 35.47
C GLU E 288 -43.37 6.50 35.42
N VAL E 289 -43.77 5.99 34.24
CA VAL E 289 -45.03 5.26 34.17
C VAL E 289 -44.95 3.90 34.87
N GLU E 290 -43.74 3.33 34.97
CA GLU E 290 -43.50 2.22 35.89
C GLU E 290 -43.72 2.68 37.32
N ARG E 291 -43.13 3.82 37.69
CA ARG E 291 -43.16 4.31 39.05
C ARG E 291 -44.59 4.49 39.56
N SER E 292 -45.55 4.79 38.67
CA SER E 292 -46.95 4.97 39.05
C SER E 292 -47.59 3.67 39.55
N GLY E 293 -47.05 2.52 39.13
CA GLY E 293 -47.60 1.23 39.50
C GLY E 293 -48.77 0.78 38.62
N THR E 294 -49.25 1.66 37.76
CA THR E 294 -50.46 1.39 36.97
C THR E 294 -50.25 0.29 35.93
N LEU E 295 -49.00 0.09 35.49
CA LEU E 295 -48.68 -0.96 34.55
C LEU E 295 -48.93 -2.36 35.12
N ALA E 296 -48.77 -2.54 36.44
CA ALA E 296 -49.00 -3.82 37.10
C ALA E 296 -50.43 -4.33 36.93
N LEU E 297 -51.38 -3.44 36.62
CA LEU E 297 -52.77 -3.80 36.40
C LEU E 297 -53.04 -4.34 35.00
N VAL E 298 -52.14 -4.12 34.02
CA VAL E 298 -52.45 -4.32 32.62
C VAL E 298 -52.59 -5.81 32.28
N GLU E 299 -51.56 -6.62 32.59
CA GLU E 299 -51.62 -8.04 32.23
C GLU E 299 -52.76 -8.79 32.92
N PRO E 300 -52.94 -8.64 34.26
CA PRO E 300 -54.07 -9.27 34.96
C PRO E 300 -55.41 -8.95 34.35
N LEU E 301 -55.64 -7.69 33.93
CA LEU E 301 -56.85 -7.32 33.22
C LEU E 301 -56.95 -8.03 31.87
N VAL E 302 -55.91 -7.93 31.05
CA VAL E 302 -55.95 -8.45 29.70
C VAL E 302 -56.19 -9.96 29.70
N ALA E 303 -55.65 -10.65 30.72
CA ALA E 303 -55.86 -12.09 30.92
C ALA E 303 -57.31 -12.44 31.26
N SER E 304 -58.03 -11.51 31.91
CA SER E 304 -59.40 -11.67 32.38
C SER E 304 -60.43 -11.61 31.24
N LEU E 305 -60.26 -10.68 30.28
CA LEU E 305 -61.25 -10.39 29.26
C LEU E 305 -61.22 -11.36 28.08
N ASP E 306 -62.23 -11.23 27.20
CA ASP E 306 -62.35 -12.03 25.98
C ASP E 306 -62.37 -11.13 24.74
N PRO E 307 -61.41 -11.24 23.78
CA PRO E 307 -61.45 -10.50 22.52
C PRO E 307 -62.70 -10.69 21.66
N GLY E 308 -63.36 -11.85 21.79
CA GLY E 308 -64.55 -12.16 21.03
C GLY E 308 -65.75 -11.26 21.36
N ARG E 309 -65.73 -10.61 22.53
CA ARG E 309 -66.83 -9.80 23.04
C ARG E 309 -67.33 -8.75 22.04
N PHE E 310 -66.40 -7.98 21.48
CA PHE E 310 -66.70 -6.89 20.57
C PHE E 310 -67.41 -7.38 19.30
N ALA E 311 -66.93 -8.50 18.73
CA ALA E 311 -67.50 -9.11 17.53
C ALA E 311 -68.89 -9.72 17.76
N ARG E 312 -69.35 -9.83 19.03
CA ARG E 312 -70.72 -10.24 19.36
C ARG E 312 -71.57 -9.10 19.93
N CYS E 313 -70.96 -7.96 20.29
CA CYS E 313 -71.65 -6.68 20.49
C CYS E 313 -72.11 -6.14 19.14
N LEU E 314 -71.22 -6.20 18.14
CA LEU E 314 -71.55 -6.13 16.72
C LEU E 314 -72.50 -7.28 16.35
N VAL E 315 -73.44 -7.04 15.41
CA VAL E 315 -74.29 -8.10 14.86
C VAL E 315 -73.68 -8.70 13.59
N ASP E 316 -74.41 -9.64 12.97
CA ASP E 316 -74.00 -10.35 11.76
C ASP E 316 -74.11 -9.48 10.49
N ALA E 317 -73.82 -10.11 9.34
CA ALA E 317 -73.77 -9.45 8.03
C ALA E 317 -72.73 -8.32 8.02
N SER E 318 -73.08 -7.17 7.39
CA SER E 318 -72.17 -6.07 7.16
C SER E 318 -72.32 -4.93 8.18
N ASP E 319 -72.76 -5.26 9.41
CA ASP E 319 -72.76 -4.32 10.53
C ASP E 319 -71.40 -3.62 10.65
N THR E 320 -71.43 -2.27 10.60
CA THR E 320 -70.24 -1.42 10.67
C THR E 320 -70.30 -0.48 11.89
N SER E 321 -71.17 -0.79 12.87
CA SER E 321 -71.34 -0.01 14.10
C SER E 321 -70.11 -0.07 15.03
N GLN E 322 -69.24 -1.07 14.82
CA GLN E 322 -67.94 -1.17 15.48
C GLN E 322 -66.85 -1.56 14.46
N GLY E 323 -65.59 -1.22 14.80
CA GLY E 323 -64.41 -1.56 14.03
C GLY E 323 -63.56 -0.34 13.65
N ARG E 324 -62.30 -0.35 14.09
CA ARG E 324 -61.31 0.68 13.80
C ARG E 324 -60.96 0.74 12.32
N GLY E 325 -60.76 1.97 11.80
CA GLY E 325 -60.21 2.16 10.46
C GLY E 325 -58.71 1.94 10.42
N PRO E 326 -58.07 1.87 9.23
CA PRO E 326 -56.63 1.62 9.10
C PRO E 326 -55.71 2.50 9.94
N ASP E 327 -55.99 3.80 10.06
CA ASP E 327 -55.21 4.71 10.89
C ASP E 327 -55.24 4.25 12.36
N ASP E 328 -56.46 4.00 12.87
CA ASP E 328 -56.66 3.61 14.26
C ASP E 328 -56.05 2.24 14.58
N LEU E 329 -56.02 1.34 13.58
CA LEU E 329 -55.36 0.06 13.72
C LEU E 329 -53.84 0.25 13.70
N GLN E 330 -53.32 1.05 12.77
CA GLN E 330 -51.89 1.18 12.56
C GLN E 330 -51.18 1.60 13.84
N ARG E 331 -51.84 2.40 14.68
CA ARG E 331 -51.29 2.90 15.93
C ARG E 331 -51.14 1.80 17.00
N LEU E 332 -51.88 0.70 16.88
CA LEU E 332 -51.74 -0.42 17.79
C LEU E 332 -50.51 -1.26 17.49
N VAL E 333 -50.13 -1.44 16.22
CA VAL E 333 -49.02 -2.29 15.83
C VAL E 333 -47.73 -2.01 16.59
N PRO E 334 -47.23 -0.77 16.75
CA PRO E 334 -46.05 -0.52 17.57
C PRO E 334 -46.15 -0.96 19.03
N LEU E 335 -47.37 -1.20 19.54
CA LEU E 335 -47.49 -1.83 20.86
C LEU E 335 -47.02 -3.28 20.82
N LEU E 336 -47.35 -4.01 19.76
CA LEU E 336 -46.81 -5.36 19.55
C LEU E 336 -45.29 -5.34 19.44
N ASP E 337 -44.75 -4.33 18.73
CA ASP E 337 -43.33 -4.27 18.46
C ASP E 337 -42.53 -3.79 19.67
N SER E 338 -43.20 -3.29 20.71
CA SER E 338 -42.53 -2.77 21.90
C SER E 338 -41.86 -3.85 22.75
N ASN E 339 -40.95 -3.43 23.63
CA ASN E 339 -40.28 -4.32 24.55
C ASN E 339 -41.13 -4.55 25.80
N ARG E 340 -42.16 -3.72 26.03
CA ARG E 340 -42.98 -3.85 27.23
C ARG E 340 -43.91 -5.07 27.09
N LEU E 341 -43.87 -5.94 28.09
CA LEU E 341 -44.83 -7.03 28.15
C LEU E 341 -46.25 -6.48 28.13
N GLU E 342 -46.53 -5.41 28.91
CA GLU E 342 -47.87 -4.87 29.08
C GLU E 342 -48.41 -4.37 27.74
N ALA E 343 -47.62 -3.56 27.05
CA ALA E 343 -48.00 -3.06 25.73
C ALA E 343 -48.21 -4.18 24.70
N GLN E 344 -47.37 -5.22 24.72
CA GLN E 344 -47.54 -6.35 23.83
C GLN E 344 -48.82 -7.10 24.15
N CYS E 345 -49.18 -7.25 25.43
CA CYS E 345 -50.41 -7.91 25.82
C CYS E 345 -51.61 -7.13 25.33
N ILE E 346 -51.72 -5.84 25.71
CA ILE E 346 -52.89 -5.04 25.36
C ILE E 346 -52.99 -4.77 23.86
N GLY E 347 -51.87 -4.58 23.20
CA GLY E 347 -51.86 -4.52 21.75
C GLY E 347 -52.37 -5.78 21.08
N ALA E 348 -51.95 -6.95 21.56
CA ALA E 348 -52.46 -8.21 21.05
C ALA E 348 -53.93 -8.37 21.38
N PHE E 349 -54.38 -7.89 22.55
CA PHE E 349 -55.80 -7.92 22.90
C PHE E 349 -56.65 -7.14 21.90
N TYR E 350 -56.35 -5.84 21.74
CA TYR E 350 -57.10 -4.97 20.83
C TYR E 350 -57.06 -5.47 19.39
N LEU E 351 -55.90 -5.94 18.95
CA LEU E 351 -55.75 -6.37 17.57
C LEU E 351 -56.45 -7.71 17.34
N CYS E 352 -56.58 -8.52 18.38
CA CYS E 352 -57.35 -9.75 18.31
C CYS E 352 -58.85 -9.46 18.24
N ALA E 353 -59.33 -8.52 19.07
CA ALA E 353 -60.71 -8.05 18.99
C ALA E 353 -61.06 -7.56 17.57
N GLU E 354 -60.18 -6.73 16.99
CA GLU E 354 -60.31 -6.27 15.63
C GLU E 354 -60.26 -7.41 14.62
N ALA E 355 -59.40 -8.40 14.81
CA ALA E 355 -59.35 -9.56 13.92
C ALA E 355 -60.69 -10.28 13.89
N ALA E 356 -61.36 -10.41 15.05
CA ALA E 356 -62.68 -11.01 15.12
C ALA E 356 -63.70 -10.20 14.31
N ILE E 357 -63.76 -8.87 14.55
CA ILE E 357 -64.66 -7.95 13.85
C ILE E 357 -64.43 -8.00 12.33
N LYS E 358 -63.18 -7.83 11.91
CA LYS E 358 -62.80 -7.74 10.51
C LYS E 358 -63.03 -9.05 9.77
N SER E 359 -62.75 -10.21 10.40
CA SER E 359 -62.97 -11.51 9.79
C SER E 359 -64.47 -11.76 9.58
N LEU E 360 -65.30 -11.35 10.56
CA LEU E 360 -66.76 -11.39 10.41
C LEU E 360 -67.20 -10.55 9.22
N GLN E 361 -66.67 -9.31 9.10
CA GLN E 361 -66.99 -8.37 8.04
C GLN E 361 -66.37 -8.75 6.69
N GLY E 362 -65.45 -9.73 6.65
CA GLY E 362 -64.74 -10.12 5.44
C GLY E 362 -63.65 -9.14 4.98
N LYS E 363 -63.16 -8.31 5.92
CA LYS E 363 -62.24 -7.20 5.65
C LYS E 363 -60.83 -7.49 6.17
N THR E 364 -60.34 -8.72 5.96
CA THR E 364 -59.09 -9.18 6.58
C THR E 364 -57.84 -8.61 5.90
N LYS E 365 -57.98 -8.02 4.69
CA LYS E 365 -56.86 -7.53 3.90
C LYS E 365 -55.97 -6.56 4.68
N VAL E 366 -56.60 -5.68 5.49
CA VAL E 366 -55.97 -4.58 6.20
C VAL E 366 -54.75 -5.02 7.02
N PHE E 367 -54.84 -6.13 7.76
CA PHE E 367 -53.77 -6.58 8.62
C PHE E 367 -52.47 -6.89 7.89
N SER E 368 -52.57 -7.27 6.61
CA SER E 368 -51.43 -7.73 5.84
C SER E 368 -50.50 -6.57 5.44
N ASP E 369 -51.05 -5.34 5.34
CA ASP E 369 -50.31 -4.16 4.88
C ASP E 369 -50.16 -3.09 5.96
N ILE E 370 -51.00 -3.12 7.00
CA ILE E 370 -50.68 -2.54 8.30
C ILE E 370 -49.42 -3.17 8.91
N GLY E 371 -49.04 -4.37 8.45
CA GLY E 371 -47.87 -5.11 8.90
C GLY E 371 -48.08 -5.84 10.22
N ALA E 372 -49.35 -6.07 10.60
CA ALA E 372 -49.72 -6.74 11.83
C ALA E 372 -49.29 -8.23 11.82
N ILE E 373 -49.36 -8.88 10.65
CA ILE E 373 -49.22 -10.32 10.55
C ILE E 373 -47.83 -10.77 11.02
N GLN E 374 -46.75 -10.24 10.40
CA GLN E 374 -45.40 -10.59 10.83
C GLN E 374 -45.16 -10.24 12.31
N SER E 375 -45.78 -9.17 12.80
CA SER E 375 -45.60 -8.76 14.18
C SER E 375 -46.25 -9.76 15.14
N LEU E 376 -47.46 -10.23 14.82
CA LEU E 376 -48.10 -11.27 15.62
C LEU E 376 -47.31 -12.59 15.54
N LYS E 377 -46.86 -13.00 14.35
CA LYS E 377 -46.02 -14.19 14.22
C LYS E 377 -44.77 -14.09 15.07
N ARG E 378 -44.16 -12.91 15.13
CA ARG E 378 -43.01 -12.68 16.00
C ARG E 378 -43.37 -12.80 17.48
N LEU E 379 -44.53 -12.29 17.93
CA LEU E 379 -44.93 -12.47 19.32
C LEU E 379 -45.04 -13.95 19.66
N VAL E 380 -45.63 -14.77 18.78
CA VAL E 380 -45.79 -16.18 19.07
C VAL E 380 -44.41 -16.84 19.10
N SER E 381 -43.57 -16.54 18.12
CA SER E 381 -42.28 -17.18 17.95
C SER E 381 -41.41 -17.04 19.19
N TYR E 382 -41.20 -15.82 19.67
CA TYR E 382 -40.28 -15.58 20.77
C TYR E 382 -41.01 -15.39 22.10
N SER E 383 -42.22 -15.95 22.20
CA SER E 383 -43.08 -15.82 23.38
C SER E 383 -42.43 -16.44 24.62
N THR E 384 -42.59 -15.74 25.75
CA THR E 384 -42.23 -16.27 27.06
C THR E 384 -43.32 -15.97 28.09
N ASN E 385 -44.56 -15.87 27.57
CA ASN E 385 -45.71 -15.44 28.33
C ASN E 385 -46.99 -15.96 27.68
N GLY E 386 -47.83 -16.63 28.50
CA GLY E 386 -49.02 -17.31 28.02
C GLY E 386 -50.09 -16.36 27.52
N THR E 387 -50.37 -15.29 28.30
CA THR E 387 -51.46 -14.36 28.01
C THR E 387 -51.27 -13.75 26.63
N LYS E 388 -50.07 -13.20 26.40
CA LYS E 388 -49.66 -12.65 25.12
C LYS E 388 -49.79 -13.70 24.00
N SER E 389 -49.34 -14.94 24.22
CA SER E 389 -49.28 -15.98 23.21
C SER E 389 -50.68 -16.40 22.78
N ALA E 390 -51.58 -16.58 23.76
CA ALA E 390 -52.96 -16.97 23.51
C ALA E 390 -53.61 -15.98 22.56
N LEU E 391 -53.52 -14.69 22.91
CA LEU E 391 -54.10 -13.62 22.12
C LEU E 391 -53.54 -13.57 20.71
N ALA E 392 -52.22 -13.66 20.56
CA ALA E 392 -51.58 -13.60 19.26
C ALA E 392 -51.93 -14.79 18.36
N LYS E 393 -51.96 -16.01 18.93
CA LYS E 393 -52.32 -17.20 18.18
C LYS E 393 -53.79 -17.11 17.78
N ARG E 394 -54.67 -16.69 18.71
CA ARG E 394 -56.09 -16.53 18.43
C ARG E 394 -56.32 -15.54 17.30
N ALA E 395 -55.61 -14.41 17.34
CA ALA E 395 -55.64 -13.41 16.29
C ALA E 395 -55.26 -14.01 14.93
N LEU E 396 -54.10 -14.70 14.85
CA LEU E 396 -53.66 -15.32 13.61
C LEU E 396 -54.68 -16.32 13.06
N ARG E 397 -55.31 -17.12 13.93
CA ARG E 397 -56.34 -18.07 13.54
C ARG E 397 -57.59 -17.36 13.00
N LEU E 398 -58.04 -16.28 13.67
CA LEU E 398 -59.18 -15.49 13.18
C LEU E 398 -58.89 -14.92 11.79
N LEU E 399 -57.64 -14.52 11.54
CA LEU E 399 -57.20 -13.99 10.25
C LEU E 399 -56.89 -15.10 9.23
N GLY E 400 -57.05 -16.38 9.61
CA GLY E 400 -56.83 -17.51 8.72
C GLY E 400 -55.37 -17.73 8.32
N GLU E 401 -54.43 -17.17 9.10
CA GLU E 401 -53.01 -17.44 8.90
C GLU E 401 -52.58 -18.75 9.56
N GLU E 402 -51.53 -19.37 9.02
CA GLU E 402 -50.85 -20.46 9.70
C GLU E 402 -50.10 -19.92 10.93
N VAL E 403 -50.12 -20.68 12.03
CA VAL E 403 -49.60 -20.24 13.31
C VAL E 403 -48.25 -20.89 13.56
N PRO E 404 -47.19 -20.09 13.90
CA PRO E 404 -45.87 -20.67 14.10
C PRO E 404 -45.79 -21.43 15.43
N ARG E 405 -45.00 -22.51 15.46
CA ARG E 405 -44.61 -23.16 16.70
C ARG E 405 -43.66 -22.25 17.48
N PRO E 406 -43.78 -22.09 18.81
CA PRO E 406 -42.80 -21.31 19.56
C PRO E 406 -41.46 -22.03 19.42
N ILE E 407 -40.39 -21.27 19.20
CA ILE E 407 -39.11 -21.83 18.77
C ILE E 407 -38.28 -22.30 19.99
N LEU E 408 -37.50 -23.39 19.84
CA LEU E 408 -36.72 -23.93 20.96
C LEU E 408 -35.60 -22.96 21.38
N PRO E 409 -35.49 -22.51 22.64
CA PRO E 409 -34.49 -21.51 22.98
C PRO E 409 -33.02 -21.96 22.94
N SER E 410 -32.74 -23.26 22.97
CA SER E 410 -31.36 -23.72 23.06
C SER E 410 -30.70 -23.74 21.68
N VAL E 411 -30.45 -22.56 21.14
CA VAL E 411 -30.02 -22.38 19.77
C VAL E 411 -28.73 -23.14 19.51
N PRO E 412 -27.76 -23.17 20.40
CA PRO E 412 -26.52 -23.89 20.13
C PRO E 412 -26.70 -25.37 19.84
N SER E 413 -27.77 -25.95 20.37
CA SER E 413 -28.10 -27.36 20.14
C SER E 413 -29.02 -27.63 18.94
N TRP E 414 -29.42 -26.61 18.18
CA TRP E 414 -30.32 -26.84 17.07
C TRP E 414 -29.62 -27.68 16.01
N LYS E 415 -30.39 -28.53 15.33
CA LYS E 415 -29.92 -29.18 14.14
C LYS E 415 -30.49 -28.48 12.92
N GLU E 416 -30.23 -29.03 11.72
CA GLU E 416 -30.74 -28.49 10.49
C GLU E 416 -32.25 -28.22 10.49
N ALA E 417 -33.03 -29.15 11.05
CA ALA E 417 -34.48 -28.98 11.01
C ALA E 417 -34.98 -27.77 11.81
N GLU E 418 -34.31 -27.43 12.91
CA GLU E 418 -34.73 -26.24 13.65
C GLU E 418 -34.38 -25.00 12.83
N VAL E 419 -33.20 -24.97 12.21
CA VAL E 419 -32.84 -23.83 11.40
C VAL E 419 -33.85 -23.66 10.29
N GLN E 420 -34.19 -24.73 9.57
CA GLN E 420 -35.23 -24.61 8.57
C GLN E 420 -36.54 -24.09 9.15
N THR E 421 -36.93 -24.49 10.34
CA THR E 421 -38.16 -24.01 10.94
C THR E 421 -38.06 -22.51 11.20
N TRP E 422 -36.97 -22.06 11.81
CA TRP E 422 -36.82 -20.66 12.20
C TRP E 422 -36.81 -19.77 10.96
N LEU E 423 -36.09 -20.17 9.91
CA LEU E 423 -36.09 -19.41 8.67
C LEU E 423 -37.50 -19.20 8.10
N GLN E 424 -38.37 -20.20 8.20
CA GLN E 424 -39.73 -20.07 7.74
C GLN E 424 -40.54 -19.09 8.59
N GLN E 425 -40.32 -19.07 9.89
CA GLN E 425 -41.05 -18.13 10.74
C GLN E 425 -40.64 -16.69 10.50
N ILE E 426 -39.35 -16.41 10.34
CA ILE E 426 -38.88 -15.05 10.18
C ILE E 426 -39.01 -14.59 8.73
N GLY E 427 -39.63 -15.43 7.88
CA GLY E 427 -39.97 -15.02 6.52
C GLY E 427 -38.79 -15.03 5.56
N PHE E 428 -37.74 -15.78 5.91
CA PHE E 428 -36.64 -16.00 4.99
C PHE E 428 -36.78 -17.33 4.22
N SER E 429 -38.02 -17.82 4.02
CA SER E 429 -38.23 -19.14 3.42
C SER E 429 -37.60 -19.29 2.03
N LYS E 430 -37.35 -18.18 1.34
CA LYS E 430 -36.66 -18.21 0.07
C LYS E 430 -35.26 -18.79 0.20
N TYR E 431 -34.64 -18.69 1.38
CA TYR E 431 -33.28 -19.13 1.61
C TYR E 431 -33.19 -20.54 2.20
N CYS E 432 -34.32 -21.15 2.55
CA CYS E 432 -34.33 -22.47 3.19
C CYS E 432 -33.49 -23.48 2.43
N GLU E 433 -33.63 -23.51 1.11
CA GLU E 433 -32.88 -24.44 0.29
C GLU E 433 -31.37 -24.27 0.47
N SER E 434 -30.86 -23.04 0.40
CA SER E 434 -29.44 -22.81 0.58
C SER E 434 -29.00 -23.27 1.96
N PHE E 435 -29.72 -22.89 3.01
CA PHE E 435 -29.31 -23.26 4.34
C PHE E 435 -29.35 -24.77 4.54
N ARG E 436 -30.25 -25.47 3.82
CA ARG E 436 -30.35 -26.93 3.86
C ARG E 436 -29.16 -27.57 3.15
N GLU E 437 -28.91 -27.13 1.93
CA GLU E 437 -27.81 -27.65 1.14
C GLU E 437 -26.46 -27.42 1.81
N GLN E 438 -26.20 -26.24 2.38
CA GLN E 438 -24.98 -25.99 3.10
C GLN E 438 -25.01 -26.59 4.51
N GLN E 439 -26.10 -27.24 4.90
CA GLN E 439 -26.21 -27.89 6.21
C GLN E 439 -25.95 -26.98 7.41
N VAL E 440 -26.57 -25.80 7.42
CA VAL E 440 -26.36 -24.91 8.54
C VAL E 440 -27.17 -25.47 9.71
N ASP E 441 -26.54 -25.49 10.88
CA ASP E 441 -27.18 -25.93 12.12
C ASP E 441 -26.99 -24.83 13.17
N GLY E 442 -27.38 -25.10 14.40
CA GLY E 442 -27.40 -24.03 15.37
C GLY E 442 -26.06 -23.34 15.61
N ASP E 443 -24.98 -24.12 15.70
CA ASP E 443 -23.69 -23.54 15.94
C ASP E 443 -23.23 -22.72 14.73
N LEU E 444 -23.49 -23.20 13.52
CA LEU E 444 -23.11 -22.45 12.35
C LEU E 444 -23.95 -21.19 12.20
N LEU E 445 -25.25 -21.28 12.47
CA LEU E 445 -26.15 -20.14 12.37
C LEU E 445 -25.68 -19.06 13.32
N LEU E 446 -25.39 -19.36 14.58
CA LEU E 446 -24.98 -18.37 15.56
C LEU E 446 -23.66 -17.70 15.19
N ARG E 447 -22.93 -18.25 14.22
CA ARG E 447 -21.61 -17.74 13.87
C ARG E 447 -21.53 -17.23 12.43
N LEU E 448 -22.65 -17.11 11.68
CA LEU E 448 -22.62 -16.67 10.30
C LEU E 448 -22.06 -15.27 10.23
N THR E 449 -21.07 -15.13 9.35
CA THR E 449 -20.50 -13.83 9.05
C THR E 449 -21.19 -13.29 7.81
N GLU E 450 -21.01 -11.97 7.54
CA GLU E 450 -21.57 -11.41 6.32
C GLU E 450 -21.04 -12.06 5.03
N GLU E 451 -19.76 -12.42 5.03
CA GLU E 451 -19.11 -13.08 3.92
C GLU E 451 -19.76 -14.41 3.53
N GLU E 452 -20.06 -15.25 4.54
CA GLU E 452 -20.66 -16.54 4.28
C GLU E 452 -22.07 -16.35 3.74
N LEU E 453 -22.77 -15.42 4.37
CA LEU E 453 -24.17 -15.16 4.06
C LEU E 453 -24.29 -14.71 2.63
N GLN E 454 -23.39 -13.82 2.20
CA GLN E 454 -23.32 -13.35 0.82
C GLN E 454 -22.95 -14.43 -0.18
N THR E 455 -21.82 -15.10 0.11
CA THR E 455 -21.16 -15.95 -0.88
C THR E 455 -21.70 -17.38 -0.95
N ASP E 456 -21.91 -18.01 0.21
CA ASP E 456 -22.22 -19.43 0.32
C ASP E 456 -23.72 -19.68 0.34
N LEU E 457 -24.47 -18.78 0.99
CA LEU E 457 -25.91 -18.98 1.10
C LEU E 457 -26.68 -18.21 0.03
N GLY E 458 -26.01 -17.29 -0.70
CA GLY E 458 -26.66 -16.69 -1.85
C GLY E 458 -27.46 -15.41 -1.56
N MET E 459 -27.20 -14.79 -0.42
CA MET E 459 -27.94 -13.62 -0.02
C MET E 459 -27.19 -12.37 -0.52
N LYS E 460 -27.45 -12.05 -1.80
CA LYS E 460 -26.68 -11.07 -2.58
C LYS E 460 -26.86 -9.65 -2.05
N SER E 461 -28.12 -9.28 -1.79
CA SER E 461 -28.51 -7.93 -1.41
C SER E 461 -27.98 -7.56 -0.03
N GLY E 462 -27.27 -6.45 0.10
CA GLY E 462 -26.80 -5.99 1.38
C GLY E 462 -27.92 -5.61 2.31
N ILE E 463 -29.04 -5.11 1.76
CA ILE E 463 -30.18 -4.77 2.58
C ILE E 463 -30.75 -6.08 3.12
N THR E 464 -30.86 -7.12 2.28
CA THR E 464 -31.41 -8.37 2.77
C THR E 464 -30.53 -8.95 3.86
N ARG E 465 -29.21 -8.90 3.72
CA ARG E 465 -28.35 -9.34 4.79
C ARG E 465 -28.59 -8.51 6.05
N LYS E 466 -28.83 -7.21 5.94
CA LYS E 466 -29.05 -6.35 7.07
C LYS E 466 -30.34 -6.81 7.76
N ARG E 467 -31.36 -7.24 7.02
CA ARG E 467 -32.57 -7.72 7.67
C ARG E 467 -32.31 -9.06 8.32
N PHE E 468 -31.55 -9.95 7.67
CA PHE E 468 -31.23 -11.24 8.27
C PHE E 468 -30.51 -11.03 9.59
N PHE E 469 -29.47 -10.22 9.64
CA PHE E 469 -28.81 -10.00 10.90
C PHE E 469 -29.70 -9.37 11.96
N ARG E 470 -30.68 -8.60 11.55
CA ARG E 470 -31.62 -8.00 12.49
C ARG E 470 -32.42 -9.12 13.16
N GLU E 471 -32.87 -10.12 12.38
CA GLU E 471 -33.59 -11.29 12.87
C GLU E 471 -32.69 -12.13 13.76
N LEU E 472 -31.51 -12.45 13.25
CA LEU E 472 -30.57 -13.27 13.94
C LEU E 472 -30.20 -12.65 15.28
N THR E 473 -30.18 -11.33 15.35
CA THR E 473 -29.81 -10.70 16.62
C THR E 473 -30.91 -10.87 17.65
N GLU E 474 -32.16 -10.90 17.22
CA GLU E 474 -33.22 -11.15 18.15
C GLU E 474 -33.08 -12.59 18.66
N LEU E 475 -32.87 -13.58 17.77
CA LEU E 475 -32.65 -14.95 18.19
C LEU E 475 -31.48 -15.05 19.15
N LYS E 476 -30.31 -14.53 18.78
CA LYS E 476 -29.19 -14.55 19.70
C LYS E 476 -29.55 -13.99 21.08
N THR E 477 -30.41 -12.99 21.15
CA THR E 477 -30.72 -12.32 22.41
C THR E 477 -31.70 -13.18 23.20
N PHE E 478 -32.56 -13.93 22.53
CA PHE E 478 -33.56 -14.78 23.15
C PHE E 478 -32.96 -16.06 23.70
N ALA E 479 -31.88 -16.53 23.05
CA ALA E 479 -31.37 -17.89 23.21
C ALA E 479 -30.89 -18.22 24.62
N ASN E 480 -30.89 -19.53 24.88
CA ASN E 480 -30.42 -20.16 26.09
C ASN E 480 -29.01 -20.72 25.83
N TYR E 481 -28.01 -20.29 26.61
CA TYR E 481 -26.66 -20.71 26.34
C TYR E 481 -26.09 -21.67 27.43
N SER E 482 -26.94 -22.44 28.12
CA SER E 482 -26.57 -23.29 29.23
C SER E 482 -25.52 -24.33 28.85
N THR E 483 -25.54 -24.77 27.60
CA THR E 483 -24.60 -25.78 27.14
C THR E 483 -23.23 -25.22 26.80
N CYS E 484 -23.02 -23.90 26.93
CA CYS E 484 -21.87 -23.20 26.38
C CYS E 484 -21.21 -22.34 27.45
N ASP E 485 -22.06 -21.63 28.19
CA ASP E 485 -21.61 -20.55 29.03
C ASP E 485 -21.51 -21.07 30.47
N ARG E 486 -20.31 -21.50 30.88
CA ARG E 486 -20.06 -21.94 32.25
C ARG E 486 -20.18 -20.78 33.25
N SER E 487 -19.84 -19.56 32.82
CA SER E 487 -19.59 -18.45 33.73
C SER E 487 -20.74 -17.44 33.78
N ASN E 488 -21.82 -17.76 33.05
CA ASN E 488 -22.99 -16.90 32.92
C ASN E 488 -22.54 -15.52 32.44
N LEU E 489 -21.73 -15.55 31.40
CA LEU E 489 -21.29 -14.36 30.72
C LEU E 489 -22.45 -13.70 30.00
N ALA E 490 -23.47 -14.44 29.60
CA ALA E 490 -24.67 -13.86 29.03
C ALA E 490 -25.28 -12.82 29.98
N ASP E 491 -25.45 -13.13 31.27
CA ASP E 491 -26.03 -12.18 32.18
C ASP E 491 -25.11 -11.01 32.43
N TRP E 492 -23.81 -11.24 32.36
CA TRP E 492 -22.88 -10.13 32.56
C TRP E 492 -23.04 -9.13 31.45
N LEU E 493 -23.04 -9.63 30.19
CA LEU E 493 -23.26 -8.80 29.03
C LEU E 493 -24.61 -8.08 29.15
N GLY E 494 -25.64 -8.83 29.44
CA GLY E 494 -26.97 -8.24 29.53
C GLY E 494 -27.11 -7.21 30.65
N SER E 495 -26.31 -7.31 31.69
CA SER E 495 -26.33 -6.34 32.78
C SER E 495 -25.69 -5.02 32.37
N LEU E 496 -24.77 -4.99 31.39
CA LEU E 496 -24.31 -3.72 30.86
C LEU E 496 -25.43 -3.11 30.05
N ASP E 497 -25.89 -3.90 29.08
CA ASP E 497 -26.83 -3.41 28.08
C ASP E 497 -27.58 -4.58 27.47
N PRO E 498 -28.93 -4.59 27.51
CA PRO E 498 -29.69 -5.70 26.96
C PRO E 498 -29.28 -6.15 25.57
N ARG E 499 -28.79 -5.20 24.77
CA ARG E 499 -28.41 -5.51 23.42
C ARG E 499 -27.00 -6.09 23.30
N PHE E 500 -26.27 -6.19 24.40
CA PHE E 500 -24.99 -6.86 24.38
C PHE E 500 -25.14 -8.38 24.54
N ARG E 501 -26.27 -8.83 25.07
CA ARG E 501 -26.39 -10.24 25.35
C ARG E 501 -26.22 -11.05 24.09
N GLN E 502 -26.46 -10.48 22.91
CA GLN E 502 -26.35 -11.22 21.66
C GLN E 502 -24.88 -11.62 21.38
N TYR E 503 -23.90 -11.01 22.05
CA TYR E 503 -22.52 -11.36 21.78
C TYR E 503 -22.05 -12.56 22.62
N THR E 504 -22.90 -13.12 23.47
CA THR E 504 -22.52 -14.26 24.29
C THR E 504 -21.85 -15.36 23.50
N TYR E 505 -22.47 -15.89 22.44
CA TYR E 505 -21.88 -17.07 21.84
C TYR E 505 -20.56 -16.74 21.16
N GLY E 506 -20.37 -15.54 20.64
CA GLY E 506 -19.06 -15.17 20.15
C GLY E 506 -17.98 -15.20 21.22
N LEU E 507 -18.26 -14.64 22.39
CA LEU E 507 -17.31 -14.66 23.48
C LEU E 507 -16.98 -16.10 23.92
N VAL E 508 -18.02 -16.87 24.23
CA VAL E 508 -17.78 -18.16 24.82
C VAL E 508 -17.20 -19.15 23.83
N SER E 509 -17.57 -19.02 22.57
CA SER E 509 -17.00 -19.86 21.53
C SER E 509 -15.48 -19.63 21.36
N CYS E 510 -14.96 -18.43 21.55
CA CYS E 510 -13.53 -18.20 21.67
C CYS E 510 -12.96 -18.71 22.99
N GLY E 511 -13.77 -19.12 23.93
CA GLY E 511 -13.22 -19.59 25.18
C GLY E 511 -13.02 -18.54 26.26
N LEU E 512 -13.50 -17.32 26.06
CA LEU E 512 -13.49 -16.34 27.14
C LEU E 512 -14.53 -16.71 28.20
N ASP E 513 -14.37 -16.08 29.35
CA ASP E 513 -15.25 -16.27 30.49
C ASP E 513 -15.01 -15.11 31.46
N ARG E 514 -15.85 -14.98 32.49
CA ARG E 514 -15.78 -13.82 33.35
C ARG E 514 -14.39 -13.58 33.92
N SER E 515 -13.67 -14.65 34.24
CA SER E 515 -12.36 -14.52 34.85
C SER E 515 -11.35 -13.99 33.82
N LEU E 516 -11.42 -14.51 32.60
CA LEU E 516 -10.49 -14.17 31.55
C LEU E 516 -10.77 -12.80 30.97
N LEU E 517 -12.00 -12.28 31.05
CA LEU E 517 -12.40 -11.19 30.17
C LEU E 517 -11.59 -9.93 30.38
N HIS E 518 -11.11 -9.73 31.61
CA HIS E 518 -10.28 -8.57 31.95
C HIS E 518 -9.02 -8.42 31.11
N ARG E 519 -8.58 -9.50 30.47
CA ARG E 519 -7.36 -9.55 29.68
C ARG E 519 -7.65 -9.39 28.19
N VAL E 520 -8.92 -9.35 27.76
CA VAL E 520 -9.23 -9.36 26.34
C VAL E 520 -8.80 -8.02 25.76
N SER E 521 -8.58 -7.95 24.44
CA SER E 521 -8.18 -6.70 23.81
C SER E 521 -9.17 -6.29 22.74
N GLU E 522 -9.16 -5.01 22.35
CA GLU E 522 -10.17 -4.58 21.39
C GLU E 522 -10.10 -5.40 20.10
N GLN E 523 -8.88 -5.72 19.67
CA GLN E 523 -8.71 -6.48 18.46
C GLN E 523 -9.29 -7.89 18.60
N GLN E 524 -9.08 -8.55 19.73
CA GLN E 524 -9.73 -9.82 19.94
C GLN E 524 -11.27 -9.73 19.96
N LEU E 525 -11.87 -8.70 20.54
CA LEU E 525 -13.32 -8.59 20.50
C LEU E 525 -13.80 -8.42 19.07
N LEU E 526 -13.05 -7.67 18.25
CA LEU E 526 -13.40 -7.49 16.85
C LEU E 526 -13.23 -8.78 16.06
N GLU E 527 -12.01 -9.34 16.09
CA GLU E 527 -11.59 -10.39 15.18
C GLU E 527 -12.06 -11.77 15.62
N ASP E 528 -11.87 -12.09 16.90
CA ASP E 528 -12.22 -13.41 17.38
C ASP E 528 -13.70 -13.48 17.68
N CYS E 529 -14.17 -12.58 18.51
CA CYS E 529 -15.54 -12.63 19.02
C CYS E 529 -16.59 -12.03 18.08
N GLY E 530 -16.18 -11.26 17.07
CA GLY E 530 -17.11 -10.80 16.05
C GLY E 530 -17.97 -9.61 16.46
N ILE E 531 -17.56 -8.82 17.45
CA ILE E 531 -18.32 -7.62 17.79
C ILE E 531 -17.89 -6.49 16.84
N HIS E 532 -18.71 -6.26 15.82
CA HIS E 532 -18.40 -5.30 14.77
C HIS E 532 -18.47 -3.82 15.19
N LEU E 533 -19.47 -3.42 15.98
CA LEU E 533 -19.60 -2.03 16.38
C LEU E 533 -18.53 -1.61 17.41
N GLY E 534 -17.79 -0.55 17.08
CA GLY E 534 -16.76 -0.04 17.95
C GLY E 534 -17.30 0.43 19.31
N VAL E 535 -18.46 1.09 19.31
CA VAL E 535 -18.98 1.55 20.58
C VAL E 535 -19.25 0.38 21.54
N HIS E 536 -19.74 -0.73 20.97
CA HIS E 536 -20.02 -1.89 21.79
C HIS E 536 -18.72 -2.50 22.32
N ARG E 537 -17.71 -2.65 21.43
CA ARG E 537 -16.41 -3.13 21.84
C ARG E 537 -15.90 -2.30 22.99
N ALA E 538 -15.90 -0.97 22.84
CA ALA E 538 -15.34 -0.11 23.87
C ALA E 538 -16.07 -0.24 25.20
N ARG E 539 -17.40 -0.37 25.21
CA ARG E 539 -18.11 -0.48 26.46
C ARG E 539 -17.87 -1.81 27.16
N ILE E 540 -17.88 -2.90 26.38
CA ILE E 540 -17.62 -4.22 26.92
C ILE E 540 -16.23 -4.20 27.53
N LEU E 541 -15.28 -3.70 26.76
CA LEU E 541 -13.88 -3.72 27.15
C LEU E 541 -13.67 -2.90 28.42
N THR E 542 -14.27 -1.72 28.51
CA THR E 542 -14.22 -0.86 29.69
C THR E 542 -14.75 -1.58 30.91
N ALA E 543 -15.94 -2.16 30.81
CA ALA E 543 -16.53 -2.85 31.95
C ALA E 543 -15.67 -4.04 32.36
N ALA E 544 -15.05 -4.70 31.39
CA ALA E 544 -14.18 -5.81 31.70
C ALA E 544 -12.97 -5.36 32.51
N ARG E 545 -12.36 -4.20 32.22
CA ARG E 545 -11.30 -3.70 33.07
C ARG E 545 -11.83 -3.39 34.49
N GLU E 546 -12.95 -2.70 34.61
CA GLU E 546 -13.52 -2.32 35.90
C GLU E 546 -13.87 -3.54 36.75
N MET E 547 -14.23 -4.66 36.11
CA MET E 547 -14.59 -5.89 36.78
C MET E 547 -13.43 -6.50 37.57
N LEU E 548 -12.18 -6.11 37.29
CA LEU E 548 -10.97 -6.82 37.74
C LEU E 548 -10.90 -7.03 39.25
N HIS E 549 -11.56 -6.18 40.05
CA HIS E 549 -11.69 -6.35 41.49
C HIS E 549 -12.34 -7.68 41.92
N SER E 550 -13.04 -8.36 41.00
CA SER E 550 -13.69 -9.65 41.23
C SER E 550 -12.79 -10.84 40.83
N PRO E 551 -12.15 -10.86 39.62
CA PRO E 551 -11.08 -11.82 39.29
C PRO E 551 -9.81 -11.81 40.17
N LEU E 552 -9.45 -10.67 40.77
CA LEU E 552 -8.24 -10.56 41.59
C LEU E 552 -8.24 -11.51 42.80
N PRO E 553 -9.30 -11.52 43.68
CA PRO E 553 -9.44 -12.55 44.72
C PRO E 553 -9.31 -14.01 44.27
N GLY F 58 -61.17 36.94 -33.16
CA GLY F 58 -60.32 37.08 -31.95
C GLY F 58 -60.51 38.44 -31.29
N ALA F 59 -60.74 38.42 -29.96
CA ALA F 59 -61.06 39.60 -29.16
C ALA F 59 -59.96 40.68 -29.19
N GLY F 60 -58.71 40.27 -29.48
CA GLY F 60 -57.57 41.16 -29.65
C GLY F 60 -57.82 42.30 -30.65
N THR F 61 -58.66 42.04 -31.67
CA THR F 61 -59.09 43.06 -32.64
C THR F 61 -59.80 44.22 -31.94
N GLU F 62 -60.71 43.90 -31.01
CA GLU F 62 -61.45 44.91 -30.25
C GLU F 62 -60.53 45.76 -29.39
N VAL F 63 -59.41 45.17 -28.91
CA VAL F 63 -58.38 45.90 -28.19
C VAL F 63 -57.69 46.92 -29.12
N GLN F 64 -57.46 46.54 -30.39
CA GLN F 64 -56.94 47.45 -31.39
C GLN F 64 -57.93 48.59 -31.65
N ASP F 65 -59.24 48.29 -31.70
CA ASP F 65 -60.30 49.29 -31.82
C ASP F 65 -60.29 50.27 -30.62
N ALA F 66 -60.15 49.72 -29.40
CA ALA F 66 -60.06 50.50 -28.17
C ALA F 66 -58.84 51.43 -28.19
N LEU F 67 -57.69 50.90 -28.65
CA LEU F 67 -56.47 51.67 -28.84
C LEU F 67 -56.68 52.76 -29.91
N GLU F 68 -57.28 52.40 -31.06
CA GLU F 68 -57.52 53.34 -32.15
C GLU F 68 -58.50 54.45 -31.77
N ARG F 69 -59.34 54.23 -30.74
CA ARG F 69 -60.11 55.29 -30.10
C ARG F 69 -59.24 56.13 -29.16
N ALA F 70 -58.59 55.47 -28.17
CA ALA F 70 -57.91 56.14 -27.06
C ALA F 70 -56.66 56.90 -27.50
N LEU F 71 -55.93 56.36 -28.50
CA LEU F 71 -54.64 56.90 -28.94
C LEU F 71 -54.77 58.32 -29.52
N PRO F 72 -55.66 58.64 -30.49
CA PRO F 72 -55.81 60.02 -30.96
C PRO F 72 -56.25 60.99 -29.87
N GLU F 73 -57.12 60.54 -28.95
CA GLU F 73 -57.49 61.37 -27.78
C GLU F 73 -56.24 61.70 -26.95
N LEU F 74 -55.40 60.69 -26.72
CA LEU F 74 -54.13 60.84 -26.03
C LEU F 74 -53.17 61.77 -26.79
N GLN F 75 -53.07 61.63 -28.12
CA GLN F 75 -52.27 62.51 -28.95
C GLN F 75 -52.70 63.97 -28.79
N GLN F 76 -54.01 64.23 -28.80
CA GLN F 76 -54.55 65.56 -28.57
C GLN F 76 -54.14 66.07 -27.19
N ALA F 77 -54.43 65.29 -26.14
CA ALA F 77 -54.14 65.68 -24.76
C ALA F 77 -52.63 65.93 -24.53
N LEU F 78 -51.77 65.07 -25.11
CA LEU F 78 -50.32 65.23 -25.08
C LEU F 78 -49.88 66.48 -25.83
N SER F 79 -50.42 66.69 -27.05
CA SER F 79 -50.08 67.89 -27.82
C SER F 79 -50.42 69.15 -27.03
N ALA F 80 -51.53 69.10 -26.28
CA ALA F 80 -51.98 70.15 -25.36
C ALA F 80 -51.14 70.24 -24.08
N LEU F 81 -50.01 69.51 -24.01
CA LEU F 81 -48.98 69.67 -22.99
C LEU F 81 -47.62 70.04 -23.59
N LYS F 82 -47.44 69.89 -24.91
CA LYS F 82 -46.18 70.20 -25.57
C LYS F 82 -45.87 71.70 -25.58
N GLN F 83 -46.92 72.54 -25.61
CA GLN F 83 -46.83 73.99 -25.41
C GLN F 83 -46.67 74.34 -23.92
N ALA F 84 -45.84 75.35 -23.62
CA ALA F 84 -45.66 75.83 -22.25
C ALA F 84 -46.82 76.75 -21.84
N GLY F 85 -48.03 76.18 -21.71
CA GLY F 85 -49.28 76.92 -21.59
C GLY F 85 -49.51 77.58 -20.22
N GLY F 86 -48.63 77.32 -19.24
CA GLY F 86 -48.79 77.83 -17.89
C GLY F 86 -49.67 76.94 -17.01
N ALA F 87 -49.71 77.22 -15.70
CA ALA F 87 -50.19 76.32 -14.66
C ALA F 87 -51.61 75.78 -14.95
N ARG F 88 -52.52 76.66 -15.39
CA ARG F 88 -53.92 76.32 -15.65
C ARG F 88 -54.05 75.35 -16.84
N ALA F 89 -53.36 75.68 -17.94
CA ALA F 89 -53.39 74.90 -19.17
C ALA F 89 -52.76 73.52 -18.98
N VAL F 90 -51.56 73.47 -18.36
CA VAL F 90 -50.88 72.21 -18.12
C VAL F 90 -51.61 71.36 -17.09
N GLY F 91 -52.21 71.97 -16.06
CA GLY F 91 -53.08 71.29 -15.11
C GLY F 91 -54.21 70.52 -15.82
N ALA F 92 -54.91 71.21 -16.73
CA ALA F 92 -55.96 70.63 -17.55
C ALA F 92 -55.43 69.51 -18.46
N GLY F 93 -54.33 69.77 -19.20
CA GLY F 93 -53.73 68.78 -20.09
C GLY F 93 -53.31 67.51 -19.37
N LEU F 94 -52.70 67.66 -18.18
CA LEU F 94 -52.31 66.56 -17.31
C LEU F 94 -53.56 65.78 -16.85
N ALA F 95 -54.60 66.49 -16.40
CA ALA F 95 -55.84 65.87 -16.00
C ALA F 95 -56.48 65.07 -17.15
N GLU F 96 -56.39 65.55 -18.39
CA GLU F 96 -56.90 64.85 -19.57
C GLU F 96 -56.17 63.52 -19.80
N VAL F 97 -54.83 63.54 -19.84
CA VAL F 97 -54.07 62.30 -20.04
C VAL F 97 -54.23 61.36 -18.85
N PHE F 98 -54.30 61.91 -17.62
CA PHE F 98 -54.56 61.15 -16.41
C PHE F 98 -55.89 60.41 -16.51
N GLN F 99 -56.97 61.14 -16.86
CA GLN F 99 -58.28 60.56 -17.14
C GLN F 99 -58.19 59.45 -18.19
N LEU F 100 -57.56 59.72 -19.33
CA LEU F 100 -57.44 58.75 -20.42
C LEU F 100 -56.79 57.45 -19.96
N VAL F 101 -55.69 57.53 -19.19
CA VAL F 101 -54.98 56.33 -18.79
C VAL F 101 -55.63 55.63 -17.59
N GLU F 102 -56.24 56.38 -16.66
CA GLU F 102 -57.06 55.78 -15.60
C GLU F 102 -58.22 55.00 -16.22
N GLU F 103 -58.94 55.62 -17.16
CA GLU F 103 -60.01 54.98 -17.91
C GLU F 103 -59.50 53.71 -18.60
N ALA F 104 -58.32 53.78 -19.23
CA ALA F 104 -57.69 52.63 -19.89
C ALA F 104 -57.41 51.48 -18.92
N TRP F 105 -56.85 51.75 -17.72
CA TRP F 105 -56.66 50.73 -16.69
C TRP F 105 -57.97 50.10 -16.25
N LEU F 106 -59.04 50.92 -16.16
CA LEU F 106 -60.34 50.52 -15.64
C LEU F 106 -61.17 49.67 -16.61
N LEU F 107 -60.79 49.57 -17.91
CA LEU F 107 -61.59 48.82 -18.89
C LEU F 107 -61.65 47.32 -18.55
N PRO F 108 -62.87 46.71 -18.43
CA PRO F 108 -63.00 45.26 -18.31
C PRO F 108 -62.51 44.49 -19.55
N ALA F 109 -62.58 45.14 -20.72
CA ALA F 109 -62.07 44.63 -21.99
C ALA F 109 -60.55 44.75 -22.03
N VAL F 110 -59.88 43.96 -21.16
CA VAL F 110 -58.43 43.80 -21.05
C VAL F 110 -57.70 45.16 -21.00
N GLY F 111 -58.19 46.05 -20.12
CA GLY F 111 -57.71 47.41 -19.95
C GLY F 111 -56.18 47.54 -19.85
N ARG F 112 -55.53 46.55 -19.24
CA ARG F 112 -54.08 46.49 -19.09
C ARG F 112 -53.35 46.63 -20.43
N GLU F 113 -53.87 46.00 -21.48
CA GLU F 113 -53.25 46.05 -22.80
C GLU F 113 -53.39 47.46 -23.41
N VAL F 114 -54.60 48.03 -23.32
CA VAL F 114 -54.89 49.37 -23.79
C VAL F 114 -53.99 50.38 -23.08
N ALA F 115 -54.00 50.32 -21.75
CA ALA F 115 -53.23 51.22 -20.89
C ALA F 115 -51.72 51.08 -21.11
N GLN F 116 -51.22 49.84 -21.30
CA GLN F 116 -49.84 49.63 -21.70
C GLN F 116 -49.52 50.34 -23.03
N GLY F 117 -50.42 50.20 -24.02
CA GLY F 117 -50.32 50.93 -25.28
C GLY F 117 -50.27 52.46 -25.10
N LEU F 118 -51.07 52.99 -24.17
CA LEU F 118 -51.02 54.42 -23.83
C LEU F 118 -49.69 54.79 -23.16
N CYS F 119 -49.21 53.95 -22.23
CA CYS F 119 -47.93 54.15 -21.56
C CYS F 119 -46.76 54.11 -22.54
N ASP F 120 -46.85 53.24 -23.55
CA ASP F 120 -45.94 53.16 -24.69
C ASP F 120 -45.98 54.45 -25.50
N ALA F 121 -47.18 54.89 -25.87
CA ALA F 121 -47.36 56.14 -26.61
C ALA F 121 -46.76 57.34 -25.86
N ILE F 122 -46.99 57.43 -24.54
CA ILE F 122 -46.42 58.48 -23.70
C ILE F 122 -44.89 58.38 -23.65
N ARG F 123 -44.33 57.17 -23.67
CA ARG F 123 -42.88 56.98 -23.72
C ARG F 123 -42.29 57.40 -25.07
N LEU F 124 -42.99 57.06 -26.17
CA LEU F 124 -42.50 57.27 -27.53
C LEU F 124 -42.59 58.75 -27.93
N ASP F 125 -43.72 59.40 -27.61
CA ASP F 125 -44.01 60.77 -28.05
C ASP F 125 -44.01 61.72 -26.85
N GLY F 126 -43.11 62.72 -26.86
CA GLY F 126 -42.93 63.62 -25.72
C GLY F 126 -42.11 62.98 -24.59
N GLY F 127 -42.36 61.67 -24.36
CA GLY F 127 -41.62 60.89 -23.38
C GLY F 127 -42.07 61.14 -21.94
N LEU F 128 -41.39 60.47 -21.01
CA LEU F 128 -41.49 60.82 -19.60
C LEU F 128 -40.78 62.15 -19.31
N ASP F 129 -40.06 62.71 -20.29
CA ASP F 129 -39.20 63.86 -20.10
C ASP F 129 -40.01 65.11 -19.71
N LEU F 130 -41.08 65.42 -20.45
CA LEU F 130 -41.92 66.56 -20.11
C LEU F 130 -42.64 66.35 -18.77
N LEU F 131 -42.97 65.10 -18.42
CA LEU F 131 -43.50 64.78 -17.11
C LEU F 131 -42.44 65.10 -16.04
N LEU F 132 -41.20 64.65 -16.23
CA LEU F 132 -40.10 64.88 -15.30
C LEU F 132 -39.73 66.36 -15.16
N ARG F 133 -39.96 67.16 -16.21
CA ARG F 133 -39.82 68.61 -16.12
C ARG F 133 -40.98 69.22 -15.31
N LEU F 134 -42.22 68.86 -15.63
CA LEU F 134 -43.38 69.32 -14.87
C LEU F 134 -43.29 68.90 -13.40
N LEU F 135 -42.72 67.71 -13.14
CA LEU F 135 -42.53 67.12 -11.82
C LEU F 135 -41.65 67.98 -10.91
N GLN F 136 -40.92 68.96 -11.48
CA GLN F 136 -40.04 69.86 -10.74
C GLN F 136 -40.32 71.34 -11.03
N ALA F 137 -41.40 71.65 -11.78
CA ALA F 137 -41.92 73.00 -11.90
C ALA F 137 -42.39 73.51 -10.54
N PRO F 138 -42.29 74.83 -10.23
CA PRO F 138 -42.58 75.32 -8.87
C PRO F 138 -44.01 75.16 -8.37
N GLU F 139 -45.01 75.32 -9.26
CA GLU F 139 -46.42 75.28 -8.88
C GLU F 139 -46.85 73.87 -8.43
N LEU F 140 -47.32 73.76 -7.18
CA LEU F 140 -47.71 72.49 -6.57
C LEU F 140 -48.71 71.71 -7.41
N GLU F 141 -49.72 72.40 -7.98
CA GLU F 141 -50.74 71.79 -8.82
C GLU F 141 -50.13 70.98 -9.97
N THR F 142 -49.13 71.58 -10.63
CA THR F 142 -48.47 70.96 -11.78
C THR F 142 -47.70 69.72 -11.35
N ARG F 143 -46.98 69.81 -10.22
CA ARG F 143 -46.23 68.69 -9.66
C ARG F 143 -47.16 67.56 -9.26
N VAL F 144 -48.25 67.89 -8.56
CA VAL F 144 -49.27 66.93 -8.17
C VAL F 144 -49.83 66.21 -9.40
N GLN F 145 -50.28 66.97 -10.41
CA GLN F 145 -50.86 66.40 -11.61
C GLN F 145 -49.86 65.54 -12.39
N ALA F 146 -48.59 65.98 -12.44
CA ALA F 146 -47.51 65.23 -13.06
C ALA F 146 -47.27 63.90 -12.33
N ALA F 147 -47.15 63.98 -10.99
CA ALA F 147 -46.93 62.83 -10.13
C ALA F 147 -48.08 61.82 -10.25
N ARG F 148 -49.32 62.32 -10.21
CA ARG F 148 -50.54 61.54 -10.39
C ARG F 148 -50.47 60.72 -11.69
N LEU F 149 -50.13 61.40 -12.79
CA LEU F 149 -50.02 60.77 -14.09
C LEU F 149 -48.90 59.73 -14.09
N LEU F 150 -47.71 60.13 -13.63
CA LEU F 150 -46.53 59.27 -13.67
C LEU F 150 -46.77 57.98 -12.88
N GLU F 151 -47.31 58.10 -11.67
CA GLU F 151 -47.67 56.97 -10.83
C GLU F 151 -48.58 55.96 -11.55
N GLN F 152 -49.42 56.43 -12.48
CA GLN F 152 -50.31 55.54 -13.22
C GLN F 152 -49.67 54.93 -14.48
N ILE F 153 -48.41 55.26 -14.81
CA ILE F 153 -47.86 54.84 -16.10
C ILE F 153 -46.48 54.17 -16.00
N LEU F 154 -46.00 53.88 -14.77
CA LEU F 154 -44.74 53.19 -14.58
C LEU F 154 -44.80 51.68 -14.87
N VAL F 155 -45.26 51.36 -16.08
CA VAL F 155 -45.05 50.10 -16.76
C VAL F 155 -43.54 49.81 -16.83
N ALA F 156 -43.16 48.54 -17.03
CA ALA F 156 -41.77 48.09 -17.06
C ALA F 156 -40.84 49.00 -17.87
N GLU F 157 -41.13 49.26 -19.16
CA GLU F 157 -40.27 50.07 -20.02
C GLU F 157 -40.19 51.52 -19.53
N ASN F 158 -41.27 52.00 -18.92
CA ASN F 158 -41.32 53.35 -18.38
C ASN F 158 -40.45 53.47 -17.13
N ARG F 159 -40.48 52.45 -16.26
CA ARG F 159 -39.53 52.31 -15.15
C ARG F 159 -38.12 52.25 -15.70
N ASP F 160 -37.91 51.50 -16.78
CA ASP F 160 -36.61 51.31 -17.39
C ASP F 160 -36.03 52.65 -17.87
N ARG F 161 -36.88 53.53 -18.44
CA ARG F 161 -36.50 54.88 -18.83
C ARG F 161 -36.17 55.74 -17.61
N VAL F 162 -37.08 55.88 -16.65
CA VAL F 162 -36.83 56.81 -15.54
C VAL F 162 -35.73 56.31 -14.60
N ALA F 163 -35.38 55.03 -14.66
CA ALA F 163 -34.22 54.48 -13.95
C ALA F 163 -32.90 55.08 -14.45
N ARG F 164 -32.85 55.50 -15.74
CA ARG F 164 -31.65 55.99 -16.41
C ARG F 164 -31.70 57.50 -16.69
N ILE F 165 -32.91 58.05 -16.88
CA ILE F 165 -33.11 59.49 -17.02
C ILE F 165 -33.82 60.04 -15.76
N GLY F 166 -33.20 61.03 -15.12
CA GLY F 166 -33.85 61.86 -14.11
C GLY F 166 -34.41 61.15 -12.86
N LEU F 167 -33.88 59.97 -12.51
CA LEU F 167 -34.25 59.34 -11.25
C LEU F 167 -34.03 60.29 -10.07
N GLY F 168 -32.97 61.11 -10.12
CA GLY F 168 -32.68 62.16 -9.15
C GLY F 168 -33.83 63.15 -8.90
N VAL F 169 -34.70 63.35 -9.89
CA VAL F 169 -35.89 64.20 -9.76
C VAL F 169 -36.87 63.57 -8.77
N ILE F 170 -37.10 62.26 -8.91
CA ILE F 170 -37.98 61.50 -8.02
C ILE F 170 -37.45 61.58 -6.59
N LEU F 171 -36.13 61.39 -6.42
CA LEU F 171 -35.51 61.49 -5.10
C LEU F 171 -35.52 62.93 -4.56
N ASN F 172 -35.58 63.93 -5.45
CA ASN F 172 -35.81 65.31 -5.03
C ASN F 172 -37.20 65.47 -4.42
N LEU F 173 -38.24 64.97 -5.12
CA LEU F 173 -39.61 64.96 -4.62
C LEU F 173 -39.76 64.16 -3.32
N ALA F 174 -38.94 63.12 -3.11
CA ALA F 174 -38.97 62.33 -1.89
C ALA F 174 -38.70 63.15 -0.63
N LYS F 175 -38.23 64.42 -0.78
CA LYS F 175 -38.05 65.36 0.32
C LYS F 175 -39.27 66.23 0.57
N GLU F 176 -40.16 66.36 -0.43
CA GLU F 176 -41.42 67.09 -0.31
C GLU F 176 -42.49 66.24 0.38
N ARG F 177 -42.32 65.99 1.69
CA ARG F 177 -43.06 64.96 2.40
C ARG F 177 -44.43 65.41 2.89
N GLU F 178 -44.70 66.73 2.84
CA GLU F 178 -45.85 67.36 3.51
C GLU F 178 -47.17 67.30 2.72
N PRO F 179 -47.24 67.69 1.42
CA PRO F 179 -48.51 67.72 0.69
C PRO F 179 -48.99 66.30 0.36
N VAL F 180 -50.15 65.92 0.90
CA VAL F 180 -50.61 64.53 0.86
C VAL F 180 -50.85 64.04 -0.58
N GLU F 181 -51.40 64.89 -1.46
CA GLU F 181 -51.67 64.53 -2.84
C GLU F 181 -50.37 64.20 -3.59
N LEU F 182 -49.33 64.97 -3.29
CA LEU F 182 -48.00 64.71 -3.80
C LEU F 182 -47.44 63.43 -3.17
N ALA F 183 -47.44 63.33 -1.83
CA ALA F 183 -46.93 62.19 -1.07
C ALA F 183 -47.50 60.87 -1.59
N ARG F 184 -48.83 60.77 -1.75
CA ARG F 184 -49.49 59.59 -2.31
C ARG F 184 -48.86 59.18 -3.64
N SER F 185 -48.74 60.15 -4.54
CA SER F 185 -48.27 59.95 -5.90
C SER F 185 -46.79 59.52 -5.89
N VAL F 186 -45.96 60.22 -5.09
CA VAL F 186 -44.53 59.96 -4.95
C VAL F 186 -44.30 58.59 -4.33
N ALA F 187 -45.04 58.24 -3.27
CA ALA F 187 -44.97 56.91 -2.69
C ALA F 187 -45.28 55.82 -3.72
N GLY F 188 -46.33 56.01 -4.53
CA GLY F 188 -46.65 55.07 -5.61
C GLY F 188 -45.53 54.97 -6.64
N ILE F 189 -44.93 56.12 -7.01
CA ILE F 189 -43.79 56.17 -7.90
C ILE F 189 -42.62 55.36 -7.32
N LEU F 190 -42.27 55.64 -6.06
CA LEU F 190 -41.19 54.94 -5.37
C LEU F 190 -41.46 53.44 -5.31
N GLU F 191 -42.67 53.04 -4.90
CA GLU F 191 -43.12 51.66 -4.95
C GLU F 191 -42.78 51.02 -6.31
N HIS F 192 -43.22 51.64 -7.41
CA HIS F 192 -42.98 51.11 -8.74
C HIS F 192 -41.50 51.04 -9.07
N MET F 193 -40.74 52.07 -8.67
CA MET F 193 -39.31 52.12 -8.96
C MET F 193 -38.53 51.06 -8.17
N PHE F 194 -38.92 50.78 -6.92
CA PHE F 194 -38.34 49.69 -6.16
C PHE F 194 -38.57 48.34 -6.84
N LYS F 195 -39.53 48.23 -7.75
CA LYS F 195 -39.78 46.99 -8.47
C LYS F 195 -38.83 46.82 -9.67
N HIS F 196 -37.95 47.80 -9.94
CA HIS F 196 -37.24 47.85 -11.22
C HIS F 196 -36.07 46.86 -11.28
N SER F 197 -35.06 47.09 -10.42
CA SER F 197 -33.81 46.34 -10.42
C SER F 197 -33.05 46.54 -9.11
N GLU F 198 -32.05 45.68 -8.89
CA GLU F 198 -31.22 45.74 -7.70
C GLU F 198 -30.50 47.09 -7.60
N GLU F 199 -29.95 47.54 -8.74
CA GLU F 199 -29.23 48.80 -8.82
C GLU F 199 -30.15 49.96 -8.46
N THR F 200 -31.35 49.97 -9.03
CA THR F 200 -32.32 51.03 -8.75
C THR F 200 -32.63 51.08 -7.27
N CYS F 201 -32.83 49.92 -6.64
CA CYS F 201 -33.07 49.85 -5.20
C CYS F 201 -31.89 50.42 -4.43
N GLN F 202 -30.66 50.04 -4.81
CA GLN F 202 -29.46 50.53 -4.15
C GLN F 202 -29.44 52.05 -4.18
N ARG F 203 -29.75 52.65 -5.35
CA ARG F 203 -29.73 54.09 -5.52
C ARG F 203 -30.80 54.74 -4.64
N LEU F 204 -32.03 54.20 -4.67
CA LEU F 204 -33.15 54.70 -3.88
C LEU F 204 -32.92 54.59 -2.37
N VAL F 205 -32.13 53.60 -1.91
CA VAL F 205 -31.90 53.34 -0.50
C VAL F 205 -30.70 54.15 0.01
N ALA F 206 -29.69 54.37 -0.84
CA ALA F 206 -28.50 55.15 -0.51
C ALA F 206 -28.86 56.62 -0.30
N ALA F 207 -29.69 57.17 -1.19
CA ALA F 207 -30.30 58.49 -1.02
C ALA F 207 -31.62 58.39 -0.25
N GLY F 208 -32.40 59.49 -0.21
CA GLY F 208 -33.52 59.60 0.70
C GLY F 208 -34.79 58.82 0.33
N GLY F 209 -34.75 57.97 -0.70
CA GLY F 209 -35.92 57.26 -1.21
C GLY F 209 -36.57 56.33 -0.18
N LEU F 210 -35.77 55.48 0.48
CA LEU F 210 -36.31 54.60 1.52
C LEU F 210 -36.79 55.42 2.72
N ASP F 211 -36.05 56.47 3.10
CA ASP F 211 -36.40 57.32 4.23
C ASP F 211 -37.78 57.97 4.07
N ALA F 212 -38.17 58.28 2.83
CA ALA F 212 -39.49 58.83 2.53
C ALA F 212 -40.62 57.87 2.91
N VAL F 213 -40.56 56.62 2.44
CA VAL F 213 -41.59 55.64 2.74
C VAL F 213 -41.61 55.28 4.24
N LEU F 214 -40.43 55.17 4.86
CA LEU F 214 -40.36 54.90 6.29
C LEU F 214 -40.90 56.06 7.12
N TYR F 215 -40.67 57.30 6.68
CA TYR F 215 -41.32 58.45 7.30
C TYR F 215 -42.84 58.38 7.13
N TRP F 216 -43.31 58.22 5.89
CA TRP F 216 -44.72 58.18 5.57
C TRP F 216 -45.51 57.07 6.27
N CYS F 217 -44.85 56.01 6.75
CA CYS F 217 -45.51 55.02 7.60
C CYS F 217 -46.09 55.59 8.89
N ARG F 218 -45.67 56.80 9.31
CA ARG F 218 -46.22 57.46 10.50
C ARG F 218 -47.46 58.33 10.20
N ARG F 219 -47.85 58.43 8.93
CA ARG F 219 -49.05 59.15 8.49
C ARG F 219 -50.30 58.27 8.59
N THR F 220 -51.48 58.86 8.36
CA THR F 220 -52.78 58.20 8.53
C THR F 220 -53.44 57.85 7.19
N ASP F 221 -52.95 58.42 6.09
CA ASP F 221 -53.68 58.37 4.82
C ASP F 221 -53.71 56.97 4.21
N PRO F 222 -54.89 56.38 3.88
CA PRO F 222 -54.99 55.04 3.30
C PRO F 222 -54.14 54.75 2.07
N ALA F 223 -54.24 55.63 1.06
CA ALA F 223 -53.55 55.43 -0.21
C ALA F 223 -52.03 55.49 -0.01
N LEU F 224 -51.58 56.49 0.77
CA LEU F 224 -50.18 56.64 1.12
C LEU F 224 -49.63 55.38 1.81
N LEU F 225 -50.35 54.89 2.84
CA LEU F 225 -49.93 53.71 3.57
C LEU F 225 -49.91 52.46 2.69
N ARG F 226 -50.92 52.30 1.82
CA ARG F 226 -50.94 51.17 0.89
C ARG F 226 -49.70 51.17 0.00
N HIS F 227 -49.36 52.33 -0.55
CA HIS F 227 -48.13 52.47 -1.32
C HIS F 227 -46.89 52.21 -0.46
N CYS F 228 -46.85 52.67 0.80
CA CYS F 228 -45.70 52.39 1.67
C CYS F 228 -45.50 50.89 1.89
N ALA F 229 -46.58 50.16 2.19
CA ALA F 229 -46.52 48.72 2.37
C ALA F 229 -45.96 48.05 1.11
N LEU F 230 -46.54 48.39 -0.05
CA LEU F 230 -46.10 47.81 -1.30
C LEU F 230 -44.65 48.22 -1.65
N ALA F 231 -44.24 49.45 -1.31
CA ALA F 231 -42.89 49.90 -1.55
C ALA F 231 -41.90 49.05 -0.77
N LEU F 232 -42.10 48.91 0.55
CA LEU F 232 -41.21 48.14 1.40
C LEU F 232 -41.18 46.67 0.98
N GLY F 233 -42.32 46.10 0.64
CA GLY F 233 -42.34 44.77 0.08
C GLY F 233 -41.57 44.63 -1.24
N ASN F 234 -41.82 45.54 -2.20
CA ASN F 234 -41.15 45.55 -3.49
C ASN F 234 -39.64 45.68 -3.29
N CYS F 235 -39.22 46.60 -2.40
CA CYS F 235 -37.82 46.81 -2.07
C CYS F 235 -37.19 45.53 -1.53
N ALA F 236 -37.78 44.89 -0.53
CA ALA F 236 -37.29 43.62 0.01
C ALA F 236 -37.21 42.51 -1.03
N LEU F 237 -38.16 42.43 -1.97
CA LEU F 237 -38.19 41.38 -2.98
C LEU F 237 -37.21 41.57 -4.13
N HIS F 238 -36.72 42.81 -4.38
CA HIS F 238 -35.91 43.11 -5.57
C HIS F 238 -34.52 43.66 -5.25
N GLY F 239 -34.34 44.26 -4.06
CA GLY F 239 -33.15 45.03 -3.70
C GLY F 239 -31.93 44.18 -3.36
N GLY F 240 -32.11 42.86 -3.25
CA GLY F 240 -31.05 41.91 -2.95
C GLY F 240 -30.46 42.09 -1.55
N GLN F 241 -29.38 41.34 -1.29
CA GLN F 241 -28.83 41.12 0.05
C GLN F 241 -28.44 42.44 0.73
N ALA F 242 -27.86 43.35 -0.05
CA ALA F 242 -27.31 44.59 0.43
C ALA F 242 -28.39 45.51 0.99
N VAL F 243 -29.49 45.73 0.23
CA VAL F 243 -30.52 46.64 0.71
C VAL F 243 -31.38 46.03 1.81
N GLN F 244 -31.63 44.70 1.78
CA GLN F 244 -32.38 44.08 2.86
C GLN F 244 -31.75 44.41 4.20
N ARG F 245 -30.41 44.31 4.25
CA ARG F 245 -29.63 44.61 5.44
C ARG F 245 -29.80 46.07 5.85
N ARG F 246 -29.81 46.99 4.88
CA ARG F 246 -30.07 48.40 5.13
C ARG F 246 -31.48 48.67 5.64
N MET F 247 -32.49 48.03 5.05
CA MET F 247 -33.87 48.19 5.49
C MET F 247 -34.03 47.86 6.98
N VAL F 248 -33.45 46.73 7.39
CA VAL F 248 -33.57 46.27 8.76
C VAL F 248 -32.78 47.18 9.69
N GLU F 249 -31.59 47.64 9.27
CA GLU F 249 -30.79 48.60 10.01
C GLU F 249 -31.55 49.93 10.19
N LYS F 250 -32.30 50.34 9.16
CA LYS F 250 -33.21 51.49 9.18
C LYS F 250 -34.53 51.22 9.93
N ARG F 251 -34.64 50.08 10.61
CA ARG F 251 -35.79 49.74 11.46
C ARG F 251 -37.10 49.58 10.68
N ALA F 252 -37.02 49.07 9.45
CA ALA F 252 -38.19 48.89 8.59
C ALA F 252 -39.20 47.89 9.17
N ALA F 253 -38.70 46.88 9.91
CA ALA F 253 -39.55 45.85 10.50
C ALA F 253 -40.49 46.43 11.55
N GLU F 254 -39.96 47.35 12.39
CA GLU F 254 -40.76 48.13 13.33
C GLU F 254 -41.77 48.99 12.58
N TRP F 255 -41.33 49.74 11.56
CA TRP F 255 -42.22 50.64 10.85
C TRP F 255 -43.30 49.93 10.04
N LEU F 256 -43.14 48.64 9.76
CA LEU F 256 -44.21 47.83 9.18
C LEU F 256 -45.27 47.45 10.23
N PHE F 257 -44.95 47.54 11.53
CA PHE F 257 -45.85 47.11 12.59
C PHE F 257 -47.22 47.80 12.50
N PRO F 258 -47.33 49.15 12.46
CA PRO F 258 -48.63 49.82 12.47
C PRO F 258 -49.46 49.48 11.23
N LEU F 259 -48.80 49.16 10.12
CA LEU F 259 -49.48 48.81 8.88
C LEU F 259 -50.04 47.37 8.96
N ALA F 260 -49.26 46.46 9.55
CA ALA F 260 -49.71 45.10 9.84
C ALA F 260 -50.81 45.07 10.91
N PHE F 261 -50.71 45.93 11.93
CA PHE F 261 -51.66 46.07 13.04
C PHE F 261 -52.84 46.99 12.68
N SER F 262 -52.97 47.40 11.41
CA SER F 262 -54.08 48.23 10.96
C SER F 262 -55.41 47.46 11.05
N LYS F 263 -56.54 48.18 10.96
CA LYS F 263 -57.86 47.64 11.22
C LYS F 263 -58.73 47.64 9.96
N GLU F 264 -58.81 48.82 9.30
CA GLU F 264 -59.76 49.10 8.25
C GLU F 264 -59.51 48.31 6.96
N ASP F 265 -58.25 47.93 6.68
CA ASP F 265 -57.87 47.41 5.38
C ASP F 265 -57.04 46.12 5.51
N GLU F 266 -57.68 44.99 5.18
CA GLU F 266 -57.05 43.68 5.13
C GLU F 266 -55.81 43.68 4.24
N LEU F 267 -55.87 44.38 3.10
CA LEU F 267 -54.76 44.38 2.17
C LEU F 267 -53.58 45.23 2.67
N LEU F 268 -53.82 46.29 3.43
CA LEU F 268 -52.73 47.01 4.08
C LEU F 268 -52.00 46.07 5.05
N ARG F 269 -52.74 45.29 5.85
CA ARG F 269 -52.15 44.29 6.74
C ARG F 269 -51.39 43.24 5.94
N LEU F 270 -51.98 42.74 4.86
CA LEU F 270 -51.45 41.62 4.08
C LEU F 270 -50.17 42.01 3.35
N HIS F 271 -50.10 43.23 2.82
CA HIS F 271 -48.92 43.72 2.15
C HIS F 271 -47.81 43.96 3.18
N ALA F 272 -48.15 44.54 4.33
CA ALA F 272 -47.17 44.75 5.39
C ALA F 272 -46.58 43.42 5.90
N CYS F 273 -47.42 42.41 6.03
CA CYS F 273 -46.99 41.08 6.44
C CYS F 273 -46.08 40.43 5.40
N LEU F 274 -46.37 40.59 4.09
CA LEU F 274 -45.47 40.07 3.06
C LEU F 274 -44.06 40.66 3.18
N ALA F 275 -43.98 41.96 3.42
CA ALA F 275 -42.71 42.63 3.60
C ALA F 275 -41.87 41.96 4.70
N VAL F 276 -42.43 41.80 5.92
CA VAL F 276 -41.66 41.23 7.02
C VAL F 276 -41.35 39.75 6.80
N ALA F 277 -42.23 39.02 6.11
CA ALA F 277 -41.99 37.62 5.78
C ALA F 277 -40.81 37.45 4.85
N VAL F 278 -40.75 38.29 3.81
CA VAL F 278 -39.61 38.32 2.89
C VAL F 278 -38.32 38.67 3.63
N LEU F 279 -38.33 39.72 4.48
CA LEU F 279 -37.17 40.05 5.31
C LEU F 279 -36.73 38.92 6.24
N ALA F 280 -37.67 38.21 6.87
CA ALA F 280 -37.36 37.13 7.78
C ALA F 280 -36.77 35.90 7.05
N THR F 281 -36.98 35.82 5.73
CA THR F 281 -36.41 34.74 4.93
C THR F 281 -34.87 34.90 4.75
N ASN F 282 -34.34 36.10 4.99
CA ASN F 282 -32.92 36.40 4.97
C ASN F 282 -32.36 36.07 6.35
N LYS F 283 -31.43 35.09 6.42
CA LYS F 283 -30.96 34.51 7.67
C LYS F 283 -30.18 35.49 8.53
N GLU F 284 -29.48 36.43 7.91
CA GLU F 284 -28.65 37.37 8.63
C GLU F 284 -29.52 38.34 9.43
N VAL F 285 -30.61 38.83 8.82
CA VAL F 285 -31.43 39.86 9.44
C VAL F 285 -32.57 39.26 10.29
N GLU F 286 -32.79 37.94 10.20
CA GLU F 286 -33.89 37.21 10.83
C GLU F 286 -34.07 37.61 12.29
N ARG F 287 -32.98 37.63 13.05
CA ARG F 287 -33.01 37.89 14.49
C ARG F 287 -33.54 39.28 14.83
N GLU F 288 -33.23 40.29 14.01
CA GLU F 288 -33.73 41.63 14.23
C GLU F 288 -35.19 41.79 13.83
N VAL F 289 -35.62 41.15 12.73
CA VAL F 289 -37.03 41.22 12.35
C VAL F 289 -37.93 40.44 13.31
N GLU F 290 -37.38 39.42 13.99
CA GLU F 290 -38.04 38.84 15.15
C GLU F 290 -38.18 39.88 16.25
N ARG F 291 -37.08 40.57 16.55
CA ARG F 291 -37.02 41.52 17.65
C ARG F 291 -38.09 42.60 17.52
N SER F 292 -38.49 42.96 16.29
CA SER F 292 -39.51 43.98 16.06
C SER F 292 -40.90 43.54 16.55
N GLY F 293 -41.13 42.22 16.63
CA GLY F 293 -42.42 41.68 17.05
C GLY F 293 -43.44 41.60 15.91
N THR F 294 -43.11 42.16 14.76
CA THR F 294 -44.07 42.27 13.66
C THR F 294 -44.40 40.90 13.04
N LEU F 295 -43.50 39.93 13.16
CA LEU F 295 -43.75 38.60 12.67
C LEU F 295 -44.91 37.91 13.40
N ALA F 296 -45.12 38.22 14.68
CA ALA F 296 -46.20 37.65 15.47
C ALA F 296 -47.59 37.94 14.89
N LEU F 297 -47.70 38.97 14.05
CA LEU F 297 -48.95 39.35 13.40
C LEU F 297 -49.26 38.50 12.16
N VAL F 298 -48.27 37.80 11.59
CA VAL F 298 -48.39 37.25 10.25
C VAL F 298 -49.36 36.07 10.22
N GLU F 299 -49.13 35.04 11.07
CA GLU F 299 -49.99 33.86 11.03
C GLU F 299 -51.45 34.17 11.38
N PRO F 300 -51.74 34.91 12.50
CA PRO F 300 -53.09 35.31 12.82
C PRO F 300 -53.82 36.01 11.70
N LEU F 301 -53.15 36.90 10.96
CA LEU F 301 -53.72 37.53 9.78
C LEU F 301 -54.01 36.49 8.68
N VAL F 302 -53.00 35.70 8.31
CA VAL F 302 -53.12 34.76 7.21
C VAL F 302 -54.25 33.76 7.46
N ALA F 303 -54.45 33.38 8.73
CA ALA F 303 -55.52 32.48 9.14
C ALA F 303 -56.91 33.12 8.97
N SER F 304 -57.00 34.45 9.08
CA SER F 304 -58.22 35.24 9.01
C SER F 304 -58.79 35.36 7.58
N LEU F 305 -57.91 35.57 6.58
CA LEU F 305 -58.31 35.90 5.22
C LEU F 305 -58.69 34.66 4.39
N ASP F 306 -59.23 34.92 3.19
CA ASP F 306 -59.61 33.89 2.22
C ASP F 306 -58.86 34.08 0.90
N PRO F 307 -58.02 33.11 0.43
CA PRO F 307 -57.37 33.17 -0.88
C PRO F 307 -58.30 33.33 -2.08
N GLY F 308 -59.54 32.85 -1.96
CA GLY F 308 -60.52 32.94 -3.04
C GLY F 308 -60.93 34.37 -3.40
N ARG F 309 -60.72 35.32 -2.48
CA ARG F 309 -61.14 36.71 -2.62
C ARG F 309 -60.70 37.34 -3.94
N PHE F 310 -59.41 37.22 -4.25
CA PHE F 310 -58.81 37.82 -5.43
C PHE F 310 -59.44 37.31 -6.73
N ALA F 311 -59.67 35.99 -6.81
CA ALA F 311 -60.28 35.34 -7.97
C ALA F 311 -61.76 35.70 -8.16
N ARG F 312 -62.40 36.36 -7.18
CA ARG F 312 -63.76 36.91 -7.31
C ARG F 312 -63.80 38.44 -7.38
N CYS F 313 -62.68 39.11 -7.07
CA CYS F 313 -62.45 40.52 -7.43
C CYS F 313 -62.24 40.63 -8.94
N LEU F 314 -61.42 39.71 -9.49
CA LEU F 314 -61.39 39.35 -10.90
C LEU F 314 -62.76 38.84 -11.35
N VAL F 315 -63.16 39.13 -12.60
CA VAL F 315 -64.39 38.56 -13.17
C VAL F 315 -64.08 37.27 -13.96
N ASP F 316 -65.12 36.69 -14.59
CA ASP F 316 -65.02 35.46 -15.36
C ASP F 316 -64.36 35.65 -16.73
N ALA F 317 -64.33 34.56 -17.52
CA ALA F 317 -63.66 34.49 -18.82
C ALA F 317 -62.16 34.81 -18.69
N SER F 318 -61.61 35.60 -19.64
CA SER F 318 -60.19 35.86 -19.75
C SER F 318 -59.77 37.20 -19.13
N ASP F 319 -60.51 37.68 -18.11
CA ASP F 319 -60.12 38.84 -17.32
C ASP F 319 -58.67 38.71 -16.85
N THR F 320 -57.85 39.72 -17.19
CA THR F 320 -56.42 39.77 -16.88
C THR F 320 -56.09 40.99 -16.00
N SER F 321 -57.11 41.61 -15.39
CA SER F 321 -56.98 42.78 -14.53
C SER F 321 -56.23 42.48 -13.22
N GLN F 322 -56.15 41.19 -12.84
CA GLN F 322 -55.33 40.71 -11.73
C GLN F 322 -54.57 39.44 -12.16
N GLY F 323 -53.45 39.17 -11.45
CA GLY F 323 -52.63 37.99 -11.61
C GLY F 323 -51.16 38.31 -11.89
N ARG F 324 -50.27 37.83 -11.02
CA ARG F 324 -48.82 37.97 -11.13
C ARG F 324 -48.26 37.23 -12.34
N GLY F 325 -47.26 37.83 -12.99
CA GLY F 325 -46.50 37.16 -14.03
C GLY F 325 -45.47 36.19 -13.45
N PRO F 326 -44.83 35.31 -14.26
CA PRO F 326 -43.86 34.33 -13.77
C PRO F 326 -42.75 34.86 -12.86
N ASP F 327 -42.18 36.03 -13.15
CA ASP F 327 -41.16 36.65 -12.30
C ASP F 327 -41.72 36.91 -10.90
N ASP F 328 -42.89 37.56 -10.85
CA ASP F 328 -43.53 37.94 -9.58
C ASP F 328 -43.97 36.72 -8.77
N LEU F 329 -44.33 35.63 -9.45
CA LEU F 329 -44.65 34.37 -8.79
C LEU F 329 -43.37 33.72 -8.28
N GLN F 330 -42.30 33.68 -9.09
CA GLN F 330 -41.10 32.94 -8.76
C GLN F 330 -40.51 33.41 -7.44
N ARG F 331 -40.66 34.70 -7.11
CA ARG F 331 -40.16 35.30 -5.89
C ARG F 331 -40.90 34.82 -4.63
N LEU F 332 -42.13 34.33 -4.77
CA LEU F 332 -42.88 33.79 -3.66
C LEU F 332 -42.40 32.39 -3.26
N VAL F 333 -42.00 31.55 -4.23
CA VAL F 333 -41.64 30.17 -3.96
C VAL F 333 -40.60 30.02 -2.85
N PRO F 334 -39.46 30.76 -2.80
CA PRO F 334 -38.55 30.67 -1.66
C PRO F 334 -39.16 30.99 -0.29
N LEU F 335 -40.32 31.65 -0.24
CA LEU F 335 -41.03 31.77 1.03
C LEU F 335 -41.57 30.41 1.50
N LEU F 336 -42.09 29.61 0.58
CA LEU F 336 -42.48 28.23 0.90
C LEU F 336 -41.28 27.41 1.37
N ASP F 337 -40.13 27.59 0.72
CA ASP F 337 -38.95 26.80 1.01
C ASP F 337 -38.26 27.23 2.29
N SER F 338 -38.64 28.38 2.86
CA SER F 338 -38.00 28.91 4.06
C SER F 338 -38.31 28.09 5.32
N ASN F 339 -37.50 28.29 6.36
CA ASN F 339 -37.71 27.65 7.64
C ASN F 339 -38.71 28.42 8.49
N ARG F 340 -39.01 29.68 8.13
CA ARG F 340 -39.94 30.49 8.92
C ARG F 340 -41.37 30.00 8.71
N LEU F 341 -42.06 29.73 9.81
CA LEU F 341 -43.47 29.44 9.74
C LEU F 341 -44.22 30.59 9.06
N GLU F 342 -43.90 31.85 9.41
CA GLU F 342 -44.62 33.02 8.93
C GLU F 342 -44.50 33.13 7.42
N ALA F 343 -43.27 33.05 6.92
CA ALA F 343 -43.03 33.08 5.49
C ALA F 343 -43.69 31.93 4.72
N GLN F 344 -43.71 30.72 5.30
CA GLN F 344 -44.39 29.60 4.69
C GLN F 344 -45.89 29.84 4.63
N CYS F 345 -46.47 30.42 5.69
CA CYS F 345 -47.90 30.73 5.72
C CYS F 345 -48.25 31.74 4.65
N ILE F 346 -47.59 32.92 4.66
CA ILE F 346 -47.92 33.98 3.72
C ILE F 346 -47.57 33.63 2.28
N GLY F 347 -46.48 32.92 2.07
CA GLY F 347 -46.18 32.37 0.76
C GLY F 347 -47.25 31.42 0.23
N ALA F 348 -47.74 30.53 1.08
CA ALA F 348 -48.82 29.62 0.72
C ALA F 348 -50.11 30.41 0.49
N PHE F 349 -50.36 31.48 1.27
CA PHE F 349 -51.52 32.33 1.04
C PHE F 349 -51.51 32.95 -0.35
N TYR F 350 -50.44 33.71 -0.68
CA TYR F 350 -50.32 34.39 -1.96
C TYR F 350 -50.35 33.41 -3.13
N LEU F 351 -49.68 32.28 -2.99
CA LEU F 351 -49.61 31.32 -4.07
C LEU F 351 -50.93 30.57 -4.24
N CYS F 352 -51.72 30.45 -3.18
CA CYS F 352 -53.06 29.90 -3.27
C CYS F 352 -54.01 30.87 -3.96
N ALA F 353 -53.93 32.17 -3.61
CA ALA F 353 -54.68 33.21 -4.31
C ALA F 353 -54.40 33.17 -5.83
N GLU F 354 -53.11 33.10 -6.19
CA GLU F 354 -52.69 32.97 -7.57
C GLU F 354 -53.19 31.68 -8.21
N ALA F 355 -53.18 30.56 -7.49
CA ALA F 355 -53.71 29.30 -8.01
C ALA F 355 -55.18 29.45 -8.39
N ALA F 356 -55.96 30.16 -7.57
CA ALA F 356 -57.37 30.44 -7.88
C ALA F 356 -57.50 31.24 -9.17
N ILE F 357 -56.76 32.36 -9.27
CA ILE F 357 -56.76 33.23 -10.45
C ILE F 357 -56.35 32.47 -11.71
N LYS F 358 -55.22 31.78 -11.66
CA LYS F 358 -54.64 31.08 -12.79
C LYS F 358 -55.50 29.91 -13.25
N SER F 359 -56.11 29.16 -12.33
CA SER F 359 -56.99 28.05 -12.67
C SER F 359 -58.26 28.55 -13.37
N LEU F 360 -58.80 29.68 -12.90
CA LEU F 360 -59.91 30.35 -13.58
C LEU F 360 -59.51 30.74 -15.00
N GLN F 361 -58.33 31.34 -15.17
CA GLN F 361 -57.80 31.78 -16.46
C GLN F 361 -57.33 30.62 -17.36
N GLY F 362 -57.23 29.39 -16.82
CA GLY F 362 -56.73 28.23 -17.55
C GLY F 362 -55.21 28.23 -17.76
N LYS F 363 -54.47 28.98 -16.92
CA LYS F 363 -53.04 29.22 -17.06
C LYS F 363 -52.23 28.48 -15.99
N THR F 364 -52.59 27.22 -15.72
CA THR F 364 -52.02 26.47 -14.59
C THR F 364 -50.60 25.98 -14.85
N LYS F 365 -50.12 26.00 -16.11
CA LYS F 365 -48.81 25.46 -16.50
C LYS F 365 -47.67 26.05 -15.68
N VAL F 366 -47.75 27.36 -15.38
CA VAL F 366 -46.71 28.15 -14.75
C VAL F 366 -46.18 27.52 -13.46
N PHE F 367 -47.08 27.04 -12.58
CA PHE F 367 -46.68 26.50 -11.30
C PHE F 367 -45.75 25.28 -11.39
N SER F 368 -45.85 24.53 -12.49
CA SER F 368 -45.13 23.27 -12.65
C SER F 368 -43.63 23.51 -12.91
N ASP F 369 -43.26 24.68 -13.48
CA ASP F 369 -41.90 24.99 -13.87
C ASP F 369 -41.30 26.16 -13.08
N ILE F 370 -42.13 26.99 -12.46
CA ILE F 370 -41.77 27.78 -11.30
C ILE F 370 -41.29 26.91 -10.13
N GLY F 371 -41.66 25.62 -10.14
CA GLY F 371 -41.31 24.64 -9.12
C GLY F 371 -42.14 24.74 -7.86
N ALA F 372 -43.33 25.38 -7.95
CA ALA F 372 -44.24 25.56 -6.83
C ALA F 372 -44.83 24.23 -6.36
N ILE F 373 -45.08 23.30 -7.29
CA ILE F 373 -45.86 22.09 -7.00
C ILE F 373 -45.15 21.23 -5.95
N GLN F 374 -43.90 20.81 -6.21
CA GLN F 374 -43.15 20.02 -5.24
C GLN F 374 -43.00 20.76 -3.89
N SER F 375 -42.90 22.09 -3.93
CA SER F 375 -42.74 22.86 -2.71
C SER F 375 -44.03 22.83 -1.87
N LEU F 376 -45.19 22.98 -2.52
CA LEU F 376 -46.46 22.86 -1.82
C LEU F 376 -46.66 21.43 -1.29
N LYS F 377 -46.38 20.40 -2.10
CA LYS F 377 -46.45 19.01 -1.64
C LYS F 377 -45.57 18.78 -0.42
N ARG F 378 -44.39 19.38 -0.40
CA ARG F 378 -43.51 19.32 0.76
C ARG F 378 -44.12 20.00 1.99
N LEU F 379 -44.76 21.17 1.84
CA LEU F 379 -45.42 21.81 2.99
C LEU F 379 -46.48 20.89 3.57
N VAL F 380 -47.29 20.24 2.73
CA VAL F 380 -48.33 19.37 3.24
C VAL F 380 -47.70 18.17 3.95
N SER F 381 -46.69 17.56 3.33
CA SER F 381 -46.09 16.34 3.80
C SER F 381 -45.55 16.50 5.22
N TYR F 382 -44.71 17.50 5.45
CA TYR F 382 -44.04 17.64 6.74
C TYR F 382 -44.71 18.71 7.61
N SER F 383 -46.01 18.95 7.37
CA SER F 383 -46.78 19.98 8.07
C SER F 383 -46.89 19.68 9.56
N THR F 384 -46.77 20.74 10.37
CA THR F 384 -47.05 20.70 11.80
C THR F 384 -47.87 21.91 12.23
N ASN F 385 -48.67 22.41 11.28
CA ASN F 385 -49.41 23.65 11.42
C ASN F 385 -50.61 23.66 10.47
N GLY F 386 -51.79 23.91 11.03
CA GLY F 386 -53.05 23.82 10.31
C GLY F 386 -53.19 24.90 9.23
N THR F 387 -52.86 26.16 9.58
CA THR F 387 -53.07 27.31 8.71
C THR F 387 -52.31 27.12 7.40
N LYS F 388 -51.01 26.81 7.53
CA LYS F 388 -50.15 26.49 6.42
C LYS F 388 -50.70 25.32 5.59
N SER F 389 -51.16 24.24 6.24
CA SER F 389 -51.59 23.02 5.58
C SER F 389 -52.85 23.25 4.76
N ALA F 390 -53.81 23.98 5.33
CA ALA F 390 -55.07 24.30 4.68
C ALA F 390 -54.79 25.01 3.35
N LEU F 391 -53.99 26.07 3.41
CA LEU F 391 -53.62 26.86 2.25
C LEU F 391 -52.92 26.02 1.19
N ALA F 392 -51.94 25.21 1.58
CA ALA F 392 -51.19 24.40 0.64
C ALA F 392 -52.04 23.31 -0.03
N LYS F 393 -52.92 22.65 0.73
CA LYS F 393 -53.82 21.64 0.19
C LYS F 393 -54.81 22.31 -0.76
N ARG F 394 -55.38 23.45 -0.35
CA ARG F 394 -56.32 24.19 -1.18
C ARG F 394 -55.69 24.61 -2.50
N ALA F 395 -54.45 25.10 -2.44
CA ALA F 395 -53.68 25.44 -3.62
C ALA F 395 -53.52 24.23 -4.56
N LEU F 396 -53.04 23.09 -4.04
CA LEU F 396 -52.87 21.89 -4.86
C LEU F 396 -54.19 21.44 -5.50
N ARG F 397 -55.32 21.52 -4.78
CA ARG F 397 -56.63 21.19 -5.33
C ARG F 397 -57.04 22.15 -6.45
N LEU F 398 -56.84 23.47 -6.25
CA LEU F 398 -57.13 24.44 -7.30
C LEU F 398 -56.33 24.17 -8.56
N LEU F 399 -55.07 23.72 -8.41
CA LEU F 399 -54.19 23.36 -9.50
C LEU F 399 -54.46 21.96 -10.05
N GLY F 400 -55.45 21.24 -9.50
CA GLY F 400 -55.82 19.91 -9.96
C GLY F 400 -54.78 18.82 -9.71
N GLU F 401 -53.85 19.06 -8.77
CA GLU F 401 -52.89 18.05 -8.36
C GLU F 401 -53.49 17.11 -7.31
N GLU F 402 -52.99 15.87 -7.26
CA GLU F 402 -53.26 14.98 -6.14
C GLU F 402 -52.56 15.48 -4.88
N VAL F 403 -53.24 15.37 -3.73
CA VAL F 403 -52.80 15.96 -2.47
C VAL F 403 -52.19 14.88 -1.59
N PRO F 404 -50.96 15.06 -1.06
CA PRO F 404 -50.34 14.02 -0.25
C PRO F 404 -50.97 13.95 1.14
N ARG F 405 -51.04 12.72 1.70
CA ARG F 405 -51.36 12.54 3.11
C ARG F 405 -50.20 13.04 3.98
N PRO F 406 -50.43 13.77 5.09
CA PRO F 406 -49.32 14.16 5.96
C PRO F 406 -48.72 12.86 6.51
N ILE F 407 -47.38 12.78 6.54
CA ILE F 407 -46.69 11.53 6.77
C ILE F 407 -46.55 11.23 8.28
N LEU F 408 -46.61 9.95 8.69
CA LEU F 408 -46.53 9.59 10.11
C LEU F 408 -45.15 9.91 10.70
N PRO F 409 -45.00 10.72 11.76
CA PRO F 409 -43.68 11.08 12.24
C PRO F 409 -42.82 9.97 12.86
N SER F 410 -43.42 8.85 13.29
CA SER F 410 -42.67 7.82 13.99
C SER F 410 -41.94 6.90 13.01
N VAL F 411 -40.92 7.44 12.36
CA VAL F 411 -40.24 6.80 11.26
C VAL F 411 -39.68 5.44 11.68
N PRO F 412 -39.12 5.28 12.86
CA PRO F 412 -38.57 3.99 13.25
C PRO F 412 -39.58 2.86 13.25
N SER F 413 -40.86 3.19 13.44
CA SER F 413 -41.94 2.21 13.42
C SER F 413 -42.60 1.99 12.05
N TRP F 414 -42.15 2.66 10.99
CA TRP F 414 -42.78 2.50 9.70
C TRP F 414 -42.59 1.08 9.21
N LYS F 415 -43.59 0.57 8.49
CA LYS F 415 -43.42 -0.66 7.75
C LYS F 415 -43.22 -0.32 6.28
N GLU F 416 -43.16 -1.36 5.42
CA GLU F 416 -43.00 -1.18 4.00
C GLU F 416 -43.99 -0.20 3.37
N ALA F 417 -45.25 -0.27 3.77
CA ALA F 417 -46.25 0.59 3.15
C ALA F 417 -46.02 2.09 3.41
N GLU F 418 -45.49 2.45 4.58
CA GLU F 418 -45.19 3.85 4.82
C GLU F 418 -44.02 4.28 3.94
N VAL F 419 -43.00 3.43 3.83
CA VAL F 419 -41.87 3.77 3.00
C VAL F 419 -42.35 3.98 1.57
N GLN F 420 -43.15 3.06 1.03
CA GLN F 420 -43.69 3.27 -0.29
C GLN F 420 -44.47 4.59 -0.39
N THR F 421 -45.23 4.97 0.63
CA THR F 421 -45.97 6.23 0.59
C THR F 421 -45.00 7.40 0.53
N TRP F 422 -44.00 7.43 1.39
CA TRP F 422 -43.08 8.54 1.49
C TRP F 422 -42.31 8.71 0.19
N LEU F 423 -41.83 7.61 -0.40
CA LEU F 423 -41.15 7.68 -1.67
C LEU F 423 -41.99 8.33 -2.77
N GLN F 424 -43.30 8.07 -2.79
CA GLN F 424 -44.17 8.70 -3.76
C GLN F 424 -44.33 10.20 -3.52
N GLN F 425 -44.37 10.63 -2.28
CA GLN F 425 -44.49 12.05 -1.99
C GLN F 425 -43.25 12.83 -2.37
N ILE F 426 -42.06 12.31 -2.09
CA ILE F 426 -40.82 13.03 -2.35
C ILE F 426 -40.39 12.85 -3.80
N GLY F 427 -41.24 12.19 -4.62
CA GLY F 427 -41.02 12.12 -6.06
C GLY F 427 -39.95 11.11 -6.46
N PHE F 428 -39.67 10.15 -5.59
CA PHE F 428 -38.81 9.03 -5.94
C PHE F 428 -39.61 7.80 -6.40
N SER F 429 -40.82 7.99 -6.94
CA SER F 429 -41.70 6.87 -7.26
C SER F 429 -41.08 5.86 -8.24
N LYS F 430 -40.08 6.28 -9.01
CA LYS F 430 -39.36 5.39 -9.88
C LYS F 430 -38.66 4.28 -9.10
N TYR F 431 -38.34 4.50 -7.83
CA TYR F 431 -37.61 3.56 -7.01
C TYR F 431 -38.51 2.70 -6.13
N CYS F 432 -39.82 2.96 -6.11
CA CYS F 432 -40.75 2.24 -5.26
C CYS F 432 -40.61 0.74 -5.39
N GLU F 433 -40.51 0.25 -6.63
CA GLU F 433 -40.37 -1.18 -6.86
C GLU F 433 -39.14 -1.76 -6.16
N SER F 434 -37.99 -1.12 -6.30
CA SER F 434 -36.79 -1.63 -5.65
C SER F 434 -36.97 -1.63 -4.15
N PHE F 435 -37.46 -0.55 -3.56
CA PHE F 435 -37.60 -0.50 -2.13
C PHE F 435 -38.60 -1.54 -1.63
N ARG F 436 -39.61 -1.89 -2.46
CA ARG F 436 -40.60 -2.91 -2.14
C ARG F 436 -39.97 -4.29 -2.19
N GLU F 437 -39.29 -4.60 -3.28
CA GLU F 437 -38.63 -5.88 -3.46
C GLU F 437 -37.57 -6.13 -2.40
N GLN F 438 -36.74 -5.15 -2.05
CA GLN F 438 -35.77 -5.29 -1.00
C GLN F 438 -36.41 -5.17 0.40
N GLN F 439 -37.72 -4.93 0.48
CA GLN F 439 -38.43 -4.83 1.75
C GLN F 439 -37.87 -3.79 2.73
N VAL F 440 -37.61 -2.58 2.24
CA VAL F 440 -37.11 -1.56 3.13
C VAL F 440 -38.27 -1.09 3.99
N ASP F 441 -38.00 -0.96 5.29
CA ASP F 441 -38.96 -0.45 6.25
C ASP F 441 -38.32 0.70 7.02
N GLY F 442 -38.99 1.20 8.04
CA GLY F 442 -38.52 2.41 8.67
C GLY F 442 -37.11 2.33 9.25
N ASP F 443 -36.78 1.22 9.91
CA ASP F 443 -35.46 1.07 10.49
C ASP F 443 -34.40 0.96 9.40
N LEU F 444 -34.70 0.25 8.32
CA LEU F 444 -33.74 0.14 7.25
C LEU F 444 -33.56 1.46 6.51
N LEU F 445 -34.67 2.19 6.27
CA LEU F 445 -34.63 3.46 5.59
C LEU F 445 -33.75 4.42 6.39
N LEU F 446 -33.94 4.56 7.69
CA LEU F 446 -33.18 5.48 8.51
C LEU F 446 -31.69 5.15 8.53
N ARG F 447 -31.31 3.96 8.07
CA ARG F 447 -29.93 3.53 8.14
C ARG F 447 -29.29 3.28 6.76
N LEU F 448 -29.96 3.65 5.64
CA LEU F 448 -29.42 3.40 4.31
C LEU F 448 -28.10 4.14 4.15
N THR F 449 -27.12 3.37 3.71
CA THR F 449 -25.82 3.93 3.37
C THR F 449 -25.79 4.20 1.87
N GLU F 450 -24.80 4.97 1.41
CA GLU F 450 -24.66 5.19 -0.03
C GLU F 450 -24.45 3.91 -0.83
N GLU F 451 -23.69 2.97 -0.26
CA GLU F 451 -23.40 1.68 -0.88
C GLU F 451 -24.67 0.87 -1.17
N GLU F 452 -25.59 0.80 -0.20
CA GLU F 452 -26.81 0.04 -0.38
C GLU F 452 -27.67 0.69 -1.43
N LEU F 453 -27.75 2.02 -1.34
CA LEU F 453 -28.60 2.81 -2.21
C LEU F 453 -28.16 2.63 -3.64
N GLN F 454 -26.85 2.65 -3.88
CA GLN F 454 -26.26 2.42 -5.20
C GLN F 454 -26.48 1.00 -5.71
N THR F 455 -26.08 0.03 -4.87
CA THR F 455 -25.93 -1.35 -5.33
C THR F 455 -27.22 -2.18 -5.29
N ASP F 456 -27.99 -2.07 -4.19
CA ASP F 456 -29.11 -2.93 -3.88
C ASP F 456 -30.41 -2.33 -4.39
N LEU F 457 -30.55 -1.00 -4.29
CA LEU F 457 -31.79 -0.36 -4.68
C LEU F 457 -31.72 0.18 -6.12
N GLY F 458 -30.51 0.23 -6.72
CA GLY F 458 -30.44 0.56 -8.13
C GLY F 458 -30.29 2.05 -8.46
N MET F 459 -29.91 2.84 -7.47
CA MET F 459 -29.82 4.27 -7.64
C MET F 459 -28.39 4.61 -8.10
N LYS F 460 -28.16 4.47 -9.42
CA LYS F 460 -26.84 4.50 -10.03
C LYS F 460 -26.18 5.87 -9.94
N SER F 461 -26.96 6.91 -10.27
CA SER F 461 -26.49 8.28 -10.37
C SER F 461 -26.08 8.85 -9.01
N GLY F 462 -24.88 9.36 -8.88
CA GLY F 462 -24.44 9.99 -7.64
C GLY F 462 -25.24 11.23 -7.32
N ILE F 463 -25.68 11.96 -8.35
CA ILE F 463 -26.48 13.14 -8.13
C ILE F 463 -27.83 12.69 -7.58
N THR F 464 -28.40 11.62 -8.14
CA THR F 464 -29.69 11.16 -7.64
C THR F 464 -29.56 10.71 -6.19
N ARG F 465 -28.50 9.99 -5.83
CA ARG F 465 -28.31 9.66 -4.44
C ARG F 465 -28.18 10.91 -3.59
N LYS F 466 -27.54 11.97 -4.06
CA LYS F 466 -27.37 13.19 -3.31
C LYS F 466 -28.75 13.80 -3.09
N ARG F 467 -29.68 13.70 -4.05
CA ARG F 467 -31.01 14.24 -3.82
C ARG F 467 -31.78 13.36 -2.84
N PHE F 468 -31.62 12.04 -2.93
CA PHE F 468 -32.28 11.14 -1.99
C PHE F 468 -31.83 11.45 -0.58
N PHE F 469 -30.54 11.55 -0.32
CA PHE F 469 -30.11 11.88 1.02
C PHE F 469 -30.59 13.24 1.49
N ARG F 470 -30.78 14.17 0.59
CA ARG F 470 -31.31 15.49 0.93
C ARG F 470 -32.71 15.34 1.48
N GLU F 471 -33.54 14.49 0.83
CA GLU F 471 -34.90 14.19 1.24
C GLU F 471 -34.89 13.46 2.58
N LEU F 472 -34.09 12.39 2.64
CA LEU F 472 -34.01 11.56 3.80
C LEU F 472 -33.58 12.38 5.00
N THR F 473 -32.75 13.39 4.79
CA THR F 473 -32.29 14.18 5.93
C THR F 473 -33.41 15.05 6.46
N GLU F 474 -34.32 15.51 5.61
CA GLU F 474 -35.44 16.24 6.11
C GLU F 474 -36.32 15.30 6.93
N LEU F 475 -36.63 14.09 6.43
CA LEU F 475 -37.38 13.10 7.20
C LEU F 475 -36.70 12.81 8.52
N LYS F 476 -35.42 12.45 8.52
CA LYS F 476 -34.74 12.22 9.78
C LYS F 476 -34.90 13.39 10.75
N THR F 477 -34.95 14.62 10.27
CA THR F 477 -35.00 15.79 11.13
C THR F 477 -36.41 15.97 11.66
N PHE F 478 -37.41 15.59 10.90
CA PHE F 478 -38.82 15.72 11.26
C PHE F 478 -39.24 14.66 12.26
N ALA F 479 -38.61 13.49 12.20
CA ALA F 479 -39.08 12.27 12.84
C ALA F 479 -39.16 12.34 14.36
N ASN F 480 -40.02 11.46 14.88
CA ASN F 480 -40.27 11.23 16.29
C ASN F 480 -39.48 9.98 16.71
N TYR F 481 -38.60 10.11 17.70
CA TYR F 481 -37.77 8.96 18.07
C TYR F 481 -38.11 8.39 19.47
N SER F 482 -39.36 8.54 19.93
CA SER F 482 -39.80 8.15 21.27
C SER F 482 -39.58 6.67 21.55
N THR F 483 -39.65 5.85 20.52
CA THR F 483 -39.49 4.42 20.69
C THR F 483 -38.02 3.98 20.79
N CYS F 484 -37.08 4.92 20.69
CA CYS F 484 -35.66 4.63 20.47
C CYS F 484 -34.82 5.37 21.50
N ASP F 485 -35.14 6.65 21.68
CA ASP F 485 -34.27 7.56 22.37
C ASP F 485 -34.76 7.69 23.82
N ARG F 486 -34.18 6.92 24.74
CA ARG F 486 -34.50 7.02 26.15
C ARG F 486 -34.04 8.36 26.76
N SER F 487 -32.95 8.93 26.23
CA SER F 487 -32.23 10.00 26.90
C SER F 487 -32.49 11.37 26.28
N ASN F 488 -33.39 11.41 25.28
CA ASN F 488 -33.73 12.60 24.53
C ASN F 488 -32.45 13.21 23.96
N LEU F 489 -31.67 12.34 23.34
CA LEU F 489 -30.48 12.73 22.64
C LEU F 489 -30.81 13.54 21.40
N ALA F 490 -32.00 13.35 20.82
CA ALA F 490 -32.46 14.19 19.72
C ALA F 490 -32.44 15.67 20.11
N ASP F 491 -32.98 16.04 21.27
CA ASP F 491 -32.99 17.43 21.66
C ASP F 491 -31.60 17.93 21.98
N TRP F 492 -30.74 17.05 22.46
CA TRP F 492 -29.38 17.49 22.76
C TRP F 492 -28.68 17.87 21.46
N LEU F 493 -28.78 16.99 20.45
CA LEU F 493 -28.23 17.26 19.14
C LEU F 493 -28.83 18.54 18.58
N GLY F 494 -30.15 18.64 18.60
CA GLY F 494 -30.81 19.80 18.05
C GLY F 494 -30.47 21.11 18.78
N SER F 495 -30.10 21.04 20.04
CA SER F 495 -29.69 22.21 20.79
C SER F 495 -28.32 22.71 20.37
N LEU F 496 -27.43 21.86 19.84
CA LEU F 496 -26.19 22.36 19.25
C LEU F 496 -26.53 23.07 17.97
N ASP F 497 -27.20 22.32 17.10
CA ASP F 497 -27.46 22.77 15.74
C ASP F 497 -28.64 22.04 15.16
N PRO F 498 -29.70 22.74 14.69
CA PRO F 498 -30.86 22.08 14.15
C PRO F 498 -30.59 20.98 13.15
N ARG F 499 -29.49 21.11 12.41
CA ARG F 499 -29.16 20.12 11.41
C ARG F 499 -28.42 18.91 11.97
N PHE F 500 -28.12 18.90 13.26
CA PHE F 500 -27.54 17.71 13.88
C PHE F 500 -28.63 16.73 14.31
N ARG F 501 -29.88 17.19 14.45
CA ARG F 501 -30.90 16.31 14.97
C ARG F 501 -31.05 15.09 14.08
N GLN F 502 -30.67 15.17 12.80
CA GLN F 502 -30.83 14.04 11.89
C GLN F 502 -29.92 12.87 12.28
N TYR F 503 -28.89 13.09 13.12
CA TYR F 503 -28.01 12.00 13.49
C TYR F 503 -28.54 11.19 14.67
N THR F 504 -29.70 11.56 15.24
CA THR F 504 -30.25 10.84 16.37
C THR F 504 -30.28 9.33 16.17
N TYR F 505 -30.90 8.84 15.09
CA TYR F 505 -31.08 7.40 15.04
C TYR F 505 -29.75 6.68 14.86
N GLY F 506 -28.77 7.28 14.20
CA GLY F 506 -27.45 6.67 14.18
C GLY F 506 -26.83 6.53 15.56
N LEU F 507 -26.91 7.56 16.39
CA LEU F 507 -26.36 7.50 17.72
C LEU F 507 -27.08 6.43 18.56
N VAL F 508 -28.42 6.52 18.62
CA VAL F 508 -29.13 5.66 19.52
C VAL F 508 -29.13 4.22 19.07
N SER F 509 -29.12 3.99 17.78
CA SER F 509 -29.03 2.65 17.23
C SER F 509 -27.70 1.96 17.62
N CYS F 510 -26.59 2.66 17.72
CA CYS F 510 -25.37 2.14 18.32
C CYS F 510 -25.47 1.99 19.83
N GLY F 511 -26.52 2.50 20.46
CA GLY F 511 -26.60 2.36 21.90
C GLY F 511 -25.98 3.49 22.71
N LEU F 512 -25.54 4.57 22.07
CA LEU F 512 -25.13 5.74 22.84
C LEU F 512 -26.32 6.43 23.47
N ASP F 513 -26.01 7.28 24.42
CA ASP F 513 -27.00 8.06 25.16
C ASP F 513 -26.27 9.20 25.85
N ARG F 514 -27.00 10.15 26.44
CA ARG F 514 -26.38 11.35 26.97
C ARG F 514 -25.27 11.04 27.97
N SER F 515 -25.43 9.99 28.77
CA SER F 515 -24.44 9.65 29.78
C SER F 515 -23.17 9.10 29.13
N LEU F 516 -23.34 8.26 28.13
CA LEU F 516 -22.23 7.60 27.46
C LEU F 516 -21.50 8.55 26.53
N LEU F 517 -22.12 9.61 26.02
CA LEU F 517 -21.62 10.27 24.84
C LEU F 517 -20.24 10.88 25.05
N HIS F 518 -19.96 11.29 26.29
CA HIS F 518 -18.67 11.87 26.66
C HIS F 518 -17.46 10.98 26.35
N ARG F 519 -17.69 9.68 26.19
CA ARG F 519 -16.65 8.70 25.95
C ARG F 519 -16.52 8.35 24.47
N VAL F 520 -17.39 8.87 23.59
CA VAL F 520 -17.39 8.45 22.20
C VAL F 520 -16.13 9.00 21.54
N SER F 521 -15.69 8.40 20.43
CA SER F 521 -14.50 8.87 19.74
C SER F 521 -14.83 9.26 18.31
N GLU F 522 -13.95 10.06 17.68
CA GLU F 522 -14.30 10.52 16.34
C GLU F 522 -14.53 9.34 15.39
N GLN F 523 -13.72 8.30 15.54
CA GLN F 523 -13.85 7.14 14.68
C GLN F 523 -15.20 6.45 14.90
N GLN F 524 -15.64 6.29 16.14
CA GLN F 524 -16.96 5.76 16.37
C GLN F 524 -18.09 6.64 15.78
N LEU F 525 -18.00 7.97 15.83
CA LEU F 525 -19.05 8.78 15.23
C LEU F 525 -19.05 8.58 13.72
N LEU F 526 -17.88 8.42 13.11
CA LEU F 526 -17.79 8.17 11.68
C LEU F 526 -18.32 6.79 11.31
N GLU F 527 -17.75 5.75 11.94
CA GLU F 527 -17.91 4.37 11.50
C GLU F 527 -19.20 3.76 12.02
N ASP F 528 -19.48 3.94 13.32
CA ASP F 528 -20.65 3.32 13.91
C ASP F 528 -21.89 4.16 13.63
N CYS F 529 -21.82 5.43 14.00
CA CYS F 529 -22.99 6.30 13.94
C CYS F 529 -23.26 6.91 12.57
N GLY F 530 -22.29 6.87 11.65
CA GLY F 530 -22.55 7.28 10.28
C GLY F 530 -22.54 8.79 10.05
N ILE F 531 -21.90 9.59 10.92
CA ILE F 531 -21.79 11.01 10.68
C ILE F 531 -20.61 11.25 9.74
N HIS F 532 -20.91 11.45 8.45
CA HIS F 532 -19.89 11.57 7.41
C HIS F 532 -19.11 12.89 7.44
N LEU F 533 -19.76 14.03 7.67
CA LEU F 533 -19.06 15.31 7.68
C LEU F 533 -18.16 15.48 8.92
N GLY F 534 -16.88 15.76 8.68
CA GLY F 534 -15.92 15.96 9.74
C GLY F 534 -16.27 17.15 10.64
N VAL F 535 -16.76 18.24 10.06
CA VAL F 535 -17.07 19.38 10.90
C VAL F 535 -18.18 19.02 11.91
N HIS F 536 -19.15 18.21 11.46
CA HIS F 536 -20.22 17.82 12.35
C HIS F 536 -19.70 16.90 13.45
N ARG F 537 -18.87 15.91 13.07
CA ARG F 537 -18.24 15.04 14.04
C ARG F 537 -17.52 15.86 15.08
N ALA F 538 -16.68 16.80 14.66
CA ALA F 538 -15.90 17.57 15.60
C ALA F 538 -16.76 18.39 16.55
N ARG F 539 -17.85 18.99 16.08
CA ARG F 539 -18.69 19.79 16.95
C ARG F 539 -19.44 18.95 17.96
N ILE F 540 -20.00 17.82 17.51
CA ILE F 540 -20.72 16.91 18.39
C ILE F 540 -19.75 16.45 19.46
N LEU F 541 -18.58 16.01 19.02
CA LEU F 541 -17.59 15.44 19.91
C LEU F 541 -17.13 16.46 20.95
N THR F 542 -16.87 17.69 20.53
CA THR F 542 -16.50 18.79 21.42
C THR F 542 -17.57 19.03 22.47
N ALA F 543 -18.82 19.17 22.07
CA ALA F 543 -19.89 19.41 23.00
C ALA F 543 -20.04 18.25 23.96
N ALA F 544 -19.82 17.03 23.49
CA ALA F 544 -19.89 15.86 24.34
C ALA F 544 -18.82 15.90 25.43
N ARG F 545 -17.59 16.34 25.14
CA ARG F 545 -16.61 16.52 26.20
C ARG F 545 -17.07 17.59 27.20
N GLU F 546 -17.52 18.76 26.73
CA GLU F 546 -17.94 19.85 27.59
C GLU F 546 -19.12 19.46 28.49
N MET F 547 -19.97 18.55 28.01
CA MET F 547 -21.13 18.08 28.76
C MET F 547 -20.76 17.34 30.04
N LEU F 548 -19.51 16.87 30.19
CA LEU F 548 -19.10 15.89 31.21
C LEU F 548 -19.44 16.31 32.64
N HIS F 549 -19.56 17.61 32.92
CA HIS F 549 -20.01 18.14 34.20
C HIS F 549 -21.41 17.65 34.63
N SER F 550 -22.21 17.13 33.68
CA SER F 550 -23.55 16.59 33.92
C SER F 550 -23.53 15.06 34.16
N PRO F 551 -22.85 14.23 33.33
CA PRO F 551 -22.56 12.82 33.66
C PRO F 551 -21.75 12.53 34.93
N LEU F 552 -20.87 13.44 35.36
CA LEU F 552 -20.02 13.22 36.53
C LEU F 552 -20.82 13.01 37.82
N PRO F 553 -21.78 13.90 38.20
CA PRO F 553 -22.71 13.63 39.32
C PRO F 553 -23.45 12.27 39.28
N GLY G 58 -18.15 46.09 -61.26
CA GLY G 58 -17.62 46.26 -59.87
C GLY G 58 -17.03 47.64 -59.65
N ALA G 59 -17.45 48.30 -58.55
CA ALA G 59 -17.10 49.67 -58.21
C ALA G 59 -15.59 49.90 -58.06
N GLY G 60 -14.84 48.82 -57.76
CA GLY G 60 -13.38 48.83 -57.67
C GLY G 60 -12.70 49.41 -58.91
N THR G 61 -13.31 49.25 -60.09
CA THR G 61 -12.85 49.83 -61.35
C THR G 61 -12.79 51.36 -61.25
N GLU G 62 -13.85 51.98 -60.69
CA GLU G 62 -13.92 53.43 -60.51
C GLU G 62 -12.82 53.94 -59.57
N VAL G 63 -12.42 53.10 -58.60
CA VAL G 63 -11.29 53.41 -57.71
C VAL G 63 -9.98 53.44 -58.51
N GLN G 64 -9.84 52.51 -59.48
CA GLN G 64 -8.69 52.53 -60.39
C GLN G 64 -8.70 53.80 -61.24
N ASP G 65 -9.88 54.23 -61.72
CA ASP G 65 -10.03 55.48 -62.45
C ASP G 65 -9.63 56.69 -61.58
N ALA G 66 -10.07 56.71 -60.32
CA ALA G 66 -9.73 57.75 -59.35
C ALA G 66 -8.22 57.80 -59.11
N LEU G 67 -7.59 56.62 -58.96
CA LEU G 67 -6.14 56.49 -58.85
C LEU G 67 -5.44 56.97 -60.12
N GLU G 68 -5.92 56.56 -61.30
CA GLU G 68 -5.34 56.95 -62.59
C GLU G 68 -5.46 58.45 -62.86
N ARG G 69 -6.42 59.13 -62.20
CA ARG G 69 -6.46 60.59 -62.16
C ARG G 69 -5.43 61.15 -61.16
N ALA G 70 -5.52 60.72 -59.89
CA ALA G 70 -4.77 61.32 -58.78
C ALA G 70 -3.26 61.06 -58.87
N LEU G 71 -2.87 59.88 -59.37
CA LEU G 71 -1.48 59.44 -59.40
C LEU G 71 -0.60 60.33 -60.28
N PRO G 72 -0.91 60.64 -61.55
CA PRO G 72 -0.10 61.57 -62.34
C PRO G 72 -0.02 62.97 -61.75
N GLU G 73 -1.11 63.47 -61.14
CA GLU G 73 -1.08 64.74 -60.42
C GLU G 73 -0.06 64.68 -59.27
N LEU G 74 -0.09 63.57 -58.52
CA LEU G 74 0.87 63.30 -57.45
C LEU G 74 2.30 63.20 -57.98
N GLN G 75 2.52 62.51 -59.10
CA GLN G 75 3.83 62.42 -59.74
C GLN G 75 4.38 63.81 -60.09
N GLN G 76 3.52 64.68 -60.64
CA GLN G 76 3.90 66.06 -60.93
C GLN G 76 4.30 66.79 -59.66
N ALA G 77 3.42 66.77 -58.64
CA ALA G 77 3.64 67.47 -57.39
C ALA G 77 4.90 66.97 -56.66
N LEU G 78 5.14 65.64 -56.67
CA LEU G 78 6.34 65.02 -56.11
C LEU G 78 7.58 65.43 -56.90
N SER G 79 7.51 65.37 -58.25
CA SER G 79 8.64 65.78 -59.08
C SER G 79 9.02 67.23 -58.78
N ALA G 80 8.02 68.08 -58.51
CA ALA G 80 8.16 69.47 -58.09
C ALA G 80 8.64 69.63 -56.64
N LEU G 81 9.04 68.51 -55.99
CA LEU G 81 9.76 68.51 -54.72
C LEU G 81 11.13 67.83 -54.81
N LYS G 82 11.40 67.10 -55.90
CA LYS G 82 12.68 66.40 -56.09
C LYS G 82 13.85 67.37 -56.30
N GLN G 83 13.56 68.54 -56.91
CA GLN G 83 14.50 69.66 -57.03
C GLN G 83 14.58 70.44 -55.70
N ALA G 84 15.79 70.90 -55.34
CA ALA G 84 15.99 71.73 -54.15
C ALA G 84 15.60 73.19 -54.44
N GLY G 85 14.31 73.44 -54.65
CA GLY G 85 13.79 74.69 -55.19
C GLY G 85 13.80 75.87 -54.20
N GLY G 86 14.15 75.62 -52.93
CA GLY G 86 14.11 76.64 -51.88
C GLY G 86 12.73 76.76 -51.23
N ALA G 87 12.66 77.52 -50.13
CA ALA G 87 11.54 77.51 -49.18
C ALA G 87 10.17 77.72 -49.85
N ARG G 88 10.09 78.69 -50.79
CA ARG G 88 8.87 79.05 -51.48
C ARG G 88 8.36 77.90 -52.37
N ALA G 89 9.28 77.34 -53.18
CA ALA G 89 8.98 76.28 -54.13
C ALA G 89 8.58 74.99 -53.41
N VAL G 90 9.36 74.58 -52.38
CA VAL G 90 9.05 73.37 -51.63
C VAL G 90 7.78 73.53 -50.79
N GLY G 91 7.53 74.73 -50.24
CA GLY G 91 6.28 75.05 -49.56
C GLY G 91 5.07 74.77 -50.45
N ALA G 92 5.12 75.28 -51.69
CA ALA G 92 4.08 75.07 -52.69
C ALA G 92 3.95 73.58 -53.06
N GLY G 93 5.07 72.91 -53.37
CA GLY G 93 5.07 71.49 -53.72
C GLY G 93 4.49 70.60 -52.63
N LEU G 94 4.85 70.89 -51.36
CA LEU G 94 4.30 70.20 -50.19
C LEU G 94 2.80 70.45 -50.08
N ALA G 95 2.36 71.70 -50.23
CA ALA G 95 0.95 72.05 -50.20
C ALA G 95 0.16 71.32 -51.30
N GLU G 96 0.75 71.13 -52.49
CA GLU G 96 0.13 70.39 -53.59
C GLU G 96 -0.11 68.91 -53.22
N VAL G 97 0.94 68.22 -52.76
CA VAL G 97 0.79 66.81 -52.37
C VAL G 97 -0.13 66.67 -51.14
N PHE G 98 -0.05 67.61 -50.20
CA PHE G 98 -0.93 67.67 -49.04
C PHE G 98 -2.39 67.77 -49.48
N GLN G 99 -2.70 68.73 -50.36
CA GLN G 99 -4.01 68.87 -50.98
C GLN G 99 -4.46 67.56 -51.65
N LEU G 100 -3.60 66.97 -52.50
CA LEU G 100 -3.93 65.74 -53.21
C LEU G 100 -4.33 64.60 -52.26
N VAL G 101 -3.56 64.41 -51.18
CA VAL G 101 -3.83 63.30 -50.27
C VAL G 101 -4.98 63.60 -49.30
N GLU G 102 -5.13 64.85 -48.85
CA GLU G 102 -6.31 65.26 -48.10
C GLU G 102 -7.58 65.03 -48.91
N GLU G 103 -7.58 65.49 -50.17
CA GLU G 103 -8.67 65.26 -51.11
C GLU G 103 -8.96 63.76 -51.25
N ALA G 104 -7.90 62.93 -51.38
CA ALA G 104 -8.02 61.49 -51.48
C ALA G 104 -8.69 60.86 -50.25
N TRP G 105 -8.30 61.27 -49.02
CA TRP G 105 -8.95 60.81 -47.80
C TRP G 105 -10.43 61.20 -47.77
N LEU G 106 -10.75 62.41 -48.27
CA LEU G 106 -12.08 62.99 -48.20
C LEU G 106 -13.08 62.39 -49.20
N LEU G 107 -12.63 61.60 -50.20
CA LEU G 107 -13.53 61.04 -51.22
C LEU G 107 -14.57 60.09 -50.62
N PRO G 108 -15.90 60.32 -50.84
CA PRO G 108 -16.93 59.34 -50.47
C PRO G 108 -16.82 58.01 -51.23
N ALA G 109 -16.27 58.06 -52.45
CA ALA G 109 -15.97 56.91 -53.28
C ALA G 109 -14.73 56.19 -52.76
N VAL G 110 -14.87 55.60 -51.55
CA VAL G 110 -13.87 54.77 -50.86
C VAL G 110 -12.48 55.42 -50.84
N GLY G 111 -12.45 56.70 -50.43
CA GLY G 111 -11.26 57.55 -50.38
C GLY G 111 -10.03 56.89 -49.75
N ARG G 112 -10.26 56.05 -48.73
CA ARG G 112 -9.21 55.32 -48.03
C ARG G 112 -8.33 54.49 -48.98
N GLU G 113 -8.94 53.87 -49.99
CA GLU G 113 -8.21 53.06 -50.96
C GLU G 113 -7.34 53.93 -51.85
N VAL G 114 -7.92 55.03 -52.35
CA VAL G 114 -7.23 56.00 -53.20
C VAL G 114 -6.05 56.58 -52.44
N ALA G 115 -6.31 57.08 -51.22
CA ALA G 115 -5.31 57.70 -50.37
C ALA G 115 -4.21 56.71 -49.95
N GLN G 116 -4.56 55.45 -49.67
CA GLN G 116 -3.57 54.40 -49.45
C GLN G 116 -2.67 54.25 -50.67
N GLY G 117 -3.26 54.19 -51.88
CA GLY G 117 -2.51 54.19 -53.14
C GLY G 117 -1.56 55.37 -53.29
N LEU G 118 -2.00 56.58 -52.88
CA LEU G 118 -1.14 57.76 -52.87
C LEU G 118 -0.01 57.62 -51.85
N CYS G 119 -0.31 57.11 -50.64
CA CYS G 119 0.67 56.87 -49.59
C CYS G 119 1.71 55.84 -50.02
N ASP G 120 1.27 54.81 -50.77
CA ASP G 120 2.12 53.82 -51.43
C ASP G 120 3.03 54.48 -52.46
N ALA G 121 2.45 55.29 -53.35
CA ALA G 121 3.21 56.03 -54.36
C ALA G 121 4.29 56.91 -53.72
N ILE G 122 3.94 57.63 -52.64
CA ILE G 122 4.89 58.47 -51.90
C ILE G 122 5.99 57.63 -51.26
N ARG G 123 5.66 56.41 -50.80
CA ARG G 123 6.66 55.50 -50.23
C ARG G 123 7.60 54.95 -51.32
N LEU G 124 7.05 54.61 -52.49
CA LEU G 124 7.78 53.97 -53.58
C LEU G 124 8.70 54.96 -54.31
N ASP G 125 8.19 56.17 -54.60
CA ASP G 125 8.89 57.16 -55.39
C ASP G 125 9.28 58.37 -54.52
N GLY G 126 10.59 58.66 -54.41
CA GLY G 126 11.09 59.69 -53.52
C GLY G 126 11.12 59.25 -52.06
N GLY G 127 10.09 58.49 -51.66
CA GLY G 127 9.99 57.92 -50.32
C GLY G 127 9.57 58.93 -49.26
N LEU G 128 9.50 58.44 -48.01
CA LEU G 128 9.41 59.32 -46.85
C LEU G 128 10.72 60.08 -46.63
N ASP G 129 11.79 59.72 -47.34
CA ASP G 129 13.14 60.24 -47.12
C ASP G 129 13.23 61.75 -47.34
N LEU G 130 12.72 62.23 -48.48
CA LEU G 130 12.73 63.66 -48.76
C LEU G 130 11.83 64.42 -47.79
N LEU G 131 10.73 63.79 -47.32
CA LEU G 131 9.91 64.37 -46.26
C LEU G 131 10.73 64.49 -44.98
N LEU G 132 11.43 63.43 -44.58
CA LEU G 132 12.26 63.40 -43.37
C LEU G 132 13.43 64.38 -43.44
N ARG G 133 13.94 64.68 -44.64
CA ARG G 133 14.93 65.73 -44.83
C ARG G 133 14.30 67.12 -44.68
N LEU G 134 13.16 67.37 -45.35
CA LEU G 134 12.44 68.62 -45.21
C LEU G 134 11.99 68.85 -43.77
N LEU G 135 11.64 67.77 -43.06
CA LEU G 135 11.20 67.78 -41.67
C LEU G 135 12.25 68.33 -40.70
N GLN G 136 13.51 68.45 -41.16
CA GLN G 136 14.61 68.96 -40.35
C GLN G 136 15.37 70.10 -41.05
N ALA G 137 14.87 70.59 -42.20
CA ALA G 137 15.33 71.83 -42.81
C ALA G 137 15.05 73.02 -41.88
N PRO G 138 15.89 74.08 -41.85
CA PRO G 138 15.75 75.15 -40.85
C PRO G 138 14.48 75.97 -40.91
N GLU G 139 13.96 76.26 -42.13
CA GLU G 139 12.79 77.12 -42.31
C GLU G 139 11.51 76.45 -41.77
N LEU G 140 10.87 77.12 -40.79
CA LEU G 140 9.68 76.62 -40.11
C LEU G 140 8.57 76.23 -41.08
N GLU G 141 8.32 77.03 -42.13
CA GLU G 141 7.30 76.76 -43.14
C GLU G 141 7.46 75.38 -43.76
N THR G 142 8.71 75.03 -44.10
CA THR G 142 9.04 73.76 -44.74
C THR G 142 8.78 72.60 -43.78
N ARG G 143 9.19 72.75 -42.52
CA ARG G 143 8.97 71.75 -41.49
C ARG G 143 7.49 71.54 -41.23
N VAL G 144 6.74 72.64 -41.09
CA VAL G 144 5.30 72.61 -40.92
C VAL G 144 4.63 71.86 -42.07
N GLN G 145 4.93 72.26 -43.32
CA GLN G 145 4.34 71.64 -44.49
C GLN G 145 4.70 70.16 -44.62
N ALA G 146 5.96 69.81 -44.29
CA ALA G 146 6.43 68.42 -44.26
C ALA G 146 5.66 67.61 -43.21
N ALA G 147 5.57 68.14 -41.99
CA ALA G 147 4.88 67.51 -40.88
C ALA G 147 3.39 67.31 -41.19
N ARG G 148 2.75 68.34 -41.74
CA ARG G 148 1.36 68.31 -42.20
C ARG G 148 1.12 67.14 -43.15
N LEU G 149 2.00 67.02 -44.17
CA LEU G 149 1.90 65.97 -45.14
C LEU G 149 2.12 64.61 -44.49
N LEU G 150 3.20 64.47 -43.72
CA LEU G 150 3.58 63.19 -43.11
C LEU G 150 2.46 62.67 -42.21
N GLU G 151 1.91 63.53 -41.35
CA GLU G 151 0.78 63.22 -40.48
C GLU G 151 -0.41 62.63 -41.26
N GLN G 152 -0.61 63.04 -42.52
CA GLN G 152 -1.71 62.54 -43.33
C GLN G 152 -1.38 61.24 -44.07
N ILE G 153 -0.15 60.69 -43.96
CA ILE G 153 0.22 59.56 -44.82
C ILE G 153 0.85 58.40 -44.05
N LEU G 154 0.81 58.42 -42.71
CA LEU G 154 1.33 57.32 -41.90
C LEU G 154 0.39 56.10 -41.85
N VAL G 155 0.04 55.62 -43.05
CA VAL G 155 -0.47 54.28 -43.29
C VAL G 155 0.52 53.25 -42.72
N ALA G 156 0.06 52.01 -42.48
CA ALA G 156 0.85 50.94 -41.87
C ALA G 156 2.27 50.81 -42.45
N GLU G 157 2.41 50.63 -43.77
CA GLU G 157 3.73 50.45 -44.39
C GLU G 157 4.62 51.70 -44.24
N ASN G 158 3.98 52.87 -44.21
CA ASN G 158 4.68 54.13 -44.05
C ASN G 158 5.21 54.27 -42.62
N ARG G 159 4.40 53.88 -41.62
CA ARG G 159 4.85 53.73 -40.24
C ARG G 159 6.01 52.72 -40.19
N ASP G 160 5.87 51.61 -40.91
CA ASP G 160 6.86 50.55 -40.92
C ASP G 160 8.22 51.05 -41.42
N ARG G 161 8.21 51.93 -42.45
CA ARG G 161 9.40 52.58 -42.95
C ARG G 161 9.99 53.56 -41.92
N VAL G 162 9.22 54.53 -41.44
CA VAL G 162 9.79 55.54 -40.55
C VAL G 162 10.15 54.98 -39.18
N ALA G 163 9.63 53.81 -38.82
CA ALA G 163 10.06 53.09 -37.62
C ALA G 163 11.52 52.66 -37.69
N ARG G 164 12.04 52.42 -38.92
CA ARG G 164 13.39 51.89 -39.17
C ARG G 164 14.33 52.93 -39.78
N ILE G 165 13.79 53.90 -40.53
CA ILE G 165 14.55 55.02 -41.05
C ILE G 165 14.13 56.30 -40.32
N GLY G 166 15.11 57.00 -39.73
CA GLY G 166 14.96 58.37 -39.26
C GLY G 166 13.87 58.63 -38.20
N LEU G 167 13.49 57.62 -37.41
CA LEU G 167 12.60 57.84 -36.27
C LEU G 167 13.15 58.93 -35.34
N GLY G 168 14.48 58.97 -35.16
CA GLY G 168 15.19 60.00 -34.42
C GLY G 168 14.89 61.43 -34.85
N VAL G 169 14.50 61.64 -36.12
CA VAL G 169 14.11 62.95 -36.64
C VAL G 169 12.80 63.39 -35.99
N ILE G 170 11.82 62.47 -35.91
CA ILE G 170 10.54 62.72 -35.29
C ILE G 170 10.74 63.08 -33.81
N LEU G 171 11.60 62.32 -33.11
CA LEU G 171 11.91 62.62 -31.71
C LEU G 171 12.71 63.91 -31.55
N ASN G 172 13.43 64.34 -32.59
CA ASN G 172 14.05 65.66 -32.60
C ASN G 172 12.98 66.75 -32.63
N LEU G 173 11.99 66.63 -33.55
CA LEU G 173 10.85 67.54 -33.62
C LEU G 173 10.02 67.56 -32.32
N ALA G 174 9.97 66.43 -31.60
CA ALA G 174 9.24 66.34 -30.33
C ALA G 174 9.75 67.34 -29.28
N LYS G 175 10.91 67.98 -29.52
CA LYS G 175 11.45 69.03 -28.67
C LYS G 175 11.01 70.44 -29.11
N GLU G 176 10.59 70.59 -30.37
CA GLU G 176 10.05 71.83 -30.91
C GLU G 176 8.59 72.02 -30.50
N ARG G 177 8.35 72.29 -29.21
CA ARG G 177 7.01 72.17 -28.62
C ARG G 177 6.16 73.44 -28.80
N GLU G 178 6.78 74.55 -29.23
CA GLU G 178 6.18 75.89 -29.21
C GLU G 178 5.27 76.21 -30.41
N PRO G 179 5.68 76.01 -31.69
CA PRO G 179 4.84 76.40 -32.83
C PRO G 179 3.67 75.46 -33.01
N VAL G 180 2.44 75.98 -32.87
CA VAL G 180 1.24 75.16 -32.78
C VAL G 180 1.00 74.35 -34.06
N GLU G 181 1.25 74.91 -35.24
CA GLU G 181 1.05 74.22 -36.52
C GLU G 181 1.97 73.00 -36.62
N LEU G 182 3.20 73.15 -36.12
CA LEU G 182 4.15 72.05 -36.01
C LEU G 182 3.67 71.06 -34.95
N ALA G 183 3.37 71.53 -33.73
CA ALA G 183 2.93 70.72 -32.61
C ALA G 183 1.76 69.80 -33.00
N ARG G 184 0.71 70.35 -33.62
CA ARG G 184 -0.43 69.58 -34.12
C ARG G 184 0.02 68.40 -34.97
N SER G 185 0.87 68.71 -35.96
CA SER G 185 1.34 67.76 -36.95
C SER G 185 2.20 66.69 -36.28
N VAL G 186 3.13 67.09 -35.41
CA VAL G 186 4.04 66.21 -34.68
C VAL G 186 3.26 65.30 -33.73
N ALA G 187 2.30 65.87 -32.99
CA ALA G 187 1.43 65.06 -32.13
C ALA G 187 0.69 63.99 -32.94
N GLY G 188 0.14 64.34 -34.11
CA GLY G 188 -0.50 63.37 -34.99
C GLY G 188 0.47 62.30 -35.48
N ILE G 189 1.70 62.70 -35.83
CA ILE G 189 2.77 61.78 -36.21
C ILE G 189 3.04 60.80 -35.06
N LEU G 190 3.27 61.34 -33.86
CA LEU G 190 3.55 60.53 -32.68
C LEU G 190 2.40 59.57 -32.40
N GLU G 191 1.16 60.07 -32.39
CA GLU G 191 -0.04 59.25 -32.31
C GLU G 191 0.05 58.04 -33.25
N HIS G 192 0.29 58.28 -34.54
CA HIS G 192 0.37 57.22 -35.54
C HIS G 192 1.53 56.25 -35.25
N MET G 193 2.67 56.80 -34.82
CA MET G 193 3.84 55.98 -34.55
C MET G 193 3.65 55.10 -33.31
N PHE G 194 2.97 55.60 -32.27
CA PHE G 194 2.60 54.77 -31.13
C PHE G 194 1.70 53.61 -31.54
N LYS G 195 1.06 53.66 -32.69
CA LYS G 195 0.22 52.57 -33.16
C LYS G 195 1.04 51.46 -33.83
N HIS G 196 2.37 51.62 -33.96
CA HIS G 196 3.16 50.77 -34.85
C HIS G 196 3.46 49.40 -34.24
N SER G 197 4.23 49.40 -33.13
CA SER G 197 4.72 48.19 -32.49
C SER G 197 5.20 48.47 -31.07
N GLU G 198 5.39 47.39 -30.31
CA GLU G 198 5.86 47.49 -28.93
C GLU G 198 7.23 48.16 -28.87
N GLU G 199 8.12 47.75 -29.78
CA GLU G 199 9.48 48.29 -29.86
C GLU G 199 9.43 49.80 -30.14
N THR G 200 8.62 50.20 -31.12
CA THR G 200 8.49 51.60 -31.46
C THR G 200 8.02 52.42 -30.26
N CYS G 201 7.04 51.89 -29.52
CA CYS G 201 6.57 52.55 -28.31
C CYS G 201 7.69 52.68 -27.29
N GLN G 202 8.46 51.61 -27.07
CA GLN G 202 9.57 51.61 -26.13
C GLN G 202 10.53 52.74 -26.49
N ARG G 203 10.87 52.87 -27.79
CA ARG G 203 11.81 53.88 -28.25
C ARG G 203 11.24 55.28 -28.01
N LEU G 204 9.97 55.49 -28.39
CA LEU G 204 9.30 56.78 -28.23
C LEU G 204 9.14 57.17 -26.75
N VAL G 205 9.06 56.22 -25.81
CA VAL G 205 8.83 56.48 -24.40
C VAL G 205 10.15 56.67 -23.66
N ALA G 206 11.22 55.95 -24.11
CA ALA G 206 12.55 56.06 -23.52
C ALA G 206 13.15 57.44 -23.79
N ALA G 207 13.01 57.93 -25.04
CA ALA G 207 13.34 59.29 -25.40
C ALA G 207 12.13 60.23 -25.20
N GLY G 208 12.22 61.47 -25.69
CA GLY G 208 11.27 62.51 -25.33
C GLY G 208 9.88 62.43 -25.98
N GLY G 209 9.55 61.35 -26.70
CA GLY G 209 8.30 61.22 -27.44
C GLY G 209 7.05 61.27 -26.57
N LEU G 210 7.02 60.49 -25.48
CA LEU G 210 5.89 60.53 -24.55
C LEU G 210 5.83 61.88 -23.84
N ASP G 211 6.98 62.45 -23.45
CA ASP G 211 7.04 63.72 -22.75
C ASP G 211 6.42 64.86 -23.57
N ALA G 212 6.52 64.80 -24.90
CA ALA G 212 5.92 65.77 -25.79
C ALA G 212 4.39 65.80 -25.67
N VAL G 213 3.73 64.62 -25.78
CA VAL G 213 2.28 64.56 -25.70
C VAL G 213 1.80 64.89 -24.28
N LEU G 214 2.52 64.46 -23.25
CA LEU G 214 2.16 64.79 -21.88
C LEU G 214 2.31 66.29 -21.60
N TYR G 215 3.34 66.93 -22.18
CA TYR G 215 3.45 68.37 -22.11
C TYR G 215 2.27 69.04 -22.83
N TRP G 216 2.04 68.67 -24.10
CA TRP G 216 0.99 69.25 -24.92
C TRP G 216 -0.43 69.10 -24.34
N CYS G 217 -0.67 68.16 -23.42
CA CYS G 217 -1.93 68.09 -22.70
C CYS G 217 -2.24 69.35 -21.88
N ARG G 218 -1.25 70.22 -21.62
CA ARG G 218 -1.46 71.47 -20.89
C ARG G 218 -1.81 72.65 -21.83
N ARG G 219 -1.84 72.42 -23.15
CA ARG G 219 -2.23 73.40 -24.16
C ARG G 219 -3.75 73.42 -24.34
N THR G 220 -4.24 74.40 -25.13
CA THR G 220 -5.68 74.64 -25.33
C THR G 220 -6.18 74.18 -26.70
N ASP G 221 -5.26 73.91 -27.64
CA ASP G 221 -5.63 73.74 -29.04
C ASP G 221 -6.41 72.45 -29.29
N PRO G 222 -7.63 72.49 -29.91
CA PRO G 222 -8.43 71.29 -30.16
C PRO G 222 -7.75 70.13 -30.89
N ALA G 223 -7.11 70.44 -32.02
CA ALA G 223 -6.48 69.41 -32.85
C ALA G 223 -5.32 68.75 -32.11
N LEU G 224 -4.49 69.58 -31.47
CA LEU G 224 -3.38 69.11 -30.64
C LEU G 224 -3.87 68.16 -29.54
N LEU G 225 -4.90 68.58 -28.78
CA LEU G 225 -5.44 67.77 -27.70
C LEU G 225 -6.04 66.47 -28.21
N ARG G 226 -6.77 66.51 -29.33
CA ARG G 226 -7.32 65.31 -29.94
C ARG G 226 -6.23 64.30 -30.26
N HIS G 227 -5.14 64.76 -30.88
CA HIS G 227 -3.98 63.92 -31.14
C HIS G 227 -3.35 63.42 -29.83
N CYS G 228 -3.24 64.26 -28.79
CA CYS G 228 -2.69 63.82 -27.51
C CYS G 228 -3.51 62.67 -26.89
N ALA G 229 -4.83 62.80 -26.89
CA ALA G 229 -5.72 61.76 -26.39
C ALA G 229 -5.49 60.46 -27.15
N LEU G 230 -5.53 60.54 -28.49
CA LEU G 230 -5.33 59.36 -29.31
C LEU G 230 -3.92 58.78 -29.18
N ALA G 231 -2.90 59.63 -28.98
CA ALA G 231 -1.54 59.17 -28.77
C ALA G 231 -1.43 58.33 -27.51
N LEU G 232 -1.91 58.88 -26.38
CA LEU G 232 -1.85 58.18 -25.10
C LEU G 232 -2.67 56.89 -25.14
N GLY G 233 -3.84 56.91 -25.77
CA GLY G 233 -4.59 55.69 -25.97
C GLY G 233 -3.86 54.66 -26.83
N ASN G 234 -3.31 55.07 -27.98
CA ASN G 234 -2.58 54.20 -28.88
C ASN G 234 -1.37 53.61 -28.17
N CYS G 235 -0.64 54.43 -27.41
CA CYS G 235 0.51 54.01 -26.63
C CYS G 235 0.11 52.94 -25.61
N ALA G 236 -0.92 53.16 -24.80
CA ALA G 236 -1.43 52.18 -23.85
C ALA G 236 -1.87 50.88 -24.51
N LEU G 237 -2.50 50.93 -25.69
CA LEU G 237 -3.00 49.75 -26.38
C LEU G 237 -1.93 48.91 -27.09
N HIS G 238 -0.74 49.49 -27.40
CA HIS G 238 0.27 48.80 -28.22
C HIS G 238 1.62 48.64 -27.53
N GLY G 239 1.92 49.48 -26.53
CA GLY G 239 3.26 49.58 -25.92
C GLY G 239 3.60 48.45 -24.96
N GLY G 240 2.62 47.59 -24.63
CA GLY G 240 2.80 46.45 -23.76
C GLY G 240 3.12 46.85 -22.31
N GLN G 241 3.44 45.83 -21.50
CA GLN G 241 3.49 45.92 -20.05
C GLN G 241 4.49 46.98 -19.57
N ALA G 242 5.63 47.05 -20.27
CA ALA G 242 6.75 47.90 -19.90
C ALA G 242 6.38 49.36 -20.00
N VAL G 243 5.80 49.80 -21.14
CA VAL G 243 5.51 51.21 -21.31
C VAL G 243 4.29 51.64 -20.52
N GLN G 244 3.28 50.77 -20.35
CA GLN G 244 2.13 51.12 -19.53
C GLN G 244 2.59 51.59 -18.16
N ARG G 245 3.54 50.85 -17.58
CA ARG G 245 4.12 51.13 -16.27
C ARG G 245 4.82 52.50 -16.29
N ARG G 246 5.55 52.81 -17.37
CA ARG G 246 6.20 54.10 -17.56
C ARG G 246 5.20 55.24 -17.70
N MET G 247 4.12 55.05 -18.47
CA MET G 247 3.09 56.07 -18.65
C MET G 247 2.51 56.50 -17.30
N VAL G 248 2.18 55.52 -16.45
CA VAL G 248 1.57 55.78 -15.17
C VAL G 248 2.57 56.44 -14.23
N GLU G 249 3.84 55.99 -14.26
CA GLU G 249 4.92 56.60 -13.50
C GLU G 249 5.13 58.07 -13.92
N LYS G 250 4.99 58.36 -15.22
CA LYS G 250 5.01 59.70 -15.81
C LYS G 250 3.70 60.48 -15.58
N ARG G 251 2.79 59.96 -14.75
CA ARG G 251 1.56 60.65 -14.36
C ARG G 251 0.60 60.89 -15.52
N ALA G 252 0.54 59.98 -16.48
CA ALA G 252 -0.32 60.08 -17.65
C ALA G 252 -1.80 60.10 -17.30
N ALA G 253 -2.18 59.38 -16.23
CA ALA G 253 -3.57 59.28 -15.79
C ALA G 253 -4.10 60.64 -15.33
N GLU G 254 -3.27 61.40 -14.58
CA GLU G 254 -3.57 62.78 -14.22
C GLU G 254 -3.67 63.66 -15.47
N TRP G 255 -2.70 63.56 -16.38
CA TRP G 255 -2.70 64.42 -17.54
C TRP G 255 -3.82 64.11 -18.53
N LEU G 256 -4.45 62.94 -18.44
CA LEU G 256 -5.68 62.66 -19.19
C LEU G 256 -6.90 63.35 -18.56
N PHE G 257 -6.82 63.77 -17.30
CA PHE G 257 -7.96 64.35 -16.59
C PHE G 257 -8.56 65.54 -17.35
N PRO G 258 -7.80 66.61 -17.73
CA PRO G 258 -8.39 67.78 -18.37
C PRO G 258 -9.01 67.47 -19.72
N LEU G 259 -8.51 66.42 -20.39
CA LEU G 259 -9.05 66.02 -21.69
C LEU G 259 -10.38 65.26 -21.51
N ALA G 260 -10.46 64.40 -20.49
CA ALA G 260 -11.69 63.73 -20.08
C ALA G 260 -12.74 64.72 -19.54
N PHE G 261 -12.30 65.73 -18.77
CA PHE G 261 -13.13 66.77 -18.18
C PHE G 261 -13.39 67.93 -19.15
N SER G 262 -13.02 67.79 -20.43
CA SER G 262 -13.29 68.81 -21.44
C SER G 262 -14.79 68.96 -21.71
N LYS G 263 -15.19 70.06 -22.37
CA LYS G 263 -16.59 70.44 -22.51
C LYS G 263 -17.03 70.38 -23.98
N GLU G 264 -16.26 71.03 -24.86
CA GLU G 264 -16.63 71.31 -26.24
C GLU G 264 -16.70 70.06 -27.13
N ASP G 265 -15.92 69.01 -26.80
CA ASP G 265 -15.74 67.89 -27.71
C ASP G 265 -15.92 66.55 -27.01
N GLU G 266 -17.06 65.90 -27.28
CA GLU G 266 -17.39 64.56 -26.80
C GLU G 266 -16.29 63.55 -27.13
N LEU G 267 -15.69 63.65 -28.32
CA LEU G 267 -14.68 62.69 -28.74
C LEU G 267 -13.34 62.92 -28.04
N LEU G 268 -13.00 64.16 -27.68
CA LEU G 268 -11.83 64.39 -26.84
C LEU G 268 -12.02 63.70 -25.48
N ARG G 269 -13.21 63.83 -24.87
CA ARG G 269 -13.53 63.14 -23.63
C ARG G 269 -13.46 61.62 -23.82
N LEU G 270 -14.04 61.10 -24.91
CA LEU G 270 -14.20 59.68 -25.15
C LEU G 270 -12.84 59.01 -25.41
N HIS G 271 -11.95 59.68 -26.13
CA HIS G 271 -10.62 59.16 -26.38
C HIS G 271 -9.80 59.18 -25.09
N ALA G 272 -9.90 60.26 -24.31
CA ALA G 272 -9.20 60.35 -23.04
C ALA G 272 -9.66 59.24 -22.07
N CYS G 273 -10.95 58.96 -22.04
CA CYS G 273 -11.51 57.91 -21.22
C CYS G 273 -11.05 56.53 -21.66
N LEU G 274 -10.95 56.26 -22.97
CA LEU G 274 -10.41 55.00 -23.45
C LEU G 274 -8.99 54.75 -22.94
N ALA G 275 -8.16 55.79 -22.99
CA ALA G 275 -6.80 55.70 -22.48
C ALA G 275 -6.77 55.22 -21.02
N VAL G 276 -7.50 55.87 -20.11
CA VAL G 276 -7.45 55.50 -18.70
C VAL G 276 -8.10 54.13 -18.45
N ALA G 277 -9.10 53.76 -19.25
CA ALA G 277 -9.74 52.45 -19.14
C ALA G 277 -8.77 51.33 -19.49
N VAL G 278 -8.02 51.51 -20.58
CA VAL G 278 -6.99 50.56 -20.98
C VAL G 278 -5.91 50.47 -19.90
N LEU G 279 -5.41 51.60 -19.37
CA LEU G 279 -4.46 51.59 -18.26
C LEU G 279 -4.99 50.88 -17.01
N ALA G 280 -6.25 51.10 -16.64
CA ALA G 280 -6.84 50.48 -15.46
C ALA G 280 -7.03 48.97 -15.63
N THR G 281 -7.01 48.47 -16.86
CA THR G 281 -7.10 47.04 -17.14
C THR G 281 -5.81 46.30 -16.74
N ASN G 282 -4.69 47.02 -16.60
CA ASN G 282 -3.42 46.49 -16.14
C ASN G 282 -3.44 46.51 -14.62
N LYS G 283 -3.34 45.32 -13.97
CA LYS G 283 -3.56 45.15 -12.55
C LYS G 283 -2.49 45.83 -11.68
N GLU G 284 -1.28 45.91 -12.19
CA GLU G 284 -0.19 46.49 -11.43
C GLU G 284 -0.38 48.00 -11.27
N VAL G 285 -0.81 48.68 -12.33
CA VAL G 285 -0.90 50.13 -12.31
C VAL G 285 -2.28 50.62 -11.86
N GLU G 286 -3.26 49.71 -11.74
CA GLU G 286 -4.66 49.98 -11.42
C GLU G 286 -4.80 50.98 -10.27
N ARG G 287 -4.09 50.73 -9.17
CA ARG G 287 -4.20 51.52 -7.96
C ARG G 287 -3.80 52.98 -8.16
N GLU G 288 -2.80 53.26 -9.00
CA GLU G 288 -2.38 54.61 -9.28
C GLU G 288 -3.33 55.33 -10.25
N VAL G 289 -3.87 54.62 -11.25
CA VAL G 289 -4.83 55.25 -12.15
C VAL G 289 -6.17 55.52 -11.45
N GLU G 290 -6.51 54.74 -10.41
CA GLU G 290 -7.57 55.12 -9.49
C GLU G 290 -7.22 56.42 -8.77
N ARG G 291 -5.99 56.49 -8.26
CA ARG G 291 -5.56 57.62 -7.45
C ARG G 291 -5.68 58.94 -8.21
N SER G 292 -5.55 58.92 -9.55
CA SER G 292 -5.66 60.12 -10.37
C SER G 292 -7.07 60.70 -10.36
N GLY G 293 -8.07 59.87 -10.08
CA GLY G 293 -9.47 60.30 -10.09
C GLY G 293 -10.11 60.31 -11.47
N THR G 294 -9.31 60.09 -12.51
CA THR G 294 -9.79 60.22 -13.89
C THR G 294 -10.78 59.13 -14.26
N LEU G 295 -10.72 57.97 -13.60
CA LEU G 295 -11.66 56.89 -13.84
C LEU G 295 -13.09 57.27 -13.47
N ALA G 296 -13.28 58.15 -12.47
CA ALA G 296 -14.61 58.60 -12.05
C ALA G 296 -15.38 59.30 -13.17
N LEU G 297 -14.68 59.80 -14.19
CA LEU G 297 -15.30 60.46 -15.32
C LEU G 297 -15.84 59.47 -16.37
N VAL G 298 -15.42 58.20 -16.36
CA VAL G 298 -15.63 57.31 -17.48
C VAL G 298 -17.10 56.91 -17.61
N GLU G 299 -17.71 56.37 -16.55
CA GLU G 299 -19.09 55.90 -16.64
C GLU G 299 -20.08 57.05 -16.95
N PRO G 300 -20.02 58.20 -16.23
CA PRO G 300 -20.88 59.34 -16.53
C PRO G 300 -20.80 59.79 -17.98
N LEU G 301 -19.60 59.80 -18.58
CA LEU G 301 -19.45 60.09 -20.00
C LEU G 301 -20.12 59.02 -20.87
N VAL G 302 -19.79 57.75 -20.63
CA VAL G 302 -20.27 56.67 -21.47
C VAL G 302 -21.79 56.60 -21.45
N ALA G 303 -22.40 56.93 -20.30
CA ALA G 303 -23.85 56.98 -20.15
C ALA G 303 -24.49 58.11 -20.96
N SER G 304 -23.74 59.20 -21.20
CA SER G 304 -24.18 60.40 -21.90
C SER G 304 -24.30 60.20 -23.42
N LEU G 305 -23.32 59.51 -24.03
CA LEU G 305 -23.19 59.40 -25.47
C LEU G 305 -24.10 58.33 -26.09
N ASP G 306 -24.14 58.33 -27.44
CA ASP G 306 -24.91 57.36 -28.23
C ASP G 306 -23.98 56.57 -29.17
N PRO G 307 -23.87 55.22 -29.05
CA PRO G 307 -23.11 54.40 -30.00
C PRO G 307 -23.53 54.51 -31.46
N GLY G 308 -24.79 54.85 -31.73
CA GLY G 308 -25.30 54.98 -33.08
C GLY G 308 -24.67 56.12 -33.87
N ARG G 309 -24.07 57.10 -33.19
CA ARG G 309 -23.50 58.32 -33.78
C ARG G 309 -22.54 58.02 -34.93
N PHE G 310 -21.58 57.12 -34.70
CA PHE G 310 -20.55 56.79 -35.67
C PHE G 310 -21.13 56.20 -36.96
N ALA G 311 -22.10 55.30 -36.83
CA ALA G 311 -22.78 54.66 -37.95
C ALA G 311 -23.66 55.62 -38.76
N ARG G 312 -23.90 56.85 -38.27
CA ARG G 312 -24.58 57.91 -39.03
C ARG G 312 -23.64 59.06 -39.44
N CYS G 313 -22.42 59.11 -38.89
CA CYS G 313 -21.32 59.90 -39.44
C CYS G 313 -20.83 59.25 -40.74
N LEU G 314 -20.68 57.92 -40.72
CA LEU G 314 -20.63 57.06 -41.89
C LEU G 314 -21.93 57.20 -42.70
N VAL G 315 -21.85 57.13 -44.04
CA VAL G 315 -23.03 57.09 -44.90
C VAL G 315 -23.47 55.64 -45.20
N ASP G 316 -24.50 55.49 -46.03
CA ASP G 316 -25.07 54.20 -46.41
C ASP G 316 -24.20 53.44 -47.44
N ALA G 317 -24.72 52.29 -47.88
CA ALA G 317 -24.02 51.35 -48.77
C ALA G 317 -22.71 50.86 -48.16
N SER G 318 -21.63 50.80 -48.98
CA SER G 318 -20.36 50.20 -48.58
C SER G 318 -19.31 51.26 -48.18
N ASP G 319 -19.76 52.41 -47.67
CA ASP G 319 -18.88 53.41 -47.04
C ASP G 319 -17.93 52.75 -46.05
N THR G 320 -16.62 52.94 -46.26
CA THR G 320 -15.55 52.37 -45.45
C THR G 320 -14.68 53.47 -44.81
N SER G 321 -15.19 54.71 -44.80
CA SER G 321 -14.51 55.88 -44.22
C SER G 321 -14.35 55.79 -42.69
N GLN G 322 -15.15 54.93 -42.05
CA GLN G 322 -15.02 54.59 -40.63
C GLN G 322 -15.15 53.07 -40.43
N GLY G 323 -14.59 52.58 -39.31
CA GLY G 323 -14.66 51.18 -38.89
C GLY G 323 -13.29 50.56 -38.65
N ARG G 324 -13.06 50.09 -37.42
CA ARG G 324 -11.83 49.40 -37.00
C ARG G 324 -11.67 48.06 -37.71
N GLY G 325 -10.42 47.72 -38.05
CA GLY G 325 -10.06 46.40 -38.54
C GLY G 325 -9.98 45.37 -37.41
N PRO G 326 -9.90 44.05 -37.70
CA PRO G 326 -9.85 43.01 -36.67
C PRO G 326 -8.83 43.20 -35.55
N ASP G 327 -7.62 43.67 -35.85
CA ASP G 327 -6.60 43.95 -34.84
C ASP G 327 -7.10 45.01 -33.86
N ASP G 328 -7.60 46.12 -34.39
CA ASP G 328 -8.07 47.26 -33.59
C ASP G 328 -9.30 46.90 -32.76
N LEU G 329 -10.15 45.99 -33.26
CA LEU G 329 -11.28 45.47 -32.51
C LEU G 329 -10.80 44.53 -31.42
N GLN G 330 -9.88 43.62 -31.73
CA GLN G 330 -9.46 42.56 -30.83
C GLN G 330 -8.95 43.15 -29.50
N ARG G 331 -8.33 44.32 -29.56
CA ARG G 331 -7.77 45.01 -28.40
C ARG G 331 -8.84 45.56 -27.45
N LEU G 332 -10.07 45.76 -27.94
CA LEU G 332 -11.17 46.20 -27.10
C LEU G 332 -11.75 45.07 -26.26
N VAL G 333 -11.80 43.84 -26.79
CA VAL G 333 -12.42 42.71 -26.10
C VAL G 333 -11.91 42.51 -24.67
N PRO G 334 -10.59 42.50 -24.36
CA PRO G 334 -10.14 42.42 -22.97
C PRO G 334 -10.64 43.52 -22.04
N LEU G 335 -11.13 44.64 -22.58
CA LEU G 335 -11.82 45.62 -21.74
C LEU G 335 -13.15 45.08 -21.23
N LEU G 336 -13.90 44.36 -22.07
CA LEU G 336 -15.10 43.66 -21.63
C LEU G 336 -14.78 42.61 -20.57
N ASP G 337 -13.66 41.89 -20.75
CA ASP G 337 -13.31 40.79 -19.87
C ASP G 337 -12.73 41.28 -18.55
N SER G 338 -12.40 42.57 -18.44
CA SER G 338 -11.81 43.13 -17.23
C SER G 338 -12.76 43.19 -16.04
N ASN G 339 -12.19 43.34 -14.84
CA ASN G 339 -12.97 43.48 -13.63
C ASN G 339 -13.41 44.93 -13.41
N ARG G 340 -12.80 45.88 -14.14
CA ARG G 340 -13.13 47.29 -13.96
C ARG G 340 -14.50 47.59 -14.59
N LEU G 341 -15.38 48.19 -13.80
CA LEU G 341 -16.63 48.67 -14.34
C LEU G 341 -16.37 49.65 -15.49
N GLU G 342 -15.40 50.57 -15.33
CA GLU G 342 -15.16 51.63 -16.29
C GLU G 342 -14.72 51.04 -17.63
N ALA G 343 -13.74 50.14 -17.59
CA ALA G 343 -13.29 49.46 -18.80
C ALA G 343 -14.39 48.63 -19.48
N GLN G 344 -15.25 47.95 -18.70
CA GLN G 344 -16.36 47.22 -19.26
C GLN G 344 -17.35 48.15 -19.92
N CYS G 345 -17.62 49.34 -19.33
CA CYS G 345 -18.52 50.31 -19.92
C CYS G 345 -17.97 50.83 -21.24
N ILE G 346 -16.74 51.37 -21.23
CA ILE G 346 -16.18 51.97 -22.44
C ILE G 346 -15.88 50.93 -23.53
N GLY G 347 -15.45 49.75 -23.14
CA GLY G 347 -15.34 48.65 -24.09
C GLY G 347 -16.66 48.28 -24.74
N ALA G 348 -17.74 48.19 -23.97
CA ALA G 348 -19.06 47.94 -24.52
C ALA G 348 -19.51 49.10 -25.38
N PHE G 349 -19.17 50.34 -25.02
CA PHE G 349 -19.49 51.50 -25.85
C PHE G 349 -18.86 51.40 -27.24
N TYR G 350 -17.52 51.29 -27.29
CA TYR G 350 -16.78 51.20 -28.54
C TYR G 350 -17.21 50.01 -29.39
N LEU G 351 -17.43 48.87 -28.76
CA LEU G 351 -17.79 47.67 -29.48
C LEU G 351 -19.23 47.73 -29.98
N CYS G 352 -20.09 48.48 -29.30
CA CYS G 352 -21.44 48.72 -29.77
C CYS G 352 -21.45 49.67 -30.97
N ALA G 353 -20.64 50.74 -30.91
CA ALA G 353 -20.44 51.62 -32.06
C ALA G 353 -19.99 50.84 -33.30
N GLU G 354 -18.99 49.98 -33.12
CA GLU G 354 -18.51 49.09 -34.17
C GLU G 354 -19.59 48.12 -34.66
N ALA G 355 -20.40 47.58 -33.75
CA ALA G 355 -21.50 46.69 -34.14
C ALA G 355 -22.46 47.41 -35.08
N ALA G 356 -22.76 48.69 -34.80
CA ALA G 356 -23.61 49.49 -35.67
C ALA G 356 -22.98 49.64 -37.07
N ILE G 357 -21.71 50.06 -37.12
CA ILE G 357 -20.97 50.24 -38.37
C ILE G 357 -20.91 48.94 -39.18
N LYS G 358 -20.48 47.85 -38.54
CA LYS G 358 -20.28 46.56 -39.18
C LYS G 358 -21.59 45.94 -39.66
N SER G 359 -22.68 46.07 -38.90
CA SER G 359 -23.98 45.55 -39.30
C SER G 359 -24.52 46.30 -40.52
N LEU G 360 -24.31 47.63 -40.55
CA LEU G 360 -24.64 48.44 -41.74
C LEU G 360 -23.84 47.94 -42.96
N GLN G 361 -22.53 47.72 -42.79
CA GLN G 361 -21.64 47.25 -43.84
C GLN G 361 -21.85 45.77 -44.21
N GLY G 362 -22.62 45.01 -43.41
CA GLY G 362 -22.83 43.58 -43.62
C GLY G 362 -21.64 42.70 -43.23
N LYS G 363 -20.75 43.23 -42.37
CA LYS G 363 -19.47 42.61 -42.00
C LYS G 363 -19.50 42.06 -40.56
N THR G 364 -20.60 41.41 -40.17
CA THR G 364 -20.83 41.01 -38.79
C THR G 364 -20.01 39.80 -38.36
N LYS G 365 -19.41 39.05 -39.31
CA LYS G 365 -18.68 37.81 -39.05
C LYS G 365 -17.58 37.99 -38.01
N VAL G 366 -16.88 39.14 -38.07
CA VAL G 366 -15.70 39.45 -37.27
C VAL G 366 -15.91 39.23 -35.77
N PHE G 367 -17.05 39.68 -35.21
CA PHE G 367 -17.30 39.59 -33.79
C PHE G 367 -17.33 38.16 -33.26
N SER G 368 -17.68 37.20 -34.11
CA SER G 368 -17.88 35.82 -33.70
C SER G 368 -16.55 35.11 -33.42
N ASP G 369 -15.44 35.56 -34.05
CA ASP G 369 -14.13 34.93 -33.95
C ASP G 369 -13.08 35.82 -33.27
N ILE G 370 -13.32 37.14 -33.22
CA ILE G 370 -12.73 38.00 -32.21
C ILE G 370 -13.12 37.57 -30.78
N GLY G 371 -14.20 36.79 -30.64
CA GLY G 371 -14.71 36.28 -29.38
C GLY G 371 -15.51 37.31 -28.59
N ALA G 372 -16.00 38.37 -29.27
CA ALA G 372 -16.77 39.43 -28.65
C ALA G 372 -18.14 38.92 -28.15
N ILE G 373 -18.75 37.98 -28.88
CA ILE G 373 -20.14 37.60 -28.65
C ILE G 373 -20.32 37.01 -27.25
N GLN G 374 -19.58 35.93 -26.91
CA GLN G 374 -19.66 35.35 -25.58
C GLN G 374 -19.32 36.38 -24.48
N SER G 375 -18.41 37.30 -24.76
CA SER G 375 -18.02 38.30 -23.78
C SER G 375 -19.16 39.29 -23.51
N LEU G 376 -19.85 39.74 -24.57
CA LEU G 376 -21.02 40.59 -24.40
C LEU G 376 -22.15 39.83 -23.68
N LYS G 377 -22.44 38.58 -24.07
CA LYS G 377 -23.44 37.77 -23.38
C LYS G 377 -23.11 37.63 -21.90
N ARG G 378 -21.84 37.47 -21.56
CA ARG G 378 -21.41 37.44 -20.16
C ARG G 378 -21.65 38.77 -19.45
N LEU G 379 -21.40 39.93 -20.09
CA LEU G 379 -21.69 41.21 -19.46
C LEU G 379 -23.18 41.31 -19.13
N VAL G 380 -24.06 40.90 -20.04
CA VAL G 380 -25.49 40.99 -19.79
C VAL G 380 -25.86 40.05 -18.66
N SER G 381 -25.37 38.82 -18.69
CA SER G 381 -25.74 37.77 -17.77
C SER G 381 -25.47 38.20 -16.33
N TYR G 382 -24.25 38.60 -16.02
CA TYR G 382 -23.88 38.89 -14.64
C TYR G 382 -23.88 40.39 -14.35
N SER G 383 -24.67 41.14 -15.11
CA SER G 383 -24.75 42.61 -15.01
C SER G 383 -25.27 43.04 -13.64
N THR G 384 -24.66 44.11 -13.11
CA THR G 384 -25.14 44.79 -11.92
C THR G 384 -25.10 46.31 -12.11
N ASN G 385 -25.23 46.71 -13.38
CA ASN G 385 -25.06 48.09 -13.81
C ASN G 385 -25.80 48.32 -15.12
N GLY G 386 -26.65 49.37 -15.13
CA GLY G 386 -27.53 49.66 -16.24
C GLY G 386 -26.79 50.10 -17.49
N THR G 387 -25.82 51.03 -17.33
CA THR G 387 -25.13 51.65 -18.45
C THR G 387 -24.42 50.57 -19.29
N LYS G 388 -23.65 49.72 -18.61
CA LYS G 388 -23.00 48.57 -19.21
C LYS G 388 -24.01 47.65 -19.90
N SER G 389 -25.14 47.34 -19.26
CA SER G 389 -26.11 46.37 -19.74
C SER G 389 -26.79 46.87 -21.01
N ALA G 390 -27.17 48.15 -21.02
CA ALA G 390 -27.82 48.78 -22.16
C ALA G 390 -26.95 48.63 -23.40
N LEU G 391 -25.68 49.03 -23.28
CA LEU G 391 -24.71 48.96 -24.36
C LEU G 391 -24.51 47.55 -24.86
N ALA G 392 -24.33 46.58 -23.95
CA ALA G 392 -24.10 45.20 -24.33
C ALA G 392 -25.31 44.56 -25.03
N LYS G 393 -26.53 44.82 -24.52
CA LYS G 393 -27.75 44.31 -25.13
C LYS G 393 -27.93 44.94 -26.50
N ARG G 394 -27.73 46.26 -26.61
CA ARG G 394 -27.84 46.98 -27.88
C ARG G 394 -26.87 46.42 -28.91
N ALA G 395 -25.63 46.17 -28.50
CA ALA G 395 -24.62 45.55 -29.33
C ALA G 395 -25.09 44.18 -29.85
N LEU G 396 -25.53 43.28 -28.95
CA LEU G 396 -26.01 41.97 -29.35
C LEU G 396 -27.18 42.04 -30.33
N ARG G 397 -28.11 42.98 -30.14
CA ARG G 397 -29.23 43.19 -31.05
C ARG G 397 -28.76 43.68 -32.42
N LEU G 398 -27.82 44.64 -32.47
CA LEU G 398 -27.25 45.11 -33.73
C LEU G 398 -26.59 43.96 -34.50
N LEU G 399 -25.94 43.04 -33.78
CA LEU G 399 -25.30 41.87 -34.36
C LEU G 399 -26.28 40.73 -34.64
N GLY G 400 -27.58 40.92 -34.35
CA GLY G 400 -28.62 39.94 -34.62
C GLY G 400 -28.53 38.67 -33.76
N GLU G 401 -27.84 38.75 -32.61
CA GLU G 401 -27.80 37.66 -31.65
C GLU G 401 -29.02 37.69 -30.73
N GLU G 402 -29.41 36.51 -30.22
CA GLU G 402 -30.37 36.44 -29.12
C GLU G 402 -29.73 36.97 -27.84
N VAL G 403 -30.53 37.71 -27.03
CA VAL G 403 -30.03 38.42 -25.87
C VAL G 403 -30.40 37.66 -24.61
N PRO G 404 -29.43 37.37 -23.70
CA PRO G 404 -29.75 36.59 -22.51
C PRO G 404 -30.51 37.43 -21.48
N ARG G 405 -31.42 36.79 -20.74
CA ARG G 405 -32.02 37.38 -19.55
C ARG G 405 -30.97 37.51 -18.45
N PRO G 406 -30.88 38.63 -17.69
CA PRO G 406 -29.95 38.69 -16.57
C PRO G 406 -30.38 37.63 -15.56
N ILE G 407 -29.42 36.89 -15.01
CA ILE G 407 -29.71 35.67 -14.27
C ILE G 407 -30.04 36.00 -12.79
N LEU G 408 -30.95 35.23 -12.16
CA LEU G 408 -31.36 35.50 -10.78
C LEU G 408 -30.21 35.26 -9.80
N PRO G 409 -29.78 36.21 -8.96
CA PRO G 409 -28.63 35.99 -8.11
C PRO G 409 -28.77 34.96 -6.97
N SER G 410 -29.99 34.61 -6.58
CA SER G 410 -30.18 33.73 -5.43
C SER G 410 -30.02 32.26 -5.83
N VAL G 411 -28.79 31.87 -6.15
CA VAL G 411 -28.48 30.59 -6.73
C VAL G 411 -28.97 29.46 -5.85
N PRO G 412 -28.84 29.52 -4.53
CA PRO G 412 -29.29 28.42 -3.69
C PRO G 412 -30.76 28.09 -3.82
N SER G 413 -31.56 29.08 -4.21
CA SER G 413 -33.01 28.90 -4.42
C SER G 413 -33.41 28.53 -5.86
N TRP G 414 -32.47 28.36 -6.79
CA TRP G 414 -32.83 28.05 -8.15
C TRP G 414 -33.48 26.68 -8.21
N LYS G 415 -34.44 26.52 -9.11
CA LYS G 415 -34.95 25.21 -9.45
C LYS G 415 -34.33 24.76 -10.76
N GLU G 416 -34.78 23.61 -11.28
CA GLU G 416 -34.30 23.07 -12.54
C GLU G 416 -34.34 24.08 -13.70
N ALA G 417 -35.42 24.84 -13.80
CA ALA G 417 -35.54 25.76 -14.93
C ALA G 417 -34.48 26.87 -14.94
N GLU G 418 -34.05 27.34 -13.76
CA GLU G 418 -32.99 28.34 -13.75
C GLU G 418 -31.68 27.69 -14.18
N VAL G 419 -31.41 26.48 -13.71
CA VAL G 419 -30.19 25.81 -14.10
C VAL G 419 -30.18 25.63 -15.61
N GLN G 420 -31.28 25.14 -16.20
CA GLN G 420 -31.32 25.05 -17.64
C GLN G 420 -31.09 26.40 -18.31
N THR G 421 -31.61 27.50 -17.78
CA THR G 421 -31.39 28.80 -18.37
C THR G 421 -29.91 29.16 -18.31
N TRP G 422 -29.27 29.00 -17.16
CA TRP G 422 -27.90 29.41 -16.99
C TRP G 422 -26.97 28.60 -17.88
N LEU G 423 -27.19 27.29 -17.98
CA LEU G 423 -26.40 26.47 -18.89
C LEU G 423 -26.45 26.96 -20.34
N GLN G 424 -27.61 27.43 -20.80
CA GLN G 424 -27.73 27.97 -22.13
C GLN G 424 -26.96 29.28 -22.31
N GLN G 425 -26.94 30.12 -21.30
CA GLN G 425 -26.19 31.37 -21.42
C GLN G 425 -24.69 31.15 -21.45
N ILE G 426 -24.16 30.26 -20.63
CA ILE G 426 -22.72 30.05 -20.55
C ILE G 426 -22.25 29.10 -21.65
N GLY G 427 -23.17 28.71 -22.56
CA GLY G 427 -22.79 27.96 -23.75
C GLY G 427 -22.54 26.49 -23.49
N PHE G 428 -23.08 25.97 -22.38
CA PHE G 428 -23.05 24.54 -22.13
C PHE G 428 -24.35 23.85 -22.56
N SER G 429 -25.07 24.41 -23.55
CA SER G 429 -26.38 23.88 -23.93
C SER G 429 -26.36 22.40 -24.35
N LYS G 430 -25.20 21.90 -24.76
CA LYS G 430 -25.05 20.49 -25.06
C LYS G 430 -25.35 19.61 -23.85
N TYR G 431 -25.17 20.13 -22.64
CA TYR G 431 -25.34 19.37 -21.41
C TYR G 431 -26.72 19.56 -20.78
N CYS G 432 -27.56 20.44 -21.32
CA CYS G 432 -28.87 20.73 -20.75
C CYS G 432 -29.67 19.47 -20.48
N GLU G 433 -29.69 18.55 -21.44
CA GLU G 433 -30.43 17.32 -21.29
C GLU G 433 -29.97 16.51 -20.06
N SER G 434 -28.66 16.33 -19.88
CA SER G 434 -28.16 15.60 -18.74
C SER G 434 -28.57 16.30 -17.45
N PHE G 435 -28.37 17.61 -17.35
CA PHE G 435 -28.70 18.30 -16.13
C PHE G 435 -30.20 18.24 -15.84
N ARG G 436 -31.04 18.17 -16.89
CA ARG G 436 -32.48 18.04 -16.75
C ARG G 436 -32.85 16.65 -16.25
N GLU G 437 -32.33 15.63 -16.91
CA GLU G 437 -32.60 14.26 -16.53
C GLU G 437 -32.13 13.94 -15.11
N GLN G 438 -30.94 14.39 -14.70
CA GLN G 438 -30.48 14.20 -13.36
C GLN G 438 -31.13 15.19 -12.38
N GLN G 439 -32.00 16.09 -12.85
CA GLN G 439 -32.69 17.05 -12.01
C GLN G 439 -31.78 17.94 -11.15
N VAL G 440 -30.75 18.52 -11.75
CA VAL G 440 -29.88 19.37 -10.98
C VAL G 440 -30.63 20.68 -10.76
N ASP G 441 -30.56 21.17 -9.52
CA ASP G 441 -31.15 22.45 -9.13
C ASP G 441 -30.08 23.29 -8.46
N GLY G 442 -30.46 24.43 -7.91
CA GLY G 442 -29.45 25.34 -7.43
C GLY G 442 -28.52 24.79 -6.36
N ASP G 443 -29.07 24.05 -5.40
CA ASP G 443 -28.25 23.50 -4.34
C ASP G 443 -27.32 22.42 -4.89
N LEU G 444 -27.80 21.59 -5.82
CA LEU G 444 -26.95 20.58 -6.38
C LEU G 444 -25.87 21.19 -7.27
N LEU G 445 -26.23 22.20 -8.06
CA LEU G 445 -25.29 22.87 -8.94
C LEU G 445 -24.16 23.46 -8.11
N LEU G 446 -24.45 24.19 -7.04
CA LEU G 446 -23.42 24.81 -6.22
C LEU G 446 -22.50 23.80 -5.56
N ARG G 447 -22.86 22.52 -5.57
CA ARG G 447 -22.09 21.49 -4.88
C ARG G 447 -21.53 20.43 -5.82
N LEU G 448 -21.60 20.60 -7.16
CA LEU G 448 -21.12 19.60 -8.09
C LEU G 448 -19.64 19.39 -7.89
N THR G 449 -19.28 18.13 -7.75
CA THR G 449 -17.88 17.73 -7.68
C THR G 449 -17.43 17.32 -9.08
N GLU G 450 -16.11 17.19 -9.29
CA GLU G 450 -15.62 16.70 -10.57
C GLU G 450 -16.12 15.30 -10.93
N GLU G 451 -16.22 14.44 -9.93
CA GLU G 451 -16.70 13.08 -10.08
C GLU G 451 -18.12 12.99 -10.65
N GLU G 452 -19.04 13.81 -10.11
CA GLU G 452 -20.42 13.80 -10.57
C GLU G 452 -20.48 14.32 -11.99
N LEU G 453 -19.73 15.39 -12.23
CA LEU G 453 -19.74 16.07 -13.50
C LEU G 453 -19.27 15.13 -14.58
N GLN G 454 -18.21 14.37 -14.30
CA GLN G 454 -17.69 13.35 -15.21
C GLN G 454 -18.65 12.19 -15.44
N THR G 455 -19.09 11.60 -14.32
CA THR G 455 -19.75 10.30 -14.37
C THR G 455 -21.27 10.37 -14.64
N ASP G 456 -21.96 11.29 -13.96
CA ASP G 456 -23.41 11.35 -13.93
C ASP G 456 -23.96 12.27 -15.01
N LEU G 457 -23.26 13.38 -15.26
CA LEU G 457 -23.72 14.35 -16.25
C LEU G 457 -23.09 14.13 -17.62
N GLY G 458 -22.03 13.30 -17.71
CA GLY G 458 -21.53 12.93 -19.02
C GLY G 458 -20.44 13.85 -19.59
N MET G 459 -19.83 14.65 -18.73
CA MET G 459 -18.84 15.60 -19.18
C MET G 459 -17.45 14.93 -19.11
N LYS G 460 -17.15 14.18 -20.17
CA LYS G 460 -16.01 13.25 -20.23
C LYS G 460 -14.67 13.98 -20.20
N SER G 461 -14.56 15.04 -21.02
CA SER G 461 -13.33 15.78 -21.24
C SER G 461 -12.91 16.54 -19.99
N GLY G 462 -11.69 16.36 -19.53
CA GLY G 462 -11.18 17.11 -18.39
C GLY G 462 -11.06 18.58 -18.67
N ILE G 463 -10.77 18.94 -19.94
CA ILE G 463 -10.69 20.34 -20.30
C ILE G 463 -12.11 20.91 -20.21
N THR G 464 -13.12 20.19 -20.70
CA THR G 464 -14.47 20.72 -20.64
C THR G 464 -14.90 20.90 -19.19
N ARG G 465 -14.60 19.96 -18.30
CA ARG G 465 -14.88 20.16 -16.91
C ARG G 465 -14.16 21.39 -16.37
N LYS G 466 -12.94 21.66 -16.78
CA LYS G 466 -12.17 22.79 -16.33
C LYS G 466 -12.89 24.06 -16.79
N ARG G 467 -13.49 24.08 -17.98
CA ARG G 467 -14.22 25.26 -18.40
C ARG G 467 -15.51 25.40 -17.61
N PHE G 468 -16.20 24.28 -17.35
CA PHE G 468 -17.42 24.34 -16.55
C PHE G 468 -17.13 24.91 -15.19
N PHE G 469 -16.12 24.42 -14.48
CA PHE G 469 -15.83 24.99 -13.20
C PHE G 469 -15.42 26.46 -13.25
N ARG G 470 -14.84 26.88 -14.35
CA ARG G 470 -14.47 28.28 -14.52
C ARG G 470 -15.74 29.12 -14.54
N GLU G 471 -16.79 28.66 -15.25
CA GLU G 471 -18.09 29.31 -15.32
C GLU G 471 -18.77 29.29 -13.96
N LEU G 472 -18.83 28.10 -13.37
CA LEU G 472 -19.48 27.91 -12.11
C LEU G 472 -18.84 28.79 -11.05
N THR G 473 -17.54 29.03 -11.15
CA THR G 473 -16.89 29.84 -10.13
C THR G 473 -17.31 31.30 -10.26
N GLU G 474 -17.57 31.77 -11.47
CA GLU G 474 -18.07 33.11 -11.62
C GLU G 474 -19.46 33.18 -11.00
N LEU G 475 -20.36 32.23 -11.30
CA LEU G 475 -21.67 32.20 -10.69
C LEU G 475 -21.57 32.16 -9.17
N LYS G 476 -20.82 31.22 -8.60
CA LYS G 476 -20.65 31.21 -7.16
C LYS G 476 -20.21 32.57 -6.61
N THR G 477 -19.40 33.32 -7.33
CA THR G 477 -18.86 34.57 -6.85
C THR G 477 -19.92 35.66 -6.94
N PHE G 478 -20.80 35.59 -7.92
CA PHE G 478 -21.85 36.56 -8.17
C PHE G 478 -23.00 36.40 -7.19
N ALA G 479 -23.23 35.15 -6.75
CA ALA G 479 -24.47 34.74 -6.08
C ALA G 479 -24.74 35.46 -4.77
N ASN G 480 -26.04 35.45 -4.43
CA ASN G 480 -26.60 35.98 -3.21
C ASN G 480 -26.86 34.80 -2.25
N TYR G 481 -26.27 34.83 -1.05
CA TYR G 481 -26.41 33.71 -0.16
C TYR G 481 -27.28 34.02 1.09
N SER G 482 -28.22 34.97 1.00
CA SER G 482 -29.02 35.44 2.12
C SER G 482 -29.82 34.32 2.79
N THR G 483 -30.22 33.33 2.02
CA THR G 483 -31.00 32.23 2.54
C THR G 483 -30.16 31.19 3.28
N CYS G 484 -28.84 31.36 3.35
CA CYS G 484 -27.91 30.32 3.77
C CYS G 484 -26.98 30.85 4.84
N ASP G 485 -26.47 32.05 4.60
CA ASP G 485 -25.35 32.57 5.35
C ASP G 485 -25.89 33.52 6.42
N ARG G 486 -26.09 33.00 7.64
CA ARG G 486 -26.51 33.82 8.78
C ARG G 486 -25.43 34.83 9.19
N SER G 487 -24.15 34.48 9.01
CA SER G 487 -23.05 35.18 9.65
C SER G 487 -22.29 36.09 8.69
N ASN G 488 -22.79 36.18 7.45
CA ASN G 488 -22.17 36.95 6.38
C ASN G 488 -20.71 36.51 6.22
N LEU G 489 -20.56 35.21 6.15
CA LEU G 489 -19.28 34.59 5.89
C LEU G 489 -18.83 34.88 4.47
N ALA G 490 -19.75 35.12 3.54
CA ALA G 490 -19.39 35.53 2.20
C ALA G 490 -18.53 36.80 2.23
N ASP G 491 -18.91 37.83 2.98
CA ASP G 491 -18.12 39.04 3.01
C ASP G 491 -16.80 38.82 3.72
N TRP G 492 -16.76 37.91 4.67
CA TRP G 492 -15.50 37.65 5.36
C TRP G 492 -14.52 37.06 4.39
N LEU G 493 -14.96 36.02 3.63
CA LEU G 493 -14.15 35.41 2.60
C LEU G 493 -13.72 36.46 1.58
N GLY G 494 -14.67 37.23 1.09
CA GLY G 494 -14.36 38.22 0.08
C GLY G 494 -13.41 39.33 0.57
N SER G 495 -13.39 39.59 1.87
CA SER G 495 -12.48 40.58 2.43
C SER G 495 -11.04 40.06 2.47
N LEU G 496 -10.81 38.74 2.52
CA LEU G 496 -9.45 38.23 2.36
C LEU G 496 -9.05 38.42 0.92
N ASP G 497 -9.87 37.86 0.04
CA ASP G 497 -9.55 37.77 -1.37
C ASP G 497 -10.82 37.61 -2.18
N PRO G 498 -11.10 38.49 -3.17
CA PRO G 498 -12.32 38.38 -3.95
C PRO G 498 -12.63 37.00 -4.49
N ARG G 499 -11.58 36.23 -4.77
CA ARG G 499 -11.77 34.91 -5.32
C ARG G 499 -12.04 33.84 -4.27
N PHE G 500 -12.03 34.20 -2.99
CA PHE G 500 -12.44 33.27 -1.96
C PHE G 500 -13.96 33.27 -1.77
N ARG G 501 -14.65 34.31 -2.22
CA ARG G 501 -16.07 34.38 -1.95
C ARG G 501 -16.78 33.19 -2.53
N GLN G 502 -16.23 32.54 -3.55
CA GLN G 502 -16.89 31.40 -4.19
C GLN G 502 -16.99 30.22 -3.23
N TYR G 503 -16.21 30.18 -2.14
CA TYR G 503 -16.28 29.05 -1.23
C TYR G 503 -17.40 29.21 -0.18
N THR G 504 -18.14 30.30 -0.19
CA THR G 504 -19.20 30.51 0.77
C THR G 504 -20.13 29.32 0.91
N TYR G 505 -20.73 28.83 -0.19
CA TYR G 505 -21.76 27.82 0.02
C TYR G 505 -21.15 26.52 0.52
N GLY G 506 -19.91 26.18 0.17
CA GLY G 506 -19.28 25.04 0.79
C GLY G 506 -19.13 25.16 2.30
N LEU G 507 -18.68 26.32 2.78
CA LEU G 507 -18.55 26.53 4.20
C LEU G 507 -19.91 26.45 4.91
N VAL G 508 -20.88 27.22 4.44
CA VAL G 508 -22.11 27.32 5.17
C VAL G 508 -22.93 26.05 5.08
N SER G 509 -22.84 25.34 3.98
CA SER G 509 -23.51 24.07 3.82
C SER G 509 -22.98 23.01 4.82
N CYS G 510 -21.72 23.01 5.18
CA CYS G 510 -21.22 22.23 6.30
C CYS G 510 -21.64 22.79 7.66
N GLY G 511 -22.23 23.95 7.71
CA GLY G 511 -22.64 24.49 9.00
C GLY G 511 -21.60 25.34 9.72
N LEU G 512 -20.49 25.67 9.07
CA LEU G 512 -19.56 26.64 9.65
C LEU G 512 -20.16 28.04 9.61
N ASP G 513 -19.56 28.91 10.40
CA ASP G 513 -19.95 30.30 10.51
C ASP G 513 -18.80 31.06 11.16
N ARG G 514 -18.88 32.40 11.20
CA ARG G 514 -17.75 33.18 11.65
C ARG G 514 -17.26 32.78 13.04
N SER G 515 -18.18 32.40 13.92
CA SER G 515 -17.81 32.05 15.28
C SER G 515 -17.06 30.71 15.31
N LEU G 516 -17.54 29.75 14.52
CA LEU G 516 -16.99 28.42 14.49
C LEU G 516 -15.68 28.36 13.72
N LEU G 517 -15.42 29.28 12.79
CA LEU G 517 -14.40 29.04 11.78
C LEU G 517 -13.02 28.87 12.36
N HIS G 518 -12.77 29.53 13.49
CA HIS G 518 -11.48 29.44 14.19
C HIS G 518 -11.05 28.02 14.57
N ARG G 519 -12.01 27.10 14.63
CA ARG G 519 -11.79 25.72 15.03
C ARG G 519 -11.64 24.79 13.82
N VAL G 520 -11.84 25.28 12.58
CA VAL G 520 -11.86 24.40 11.43
C VAL G 520 -10.44 23.89 11.20
N SER G 521 -10.29 22.77 10.50
CA SER G 521 -8.96 22.22 10.23
C SER G 521 -8.73 22.10 8.74
N GLU G 522 -7.45 21.98 8.33
CA GLU G 522 -7.20 21.96 6.90
C GLU G 522 -7.94 20.82 6.21
N GLN G 523 -8.01 19.67 6.89
CA GLN G 523 -8.68 18.53 6.32
C GLN G 523 -10.17 18.80 6.15
N GLN G 524 -10.82 19.41 7.13
CA GLN G 524 -12.21 19.79 6.96
C GLN G 524 -12.41 20.79 5.80
N LEU G 525 -11.54 21.77 5.59
CA LEU G 525 -11.72 22.68 4.47
C LEU G 525 -11.60 21.92 3.16
N LEU G 526 -10.69 20.94 3.09
CA LEU G 526 -10.53 20.13 1.89
C LEU G 526 -11.74 19.22 1.67
N GLU G 527 -12.05 18.39 2.68
CA GLU G 527 -12.96 17.26 2.53
C GLU G 527 -14.42 17.69 2.65
N ASP G 528 -14.74 18.49 3.66
CA ASP G 528 -16.12 18.88 3.88
C ASP G 528 -16.49 20.03 2.97
N CYS G 529 -15.72 21.11 3.05
CA CYS G 529 -16.06 22.34 2.36
C CYS G 529 -15.64 22.39 0.89
N GLY G 530 -14.78 21.47 0.44
CA GLY G 530 -14.48 21.36 -0.98
C GLY G 530 -13.50 22.40 -1.51
N ILE G 531 -12.67 23.02 -0.66
CA ILE G 531 -11.65 23.94 -1.16
C ILE G 531 -10.44 23.12 -1.60
N HIS G 532 -10.33 22.90 -2.92
CA HIS G 532 -9.30 22.05 -3.49
C HIS G 532 -7.88 22.64 -3.46
N LEU G 533 -7.71 23.93 -3.74
CA LEU G 533 -6.38 24.53 -3.75
C LEU G 533 -5.80 24.70 -2.34
N GLY G 534 -4.60 24.14 -2.13
CA GLY G 534 -3.93 24.23 -0.86
C GLY G 534 -3.61 25.67 -0.44
N VAL G 535 -3.20 26.51 -1.39
CA VAL G 535 -2.89 27.87 -1.01
C VAL G 535 -4.13 28.59 -0.44
N HIS G 536 -5.29 28.29 -1.04
CA HIS G 536 -6.51 28.92 -0.56
C HIS G 536 -6.87 28.40 0.83
N ARG G 537 -6.79 27.07 1.02
CA ARG G 537 -7.02 26.48 2.32
C ARG G 537 -6.14 27.16 3.35
N ALA G 538 -4.84 27.25 3.08
CA ALA G 538 -3.91 27.81 4.06
C ALA G 538 -4.23 29.26 4.39
N ARG G 539 -4.62 30.09 3.43
CA ARG G 539 -4.91 31.47 3.72
C ARG G 539 -6.18 31.64 4.52
N ILE G 540 -7.23 30.90 4.16
CA ILE G 540 -8.50 30.94 4.87
C ILE G 540 -8.22 30.52 6.30
N LEU G 541 -7.53 29.41 6.46
CA LEU G 541 -7.28 28.82 7.76
C LEU G 541 -6.47 29.78 8.63
N THR G 542 -5.43 30.40 8.08
CA THR G 542 -4.62 31.40 8.78
C THR G 542 -5.47 32.55 9.27
N ALA G 543 -6.27 33.14 8.39
CA ALA G 543 -7.10 34.27 8.77
C ALA G 543 -8.11 33.86 9.84
N ALA G 544 -8.60 32.63 9.76
CA ALA G 544 -9.53 32.15 10.76
C ALA G 544 -8.88 32.06 12.14
N ARG G 545 -7.62 31.63 12.25
CA ARG G 545 -6.94 31.68 13.53
C ARG G 545 -6.79 33.13 14.02
N GLU G 546 -6.33 34.05 13.17
CA GLU G 546 -6.13 35.45 13.54
C GLU G 546 -7.42 36.12 13.98
N MET G 547 -8.56 35.69 13.44
CA MET G 547 -9.86 36.25 13.76
C MET G 547 -10.26 36.01 15.22
N LEU G 548 -9.63 35.07 15.94
CA LEU G 548 -10.09 34.53 17.22
C LEU G 548 -10.34 35.61 18.29
N HIS G 549 -9.66 36.77 18.20
CA HIS G 549 -9.91 37.91 19.07
C HIS G 549 -11.35 38.44 19.02
N SER G 550 -12.12 38.08 17.98
CA SER G 550 -13.53 38.47 17.81
C SER G 550 -14.49 37.40 18.38
N PRO G 551 -14.35 36.08 18.07
CA PRO G 551 -15.06 35.02 18.79
C PRO G 551 -14.84 34.88 20.30
N LEU G 552 -13.66 35.29 20.82
CA LEU G 552 -13.35 35.15 22.24
C LEU G 552 -14.32 35.93 23.15
N PRO G 553 -14.57 37.25 22.93
CA PRO G 553 -15.64 37.98 23.64
C PRO G 553 -17.03 37.33 23.61
N GLY H 58 25.27 19.19 -72.09
CA GLY H 58 25.54 19.60 -70.68
C GLY H 58 26.82 20.43 -70.57
N ALA H 59 26.71 21.58 -69.90
CA ALA H 59 27.77 22.58 -69.78
C ALA H 59 29.04 22.03 -69.11
N GLY H 60 28.89 20.97 -68.29
CA GLY H 60 30.00 20.26 -67.66
C GLY H 60 31.10 19.84 -68.64
N THR H 61 30.73 19.55 -69.90
CA THR H 61 31.66 19.22 -70.97
C THR H 61 32.63 20.38 -71.21
N GLU H 62 32.13 21.62 -71.25
CA GLU H 62 32.94 22.82 -71.45
C GLU H 62 33.92 23.02 -70.30
N VAL H 63 33.55 22.60 -69.08
CA VAL H 63 34.45 22.60 -67.93
C VAL H 63 35.60 21.61 -68.14
N GLN H 64 35.31 20.44 -68.75
CA GLN H 64 36.35 19.49 -69.12
C GLN H 64 37.28 20.10 -70.17
N ASP H 65 36.73 20.83 -71.14
CA ASP H 65 37.52 21.56 -72.15
C ASP H 65 38.42 22.60 -71.49
N ALA H 66 37.88 23.38 -70.53
CA ALA H 66 38.62 24.37 -69.77
C ALA H 66 39.77 23.73 -68.98
N LEU H 67 39.49 22.58 -68.34
CA LEU H 67 40.50 21.78 -67.66
C LEU H 67 41.55 21.26 -68.63
N GLU H 68 41.13 20.71 -69.78
CA GLU H 68 42.04 20.17 -70.80
C GLU H 68 42.92 21.26 -71.43
N ARG H 69 42.50 22.53 -71.36
CA ARG H 69 43.37 23.66 -71.66
C ARG H 69 44.33 23.96 -70.50
N ALA H 70 43.78 24.20 -69.30
CA ALA H 70 44.53 24.71 -68.15
C ALA H 70 45.54 23.70 -67.59
N LEU H 71 45.20 22.40 -67.62
CA LEU H 71 45.98 21.34 -67.02
C LEU H 71 47.37 21.19 -67.67
N PRO H 72 47.53 21.07 -69.01
CA PRO H 72 48.87 21.02 -69.61
C PRO H 72 49.69 22.28 -69.36
N GLU H 73 49.06 23.46 -69.35
CA GLU H 73 49.76 24.69 -68.97
C GLU H 73 50.31 24.59 -67.54
N LEU H 74 49.47 24.09 -66.62
CA LEU H 74 49.84 23.83 -65.24
C LEU H 74 50.97 22.79 -65.14
N GLN H 75 50.90 21.69 -65.92
CA GLN H 75 51.95 20.68 -65.96
C GLN H 75 53.29 21.29 -66.38
N GLN H 76 53.28 22.17 -67.40
CA GLN H 76 54.47 22.89 -67.82
C GLN H 76 55.00 23.76 -66.69
N ALA H 77 54.15 24.62 -66.10
CA ALA H 77 54.54 25.53 -65.05
C ALA H 77 55.07 24.80 -63.80
N LEU H 78 54.43 23.68 -63.43
CA LEU H 78 54.87 22.81 -62.34
C LEU H 78 56.21 22.15 -62.66
N SER H 79 56.35 21.60 -63.88
CA SER H 79 57.61 20.98 -64.29
C SER H 79 58.75 22.00 -64.20
N ALA H 80 58.47 23.26 -64.53
CA ALA H 80 59.36 24.41 -64.40
C ALA H 80 59.58 24.87 -62.95
N LEU H 81 59.07 24.09 -61.97
CA LEU H 81 59.41 24.22 -60.55
C LEU H 81 60.06 22.96 -59.97
N LYS H 82 59.99 21.83 -60.67
CA LYS H 82 60.57 20.56 -60.21
C LYS H 82 62.10 20.61 -60.16
N GLN H 83 62.72 21.38 -61.07
CA GLN H 83 64.15 21.69 -61.07
C GLN H 83 64.47 22.78 -60.03
N ALA H 84 65.62 22.65 -59.34
CA ALA H 84 66.08 23.64 -58.37
C ALA H 84 66.75 24.82 -59.10
N GLY H 85 65.94 25.60 -59.84
CA GLY H 85 66.43 26.59 -60.79
C GLY H 85 66.99 27.87 -60.17
N GLY H 86 66.88 28.02 -58.84
CA GLY H 86 67.30 29.23 -58.14
C GLY H 86 66.20 30.30 -58.11
N ALA H 87 66.44 31.36 -57.31
CA ALA H 87 65.42 32.32 -56.90
C ALA H 87 64.61 32.91 -58.07
N ARG H 88 65.32 33.29 -59.15
CA ARG H 88 64.72 33.92 -60.33
C ARG H 88 63.78 32.96 -61.06
N ALA H 89 64.26 31.73 -61.31
CA ALA H 89 63.54 30.71 -62.04
C ALA H 89 62.31 30.23 -61.26
N VAL H 90 62.47 29.94 -59.95
CA VAL H 90 61.36 29.49 -59.12
C VAL H 90 60.34 30.62 -58.90
N GLY H 91 60.81 31.87 -58.76
CA GLY H 91 59.93 33.03 -58.70
C GLY H 91 58.99 33.10 -59.90
N ALA H 92 59.56 32.95 -61.11
CA ALA H 92 58.81 32.92 -62.36
C ALA H 92 57.84 31.72 -62.40
N GLY H 93 58.33 30.50 -62.10
CA GLY H 93 57.52 29.30 -62.11
C GLY H 93 56.32 29.39 -61.15
N LEU H 94 56.55 29.93 -59.94
CA LEU H 94 55.51 30.16 -58.95
C LEU H 94 54.50 31.19 -59.47
N ALA H 95 54.98 32.29 -60.06
CA ALA H 95 54.10 33.29 -60.65
C ALA H 95 53.22 32.70 -61.77
N GLU H 96 53.76 31.78 -62.57
CA GLU H 96 53.02 31.09 -63.64
C GLU H 96 51.87 30.26 -63.07
N VAL H 97 52.14 29.38 -62.10
CA VAL H 97 51.10 28.56 -61.49
C VAL H 97 50.09 29.42 -60.71
N PHE H 98 50.59 30.48 -60.04
CA PHE H 98 49.75 31.45 -59.34
C PHE H 98 48.77 32.10 -60.32
N GLN H 99 49.28 32.63 -61.44
CA GLN H 99 48.46 33.16 -62.52
C GLN H 99 47.42 32.15 -63.01
N LEU H 100 47.86 30.91 -63.31
CA LEU H 100 46.97 29.87 -63.81
C LEU H 100 45.80 29.60 -62.85
N VAL H 101 46.08 29.50 -61.54
CA VAL H 101 45.02 29.18 -60.59
C VAL H 101 44.17 30.40 -60.22
N GLU H 102 44.75 31.60 -60.15
CA GLU H 102 43.97 32.82 -60.00
C GLU H 102 42.99 32.97 -61.17
N GLU H 103 43.50 32.81 -62.40
CA GLU H 103 42.67 32.83 -63.61
C GLU H 103 41.55 31.78 -63.52
N ALA H 104 41.87 30.57 -63.05
CA ALA H 104 40.90 29.50 -62.87
C ALA H 104 39.79 29.88 -61.87
N TRP H 105 40.13 30.48 -60.72
CA TRP H 105 39.13 30.98 -59.76
C TRP H 105 38.24 32.05 -60.39
N LEU H 106 38.83 32.92 -61.23
CA LEU H 106 38.17 34.08 -61.80
C LEU H 106 37.21 33.74 -62.95
N LEU H 107 37.22 32.51 -63.50
CA LEU H 107 36.37 32.14 -64.63
C LEU H 107 34.87 32.21 -64.28
N PRO H 108 34.04 32.99 -65.03
CA PRO H 108 32.57 32.94 -64.87
C PRO H 108 31.97 31.57 -65.21
N ALA H 109 32.63 30.83 -66.11
CA ALA H 109 32.27 29.47 -66.49
C ALA H 109 32.68 28.49 -65.39
N VAL H 110 32.02 28.61 -64.23
CA VAL H 110 32.15 27.75 -63.05
C VAL H 110 33.61 27.52 -62.65
N GLY H 111 34.36 28.63 -62.55
CA GLY H 111 35.79 28.67 -62.25
C GLY H 111 36.21 27.79 -61.06
N ARG H 112 35.33 27.70 -60.05
CA ARG H 112 35.57 26.88 -58.86
C ARG H 112 35.88 25.42 -59.20
N GLU H 113 35.20 24.85 -60.20
CA GLU H 113 35.43 23.47 -60.60
C GLU H 113 36.79 23.31 -61.28
N VAL H 114 37.11 24.24 -62.19
CA VAL H 114 38.38 24.27 -62.90
C VAL H 114 39.52 24.39 -61.89
N ALA H 115 39.42 25.40 -61.01
CA ALA H 115 40.43 25.70 -60.00
C ALA H 115 40.59 24.55 -59.00
N GLN H 116 39.48 23.90 -58.58
CA GLN H 116 39.55 22.69 -57.78
C GLN H 116 40.36 21.60 -58.50
N GLY H 117 40.08 21.38 -59.80
CA GLY H 117 40.85 20.48 -60.64
C GLY H 117 42.36 20.81 -60.68
N LEU H 118 42.70 22.12 -60.74
CA LEU H 118 44.09 22.55 -60.67
C LEU H 118 44.69 22.28 -59.28
N CYS H 119 43.93 22.55 -58.22
CA CYS H 119 44.35 22.28 -56.84
C CYS H 119 44.58 20.78 -56.60
N ASP H 120 43.73 19.95 -57.22
CA ASP H 120 43.88 18.50 -57.26
C ASP H 120 45.16 18.09 -57.98
N ALA H 121 45.38 18.63 -59.18
CA ALA H 121 46.59 18.39 -59.95
C ALA H 121 47.86 18.75 -59.17
N ILE H 122 47.85 19.92 -58.50
CA ILE H 122 48.96 20.35 -57.66
C ILE H 122 49.17 19.40 -56.47
N ARG H 123 48.09 18.85 -55.91
CA ARG H 123 48.19 17.88 -54.82
C ARG H 123 48.76 16.54 -55.32
N LEU H 124 48.32 16.09 -56.51
CA LEU H 124 48.68 14.79 -57.07
C LEU H 124 50.12 14.76 -57.58
N ASP H 125 50.53 15.81 -58.31
CA ASP H 125 51.83 15.87 -58.98
C ASP H 125 52.71 16.93 -58.30
N GLY H 126 53.88 16.51 -57.78
CA GLY H 126 54.75 17.39 -57.02
C GLY H 126 54.24 17.63 -55.59
N GLY H 127 52.91 17.77 -55.46
CA GLY H 127 52.26 17.93 -54.17
C GLY H 127 52.37 19.33 -53.60
N LEU H 128 51.81 19.51 -52.40
CA LEU H 128 52.09 20.69 -51.60
C LEU H 128 53.52 20.67 -51.05
N ASP H 129 54.25 19.56 -51.22
CA ASP H 129 55.55 19.33 -50.60
C ASP H 129 56.59 20.33 -51.11
N LEU H 130 56.70 20.50 -52.44
CA LEU H 130 57.65 21.46 -52.99
C LEU H 130 57.26 22.89 -52.63
N LEU H 131 55.95 23.18 -52.48
CA LEU H 131 55.50 24.47 -51.98
C LEU H 131 55.98 24.65 -50.55
N LEU H 132 55.79 23.66 -49.68
CA LEU H 132 56.20 23.70 -48.28
C LEU H 132 57.72 23.80 -48.11
N ARG H 133 58.50 23.27 -49.05
CA ARG H 133 59.94 23.47 -49.09
C ARG H 133 60.29 24.90 -49.50
N LEU H 134 59.69 25.40 -50.60
CA LEU H 134 59.89 26.78 -51.03
C LEU H 134 59.45 27.78 -49.94
N LEU H 135 58.39 27.43 -49.20
CA LEU H 135 57.80 28.22 -48.12
C LEU H 135 58.79 28.49 -46.98
N GLN H 136 59.91 27.73 -46.93
CA GLN H 136 60.93 27.87 -45.91
C GLN H 136 62.35 28.05 -46.49
N ALA H 137 62.47 28.22 -47.82
CA ALA H 137 63.69 28.66 -48.48
C ALA H 137 64.05 30.07 -48.01
N PRO H 138 65.36 30.45 -47.89
CA PRO H 138 65.74 31.73 -47.30
C PRO H 138 65.28 33.00 -48.01
N GLU H 139 65.27 32.98 -49.36
CA GLU H 139 64.94 34.16 -50.16
C GLU H 139 63.46 34.55 -50.02
N LEU H 140 63.22 35.78 -49.53
CA LEU H 140 61.88 36.30 -49.26
C LEU H 140 60.95 36.18 -50.47
N GLU H 141 61.44 36.50 -51.68
CA GLU H 141 60.67 36.41 -52.92
C GLU H 141 60.03 35.03 -53.11
N THR H 142 60.84 33.99 -52.86
CA THR H 142 60.40 32.60 -53.03
C THR H 142 59.33 32.25 -52.02
N ARG H 143 59.52 32.66 -50.76
CA ARG H 143 58.56 32.44 -49.69
C ARG H 143 57.24 33.16 -49.98
N VAL H 144 57.33 34.43 -50.38
CA VAL H 144 56.17 35.23 -50.77
C VAL H 144 55.40 34.54 -51.90
N GLN H 145 56.09 34.18 -52.98
CA GLN H 145 55.46 33.55 -54.14
C GLN H 145 54.83 32.18 -53.78
N ALA H 146 55.52 31.42 -52.92
CA ALA H 146 55.01 30.14 -52.42
C ALA H 146 53.73 30.34 -51.59
N ALA H 147 53.79 31.29 -50.64
CA ALA H 147 52.67 31.63 -49.77
C ALA H 147 51.47 32.12 -50.57
N ARG H 148 51.71 33.01 -51.53
CA ARG H 148 50.71 33.53 -52.47
C ARG H 148 49.97 32.37 -53.16
N LEU H 149 50.74 31.43 -53.71
CA LEU H 149 50.19 30.28 -54.39
C LEU H 149 49.39 29.40 -53.42
N LEU H 150 49.99 29.06 -52.28
CA LEU H 150 49.39 28.15 -51.31
C LEU H 150 48.05 28.70 -50.82
N GLU H 151 48.02 29.99 -50.44
CA GLU H 151 46.82 30.69 -50.02
C GLU H 151 45.67 30.56 -51.04
N GLN H 152 45.99 30.45 -52.34
CA GLN H 152 44.98 30.31 -53.38
C GLN H 152 44.55 28.86 -53.63
N ILE H 153 45.13 27.87 -52.95
CA ILE H 153 44.87 26.47 -53.32
C ILE H 153 44.48 25.59 -52.13
N LEU H 154 44.24 26.17 -50.95
CA LEU H 154 43.82 25.40 -49.78
C LEU H 154 42.33 24.99 -49.83
N VAL H 155 41.97 24.32 -50.93
CA VAL H 155 40.79 23.47 -51.05
C VAL H 155 40.81 22.42 -49.93
N ALA H 156 39.65 21.83 -49.61
CA ALA H 156 39.48 20.86 -48.53
C ALA H 156 40.58 19.79 -48.47
N GLU H 157 40.82 19.04 -49.57
CA GLU H 157 41.81 17.97 -49.58
C GLU H 157 43.23 18.50 -49.39
N ASN H 158 43.47 19.73 -49.85
CA ASN H 158 44.77 20.39 -49.73
C ASN H 158 45.01 20.79 -48.28
N ARG H 159 43.98 21.33 -47.60
CA ARG H 159 43.98 21.53 -46.15
C ARG H 159 44.24 20.21 -45.45
N ASP H 160 43.57 19.15 -45.89
CA ASP H 160 43.67 17.83 -45.30
C ASP H 160 45.10 17.30 -45.34
N ARG H 161 45.81 17.54 -46.46
CA ARG H 161 47.23 17.21 -46.61
C ARG H 161 48.10 18.06 -45.67
N VAL H 162 48.02 19.39 -45.74
CA VAL H 162 48.94 20.21 -44.96
C VAL H 162 48.64 20.16 -43.46
N ALA H 163 47.45 19.69 -43.07
CA ALA H 163 47.12 19.41 -41.68
C ALA H 163 47.99 18.29 -41.09
N ARG H 164 48.45 17.35 -41.94
CA ARG H 164 49.19 16.15 -41.54
C ARG H 164 50.66 16.20 -41.96
N ILE H 165 50.98 16.90 -43.05
CA ILE H 165 52.35 17.15 -43.47
C ILE H 165 52.70 18.63 -43.26
N GLY H 166 53.78 18.88 -42.51
CA GLY H 166 54.43 20.17 -42.45
C GLY H 166 53.58 21.37 -41.96
N LEU H 167 52.52 21.12 -41.18
CA LEU H 167 51.79 22.22 -40.55
C LEU H 167 52.72 23.13 -39.74
N GLY H 168 53.74 22.54 -39.09
CA GLY H 168 54.79 23.25 -38.37
C GLY H 168 55.52 24.33 -39.19
N VAL H 169 55.58 24.15 -40.53
CA VAL H 169 56.17 25.13 -41.43
C VAL H 169 55.33 26.40 -41.45
N ILE H 170 54.01 26.25 -41.54
CA ILE H 170 53.07 27.36 -41.52
C ILE H 170 53.20 28.12 -40.20
N LEU H 171 53.27 27.39 -39.08
CA LEU H 171 53.45 28.02 -37.77
C LEU H 171 54.83 28.65 -37.61
N ASN H 172 55.83 28.17 -38.37
CA ASN H 172 57.13 28.84 -38.44
C ASN H 172 56.99 30.20 -39.11
N LEU H 173 56.32 30.25 -40.28
CA LEU H 173 56.01 31.50 -40.98
C LEU H 173 55.17 32.46 -40.14
N ALA H 174 54.30 31.95 -39.26
CA ALA H 174 53.48 32.77 -38.39
C ALA H 174 54.30 33.68 -37.46
N LYS H 175 55.64 33.46 -37.38
CA LYS H 175 56.55 34.32 -36.64
C LYS H 175 57.16 35.42 -37.51
N GLU H 176 57.15 35.24 -38.84
CA GLU H 176 57.61 36.25 -39.81
C GLU H 176 56.54 37.31 -40.04
N ARG H 177 56.29 38.16 -39.03
CA ARG H 177 55.10 39.00 -38.98
C ARG H 177 55.27 40.32 -39.76
N GLU H 178 56.51 40.66 -40.16
CA GLU H 178 56.87 41.99 -40.66
C GLU H 178 56.58 42.22 -42.15
N PRO H 179 57.00 41.34 -43.10
CA PRO H 179 56.80 41.61 -44.53
C PRO H 179 55.33 41.43 -44.93
N VAL H 180 54.70 42.52 -45.39
CA VAL H 180 53.25 42.56 -45.59
C VAL H 180 52.78 41.55 -46.64
N GLU H 181 53.53 41.37 -47.73
CA GLU H 181 53.17 40.43 -48.80
C GLU H 181 53.13 38.99 -48.27
N LEU H 182 54.08 38.68 -47.39
CA LEU H 182 54.11 37.41 -46.69
C LEU H 182 52.94 37.33 -45.70
N ALA H 183 52.79 38.33 -44.81
CA ALA H 183 51.75 38.42 -43.80
C ALA H 183 50.36 38.18 -44.39
N ARG H 184 50.01 38.88 -45.47
CA ARG H 184 48.75 38.69 -46.18
C ARG H 184 48.51 37.22 -46.52
N SER H 185 49.51 36.62 -47.15
CA SER H 185 49.46 35.25 -47.65
C SER H 185 49.33 34.26 -46.48
N VAL H 186 50.14 34.45 -45.43
CA VAL H 186 50.16 33.61 -44.24
C VAL H 186 48.85 33.72 -43.48
N ALA H 187 48.32 34.94 -43.30
CA ALA H 187 47.02 35.14 -42.70
C ALA H 187 45.93 34.38 -43.46
N GLY H 188 45.93 34.46 -44.80
CA GLY H 188 44.99 33.70 -45.62
C GLY H 188 45.14 32.19 -45.46
N ILE H 189 46.39 31.72 -45.39
CA ILE H 189 46.70 30.31 -45.11
C ILE H 189 46.11 29.90 -43.76
N LEU H 190 46.41 30.68 -42.71
CA LEU H 190 45.91 30.40 -41.37
C LEU H 190 44.39 30.39 -41.34
N GLU H 191 43.75 31.41 -41.92
CA GLU H 191 42.31 31.44 -42.12
C GLU H 191 41.79 30.11 -42.67
N HIS H 192 42.35 29.64 -43.79
CA HIS H 192 41.92 28.40 -44.41
C HIS H 192 42.16 27.20 -43.49
N MET H 193 43.30 27.18 -42.81
CA MET H 193 43.64 26.06 -41.93
C MET H 193 42.74 26.01 -40.70
N PHE H 194 42.34 27.16 -40.14
CA PHE H 194 41.36 27.20 -39.07
C PHE H 194 40.02 26.62 -39.52
N LYS H 195 39.75 26.52 -40.81
CA LYS H 195 38.51 25.95 -41.31
C LYS H 195 38.57 24.42 -41.36
N HIS H 196 39.71 23.79 -41.00
CA HIS H 196 39.94 22.39 -41.30
C HIS H 196 39.20 21.44 -40.34
N SER H 197 39.60 21.49 -39.06
CA SER H 197 39.11 20.58 -38.03
C SER H 197 39.41 21.13 -36.63
N GLU H 198 38.76 20.53 -35.63
CA GLU H 198 38.94 20.92 -34.24
C GLU H 198 40.40 20.74 -33.81
N GLU H 199 40.99 19.60 -34.19
CA GLU H 199 42.36 19.27 -33.87
C GLU H 199 43.31 20.31 -34.48
N THR H 200 43.11 20.64 -35.75
CA THR H 200 43.94 21.62 -36.42
C THR H 200 43.88 22.95 -35.70
N CYS H 201 42.68 23.38 -35.29
CA CYS H 201 42.52 24.62 -34.53
C CYS H 201 43.29 24.54 -33.21
N GLN H 202 43.17 23.42 -32.49
CA GLN H 202 43.86 23.22 -31.23
C GLN H 202 45.36 23.42 -31.43
N ARG H 203 45.92 22.82 -32.49
CA ARG H 203 47.35 22.90 -32.78
C ARG H 203 47.74 24.34 -33.09
N LEU H 204 46.97 25.02 -33.96
CA LEU H 204 47.22 26.40 -34.34
C LEU H 204 47.09 27.38 -33.17
N VAL H 205 46.27 27.09 -32.16
CA VAL H 205 46.02 27.97 -31.03
C VAL H 205 47.03 27.72 -29.91
N ALA H 206 47.47 26.47 -29.74
CA ALA H 206 48.45 26.09 -28.73
C ALA H 206 49.83 26.71 -29.04
N ALA H 207 50.23 26.63 -30.32
CA ALA H 207 51.38 27.35 -30.83
C ALA H 207 51.01 28.76 -31.31
N GLY H 208 51.93 29.44 -32.01
CA GLY H 208 51.79 30.86 -32.27
C GLY H 208 50.79 31.27 -33.36
N GLY H 209 50.00 30.33 -33.90
CA GLY H 209 49.08 30.58 -35.01
C GLY H 209 48.02 31.63 -34.71
N LEU H 210 47.32 31.49 -33.57
CA LEU H 210 46.32 32.48 -33.19
C LEU H 210 46.98 33.82 -32.86
N ASP H 211 48.15 33.81 -32.21
CA ASP H 211 48.87 35.02 -31.84
C ASP H 211 49.25 35.87 -33.05
N ALA H 212 49.51 35.22 -34.20
CA ALA H 212 49.81 35.91 -35.45
C ALA H 212 48.63 36.77 -35.93
N VAL H 213 47.42 36.18 -36.02
CA VAL H 213 46.25 36.92 -36.48
C VAL H 213 45.85 38.01 -35.47
N LEU H 214 45.95 37.71 -34.17
CA LEU H 214 45.66 38.71 -33.15
C LEU H 214 46.66 39.87 -33.17
N TYR H 215 47.94 39.58 -33.44
CA TYR H 215 48.91 40.64 -33.67
C TYR H 215 48.55 41.46 -34.91
N TRP H 216 48.34 40.79 -36.04
CA TRP H 216 48.04 41.44 -37.31
C TRP H 216 46.77 42.30 -37.30
N CYS H 217 45.85 42.08 -36.35
CA CYS H 217 44.71 42.98 -36.18
C CYS H 217 45.12 44.43 -35.83
N ARG H 218 46.37 44.66 -35.41
CA ARG H 218 46.87 46.02 -35.13
C ARG H 218 47.49 46.71 -36.36
N ARG H 219 47.55 46.01 -37.51
CA ARG H 219 48.04 46.54 -38.78
C ARG H 219 46.92 47.27 -39.52
N THR H 220 47.28 47.94 -40.64
CA THR H 220 46.37 48.78 -41.41
C THR H 220 45.94 48.14 -42.73
N ASP H 221 46.63 47.08 -43.16
CA ASP H 221 46.48 46.58 -44.52
C ASP H 221 45.12 45.91 -44.76
N PRO H 222 44.33 46.32 -45.79
CA PRO H 222 43.01 45.74 -46.06
C PRO H 222 42.94 44.22 -46.20
N ALA H 223 43.81 43.65 -47.04
CA ALA H 223 43.80 42.22 -47.32
C ALA H 223 44.15 41.42 -46.06
N LEU H 224 45.19 41.88 -45.35
CA LEU H 224 45.60 41.28 -44.08
C LEU H 224 44.45 41.27 -43.07
N LEU H 225 43.79 42.42 -42.87
CA LEU H 225 42.70 42.54 -41.94
C LEU H 225 41.51 41.66 -42.33
N ARG H 226 41.17 41.62 -43.62
CA ARG H 226 40.10 40.76 -44.10
C ARG H 226 40.36 39.30 -43.75
N HIS H 227 41.59 38.84 -44.01
CA HIS H 227 42.00 37.49 -43.61
C HIS H 227 41.96 37.32 -42.08
N CYS H 228 42.37 38.32 -41.30
CA CYS H 228 42.30 38.21 -39.84
C CYS H 228 40.86 38.02 -39.34
N ALA H 229 39.92 38.82 -39.87
CA ALA H 229 38.52 38.70 -39.52
C ALA H 229 38.01 37.29 -39.84
N LEU H 230 38.27 36.83 -41.07
CA LEU H 230 37.83 35.51 -41.48
C LEU H 230 38.52 34.39 -40.68
N ALA H 231 39.80 34.58 -40.31
CA ALA H 231 40.52 33.61 -39.51
C ALA H 231 39.85 33.45 -38.15
N LEU H 232 39.63 34.56 -37.42
CA LEU H 232 39.03 34.52 -36.10
C LEU H 232 37.61 33.96 -36.17
N GLY H 233 36.83 34.32 -37.18
CA GLY H 233 35.54 33.71 -37.38
C GLY H 233 35.60 32.21 -37.64
N ASN H 234 36.48 31.77 -38.57
CA ASN H 234 36.66 30.37 -38.90
C ASN H 234 37.08 29.58 -37.66
N CYS H 235 38.03 30.13 -36.89
CA CYS H 235 38.50 29.53 -35.66
C CYS H 235 37.36 29.35 -34.66
N ALA H 236 36.57 30.38 -34.38
CA ALA H 236 35.42 30.29 -33.49
C ALA H 236 34.38 29.28 -33.97
N LEU H 237 34.14 29.16 -35.28
CA LEU H 237 33.14 28.25 -35.83
C LEU H 237 33.56 26.78 -35.87
N HIS H 238 34.87 26.47 -35.82
CA HIS H 238 35.37 25.10 -36.02
C HIS H 238 36.17 24.55 -34.85
N GLY H 239 36.76 25.43 -34.03
CA GLY H 239 37.73 25.07 -32.99
C GLY H 239 37.13 24.43 -31.75
N GLY H 240 35.80 24.42 -31.64
CA GLY H 240 35.07 23.83 -30.53
C GLY H 240 35.31 24.55 -29.20
N GLN H 241 34.78 23.94 -28.13
CA GLN H 241 34.63 24.57 -26.82
C GLN H 241 35.97 25.05 -26.25
N ALA H 242 37.00 24.22 -26.45
CA ALA H 242 38.32 24.43 -25.88
C ALA H 242 38.98 25.68 -26.44
N VAL H 243 38.99 25.84 -27.78
CA VAL H 243 39.69 26.99 -28.36
C VAL H 243 38.88 28.27 -28.21
N GLN H 244 37.53 28.21 -28.24
CA GLN H 244 36.73 29.41 -28.03
C GLN H 244 37.13 30.07 -26.72
N ARG H 245 37.30 29.25 -25.68
CA ARG H 245 37.71 29.70 -24.35
C ARG H 245 39.08 30.35 -24.40
N ARG H 246 40.02 29.76 -25.16
CA ARG H 246 41.35 30.33 -25.37
C ARG H 246 41.32 31.64 -26.13
N MET H 247 40.50 31.75 -27.18
CA MET H 247 40.38 32.97 -27.96
C MET H 247 39.98 34.15 -27.07
N VAL H 248 38.97 33.93 -26.22
CA VAL H 248 38.45 34.97 -25.35
C VAL H 248 39.47 35.32 -24.28
N GLU H 249 40.15 34.31 -23.72
CA GLU H 249 41.23 34.52 -22.76
C GLU H 249 42.38 35.34 -23.38
N LYS H 250 42.68 35.10 -24.67
CA LYS H 250 43.62 35.86 -25.48
C LYS H 250 43.07 37.22 -25.95
N ARG H 251 41.91 37.64 -25.44
CA ARG H 251 41.32 38.95 -25.70
C ARG H 251 40.94 39.17 -27.17
N ALA H 252 40.50 38.11 -27.85
CA ALA H 252 40.11 38.17 -29.26
C ALA H 252 38.92 39.10 -29.51
N ALA H 253 38.00 39.19 -28.53
CA ALA H 253 36.81 40.02 -28.64
C ALA H 253 37.16 41.50 -28.74
N GLU H 254 38.13 41.94 -27.91
CA GLU H 254 38.70 43.28 -28.01
C GLU H 254 39.39 43.48 -29.36
N TRP H 255 40.23 42.54 -29.79
CA TRP H 255 40.96 42.71 -31.03
C TRP H 255 40.08 42.67 -32.28
N LEU H 256 38.86 42.15 -32.17
CA LEU H 256 37.87 42.27 -33.25
C LEU H 256 37.26 43.67 -33.31
N PHE H 257 37.36 44.47 -32.24
CA PHE H 257 36.73 45.78 -32.17
C PHE H 257 37.14 46.69 -33.34
N PRO H 258 38.44 46.94 -33.62
CA PRO H 258 38.84 47.86 -34.68
C PRO H 258 38.39 47.41 -36.06
N LEU H 259 38.24 46.09 -36.25
CA LEU H 259 37.81 45.53 -37.52
C LEU H 259 36.29 45.73 -37.70
N ALA H 260 35.52 45.53 -36.61
CA ALA H 260 34.09 45.84 -36.58
C ALA H 260 33.82 47.34 -36.71
N PHE H 261 34.65 48.18 -36.08
CA PHE H 261 34.55 49.64 -36.09
C PHE H 261 35.24 50.26 -37.32
N SER H 262 35.66 49.44 -38.30
CA SER H 262 36.26 49.93 -39.53
C SER H 262 35.24 50.72 -40.37
N LYS H 263 35.74 51.48 -41.36
CA LYS H 263 34.93 52.44 -42.11
C LYS H 263 34.81 52.04 -43.59
N GLU H 264 35.96 51.76 -44.22
CA GLU H 264 36.08 51.61 -45.67
C GLU H 264 35.39 50.35 -46.21
N ASP H 265 35.30 49.28 -45.39
CA ASP H 265 34.89 47.97 -45.89
C ASP H 265 33.80 47.35 -45.03
N GLU H 266 32.57 47.33 -45.57
CA GLU H 266 31.41 46.70 -44.96
C GLU H 266 31.68 45.24 -44.61
N LEU H 267 32.40 44.52 -45.49
CA LEU H 267 32.65 43.10 -45.26
C LEU H 267 33.69 42.86 -44.17
N LEU H 268 34.67 43.76 -43.99
CA LEU H 268 35.56 43.67 -42.85
C LEU H 268 34.76 43.80 -41.54
N ARG H 269 33.82 44.76 -41.48
CA ARG H 269 32.92 44.90 -40.33
C ARG H 269 32.07 43.66 -40.14
N LEU H 270 31.50 43.13 -41.22
CA LEU H 270 30.53 42.04 -41.19
C LEU H 270 31.19 40.73 -40.76
N HIS H 271 32.42 40.47 -41.21
CA HIS H 271 33.15 39.29 -40.81
C HIS H 271 33.57 39.40 -39.35
N ALA H 272 34.04 40.58 -38.93
CA ALA H 272 34.40 40.80 -37.53
C ALA H 272 33.20 40.60 -36.59
N CYS H 273 32.03 41.08 -37.00
CA CYS H 273 30.81 40.91 -36.25
C CYS H 273 30.38 39.46 -36.16
N LEU H 274 30.52 38.67 -37.24
CA LEU H 274 30.22 37.24 -37.18
C LEU H 274 31.07 36.52 -36.12
N ALA H 275 32.35 36.85 -36.08
CA ALA H 275 33.25 36.29 -35.09
C ALA H 275 32.73 36.49 -33.66
N VAL H 276 32.42 37.74 -33.27
CA VAL H 276 31.98 38.01 -31.90
C VAL H 276 30.60 37.42 -31.62
N ALA H 277 29.73 37.34 -32.63
CA ALA H 277 28.42 36.73 -32.50
C ALA H 277 28.52 35.24 -32.19
N VAL H 278 29.39 34.54 -32.93
CA VAL H 278 29.66 33.13 -32.68
C VAL H 278 30.24 32.93 -31.28
N LEU H 279 31.24 33.74 -30.86
CA LEU H 279 31.77 33.68 -29.50
C LEU H 279 30.72 33.94 -28.43
N ALA H 280 29.81 34.91 -28.62
CA ALA H 280 28.78 35.23 -27.66
C ALA H 280 27.72 34.12 -27.54
N THR H 281 27.64 33.24 -28.53
CA THR H 281 26.72 32.11 -28.49
C THR H 281 27.19 31.03 -27.48
N ASN H 282 28.46 31.05 -27.09
CA ASN H 282 29.03 30.18 -26.08
C ASN H 282 28.77 30.82 -24.72
N LYS H 283 28.00 30.14 -23.84
CA LYS H 283 27.48 30.70 -22.61
C LYS H 283 28.57 31.01 -21.58
N GLU H 284 29.64 30.23 -21.59
CA GLU H 284 30.70 30.41 -20.62
C GLU H 284 31.46 31.72 -20.88
N VAL H 285 31.74 32.01 -22.14
CA VAL H 285 32.57 33.16 -22.49
C VAL H 285 31.73 34.43 -22.72
N GLU H 286 30.39 34.31 -22.78
CA GLU H 286 29.44 35.37 -23.09
C GLU H 286 29.75 36.65 -22.32
N ARG H 287 29.96 36.55 -21.02
CA ARG H 287 30.16 37.69 -20.14
C ARG H 287 31.41 38.50 -20.49
N GLU H 288 32.48 37.83 -20.92
CA GLU H 288 33.70 38.52 -21.32
C GLU H 288 33.58 39.16 -22.70
N VAL H 289 32.90 38.50 -23.65
CA VAL H 289 32.70 39.12 -24.96
C VAL H 289 31.73 40.30 -24.91
N GLU H 290 30.82 40.31 -23.93
CA GLU H 290 30.08 41.52 -23.60
C GLU H 290 31.04 42.60 -23.10
N ARG H 291 31.92 42.23 -22.19
CA ARG H 291 32.82 43.17 -21.55
C ARG H 291 33.68 43.93 -22.57
N SER H 292 33.99 43.30 -23.72
CA SER H 292 34.80 43.92 -24.76
C SER H 292 34.08 45.11 -25.42
N GLY H 293 32.74 45.11 -25.37
CA GLY H 293 31.94 46.16 -26.00
C GLY H 293 31.70 45.93 -27.49
N THR H 294 32.36 44.94 -28.08
CA THR H 294 32.30 44.73 -29.52
C THR H 294 30.93 44.27 -29.99
N LEU H 295 30.14 43.63 -29.11
CA LEU H 295 28.80 43.21 -29.45
C LEU H 295 27.88 44.40 -29.75
N ALA H 296 28.10 45.55 -29.12
CA ALA H 296 27.29 46.75 -29.34
C ALA H 296 27.33 47.23 -30.80
N LEU H 297 28.35 46.82 -31.56
CA LEU H 297 28.49 47.19 -32.96
C LEU H 297 27.64 46.30 -33.89
N VAL H 298 27.17 45.14 -33.43
CA VAL H 298 26.64 44.11 -34.33
C VAL H 298 25.29 44.52 -34.91
N GLU H 299 24.31 44.87 -34.07
CA GLU H 299 22.98 45.20 -34.58
C GLU H 299 23.00 46.44 -35.49
N PRO H 300 23.62 47.58 -35.07
CA PRO H 300 23.74 48.76 -35.93
C PRO H 300 24.32 48.46 -37.29
N LEU H 301 25.35 47.61 -37.38
CA LEU H 301 25.88 47.16 -38.66
C LEU H 301 24.85 46.36 -39.45
N VAL H 302 24.29 45.33 -38.84
CA VAL H 302 23.38 44.42 -39.53
C VAL H 302 22.17 45.17 -40.08
N ALA H 303 21.71 46.20 -39.35
CA ALA H 303 20.61 47.06 -39.78
C ALA H 303 20.97 47.91 -41.01
N SER H 304 22.25 48.24 -41.17
CA SER H 304 22.78 49.09 -42.23
C SER H 304 22.83 48.38 -43.60
N LEU H 305 23.25 47.10 -43.62
CA LEU H 305 23.54 46.37 -44.85
C LEU H 305 22.28 45.80 -45.52
N ASP H 306 22.46 45.26 -46.73
CA ASP H 306 21.42 44.61 -47.52
C ASP H 306 21.79 43.16 -47.84
N PRO H 307 21.02 42.14 -47.39
CA PRO H 307 21.25 40.74 -47.78
C PRO H 307 21.27 40.44 -49.27
N GLY H 308 20.55 41.25 -50.06
CA GLY H 308 20.47 41.06 -51.50
C GLY H 308 21.81 41.26 -52.22
N ARG H 309 22.75 41.98 -51.60
CA ARG H 309 24.04 42.34 -52.17
C ARG H 309 24.79 41.16 -52.78
N PHE H 310 24.93 40.08 -52.01
CA PHE H 310 25.68 38.91 -52.40
C PHE H 310 25.09 38.25 -53.66
N ALA H 311 23.76 38.12 -53.70
CA ALA H 311 23.05 37.53 -54.84
C ALA H 311 23.11 38.38 -56.11
N ARG H 312 23.60 39.63 -56.04
CA ARG H 312 23.87 40.47 -57.21
C ARG H 312 25.37 40.69 -57.49
N CYS H 313 26.24 40.31 -56.53
CA CYS H 313 27.67 40.11 -56.78
C CYS H 313 27.87 38.85 -57.62
N LEU H 314 27.15 37.78 -57.23
CA LEU H 314 26.85 36.62 -58.09
C LEU H 314 26.09 37.08 -59.34
N VAL H 315 26.34 36.43 -60.49
CA VAL H 315 25.56 36.67 -61.72
C VAL H 315 24.38 35.69 -61.82
N ASP H 316 23.64 35.78 -62.94
CA ASP H 316 22.47 34.95 -63.21
C ASP H 316 22.83 33.51 -63.64
N ALA H 317 21.80 32.73 -63.98
CA ALA H 317 21.91 31.30 -64.31
C ALA H 317 22.51 30.50 -63.15
N SER H 318 23.42 29.57 -63.46
CA SER H 318 23.96 28.61 -62.49
C SER H 318 25.34 29.02 -61.96
N ASP H 319 25.63 30.34 -61.91
CA ASP H 319 26.81 30.88 -61.25
C ASP H 319 26.96 30.28 -59.84
N THR H 320 28.12 29.66 -59.58
CA THR H 320 28.44 29.01 -58.31
C THR H 320 29.67 29.65 -57.65
N SER H 321 30.06 30.86 -58.10
CA SER H 321 31.21 31.61 -57.58
C SER H 321 31.00 32.08 -56.14
N GLN H 322 29.75 32.11 -55.66
CA GLN H 322 29.39 32.36 -54.26
C GLN H 322 28.33 31.36 -53.81
N GLY H 323 28.26 31.15 -52.48
CA GLY H 323 27.26 30.32 -51.82
C GLY H 323 27.88 29.23 -50.95
N ARG H 324 27.55 29.25 -49.64
CA ARG H 324 27.98 28.27 -48.65
C ARG H 324 27.40 26.89 -48.93
N GLY H 325 28.22 25.86 -48.68
CA GLY H 325 27.73 24.48 -48.70
C GLY H 325 26.97 24.12 -47.42
N PRO H 326 26.27 22.97 -47.36
CA PRO H 326 25.48 22.58 -46.19
C PRO H 326 26.18 22.64 -44.83
N ASP H 327 27.45 22.24 -44.74
CA ASP H 327 28.23 22.33 -43.51
C ASP H 327 28.34 23.79 -43.05
N ASP H 328 28.73 24.67 -43.97
CA ASP H 328 28.94 26.09 -43.68
C ASP H 328 27.63 26.81 -43.32
N LEU H 329 26.51 26.35 -43.90
CA LEU H 329 25.19 26.86 -43.54
C LEU H 329 24.79 26.34 -42.17
N GLN H 330 24.98 25.04 -41.89
CA GLN H 330 24.49 24.41 -40.69
C GLN H 330 25.02 25.12 -39.44
N ARG H 331 26.24 25.65 -39.52
CA ARG H 331 26.89 26.35 -38.42
C ARG H 331 26.25 27.71 -38.09
N LEU H 332 25.52 28.30 -39.05
CA LEU H 332 24.81 29.54 -38.81
C LEU H 332 23.52 29.33 -38.02
N VAL H 333 22.80 28.21 -38.24
CA VAL H 333 21.51 27.97 -37.61
C VAL H 333 21.53 28.13 -36.09
N PRO H 334 22.48 27.56 -35.30
CA PRO H 334 22.53 27.84 -33.87
C PRO H 334 22.68 29.31 -33.47
N LEU H 335 23.10 30.18 -34.40
CA LEU H 335 23.03 31.61 -34.11
C LEU H 335 21.58 32.11 -34.04
N LEU H 336 20.72 31.62 -34.92
CA LEU H 336 19.28 31.90 -34.83
C LEU H 336 18.70 31.37 -33.52
N ASP H 337 19.13 30.17 -33.10
CA ASP H 337 18.57 29.53 -31.93
C ASP H 337 19.09 30.12 -30.64
N SER H 338 20.12 30.97 -30.70
CA SER H 338 20.72 31.56 -29.51
C SER H 338 19.82 32.60 -28.81
N ASN H 339 20.14 32.90 -27.55
CA ASN H 339 19.42 33.90 -26.80
C ASN H 339 19.96 35.30 -27.09
N ARG H 340 21.14 35.41 -27.72
CA ARG H 340 21.73 36.72 -27.99
C ARG H 340 20.98 37.39 -29.15
N LEU H 341 20.54 38.62 -28.91
CA LEU H 341 19.97 39.41 -29.97
C LEU H 341 20.98 39.55 -31.13
N GLU H 342 22.26 39.80 -30.81
CA GLU H 342 23.28 40.09 -31.82
C GLU H 342 23.47 38.87 -32.73
N ALA H 343 23.65 37.70 -32.12
CA ALA H 343 23.79 36.47 -32.87
C ALA H 343 22.54 36.13 -33.72
N GLN H 344 21.34 36.39 -33.20
CA GLN H 344 20.12 36.19 -33.97
C GLN H 344 20.07 37.13 -35.15
N CYS H 345 20.49 38.39 -34.98
CA CYS H 345 20.51 39.36 -36.07
C CYS H 345 21.47 38.93 -37.16
N ILE H 346 22.75 38.70 -36.80
CA ILE H 346 23.75 38.37 -37.80
C ILE H 346 23.52 36.99 -38.44
N GLY H 347 23.05 36.04 -37.67
CA GLY H 347 22.62 34.77 -38.23
C GLY H 347 21.49 34.90 -39.24
N ALA H 348 20.48 35.72 -38.94
CA ALA H 348 19.41 35.99 -39.87
C ALA H 348 19.94 36.75 -41.08
N PHE H 349 20.90 37.66 -40.90
CA PHE H 349 21.52 38.36 -42.03
C PHE H 349 22.17 37.39 -43.01
N TYR H 350 23.14 36.58 -42.52
CA TYR H 350 23.87 35.63 -43.35
C TYR H 350 22.94 34.61 -44.01
N LEU H 351 21.96 34.13 -43.27
CA LEU H 351 21.07 33.12 -43.79
C LEU H 351 20.08 33.70 -44.80
N CYS H 352 19.78 34.99 -44.68
CA CYS H 352 18.98 35.69 -45.67
C CYS H 352 19.76 35.92 -46.97
N ALA H 353 21.04 36.33 -46.84
CA ALA H 353 21.93 36.43 -47.99
C ALA H 353 22.00 35.10 -48.76
N GLU H 354 22.20 34.00 -48.02
CA GLU H 354 22.20 32.66 -48.59
C GLU H 354 20.85 32.30 -49.22
N ALA H 355 19.74 32.67 -48.60
CA ALA H 355 18.42 32.42 -49.17
C ALA H 355 18.29 33.08 -50.54
N ALA H 356 18.80 34.31 -50.69
CA ALA H 356 18.81 35.00 -51.97
C ALA H 356 19.61 34.23 -53.01
N ILE H 357 20.86 33.86 -52.68
CA ILE H 357 21.75 33.11 -53.55
C ILE H 357 21.13 31.76 -53.96
N LYS H 358 20.68 30.98 -52.99
CA LYS H 358 20.14 29.65 -53.20
C LYS H 358 18.84 29.67 -54.00
N SER H 359 17.95 30.63 -53.75
CA SER H 359 16.71 30.76 -54.49
C SER H 359 16.97 31.11 -55.96
N LEU H 360 17.96 32.00 -56.21
CA LEU H 360 18.41 32.28 -57.57
C LEU H 360 18.91 31.00 -58.25
N GLN H 361 19.74 30.22 -57.55
CA GLN H 361 20.33 28.97 -58.05
C GLN H 361 19.31 27.83 -58.13
N GLY H 362 18.11 27.98 -57.55
CA GLY H 362 17.10 26.92 -57.50
C GLY H 362 17.40 25.80 -56.50
N LYS H 363 18.25 26.09 -55.50
CA LYS H 363 18.78 25.11 -54.54
C LYS H 363 18.17 25.30 -53.15
N THR H 364 16.86 25.54 -53.08
CA THR H 364 16.19 25.92 -51.83
C THR H 364 15.99 24.75 -50.86
N LYS H 365 16.16 23.50 -51.33
CA LYS H 365 15.90 22.29 -50.54
C LYS H 365 16.67 22.28 -49.23
N VAL H 366 17.93 22.74 -49.26
CA VAL H 366 18.89 22.69 -48.16
C VAL H 366 18.34 23.25 -46.86
N PHE H 367 17.65 24.40 -46.89
CA PHE H 367 17.16 25.05 -45.68
C PHE H 367 16.16 24.20 -44.90
N SER H 368 15.44 23.31 -45.59
CA SER H 368 14.35 22.54 -44.99
C SER H 368 14.89 21.43 -44.08
N ASP H 369 16.12 20.95 -44.32
CA ASP H 369 16.71 19.83 -43.59
C ASP H 369 17.95 20.23 -42.77
N ILE H 370 18.58 21.36 -43.11
CA ILE H 370 19.39 22.12 -42.18
C ILE H 370 18.59 22.57 -40.95
N GLY H 371 17.25 22.61 -41.06
CA GLY H 371 16.33 23.00 -40.01
C GLY H 371 16.22 24.51 -39.83
N ALA H 372 16.62 25.28 -40.86
CA ALA H 372 16.58 26.74 -40.84
C ALA H 372 15.14 27.27 -40.80
N ILE H 373 14.21 26.58 -41.47
CA ILE H 373 12.87 27.11 -41.71
C ILE H 373 12.12 27.32 -40.39
N GLN H 374 11.97 26.27 -39.57
CA GLN H 374 11.31 26.41 -38.28
C GLN H 374 12.02 27.45 -37.38
N SER H 375 13.34 27.56 -37.50
CA SER H 375 14.08 28.50 -36.69
C SER H 375 13.78 29.95 -37.10
N LEU H 376 13.72 30.22 -38.41
CA LEU H 376 13.32 31.53 -38.89
C LEU H 376 11.87 31.84 -38.51
N LYS H 377 10.94 30.89 -38.69
CA LYS H 377 9.56 31.08 -38.27
C LYS H 377 9.46 31.41 -36.79
N ARG H 378 10.28 30.77 -35.96
CA ARG H 378 10.35 31.08 -34.54
C ARG H 378 10.86 32.51 -34.29
N LEU H 379 11.88 32.98 -35.02
CA LEU H 379 12.34 34.36 -34.85
C LEU H 379 11.22 35.33 -35.15
N VAL H 380 10.44 35.11 -36.21
CA VAL H 380 9.37 36.03 -36.55
C VAL H 380 8.30 35.98 -35.47
N SER H 381 7.92 34.78 -35.04
CA SER H 381 6.82 34.56 -34.12
C SER H 381 7.04 35.32 -32.81
N TYR H 382 8.18 35.12 -32.16
CA TYR H 382 8.41 35.70 -30.84
C TYR H 382 9.29 36.95 -30.91
N SER H 383 9.28 37.62 -32.07
CA SER H 383 10.11 38.80 -32.33
C SER H 383 9.75 39.95 -31.40
N THR H 384 10.79 40.65 -30.92
CA THR H 384 10.64 41.91 -30.19
C THR H 384 11.66 42.94 -30.68
N ASN H 385 12.02 42.80 -31.96
CA ASN H 385 13.08 43.57 -32.59
C ASN H 385 12.88 43.61 -34.09
N GLY H 386 12.88 44.82 -34.66
CA GLY H 386 12.58 45.06 -36.05
C GLY H 386 13.64 44.48 -36.99
N THR H 387 14.92 44.74 -36.68
CA THR H 387 16.04 44.39 -37.56
C THR H 387 16.04 42.89 -37.81
N LYS H 388 15.99 42.12 -36.72
CA LYS H 388 15.88 40.67 -36.75
C LYS H 388 14.65 40.21 -37.56
N SER H 389 13.49 40.84 -37.34
CA SER H 389 12.22 40.42 -37.94
C SER H 389 12.23 40.63 -39.44
N ALA H 390 12.74 41.79 -39.88
CA ALA H 390 12.83 42.14 -41.29
C ALA H 390 13.62 41.07 -42.03
N LEU H 391 14.81 40.76 -41.53
CA LEU H 391 15.71 39.77 -42.12
C LEU H 391 15.05 38.39 -42.17
N ALA H 392 14.44 37.94 -41.08
CA ALA H 392 13.82 36.64 -41.03
C ALA H 392 12.61 36.49 -41.96
N LYS H 393 11.76 37.52 -42.04
CA LYS H 393 10.62 37.53 -42.94
C LYS H 393 11.10 37.54 -44.37
N ARG H 394 12.10 38.39 -44.68
CA ARG H 394 12.67 38.47 -46.02
C ARG H 394 13.25 37.13 -46.47
N ALA H 395 13.97 36.47 -45.56
CA ALA H 395 14.49 35.13 -45.80
C ALA H 395 13.38 34.14 -46.13
N LEU H 396 12.33 34.05 -45.29
CA LEU H 396 11.22 33.15 -45.54
C LEU H 396 10.54 33.42 -46.88
N ARG H 397 10.37 34.69 -47.28
CA ARG H 397 9.80 35.06 -48.57
C ARG H 397 10.70 34.62 -49.73
N LEU H 398 12.03 34.84 -49.62
CA LEU H 398 12.96 34.38 -50.64
C LEU H 398 12.89 32.87 -50.83
N LEU H 399 12.69 32.12 -49.72
CA LEU H 399 12.55 30.68 -49.74
C LEU H 399 11.14 30.22 -50.12
N GLY H 400 10.23 31.15 -50.40
CA GLY H 400 8.86 30.84 -50.82
C GLY H 400 8.00 30.20 -49.73
N GLU H 401 8.38 30.36 -48.46
CA GLU H 401 7.56 29.91 -47.34
C GLU H 401 6.49 30.94 -47.00
N GLU H 402 5.37 30.47 -46.41
CA GLU H 402 4.40 31.36 -45.78
C GLU H 402 5.00 31.95 -44.50
N VAL H 403 4.71 33.23 -44.24
CA VAL H 403 5.35 34.00 -43.17
C VAL H 403 4.37 34.11 -42.01
N PRO H 404 4.77 33.76 -40.76
CA PRO H 404 3.85 33.83 -39.64
C PRO H 404 3.61 35.27 -39.19
N ARG H 405 2.39 35.56 -38.73
CA ARG H 405 2.08 36.80 -38.03
C ARG H 405 2.78 36.80 -36.66
N PRO H 406 3.42 37.91 -36.20
CA PRO H 406 3.98 37.92 -34.85
C PRO H 406 2.81 37.76 -33.88
N ILE H 407 2.99 36.93 -32.85
CA ILE H 407 1.89 36.47 -32.02
C ILE H 407 1.58 37.48 -30.89
N LEU H 408 0.30 37.63 -30.51
CA LEU H 408 -0.08 38.61 -29.48
C LEU H 408 0.48 38.22 -28.10
N PRO H 409 1.27 39.06 -27.40
CA PRO H 409 1.86 38.64 -26.15
C PRO H 409 0.92 38.40 -24.96
N SER H 410 -0.31 38.93 -24.99
CA SER H 410 -1.19 38.84 -23.84
C SER H 410 -1.91 37.49 -23.82
N VAL H 411 -1.16 36.42 -23.54
CA VAL H 411 -1.62 35.06 -23.67
C VAL H 411 -2.86 34.83 -22.81
N PRO H 412 -2.94 35.34 -21.59
CA PRO H 412 -4.11 35.09 -20.76
C PRO H 412 -5.41 35.55 -21.37
N SER H 413 -5.35 36.56 -22.25
CA SER H 413 -6.53 37.08 -22.94
C SER H 413 -6.82 36.43 -24.30
N TRP H 414 -6.05 35.44 -24.74
CA TRP H 414 -6.29 34.83 -26.04
C TRP H 414 -7.62 34.12 -26.03
N LYS H 415 -8.30 34.14 -27.17
CA LYS H 415 -9.44 33.28 -27.38
C LYS H 415 -9.02 32.08 -28.22
N GLU H 416 -10.00 31.24 -28.61
CA GLU H 416 -9.74 30.08 -29.44
C GLU H 416 -8.96 30.39 -30.71
N ALA H 417 -9.28 31.48 -31.38
CA ALA H 417 -8.61 31.77 -32.65
C ALA H 417 -7.11 32.05 -32.49
N GLU H 418 -6.69 32.66 -31.38
CA GLU H 418 -5.27 32.86 -31.19
C GLU H 418 -4.59 31.53 -30.93
N VAL H 419 -5.22 30.66 -30.13
CA VAL H 419 -4.64 29.36 -29.87
C VAL H 419 -4.48 28.62 -31.18
N GLN H 420 -5.52 28.58 -32.02
CA GLN H 420 -5.37 27.95 -33.31
C GLN H 420 -4.23 28.57 -34.12
N THR H 421 -4.03 29.88 -34.09
CA THR H 421 -2.95 30.51 -34.82
C THR H 421 -1.61 30.03 -34.29
N TRP H 422 -1.42 30.06 -32.98
CA TRP H 422 -0.15 29.72 -32.38
C TRP H 422 0.21 28.26 -32.66
N LEU H 423 -0.76 27.35 -32.54
CA LEU H 423 -0.51 25.96 -32.87
C LEU H 423 0.01 25.76 -34.30
N GLN H 424 -0.51 26.54 -35.26
CA GLN H 424 -0.03 26.45 -36.62
C GLN H 424 1.40 26.97 -36.78
N GLN H 425 1.77 28.00 -36.06
CA GLN H 425 3.13 28.50 -36.14
C GLN H 425 4.15 27.54 -35.56
N ILE H 426 3.87 26.93 -34.42
CA ILE H 426 4.82 26.06 -33.75
C ILE H 426 4.77 24.66 -34.35
N GLY H 427 3.99 24.48 -35.43
CA GLY H 427 4.02 23.23 -36.20
C GLY H 427 3.25 22.09 -35.53
N PHE H 428 2.32 22.43 -34.63
CA PHE H 428 1.41 21.45 -34.08
C PHE H 428 0.06 21.43 -34.81
N SER H 429 0.03 21.81 -36.09
CA SER H 429 -1.23 21.95 -36.82
C SER H 429 -2.06 20.66 -36.87
N LYS H 430 -1.43 19.51 -36.67
CA LYS H 430 -2.13 18.25 -36.58
C LYS H 430 -3.11 18.23 -35.41
N TYR H 431 -2.86 19.03 -34.37
CA TYR H 431 -3.67 19.04 -33.16
C TYR H 431 -4.72 20.16 -33.17
N CYS H 432 -4.72 21.04 -34.16
CA CYS H 432 -5.64 22.16 -34.21
C CYS H 432 -7.08 21.75 -34.00
N GLU H 433 -7.49 20.67 -34.66
CA GLU H 433 -8.86 20.18 -34.53
C GLU H 433 -9.21 19.84 -33.08
N SER H 434 -8.36 19.10 -32.39
CA SER H 434 -8.64 18.76 -31.00
C SER H 434 -8.73 20.02 -30.16
N PHE H 435 -7.78 20.94 -30.29
CA PHE H 435 -7.81 22.12 -29.47
C PHE H 435 -9.04 22.97 -29.76
N ARG H 436 -9.55 22.93 -31.01
CA ARG H 436 -10.76 23.64 -31.41
C ARG H 436 -11.99 23.00 -30.79
N GLU H 437 -12.12 21.69 -30.96
CA GLU H 437 -13.24 20.95 -30.41
C GLU H 437 -13.31 21.04 -28.90
N GLN H 438 -12.20 20.93 -28.17
CA GLN H 438 -12.19 21.09 -26.75
C GLN H 438 -12.24 22.57 -26.34
N GLN H 439 -12.27 23.50 -27.28
CA GLN H 439 -12.35 24.93 -27.01
C GLN H 439 -11.25 25.47 -26.09
N VAL H 440 -10.00 25.13 -26.36
CA VAL H 440 -8.93 25.64 -25.54
C VAL H 440 -8.73 27.10 -25.91
N ASP H 441 -8.58 27.93 -24.88
CA ASP H 441 -8.31 29.35 -25.03
C ASP H 441 -7.08 29.70 -24.21
N GLY H 442 -6.75 30.98 -24.11
CA GLY H 442 -5.50 31.34 -23.50
C GLY H 442 -5.32 30.88 -22.06
N ASP H 443 -6.36 30.99 -21.24
CA ASP H 443 -6.27 30.58 -19.86
C ASP H 443 -6.13 29.06 -19.76
N LEU H 444 -6.85 28.32 -20.59
CA LEU H 444 -6.73 26.89 -20.55
C LEU H 444 -5.38 26.42 -21.07
N LEU H 445 -4.88 27.05 -22.15
CA LEU H 445 -3.60 26.70 -22.72
C LEU H 445 -2.52 26.90 -21.67
N LEU H 446 -2.46 28.03 -20.99
CA LEU H 446 -1.43 28.30 -20.00
C LEU H 446 -1.47 27.33 -18.82
N ARG H 447 -2.54 26.55 -18.69
CA ARG H 447 -2.71 25.67 -17.55
C ARG H 447 -2.77 24.18 -17.95
N LEU H 448 -2.50 23.81 -19.22
CA LEU H 448 -2.59 22.42 -19.65
C LEU H 448 -1.61 21.58 -18.87
N THR H 449 -2.15 20.49 -18.31
CA THR H 449 -1.34 19.51 -17.64
C THR H 449 -1.02 18.39 -18.63
N GLU H 450 -0.05 17.53 -18.28
CA GLU H 450 0.24 16.39 -19.14
C GLU H 450 -0.95 15.45 -19.34
N GLU H 451 -1.74 15.26 -18.29
CA GLU H 451 -2.92 14.41 -18.30
C GLU H 451 -3.96 14.87 -19.34
N GLU H 452 -4.24 16.18 -19.39
CA GLU H 452 -5.22 16.70 -20.31
C GLU H 452 -4.72 16.54 -21.73
N LEU H 453 -3.43 16.86 -21.90
CA LEU H 453 -2.80 16.87 -23.21
C LEU H 453 -2.83 15.47 -23.79
N GLN H 454 -2.55 14.46 -22.96
CA GLN H 454 -2.62 13.06 -23.35
C GLN H 454 -4.03 12.59 -23.66
N THR H 455 -4.94 12.83 -22.70
CA THR H 455 -6.25 12.17 -22.70
C THR H 455 -7.31 12.90 -23.54
N ASP H 456 -7.39 14.23 -23.40
CA ASP H 456 -8.47 15.04 -23.94
C ASP H 456 -8.12 15.57 -25.32
N LEU H 457 -6.85 15.94 -25.53
CA LEU H 457 -6.45 16.53 -26.80
C LEU H 457 -5.85 15.47 -27.74
N GLY H 458 -5.55 14.27 -27.24
CA GLY H 458 -5.17 13.19 -28.14
C GLY H 458 -3.67 13.08 -28.44
N MET H 459 -2.85 13.71 -27.61
CA MET H 459 -1.43 13.74 -27.84
C MET H 459 -0.80 12.54 -27.11
N LYS H 460 -0.85 11.37 -27.78
CA LYS H 460 -0.54 10.07 -27.20
C LYS H 460 0.94 9.93 -26.83
N SER H 461 1.81 10.34 -27.75
CA SER H 461 3.25 10.17 -27.64
C SER H 461 3.84 11.03 -26.53
N GLY H 462 4.57 10.45 -25.60
CA GLY H 462 5.24 11.20 -24.55
C GLY H 462 6.29 12.13 -25.09
N ILE H 463 6.95 11.75 -26.19
CA ILE H 463 7.94 12.61 -26.80
C ILE H 463 7.20 13.81 -27.38
N THR H 464 6.07 13.59 -28.04
CA THR H 464 5.35 14.71 -28.62
C THR H 464 4.89 15.66 -27.53
N ARG H 465 4.38 15.16 -26.41
CA ARG H 465 4.05 16.03 -25.31
C ARG H 465 5.27 16.79 -24.83
N LYS H 466 6.45 16.19 -24.79
CA LYS H 466 7.65 16.84 -24.34
C LYS H 466 7.97 17.97 -25.31
N ARG H 467 7.72 17.82 -26.61
CA ARG H 467 7.98 18.92 -27.53
C ARG H 467 6.93 20.01 -27.34
N PHE H 468 5.66 19.64 -27.12
CA PHE H 468 4.64 20.63 -26.88
C PHE H 468 4.99 21.46 -25.67
N PHE H 469 5.32 20.86 -24.55
CA PHE H 469 5.68 21.66 -23.40
C PHE H 469 6.91 22.53 -23.62
N ARG H 470 7.81 22.10 -24.48
CA ARG H 470 8.99 22.89 -24.81
C ARG H 470 8.55 24.18 -25.50
N GLU H 471 7.58 24.09 -26.43
CA GLU H 471 7.00 25.22 -27.13
C GLU H 471 6.24 26.11 -26.17
N LEU H 472 5.35 25.48 -25.39
CA LEU H 472 4.52 26.19 -24.47
C LEU H 472 5.36 26.95 -23.47
N THR H 473 6.53 26.42 -23.12
CA THR H 473 7.35 27.11 -22.13
C THR H 473 7.97 28.36 -22.73
N GLU H 474 8.27 28.35 -24.02
CA GLU H 474 8.75 29.56 -24.63
C GLU H 474 7.62 30.60 -24.64
N LEU H 475 6.40 30.22 -25.03
CA LEU H 475 5.25 31.13 -24.97
C LEU H 475 5.05 31.66 -23.57
N LYS H 476 4.95 30.80 -22.57
CA LYS H 476 4.82 31.29 -21.20
C LYS H 476 5.90 32.30 -20.84
N THR H 477 7.12 32.16 -21.35
CA THR H 477 8.22 33.02 -20.98
C THR H 477 8.11 34.34 -21.71
N PHE H 478 7.56 34.34 -22.91
CA PHE H 478 7.40 35.53 -23.75
C PHE H 478 6.25 36.40 -23.27
N ALA H 479 5.22 35.77 -22.69
CA ALA H 479 3.91 36.36 -22.47
C ALA H 479 3.92 37.58 -21.55
N ASN H 480 2.87 38.38 -21.74
CA ASN H 480 2.54 39.58 -20.98
C ASN H 480 1.47 39.21 -19.96
N TYR H 481 1.73 39.42 -18.67
CA TYR H 481 0.77 39.00 -17.66
C TYR H 481 0.09 40.19 -16.94
N SER H 482 -0.03 41.36 -17.59
CA SER H 482 -0.54 42.59 -17.00
C SER H 482 -1.96 42.44 -16.46
N THR H 483 -2.75 41.57 -17.08
CA THR H 483 -4.12 41.38 -16.66
C THR H 483 -4.26 40.46 -15.45
N CYS H 484 -3.15 39.93 -14.92
CA CYS H 484 -3.15 38.82 -13.96
C CYS H 484 -2.30 39.18 -12.76
N ASP H 485 -1.11 39.71 -13.05
CA ASP H 485 -0.07 39.83 -12.07
C ASP H 485 -0.08 41.26 -11.51
N ARG H 486 -0.76 41.47 -10.38
CA ARG H 486 -0.77 42.76 -9.70
C ARG H 486 0.61 43.14 -9.14
N SER H 487 1.40 42.13 -8.74
CA SER H 487 2.57 42.34 -7.90
C SER H 487 3.89 42.25 -8.68
N ASN H 488 3.78 42.07 -10.01
CA ASN H 488 4.90 41.89 -10.90
C ASN H 488 5.77 40.74 -10.39
N LEU H 489 5.09 39.64 -10.10
CA LEU H 489 5.73 38.41 -9.71
C LEU H 489 6.50 37.83 -10.88
N ALA H 490 6.10 38.10 -12.12
CA ALA H 490 6.86 37.69 -13.28
C ALA H 490 8.31 38.20 -13.20
N ASP H 491 8.53 39.47 -12.90
CA ASP H 491 9.88 39.98 -12.84
C ASP H 491 10.63 39.42 -11.65
N TRP H 492 9.92 39.11 -10.58
CA TRP H 492 10.61 38.54 -9.42
C TRP H 492 11.17 37.18 -9.79
N LEU H 493 10.31 36.34 -10.42
CA LEU H 493 10.73 35.03 -10.89
C LEU H 493 11.88 35.18 -11.87
N GLY H 494 11.72 36.05 -12.85
CA GLY H 494 12.75 36.23 -13.86
C GLY H 494 14.08 36.76 -13.30
N SER H 495 14.03 37.48 -12.18
CA SER H 495 15.25 37.97 -11.55
C SER H 495 16.01 36.86 -10.85
N LEU H 496 15.37 35.76 -10.42
CA LEU H 496 16.12 34.61 -9.94
C LEU H 496 16.79 33.96 -11.12
N ASP H 497 15.96 33.61 -12.10
CA ASP H 497 16.40 32.81 -13.23
C ASP H 497 15.46 33.01 -14.40
N PRO H 498 15.96 33.42 -15.59
CA PRO H 498 15.10 33.65 -16.73
C PRO H 498 14.10 32.56 -17.03
N ARG H 499 14.47 31.32 -16.70
CA ARG H 499 13.60 30.20 -16.98
C ARG H 499 12.54 29.97 -15.91
N PHE H 500 12.55 30.75 -14.84
CA PHE H 500 11.48 30.68 -13.86
C PHE H 500 10.29 31.54 -14.27
N ARG H 501 10.49 32.51 -15.17
CA ARG H 501 9.41 33.40 -15.48
C ARG H 501 8.21 32.65 -16.01
N GLN H 502 8.40 31.45 -16.57
CA GLN H 502 7.30 30.69 -17.14
C GLN H 502 6.33 30.23 -16.05
N TYR H 503 6.71 30.25 -14.77
CA TYR H 503 5.81 29.80 -13.72
C TYR H 503 4.87 30.92 -13.25
N THR H 504 4.98 32.14 -13.79
CA THR H 504 4.14 33.23 -13.38
C THR H 504 2.66 32.87 -13.34
N TYR H 505 2.09 32.36 -14.44
CA TYR H 505 0.64 32.23 -14.43
C TYR H 505 0.20 31.14 -13.46
N GLY H 506 1.01 30.11 -13.23
CA GLY H 506 0.67 29.16 -12.17
C GLY H 506 0.61 29.79 -10.80
N LEU H 507 1.58 30.63 -10.45
CA LEU H 507 1.57 31.29 -9.16
C LEU H 507 0.36 32.22 -9.02
N VAL H 508 0.19 33.12 -10.00
CA VAL H 508 -0.83 34.12 -9.83
C VAL H 508 -2.23 33.56 -9.94
N SER H 509 -2.41 32.54 -10.74
CA SER H 509 -3.69 31.87 -10.86
C SER H 509 -4.11 31.21 -9.52
N CYS H 510 -3.21 30.69 -8.72
CA CYS H 510 -3.50 30.30 -7.35
C CYS H 510 -3.71 31.48 -6.42
N GLY H 511 -3.45 32.70 -6.85
CA GLY H 511 -3.64 33.82 -5.96
C GLY H 511 -2.45 34.22 -5.11
N LEU H 512 -1.28 33.62 -5.34
CA LEU H 512 -0.07 34.12 -4.69
C LEU H 512 0.35 35.46 -5.26
N ASP H 513 1.21 36.11 -4.51
CA ASP H 513 1.76 37.41 -4.87
C ASP H 513 3.00 37.66 -4.02
N ARG H 514 3.76 38.71 -4.30
CA ARG H 514 5.04 38.90 -3.65
C ARG H 514 4.93 38.90 -2.13
N SER H 515 3.83 39.45 -1.59
CA SER H 515 3.66 39.55 -0.16
C SER H 515 3.40 38.16 0.45
N LEU H 516 2.57 37.37 -0.23
CA LEU H 516 2.17 36.07 0.25
C LEU H 516 3.26 35.04 0.06
N LEU H 517 4.20 35.21 -0.87
CA LEU H 517 5.00 34.10 -1.35
C LEU H 517 5.85 33.48 -0.25
N HIS H 518 6.26 34.31 0.71
CA HIS H 518 7.07 33.86 1.86
C HIS H 518 6.44 32.73 2.67
N ARG H 519 5.14 32.54 2.55
CA ARG H 519 4.39 31.56 3.30
C ARG H 519 4.12 30.30 2.48
N VAL H 520 4.49 30.26 1.19
CA VAL H 520 4.13 29.15 0.34
C VAL H 520 4.93 27.93 0.78
N SER H 521 4.47 26.72 0.47
CA SER H 521 5.19 25.52 0.85
C SER H 521 5.56 24.69 -0.37
N GLU H 522 6.53 23.78 -0.23
CA GLU H 522 6.95 23.06 -1.41
C GLU H 522 5.79 22.30 -2.06
N GLN H 523 4.92 21.75 -1.22
CA GLN H 523 3.78 21.01 -1.73
C GLN H 523 2.84 21.91 -2.50
N GLN H 524 2.56 23.10 -2.01
CA GLN H 524 1.77 24.04 -2.78
C GLN H 524 2.43 24.43 -4.12
N LEU H 525 3.75 24.63 -4.20
CA LEU H 525 4.36 24.95 -5.47
C LEU H 525 4.20 23.79 -6.43
N LEU H 526 4.29 22.55 -5.93
CA LEU H 526 4.12 21.37 -6.76
C LEU H 526 2.68 21.22 -7.23
N GLU H 527 1.75 21.17 -6.25
CA GLU H 527 0.37 20.74 -6.48
C GLU H 527 -0.49 21.85 -7.03
N ASP H 528 -0.41 23.04 -6.42
CA ASP H 528 -1.27 24.14 -6.83
C ASP H 528 -0.69 24.83 -8.04
N CYS H 529 0.56 25.27 -7.92
CA CYS H 529 1.19 26.09 -8.94
C CYS H 529 1.78 25.32 -10.12
N GLY H 530 1.96 23.99 -9.99
CA GLY H 530 2.36 23.18 -11.13
C GLY H 530 3.85 23.23 -11.46
N ILE H 531 4.71 23.60 -10.52
CA ILE H 531 6.15 23.58 -10.77
C ILE H 531 6.65 22.16 -10.53
N HIS H 532 6.83 21.40 -11.63
CA HIS H 532 7.18 19.99 -11.55
C HIS H 532 8.63 19.72 -11.12
N LEU H 533 9.61 20.48 -11.59
CA LEU H 533 11.01 20.24 -11.23
C LEU H 533 11.30 20.63 -9.77
N GLY H 534 11.84 19.68 -9.01
CA GLY H 534 12.19 19.91 -7.63
C GLY H 534 13.26 21.00 -7.45
N VAL H 535 14.25 21.03 -8.34
CA VAL H 535 15.27 22.04 -8.17
C VAL H 535 14.67 23.45 -8.29
N HIS H 536 13.70 23.61 -9.21
CA HIS H 536 13.08 24.90 -9.38
C HIS H 536 12.25 25.25 -8.15
N ARG H 537 11.44 24.29 -7.65
CA ARG H 537 10.69 24.50 -6.45
C ARG H 537 11.60 24.96 -5.34
N ALA H 538 12.69 24.25 -5.10
CA ALA H 538 13.57 24.59 -4.00
C ALA H 538 14.19 25.98 -4.14
N ARG H 539 14.57 26.40 -5.34
CA ARG H 539 15.16 27.72 -5.49
C ARG H 539 14.15 28.83 -5.30
N ILE H 540 12.95 28.68 -5.86
CA ILE H 540 11.90 29.66 -5.71
C ILE H 540 11.59 29.78 -4.23
N LEU H 541 11.40 28.64 -3.58
CA LEU H 541 11.01 28.60 -2.19
C LEU H 541 12.07 29.26 -1.30
N THR H 542 13.34 28.96 -1.54
CA THR H 542 14.46 29.57 -0.82
C THR H 542 14.45 31.08 -0.97
N ALA H 543 14.35 31.58 -2.18
CA ALA H 543 14.35 33.01 -2.41
C ALA H 543 13.15 33.66 -1.75
N ALA H 544 12.01 32.96 -1.73
CA ALA H 544 10.83 33.49 -1.09
C ALA H 544 11.04 33.64 0.42
N ARG H 545 11.72 32.71 1.09
CA ARG H 545 12.05 32.92 2.50
C ARG H 545 12.98 34.13 2.66
N GLU H 546 14.05 34.24 1.87
CA GLU H 546 15.01 35.33 1.98
C GLU H 546 14.37 36.69 1.73
N MET H 547 13.32 36.73 0.90
CA MET H 547 12.60 37.96 0.58
C MET H 547 11.91 38.59 1.79
N LEU H 548 11.68 37.83 2.89
CA LEU H 548 10.78 38.20 3.97
C LEU H 548 11.07 39.57 4.60
N HIS H 549 12.32 40.05 4.51
CA HIS H 549 12.70 41.39 4.95
C HIS H 549 11.93 42.52 4.25
N SER H 550 11.30 42.24 3.09
CA SER H 550 10.49 43.18 2.31
C SER H 550 9.00 43.11 2.68
N PRO H 551 8.33 41.92 2.76
CA PRO H 551 7.01 41.78 3.37
C PRO H 551 6.83 42.18 4.84
N LEU H 552 7.89 42.08 5.66
CA LEU H 552 7.80 42.40 7.10
C LEU H 552 7.39 43.86 7.36
N PRO H 553 8.05 44.90 6.78
CA PRO H 553 7.57 46.28 6.84
C PRO H 553 6.10 46.51 6.44
N GLY I 561 57.95 16.86 -8.32
CA GLY I 561 58.78 17.81 -9.10
C GLY I 561 58.80 17.44 -10.58
N ASP I 562 58.51 18.43 -11.43
CA ASP I 562 58.32 18.21 -12.86
C ASP I 562 59.64 18.25 -13.65
N THR I 563 60.64 18.96 -13.11
CA THR I 563 61.89 19.24 -13.81
C THR I 563 62.75 17.98 -13.94
N PRO I 564 63.47 17.79 -15.09
CA PRO I 564 64.45 16.70 -15.20
C PRO I 564 65.69 16.98 -14.35
N ASP I 565 66.26 15.89 -13.81
CA ASP I 565 67.60 15.90 -13.25
C ASP I 565 68.64 16.03 -14.36
N VAL I 566 68.44 15.28 -15.46
CA VAL I 566 69.44 15.09 -16.51
C VAL I 566 68.83 15.36 -17.89
N PHE I 567 69.57 16.08 -18.73
CA PHE I 567 69.30 16.19 -20.16
C PHE I 567 70.31 15.33 -20.94
N ILE I 568 69.84 14.57 -21.94
CA ILE I 568 70.71 13.80 -22.83
C ILE I 568 70.76 14.45 -24.21
N SER I 569 71.99 14.81 -24.63
CA SER I 569 72.34 15.28 -25.96
C SER I 569 73.02 14.16 -26.74
N TYR I 570 72.58 13.96 -27.99
CA TYR I 570 73.09 12.90 -28.86
C TYR I 570 72.97 13.35 -30.31
N ARG I 571 73.89 12.88 -31.17
CA ARG I 571 73.77 13.09 -32.61
C ARG I 571 72.64 12.19 -33.15
N ARG I 572 71.70 12.78 -33.91
CA ARG I 572 70.46 12.13 -34.35
C ARG I 572 70.71 10.86 -35.19
N SER I 573 71.80 10.82 -35.96
CA SER I 573 72.12 9.75 -36.90
C SER I 573 72.61 8.47 -36.20
N THR I 574 73.61 8.61 -35.31
CA THR I 574 74.38 7.48 -34.78
C THR I 574 74.28 7.30 -33.27
N GLY I 575 73.78 8.31 -32.54
CA GLY I 575 73.81 8.31 -31.07
C GLY I 575 72.57 7.75 -30.39
N ASN I 576 71.48 7.50 -31.13
CA ASN I 576 70.16 7.23 -30.60
C ASN I 576 70.11 5.98 -29.69
N GLN I 577 70.81 4.89 -30.06
CA GLN I 577 70.81 3.67 -29.28
C GLN I 577 71.44 3.87 -27.90
N LEU I 578 72.71 4.33 -27.89
CA LEU I 578 73.44 4.54 -26.65
C LEU I 578 72.74 5.59 -25.77
N ALA I 579 72.19 6.64 -26.38
CA ALA I 579 71.38 7.64 -25.70
C ALA I 579 70.17 7.01 -25.01
N SER I 580 69.40 6.19 -25.73
CA SER I 580 68.23 5.48 -25.21
C SER I 580 68.60 4.57 -24.04
N LEU I 581 69.71 3.85 -24.20
CA LEU I 581 70.21 2.91 -23.22
C LEU I 581 70.55 3.64 -21.91
N ILE I 582 71.33 4.73 -21.99
CA ILE I 582 71.70 5.57 -20.87
C ILE I 582 70.44 6.17 -20.22
N LYS I 583 69.50 6.65 -21.06
CA LYS I 583 68.21 7.18 -20.62
C LYS I 583 67.47 6.18 -19.75
N VAL I 584 67.33 4.93 -20.23
CA VAL I 584 66.66 3.86 -19.52
C VAL I 584 67.40 3.54 -18.22
N LEU I 585 68.73 3.31 -18.29
CA LEU I 585 69.51 2.88 -17.14
C LEU I 585 69.52 3.91 -16.00
N LEU I 586 69.44 5.21 -16.36
CA LEU I 586 69.28 6.30 -15.40
C LEU I 586 67.85 6.42 -14.88
N GLN I 587 66.85 6.24 -15.76
CA GLN I 587 65.44 6.26 -15.40
C GLN I 587 65.12 5.15 -14.37
N LEU I 588 65.69 3.97 -14.57
CA LEU I 588 65.59 2.84 -13.65
C LEU I 588 66.26 3.14 -12.30
N ARG I 589 67.34 3.94 -12.30
CA ARG I 589 67.99 4.45 -11.10
C ARG I 589 67.23 5.61 -10.45
N GLY I 590 66.08 6.00 -11.02
CA GLY I 590 65.17 6.96 -10.40
C GLY I 590 65.44 8.41 -10.76
N TYR I 591 66.44 8.67 -11.62
CA TYR I 591 66.65 10.01 -12.15
C TYR I 591 65.55 10.37 -13.14
N ARG I 592 65.07 11.62 -13.10
CA ARG I 592 64.17 12.13 -14.13
C ARG I 592 65.01 12.60 -15.30
N VAL I 593 64.86 11.94 -16.47
CA VAL I 593 65.76 12.16 -17.59
C VAL I 593 64.99 12.64 -18.81
N PHE I 594 65.53 13.67 -19.47
CA PHE I 594 64.98 14.23 -20.70
C PHE I 594 65.82 13.78 -21.90
N ILE I 595 65.13 13.27 -22.94
CA ILE I 595 65.70 13.09 -24.28
C ILE I 595 64.67 13.60 -25.30
N ASP I 596 65.14 14.30 -26.34
CA ASP I 596 64.31 15.22 -27.10
C ASP I 596 63.34 14.54 -28.08
N VAL I 597 63.48 13.22 -28.31
CA VAL I 597 62.67 12.46 -29.27
C VAL I 597 62.56 13.17 -30.62
N ASP I 598 63.70 13.71 -31.07
CA ASP I 598 63.81 14.63 -32.20
C ASP I 598 63.94 13.89 -33.53
N LYS I 599 64.35 12.61 -33.49
CA LYS I 599 64.57 11.81 -34.69
C LYS I 599 63.23 11.35 -35.28
N LEU I 600 62.65 12.23 -36.12
CA LEU I 600 61.45 12.02 -36.92
C LEU I 600 61.45 13.04 -38.09
N TYR I 601 60.54 12.86 -39.06
CA TYR I 601 60.44 13.65 -40.28
C TYR I 601 60.40 15.17 -40.03
N ALA I 602 59.69 15.59 -38.97
CA ALA I 602 59.51 17.01 -38.63
C ALA I 602 60.63 17.58 -37.75
N GLY I 603 61.74 16.83 -37.59
CA GLY I 603 62.83 17.17 -36.68
C GLY I 603 63.79 18.25 -37.20
N LYS I 604 63.26 19.42 -37.57
CA LYS I 604 64.02 20.52 -38.15
C LYS I 604 64.56 21.46 -37.07
N PHE I 605 63.67 21.89 -36.16
CA PHE I 605 63.92 22.98 -35.22
C PHE I 605 63.02 22.87 -33.99
N ASP I 606 63.59 23.09 -32.79
CA ASP I 606 62.83 23.43 -31.59
C ASP I 606 63.72 24.07 -30.52
N SER I 607 63.71 25.41 -30.45
CA SER I 607 64.46 26.17 -29.45
C SER I 607 64.15 25.75 -28.00
N SER I 608 62.94 25.22 -27.73
CA SER I 608 62.53 24.86 -26.38
C SER I 608 63.45 23.81 -25.75
N LEU I 609 64.10 22.96 -26.56
CA LEU I 609 65.06 21.98 -26.04
C LEU I 609 66.21 22.66 -25.28
N LEU I 610 66.60 23.88 -25.70
CA LEU I 610 67.61 24.67 -24.99
C LEU I 610 67.10 25.09 -23.61
N LYS I 611 65.80 25.36 -23.50
CA LYS I 611 65.13 25.63 -22.22
C LYS I 611 65.08 24.37 -21.35
N ASN I 612 64.90 23.18 -21.96
CA ASN I 612 65.02 21.91 -21.26
C ASN I 612 66.42 21.69 -20.69
N ILE I 613 67.48 22.07 -21.43
CA ILE I 613 68.85 22.08 -20.91
C ILE I 613 68.95 23.00 -19.69
N GLN I 614 68.38 24.21 -19.80
CA GLN I 614 68.38 25.19 -18.71
C GLN I 614 67.64 24.68 -17.48
N ALA I 615 66.59 23.86 -17.68
CA ALA I 615 65.80 23.25 -16.61
C ALA I 615 66.52 22.09 -15.90
N ALA I 616 67.39 21.36 -16.62
CA ALA I 616 68.14 20.23 -16.09
C ALA I 616 69.25 20.66 -15.12
N LYS I 617 69.67 19.73 -14.23
CA LYS I 617 70.83 19.93 -13.38
C LYS I 617 72.11 19.47 -14.07
N HIS I 618 72.02 18.35 -14.81
CA HIS I 618 73.15 17.69 -15.45
C HIS I 618 72.90 17.54 -16.95
N PHE I 619 73.98 17.59 -17.74
CA PHE I 619 73.93 17.46 -19.19
C PHE I 619 74.85 16.33 -19.62
N ILE I 620 74.29 15.31 -20.29
CA ILE I 620 75.05 14.19 -20.83
C ILE I 620 75.24 14.40 -22.34
N LEU I 621 76.47 14.21 -22.82
CA LEU I 621 76.75 14.22 -24.24
C LEU I 621 77.18 12.83 -24.71
N VAL I 622 76.41 12.24 -25.64
CA VAL I 622 76.59 10.88 -26.11
C VAL I 622 77.53 10.88 -27.32
N LEU I 623 78.83 10.98 -27.02
CA LEU I 623 79.90 11.05 -28.01
C LEU I 623 80.08 9.69 -28.69
N THR I 624 79.86 9.69 -30.00
CA THR I 624 79.61 8.47 -30.78
C THR I 624 80.30 8.57 -32.15
N PRO I 625 80.53 7.45 -32.89
CA PRO I 625 81.14 7.52 -34.21
C PRO I 625 80.44 8.51 -35.15
N ASN I 626 81.26 9.31 -35.84
CA ASN I 626 80.85 10.35 -36.77
C ASN I 626 80.00 11.46 -36.14
N SER I 627 79.86 11.48 -34.79
CA SER I 627 78.91 12.37 -34.12
C SER I 627 79.25 13.85 -34.33
N LEU I 628 80.51 14.24 -34.09
CA LEU I 628 80.93 15.63 -33.98
C LEU I 628 81.21 16.30 -35.33
N ASP I 629 81.00 15.60 -36.46
CA ASP I 629 81.31 16.11 -37.80
C ASP I 629 80.63 17.46 -38.08
N ARG I 630 79.39 17.64 -37.57
CA ARG I 630 78.61 18.86 -37.74
C ARG I 630 79.18 20.05 -36.99
N LEU I 631 80.01 19.82 -35.95
CA LEU I 631 80.70 20.90 -35.24
C LEU I 631 81.73 21.57 -36.13
N LEU I 632 82.41 20.80 -36.99
CA LEU I 632 83.64 21.25 -37.63
C LEU I 632 83.37 22.41 -38.58
N ASN I 633 84.01 23.56 -38.26
CA ASN I 633 83.87 24.84 -38.95
C ASN I 633 82.48 25.47 -38.80
N ASP I 634 81.69 25.04 -37.80
CA ASP I 634 80.35 25.57 -37.54
C ASP I 634 80.43 26.87 -36.72
N ASP I 635 81.13 27.87 -37.26
CA ASP I 635 81.28 29.19 -36.64
C ASP I 635 79.93 29.91 -36.52
N ASN I 636 79.00 29.55 -37.41
CA ASN I 636 77.63 30.05 -37.48
C ASN I 636 76.73 29.49 -36.36
N CYS I 637 77.15 28.40 -35.71
CA CYS I 637 76.38 27.65 -34.71
C CYS I 637 75.03 27.19 -35.27
N GLU I 638 75.05 26.56 -36.46
CA GLU I 638 73.88 26.00 -37.14
C GLU I 638 73.43 24.66 -36.52
N ASP I 639 74.39 23.87 -36.02
CA ASP I 639 74.15 22.49 -35.59
C ASP I 639 73.45 22.41 -34.23
N TRP I 640 72.44 21.54 -34.12
CA TRP I 640 71.77 21.27 -32.86
C TRP I 640 72.70 20.70 -31.78
N VAL I 641 73.65 19.79 -32.13
CA VAL I 641 74.57 19.27 -31.12
C VAL I 641 75.46 20.41 -30.57
N HIS I 642 75.95 21.27 -31.47
CA HIS I 642 76.64 22.52 -31.13
C HIS I 642 75.79 23.39 -30.20
N LYS I 643 74.54 23.71 -30.59
CA LYS I 643 73.63 24.56 -29.82
C LYS I 643 73.36 23.99 -28.43
N GLU I 644 73.11 22.68 -28.35
CA GLU I 644 72.87 21.96 -27.10
C GLU I 644 74.06 22.12 -26.14
N LEU I 645 75.26 21.72 -26.60
CA LEU I 645 76.48 21.79 -25.81
C LEU I 645 76.84 23.23 -25.42
N LYS I 646 76.64 24.17 -26.35
CA LYS I 646 76.86 25.60 -26.12
C LYS I 646 75.96 26.10 -24.99
N CYS I 647 74.66 25.78 -25.05
CA CYS I 647 73.71 26.14 -24.00
C CYS I 647 74.14 25.60 -22.63
N ALA I 648 74.61 24.34 -22.59
CA ALA I 648 75.10 23.71 -21.37
C ALA I 648 76.29 24.45 -20.77
N PHE I 649 77.29 24.84 -21.58
CA PHE I 649 78.42 25.65 -21.14
C PHE I 649 78.01 27.06 -20.71
N GLU I 650 77.14 27.72 -21.49
CA GLU I 650 76.65 29.07 -21.20
C GLU I 650 75.96 29.17 -19.83
N HIS I 651 75.26 28.10 -19.43
CA HIS I 651 74.61 28.00 -18.13
C HIS I 651 75.44 27.23 -17.08
N GLN I 652 76.67 26.84 -17.45
CA GLN I 652 77.65 26.16 -16.59
C GLN I 652 77.07 24.92 -15.91
N LYS I 653 76.32 24.11 -16.66
CA LYS I 653 75.75 22.85 -16.17
C LYS I 653 76.86 21.83 -15.91
N ASN I 654 76.53 20.82 -15.09
CA ASN I 654 77.38 19.65 -14.91
C ASN I 654 77.40 18.85 -16.21
N ILE I 655 78.50 18.95 -16.99
CA ILE I 655 78.59 18.35 -18.31
C ILE I 655 79.37 17.03 -18.22
N ILE I 656 78.76 15.98 -18.78
CA ILE I 656 79.24 14.61 -18.70
C ILE I 656 79.37 14.04 -20.12
N PRO I 657 80.54 14.17 -20.77
CA PRO I 657 80.79 13.44 -22.01
C PRO I 657 80.88 11.94 -21.72
N ILE I 658 80.06 11.17 -22.43
CA ILE I 658 80.12 9.71 -22.40
C ILE I 658 80.55 9.26 -23.79
N PHE I 659 81.67 8.51 -23.85
CA PHE I 659 82.29 8.10 -25.09
C PHE I 659 81.87 6.67 -25.41
N ASP I 660 81.33 6.45 -26.61
CA ASP I 660 81.20 5.12 -27.17
C ASP I 660 82.58 4.46 -27.28
N THR I 661 82.62 3.11 -27.26
CA THR I 661 83.89 2.35 -27.20
C THR I 661 84.81 2.69 -28.37
N ALA I 662 84.24 3.12 -29.50
CA ALA I 662 84.95 3.45 -30.74
C ALA I 662 85.26 4.96 -30.90
N PHE I 663 84.73 5.82 -30.00
CA PHE I 663 84.79 7.27 -30.16
C PHE I 663 86.17 7.86 -29.84
N GLU I 664 86.57 8.86 -30.63
CA GLU I 664 87.68 9.78 -30.35
C GLU I 664 87.33 11.20 -30.81
N PHE I 665 87.78 12.22 -30.09
CA PHE I 665 87.64 13.61 -30.51
C PHE I 665 88.44 13.89 -31.79
N PRO I 666 87.94 14.75 -32.71
CA PRO I 666 88.68 15.15 -33.92
C PRO I 666 90.05 15.81 -33.65
N THR I 667 91.05 15.43 -34.46
CA THR I 667 92.38 16.03 -34.48
C THR I 667 92.33 17.51 -34.87
N LYS I 668 91.30 17.89 -35.64
CA LYS I 668 91.06 19.23 -36.15
C LYS I 668 90.46 20.13 -35.06
N GLU I 669 91.19 20.27 -33.94
CA GLU I 669 90.71 20.92 -32.72
C GLU I 669 90.31 22.39 -32.95
N ASP I 670 91.06 23.09 -33.80
CA ASP I 670 90.77 24.47 -34.19
C ASP I 670 89.43 24.59 -34.95
N GLN I 671 89.08 23.55 -35.72
CA GLN I 671 87.80 23.48 -36.44
C GLN I 671 86.63 23.18 -35.50
N ILE I 672 86.89 22.59 -34.32
CA ILE I 672 85.89 22.55 -33.26
C ILE I 672 85.68 23.98 -32.75
N PRO I 673 84.45 24.55 -32.80
CA PRO I 673 84.22 25.95 -32.45
C PRO I 673 84.66 26.37 -31.05
N ASN I 674 85.14 27.63 -30.96
CA ASN I 674 85.80 28.22 -29.81
C ASN I 674 84.93 28.19 -28.54
N ASP I 675 83.60 28.31 -28.73
CA ASP I 675 82.60 28.41 -27.67
C ASP I 675 82.34 27.07 -26.97
N ILE I 676 82.81 25.94 -27.55
CA ILE I 676 82.55 24.60 -27.03
C ILE I 676 83.79 23.70 -26.94
N ARG I 677 84.92 24.10 -27.57
CA ARG I 677 86.14 23.29 -27.73
C ARG I 677 86.61 22.62 -26.42
N MET I 678 86.38 23.27 -25.28
CA MET I 678 86.78 22.78 -23.97
C MET I 678 86.22 21.39 -23.62
N ILE I 679 85.18 20.93 -24.31
CA ILE I 679 84.65 19.57 -24.18
C ILE I 679 85.75 18.52 -24.37
N THR I 680 86.71 18.78 -25.26
CA THR I 680 87.86 17.92 -25.54
C THR I 680 88.77 17.74 -24.31
N LYS I 681 88.66 18.64 -23.33
CA LYS I 681 89.48 18.69 -22.11
C LYS I 681 88.71 18.25 -20.86
N TYR I 682 87.38 18.14 -20.96
CA TYR I 682 86.53 17.60 -19.90
C TYR I 682 86.81 16.11 -19.66
N ASN I 683 86.73 15.71 -18.38
CA ASN I 683 86.70 14.31 -17.99
C ASN I 683 85.36 13.68 -18.38
N GLY I 684 85.37 12.36 -18.67
CA GLY I 684 84.19 11.62 -19.10
C GLY I 684 84.28 10.11 -18.87
N VAL I 685 83.24 9.39 -19.30
CA VAL I 685 83.16 7.93 -19.13
C VAL I 685 83.31 7.22 -20.47
N LYS I 686 84.28 6.30 -20.56
CA LYS I 686 84.39 5.38 -21.69
C LYS I 686 83.41 4.22 -21.51
N TRP I 687 82.32 4.22 -22.29
CA TRP I 687 81.29 3.18 -22.27
C TRP I 687 81.83 1.90 -22.91
N VAL I 688 81.56 0.75 -22.27
CA VAL I 688 81.91 -0.57 -22.77
C VAL I 688 80.65 -1.43 -22.83
N HIS I 689 80.36 -1.99 -24.02
CA HIS I 689 79.11 -2.68 -24.31
C HIS I 689 78.85 -3.88 -23.37
N ASP I 690 79.93 -4.51 -22.88
CA ASP I 690 79.87 -5.69 -22.02
C ASP I 690 79.67 -5.35 -20.53
N TYR I 691 79.98 -4.10 -20.12
CA TYR I 691 80.07 -3.73 -18.70
C TYR I 691 79.13 -2.56 -18.35
N GLN I 692 77.88 -2.64 -18.84
CA GLN I 692 76.97 -1.50 -18.91
C GLN I 692 76.66 -0.92 -17.53
N ASP I 693 76.40 -1.77 -16.54
CA ASP I 693 76.08 -1.32 -15.18
C ASP I 693 77.29 -0.69 -14.48
N ALA I 694 78.50 -1.21 -14.74
CA ALA I 694 79.74 -0.63 -14.23
C ALA I 694 79.98 0.76 -14.82
N CYS I 695 79.79 0.88 -16.14
CA CYS I 695 79.85 2.16 -16.85
C CYS I 695 78.83 3.15 -16.28
N MET I 696 77.60 2.69 -16.09
CA MET I 696 76.51 3.49 -15.54
C MET I 696 76.81 3.96 -14.11
N ALA I 697 77.41 3.10 -13.28
CA ALA I 697 77.87 3.48 -11.94
C ALA I 697 78.92 4.60 -12.00
N LYS I 698 79.82 4.54 -12.97
CA LYS I 698 80.81 5.60 -13.20
C LYS I 698 80.14 6.91 -13.61
N VAL I 699 79.11 6.84 -14.48
CA VAL I 699 78.29 8.00 -14.82
C VAL I 699 77.60 8.57 -13.59
N VAL I 700 77.07 7.71 -12.70
CA VAL I 700 76.45 8.15 -11.44
C VAL I 700 77.46 8.93 -10.58
N ARG I 701 78.74 8.52 -10.57
CA ARG I 701 79.79 9.29 -9.92
C ARG I 701 79.90 10.71 -10.51
N PHE I 702 79.91 10.84 -11.86
CA PHE I 702 79.86 12.14 -12.50
C PHE I 702 78.60 12.95 -12.16
N ILE I 703 77.45 12.28 -11.98
CA ILE I 703 76.19 12.90 -11.58
C ILE I 703 76.26 13.51 -10.16
N THR I 704 77.25 13.13 -9.34
CA THR I 704 77.50 13.83 -8.07
C THR I 704 77.97 15.27 -8.26
N GLY I 705 78.42 15.62 -9.49
CA GLY I 705 78.82 16.97 -9.86
C GLY I 705 80.33 17.15 -10.03
N GLU I 706 80.74 17.63 -11.22
CA GLU I 706 82.13 17.94 -11.54
C GLU I 706 82.19 19.11 -12.53
N LEU I 707 82.09 20.34 -12.00
CA LEU I 707 82.00 21.57 -12.78
C LEU I 707 83.39 22.04 -13.23
N ASN I 708 84.01 21.24 -14.12
CA ASN I 708 85.37 21.41 -14.62
C ASN I 708 85.58 22.81 -15.25
N GLY J 561 32.33 50.54 -10.64
CA GLY J 561 32.19 51.96 -11.06
C GLY J 561 31.84 52.05 -12.55
N ASP J 562 30.79 52.82 -12.86
CA ASP J 562 30.20 52.87 -14.19
C ASP J 562 30.90 53.89 -15.11
N THR J 563 31.51 54.92 -14.51
CA THR J 563 32.08 56.05 -15.23
C THR J 563 33.33 55.65 -16.03
N PRO J 564 33.54 56.21 -17.25
CA PRO J 564 34.81 56.02 -17.97
C PRO J 564 35.94 56.79 -17.29
N ASP J 565 37.14 56.21 -17.35
CA ASP J 565 38.38 56.92 -17.07
C ASP J 565 38.69 57.90 -18.20
N VAL J 566 38.50 57.45 -19.46
CA VAL J 566 38.97 58.17 -20.64
C VAL J 566 37.85 58.29 -21.67
N PHE J 567 37.72 59.48 -22.28
CA PHE J 567 36.90 59.71 -23.46
C PHE J 567 37.83 59.85 -24.68
N ILE J 568 37.48 59.19 -25.81
CA ILE J 568 38.20 59.35 -27.07
C ILE J 568 37.38 60.18 -28.06
N SER J 569 37.97 61.29 -28.50
CA SER J 569 37.49 62.15 -29.57
C SER J 569 38.30 61.90 -30.84
N TYR J 570 37.60 61.75 -31.96
CA TYR J 570 38.20 61.46 -33.25
C TYR J 570 37.32 62.05 -34.37
N ARG J 571 37.95 62.44 -35.49
CA ARG J 571 37.21 62.84 -36.69
C ARG J 571 36.60 61.58 -37.33
N ARG J 572 35.29 61.61 -37.62
CA ARG J 572 34.51 60.45 -38.06
C ARG J 572 35.04 59.81 -39.36
N SER J 573 35.60 60.64 -40.27
CA SER J 573 36.05 60.23 -41.59
C SER J 573 37.34 59.42 -41.57
N THR J 574 38.39 59.95 -40.88
CA THR J 574 39.76 59.46 -40.99
C THR J 574 40.36 58.93 -39.69
N GLY J 575 39.72 59.22 -38.54
CA GLY J 575 40.29 58.93 -37.22
C GLY J 575 39.89 57.59 -36.61
N ASN J 576 38.91 56.89 -37.21
CA ASN J 576 38.25 55.74 -36.60
C ASN J 576 39.19 54.58 -36.28
N GLN J 577 40.16 54.28 -37.17
CA GLN J 577 41.09 53.17 -36.96
C GLN J 577 42.00 53.42 -35.75
N LEU J 578 42.73 54.54 -35.77
CA LEU J 578 43.65 54.89 -34.69
C LEU J 578 42.91 55.06 -33.37
N ALA J 579 41.71 55.64 -33.41
CA ALA J 579 40.82 55.75 -32.24
C ALA J 579 40.48 54.37 -31.66
N SER J 580 40.05 53.43 -32.51
CA SER J 580 39.72 52.05 -32.12
C SER J 580 40.93 51.35 -31.50
N LEU J 581 42.09 51.53 -32.13
CA LEU J 581 43.33 50.91 -31.71
C LEU J 581 43.70 51.39 -30.30
N ILE J 582 43.70 52.70 -30.08
CA ILE J 582 43.98 53.33 -28.79
C ILE J 582 42.95 52.87 -27.75
N LYS J 583 41.67 52.82 -28.15
CA LYS J 583 40.57 52.34 -27.31
C LYS J 583 40.85 50.92 -26.80
N VAL J 584 41.20 50.01 -27.71
CA VAL J 584 41.52 48.62 -27.39
C VAL J 584 42.76 48.55 -26.48
N LEU J 585 43.86 49.21 -26.86
CA LEU J 585 45.13 49.12 -26.14
C LEU J 585 45.02 49.66 -24.71
N LEU J 586 44.16 50.68 -24.49
CA LEU J 586 43.84 51.19 -23.16
C LEU J 586 42.88 50.28 -22.39
N GLN J 587 41.87 49.72 -23.09
CA GLN J 587 40.91 48.77 -22.50
C GLN J 587 41.62 47.52 -21.97
N LEU J 588 42.61 47.03 -22.74
CA LEU J 588 43.47 45.92 -22.34
C LEU J 588 44.33 46.26 -21.11
N ARG J 589 44.74 47.53 -20.99
CA ARG J 589 45.44 48.07 -19.82
C ARG J 589 44.49 48.32 -18.63
N GLY J 590 43.20 48.03 -18.78
CA GLY J 590 42.24 48.05 -17.68
C GLY J 590 41.56 49.39 -17.48
N TYR J 591 41.86 50.40 -18.32
CA TYR J 591 41.12 51.65 -18.30
C TYR J 591 39.71 51.46 -18.85
N ARG J 592 38.72 52.09 -18.22
CA ARG J 592 37.37 52.14 -18.79
C ARG J 592 37.33 53.28 -19.80
N VAL J 593 37.11 52.94 -21.08
CA VAL J 593 37.27 53.91 -22.17
C VAL J 593 35.96 54.06 -22.93
N PHE J 594 35.58 55.32 -23.20
CA PHE J 594 34.42 55.65 -23.99
C PHE J 594 34.82 56.11 -25.39
N ILE J 595 34.16 55.53 -26.42
CA ILE J 595 34.19 56.02 -27.79
C ILE J 595 32.75 56.00 -28.32
N ASP J 596 32.36 57.04 -29.07
CA ASP J 596 30.95 57.39 -29.23
C ASP J 596 30.19 56.49 -30.21
N VAL J 597 30.89 55.64 -30.98
CA VAL J 597 30.29 54.76 -32.00
C VAL J 597 29.32 55.53 -32.91
N ASP J 598 29.75 56.75 -33.29
CA ASP J 598 28.93 57.75 -33.96
C ASP J 598 28.89 57.55 -35.48
N LYS J 599 29.89 56.84 -36.03
CA LYS J 599 30.02 56.63 -37.47
C LYS J 599 29.01 55.59 -37.96
N LEU J 600 27.79 56.07 -38.25
CA LEU J 600 26.68 55.35 -38.85
C LEU J 600 25.71 56.37 -39.49
N TYR J 601 24.73 55.88 -40.27
CA TYR J 601 23.79 56.68 -41.05
C TYR J 601 23.06 57.75 -40.21
N ALA J 602 22.68 57.40 -38.96
CA ALA J 602 21.95 58.28 -38.05
C ALA J 602 22.85 59.21 -37.23
N GLY J 603 24.15 59.30 -37.58
CA GLY J 603 25.15 60.03 -36.79
C GLY J 603 25.14 61.55 -37.00
N LYS J 604 23.98 62.19 -36.76
CA LYS J 604 23.76 63.61 -36.97
C LYS J 604 24.11 64.42 -35.72
N PHE J 605 23.55 64.00 -34.58
CA PHE J 605 23.54 64.77 -33.33
C PHE J 605 23.37 63.86 -32.12
N ASP J 606 24.15 64.12 -31.05
CA ASP J 606 23.85 63.65 -29.71
C ASP J 606 24.60 64.45 -28.63
N SER J 607 23.94 65.44 -28.04
CA SER J 607 24.49 66.26 -26.95
C SER J 607 25.02 65.44 -25.77
N SER J 608 24.48 64.22 -25.54
CA SER J 608 24.86 63.41 -24.39
C SER J 608 26.35 63.05 -24.40
N LEU J 609 26.98 62.99 -25.60
CA LEU J 609 28.41 62.72 -25.68
C LEU J 609 29.22 63.78 -24.92
N LEU J 610 28.74 65.03 -24.88
CA LEU J 610 29.37 66.10 -24.11
C LEU J 610 29.29 65.81 -22.60
N LYS J 611 28.19 65.17 -22.16
CA LYS J 611 28.04 64.69 -20.79
C LYS J 611 28.97 63.50 -20.52
N ASN J 612 29.22 62.64 -21.51
CA ASN J 612 30.24 61.59 -21.42
C ASN J 612 31.64 62.18 -21.22
N ILE J 613 31.98 63.29 -21.92
CA ILE J 613 33.22 64.03 -21.69
C ILE J 613 33.28 64.52 -20.24
N GLN J 614 32.17 65.10 -19.76
CA GLN J 614 32.08 65.61 -18.39
C GLN J 614 32.24 64.49 -17.35
N ALA J 615 31.79 63.27 -17.68
CA ALA J 615 31.90 62.08 -16.83
C ALA J 615 33.33 61.50 -16.79
N ALA J 616 34.10 61.65 -17.87
CA ALA J 616 35.47 61.13 -17.98
C ALA J 616 36.46 61.93 -17.13
N LYS J 617 37.60 61.31 -16.78
CA LYS J 617 38.71 61.99 -16.13
C LYS J 617 39.67 62.59 -17.17
N HIS J 618 39.90 61.85 -18.26
CA HIS J 618 40.86 62.19 -19.30
C HIS J 618 40.17 62.25 -20.67
N PHE J 619 40.68 63.13 -21.54
CA PHE J 619 40.16 63.31 -22.88
C PHE J 619 41.29 63.13 -23.90
N ILE J 620 41.13 62.16 -24.80
CA ILE J 620 42.09 61.90 -25.88
C ILE J 620 41.55 62.50 -27.17
N LEU J 621 42.41 63.22 -27.90
CA LEU J 621 42.08 63.71 -29.23
C LEU J 621 42.96 63.05 -30.28
N VAL J 622 42.31 62.32 -31.21
CA VAL J 622 42.98 61.51 -32.22
C VAL J 622 43.25 62.35 -33.47
N LEU J 623 44.30 63.17 -33.38
CA LEU J 623 44.71 64.09 -34.43
C LEU J 623 45.29 63.32 -35.62
N THR J 624 44.62 63.47 -36.77
CA THR J 624 44.78 62.57 -37.91
C THR J 624 44.73 63.37 -39.21
N PRO J 625 45.21 62.84 -40.37
CA PRO J 625 45.13 63.56 -41.64
C PRO J 625 43.73 64.06 -41.97
N ASN J 626 43.67 65.33 -42.41
CA ASN J 626 42.47 66.06 -42.75
C ASN J 626 41.48 66.23 -41.59
N SER J 627 41.88 65.87 -40.35
CA SER J 627 40.94 65.81 -39.22
C SER J 627 40.34 67.18 -38.87
N LEU J 628 41.21 68.20 -38.72
CA LEU J 628 40.84 69.49 -38.14
C LEU J 628 40.20 70.46 -39.13
N ASP J 629 39.98 70.04 -40.39
CA ASP J 629 39.44 70.91 -41.44
C ASP J 629 38.11 71.57 -41.03
N ARG J 630 37.27 70.83 -40.28
CA ARG J 630 35.97 71.29 -39.82
C ARG J 630 36.07 72.40 -38.76
N LEU J 631 37.21 72.51 -38.05
CA LEU J 631 37.45 73.59 -37.11
C LEU J 631 37.57 74.93 -37.82
N LEU J 632 38.16 74.95 -39.03
CA LEU J 632 38.62 76.19 -39.63
C LEU J 632 37.45 77.12 -39.97
N ASN J 633 37.47 78.30 -39.34
CA ASN J 633 36.43 79.34 -39.42
C ASN J 633 35.09 78.91 -38.78
N ASP J 634 35.10 77.88 -37.93
CA ASP J 634 33.89 77.40 -37.23
C ASP J 634 33.59 78.25 -36.00
N ASP J 635 33.41 79.56 -36.21
CA ASP J 635 33.07 80.52 -35.15
C ASP J 635 31.71 80.18 -34.51
N ASN J 636 30.85 79.53 -35.29
CA ASN J 636 29.50 79.08 -34.92
C ASN J 636 29.53 77.87 -33.98
N CYS J 637 30.68 77.16 -33.90
CA CYS J 637 30.84 75.91 -33.18
C CYS J 637 29.84 74.83 -33.63
N GLU J 638 29.74 74.63 -34.95
CA GLU J 638 28.88 73.63 -35.58
C GLU J 638 29.46 72.22 -35.48
N ASP J 639 30.79 72.10 -35.52
CA ASP J 639 31.48 70.82 -35.65
C ASP J 639 31.50 70.03 -34.33
N TRP J 640 31.23 68.71 -34.41
CA TRP J 640 31.34 67.83 -33.26
C TRP J 640 32.76 67.74 -32.69
N VAL J 641 33.81 67.72 -33.53
CA VAL J 641 35.18 67.68 -33.00
C VAL J 641 35.47 68.96 -32.20
N HIS J 642 35.07 70.12 -32.75
CA HIS J 642 35.07 71.40 -32.06
C HIS J 642 34.33 71.34 -30.72
N LYS J 643 33.05 70.89 -30.73
CA LYS J 643 32.21 70.79 -29.54
C LYS J 643 32.82 69.90 -28.46
N GLU J 644 33.35 68.74 -28.88
CA GLU J 644 34.00 67.78 -28.00
C GLU J 644 35.20 68.43 -27.28
N LEU J 645 36.14 68.96 -28.06
CA LEU J 645 37.35 69.60 -27.54
C LEU J 645 37.02 70.82 -26.67
N LYS J 646 36.03 71.62 -27.10
CA LYS J 646 35.54 72.77 -26.35
C LYS J 646 35.02 72.36 -24.98
N CYS J 647 34.18 71.32 -24.94
CA CYS J 647 33.66 70.77 -23.68
C CYS J 647 34.79 70.33 -22.75
N ALA J 648 35.82 69.67 -23.30
CA ALA J 648 36.98 69.22 -22.54
C ALA J 648 37.74 70.40 -21.90
N PHE J 649 37.99 71.48 -22.65
CA PHE J 649 38.62 72.70 -22.13
C PHE J 649 37.74 73.41 -21.10
N GLU J 650 36.42 73.54 -21.38
CA GLU J 650 35.46 74.19 -20.50
C GLU J 650 35.40 73.55 -19.11
N HIS J 651 35.56 72.22 -19.06
CA HIS J 651 35.62 71.45 -17.81
C HIS J 651 37.04 71.16 -17.32
N GLN J 652 38.05 71.71 -18.02
CA GLN J 652 39.48 71.62 -17.70
C GLN J 652 39.95 70.18 -17.48
N LYS J 653 39.50 69.26 -18.35
CA LYS J 653 39.91 67.86 -18.33
C LYS J 653 41.38 67.71 -18.69
N ASN J 654 41.97 66.57 -18.30
CA ASN J 654 43.30 66.17 -18.75
C ASN J 654 43.24 65.86 -20.26
N ILE J 655 43.72 66.79 -21.10
CA ILE J 655 43.61 66.68 -22.54
C ILE J 655 44.92 66.14 -23.13
N ILE J 656 44.78 65.10 -23.96
CA ILE J 656 45.90 64.34 -24.52
C ILE J 656 45.74 64.30 -26.04
N PRO J 657 46.33 65.28 -26.78
CA PRO J 657 46.43 65.14 -28.23
C PRO J 657 47.38 64.01 -28.58
N ILE J 658 46.88 63.07 -29.39
CA ILE J 658 47.70 62.01 -29.97
C ILE J 658 47.73 62.24 -31.47
N PHE J 659 48.95 62.37 -32.01
CA PHE J 659 49.18 62.71 -33.40
C PHE J 659 49.49 61.44 -34.20
N ASP J 660 48.72 61.21 -35.26
CA ASP J 660 49.10 60.24 -36.29
C ASP J 660 50.45 60.63 -36.89
N THR J 661 51.20 59.64 -37.41
CA THR J 661 52.58 59.82 -37.89
C THR J 661 52.67 60.92 -38.97
N ALA J 662 51.58 61.12 -39.71
CA ALA J 662 51.48 62.09 -40.81
C ALA J 662 50.87 63.44 -40.40
N PHE J 663 50.36 63.57 -39.17
CA PHE J 663 49.59 64.74 -38.73
C PHE J 663 50.48 65.96 -38.45
N GLU J 664 49.96 67.16 -38.82
CA GLU J 664 50.44 68.47 -38.40
C GLU J 664 49.25 69.41 -38.18
N PHE J 665 49.35 70.32 -37.19
CA PHE J 665 48.36 71.37 -36.99
C PHE J 665 48.34 72.36 -38.17
N PRO J 666 47.15 72.89 -38.57
CA PRO J 666 47.06 73.91 -39.62
C PRO J 666 47.86 75.19 -39.35
N THR J 667 48.51 75.70 -40.42
CA THR J 667 49.23 76.97 -40.43
C THR J 667 48.27 78.16 -40.18
N LYS J 668 46.98 77.97 -40.53
CA LYS J 668 45.91 78.95 -40.40
C LYS J 668 45.41 79.02 -38.95
N GLU J 669 46.31 79.34 -38.02
CA GLU J 669 46.07 79.26 -36.58
C GLU J 669 44.92 80.17 -36.13
N ASP J 670 44.79 81.35 -36.75
CA ASP J 670 43.71 82.29 -36.49
C ASP J 670 42.35 81.72 -36.90
N GLN J 671 42.32 80.88 -37.95
CA GLN J 671 41.11 80.21 -38.40
C GLN J 671 40.72 79.04 -37.47
N ILE J 672 41.68 78.49 -36.69
CA ILE J 672 41.33 77.61 -35.57
C ILE J 672 40.63 78.46 -34.51
N PRO J 673 39.37 78.13 -34.10
CA PRO J 673 38.60 78.98 -33.19
C PRO J 673 39.25 79.26 -31.83
N ASN J 674 39.00 80.49 -31.34
CA ASN J 674 39.63 81.10 -30.17
C ASN J 674 39.46 80.26 -28.90
N ASP J 675 38.32 79.57 -28.79
CA ASP J 675 37.90 78.79 -27.62
C ASP J 675 38.66 77.47 -27.49
N ILE J 676 39.39 77.04 -28.54
CA ILE J 676 40.07 75.74 -28.57
C ILE J 676 41.53 75.82 -29.06
N ARG J 677 41.95 76.95 -29.67
CA ARG J 677 43.24 77.14 -30.34
C ARG J 677 44.44 76.64 -29.53
N MET J 678 44.36 76.74 -28.19
CA MET J 678 45.42 76.33 -27.28
C MET J 678 45.85 74.86 -27.42
N ILE J 679 45.02 74.01 -28.06
CA ILE J 679 45.38 72.63 -28.39
C ILE J 679 46.69 72.56 -29.17
N THR J 680 46.96 73.55 -30.03
CA THR J 680 48.18 73.67 -30.82
C THR J 680 49.43 73.83 -29.95
N LYS J 681 49.25 74.23 -28.68
CA LYS J 681 50.31 74.51 -27.72
C LYS J 681 50.43 73.44 -26.64
N TYR J 682 49.43 72.54 -26.54
CA TYR J 682 49.45 71.37 -25.66
C TYR J 682 50.54 70.37 -26.07
N ASN J 683 51.17 69.74 -25.08
CA ASN J 683 52.04 68.59 -25.28
C ASN J 683 51.18 67.36 -25.66
N GLY J 684 51.77 66.44 -26.45
CA GLY J 684 51.07 65.25 -26.93
C GLY J 684 52.02 64.11 -27.33
N VAL J 685 51.43 63.01 -27.84
CA VAL J 685 52.19 61.83 -28.26
C VAL J 685 52.17 61.69 -29.79
N LYS J 686 53.36 61.60 -30.40
CA LYS J 686 53.48 61.22 -31.81
C LYS J 686 53.41 59.69 -31.93
N TRP J 687 52.26 59.20 -32.44
CA TRP J 687 52.03 57.78 -32.67
C TRP J 687 52.87 57.28 -33.85
N VAL J 688 53.50 56.11 -33.69
CA VAL J 688 54.26 55.44 -34.74
C VAL J 688 53.71 54.02 -34.92
N HIS J 689 53.34 53.68 -36.16
CA HIS J 689 52.63 52.44 -36.49
C HIS J 689 53.42 51.18 -36.08
N ASP J 690 54.76 51.26 -36.08
CA ASP J 690 55.65 50.15 -35.77
C ASP J 690 55.89 49.96 -34.26
N TYR J 691 55.62 51.00 -33.44
CA TYR J 691 56.04 51.03 -32.03
C TYR J 691 54.85 51.24 -31.09
N GLN J 692 53.75 50.52 -31.35
CA GLN J 692 52.44 50.84 -30.79
C GLN J 692 52.42 50.79 -29.26
N ASP J 693 53.04 49.75 -28.66
CA ASP J 693 53.07 49.61 -27.21
C ASP J 693 53.95 50.68 -26.53
N ALA J 694 55.05 51.08 -27.19
CA ALA J 694 55.88 52.18 -26.70
C ALA J 694 55.12 53.52 -26.72
N CYS J 695 54.40 53.77 -27.83
CA CYS J 695 53.53 54.93 -27.96
C CYS J 695 52.44 54.91 -26.88
N MET J 696 51.81 53.76 -26.68
CA MET J 696 50.77 53.58 -25.68
C MET J 696 51.30 53.81 -24.25
N ALA J 697 52.52 53.34 -23.95
CA ALA J 697 53.19 53.62 -22.68
C ALA J 697 53.38 55.13 -22.46
N LYS J 698 53.74 55.87 -23.52
CA LYS J 698 53.86 57.32 -23.46
C LYS J 698 52.51 57.98 -23.20
N VAL J 699 51.43 57.48 -23.83
CA VAL J 699 50.07 57.92 -23.53
C VAL J 699 49.70 57.66 -22.06
N VAL J 700 50.08 56.50 -21.52
CA VAL J 700 49.87 56.17 -20.11
C VAL J 700 50.56 57.18 -19.20
N ARG J 701 51.75 57.67 -19.57
CA ARG J 701 52.41 58.76 -18.86
C ARG J 701 51.53 60.02 -18.85
N PHE J 702 50.96 60.42 -19.99
CA PHE J 702 50.00 61.52 -20.05
C PHE J 702 48.74 61.27 -19.18
N ILE J 703 48.29 60.01 -19.09
CA ILE J 703 47.15 59.60 -18.27
C ILE J 703 47.42 59.81 -16.77
N THR J 704 48.69 59.96 -16.35
CA THR J 704 49.00 60.35 -14.97
C THR J 704 48.54 61.78 -14.65
N GLY J 705 48.24 62.59 -15.68
CA GLY J 705 47.70 63.94 -15.54
C GLY J 705 48.70 65.04 -15.89
N GLU J 706 48.32 65.92 -16.83
CA GLU J 706 49.10 67.09 -17.23
C GLU J 706 48.16 68.23 -17.67
N LEU J 707 47.65 68.98 -16.68
CA LEU J 707 46.64 70.02 -16.86
C LEU J 707 47.29 71.32 -17.33
N ASN J 708 47.84 71.29 -18.56
CA ASN J 708 48.61 72.38 -19.17
C ASN J 708 47.81 73.69 -19.21
N GLY K 561 56.34 -20.86 10.90
CA GLY K 561 57.68 -20.91 10.26
C GLY K 561 57.64 -21.75 9.00
N ASP K 562 58.18 -21.19 7.91
CA ASP K 562 58.16 -21.83 6.59
C ASP K 562 59.34 -22.80 6.39
N THR K 563 60.44 -22.58 7.11
CA THR K 563 61.68 -23.30 6.92
C THR K 563 61.57 -24.76 7.39
N PRO K 564 62.21 -25.73 6.69
CA PRO K 564 62.30 -27.10 7.21
C PRO K 564 63.26 -27.19 8.39
N ASP K 565 62.92 -28.09 9.32
CA ASP K 565 63.85 -28.54 10.35
C ASP K 565 64.91 -29.45 9.71
N VAL K 566 64.49 -30.35 8.81
CA VAL K 566 65.32 -31.44 8.30
C VAL K 566 65.25 -31.48 6.77
N PHE K 567 66.42 -31.68 6.13
CA PHE K 567 66.52 -32.03 4.73
C PHE K 567 66.89 -33.51 4.60
N ILE K 568 66.23 -34.24 3.69
CA ILE K 568 66.57 -35.63 3.40
C ILE K 568 67.25 -35.73 2.03
N SER K 569 68.48 -36.27 2.05
CA SER K 569 69.26 -36.64 0.88
C SER K 569 69.22 -38.16 0.69
N TYR K 570 68.98 -38.58 -0.55
CA TYR K 570 68.86 -39.99 -0.90
C TYR K 570 69.29 -40.19 -2.36
N ARG K 571 69.85 -41.37 -2.67
CA ARG K 571 70.13 -41.74 -4.05
C ARG K 571 68.82 -42.04 -4.77
N ARG K 572 68.59 -41.43 -5.95
CA ARG K 572 67.30 -41.46 -6.67
C ARG K 572 66.84 -42.87 -7.03
N SER K 573 67.79 -43.78 -7.31
CA SER K 573 67.54 -45.13 -7.79
C SER K 573 66.99 -46.07 -6.70
N THR K 574 67.69 -46.12 -5.55
CA THR K 574 67.49 -47.16 -4.53
C THR K 574 67.04 -46.62 -3.16
N GLY K 575 67.16 -45.30 -2.92
CA GLY K 575 66.94 -44.73 -1.60
C GLY K 575 65.52 -44.23 -1.33
N ASN K 576 64.66 -44.15 -2.36
CA ASN K 576 63.39 -43.45 -2.32
C ASN K 576 62.43 -43.99 -1.25
N GLN K 577 62.36 -45.32 -1.07
CA GLN K 577 61.44 -45.93 -0.10
C GLN K 577 61.83 -45.54 1.33
N LEU K 578 63.08 -45.85 1.73
CA LEU K 578 63.55 -45.56 3.08
C LEU K 578 63.52 -44.05 3.37
N ALA K 579 63.86 -43.23 2.36
CA ALA K 579 63.75 -41.78 2.45
C ALA K 579 62.31 -41.34 2.74
N SER K 580 61.33 -41.86 1.98
CA SER K 580 59.91 -41.57 2.16
C SER K 580 59.42 -41.97 3.56
N LEU K 581 59.86 -43.16 4.01
CA LEU K 581 59.49 -43.72 5.28
C LEU K 581 59.97 -42.81 6.43
N ILE K 582 61.25 -42.44 6.40
CA ILE K 582 61.87 -41.54 7.37
C ILE K 582 61.18 -40.17 7.33
N LYS K 583 60.90 -39.67 6.12
CA LYS K 583 60.18 -38.41 5.90
C LYS K 583 58.82 -38.43 6.62
N VAL K 584 58.03 -39.49 6.42
CA VAL K 584 56.72 -39.65 7.04
C VAL K 584 56.87 -39.76 8.56
N LEU K 585 57.75 -40.65 9.05
CA LEU K 585 57.89 -40.92 10.48
C LEU K 585 58.34 -39.67 11.27
N LEU K 586 59.15 -38.80 10.64
CA LEU K 586 59.54 -37.51 11.20
C LEU K 586 58.43 -36.47 11.09
N GLN K 587 57.71 -36.44 9.96
CA GLN K 587 56.58 -35.55 9.74
C GLN K 587 55.47 -35.79 10.78
N LEU K 588 55.21 -37.07 11.09
CA LEU K 588 54.27 -37.48 12.12
C LEU K 588 54.74 -37.05 13.52
N ARG K 589 56.06 -37.02 13.75
CA ARG K 589 56.68 -36.48 14.96
C ARG K 589 56.71 -34.95 15.00
N GLY K 590 56.16 -34.29 13.96
CA GLY K 590 55.95 -32.85 13.97
C GLY K 590 57.14 -32.04 13.42
N TYR K 591 58.20 -32.73 12.97
CA TYR K 591 59.29 -32.04 12.27
C TYR K 591 58.83 -31.60 10.88
N ARG K 592 59.24 -30.39 10.46
CA ARG K 592 59.03 -29.96 9.08
C ARG K 592 60.18 -30.51 8.24
N VAL K 593 59.85 -31.41 7.29
CA VAL K 593 60.86 -32.17 6.58
C VAL K 593 60.78 -31.90 5.08
N PHE K 594 61.95 -31.67 4.47
CA PHE K 594 62.09 -31.48 3.03
C PHE K 594 62.66 -32.73 2.37
N ILE K 595 62.00 -33.18 1.29
CA ILE K 595 62.53 -34.15 0.35
C ILE K 595 62.25 -33.65 -1.07
N ASP K 596 63.22 -33.80 -1.99
CA ASP K 596 63.28 -32.99 -3.19
C ASP K 596 62.29 -33.39 -4.28
N VAL K 597 61.63 -34.55 -4.15
CA VAL K 597 60.69 -35.09 -5.15
C VAL K 597 61.28 -35.04 -6.57
N ASP K 598 62.58 -35.40 -6.65
CA ASP K 598 63.41 -35.23 -7.83
C ASP K 598 63.27 -36.40 -8.82
N LYS K 599 62.79 -37.56 -8.34
CA LYS K 599 62.66 -38.75 -9.17
C LYS K 599 61.45 -38.65 -10.10
N LEU K 600 61.71 -38.02 -11.27
CA LEU K 600 60.80 -37.88 -12.41
C LEU K 600 61.63 -37.59 -13.66
N TYR K 601 60.99 -37.64 -14.85
CA TYR K 601 61.61 -37.50 -16.16
C TYR K 601 62.49 -36.24 -16.29
N ALA K 602 62.03 -35.11 -15.70
CA ALA K 602 62.71 -33.82 -15.78
C ALA K 602 63.78 -33.63 -14.69
N GLY K 603 64.13 -34.70 -13.96
CA GLY K 603 65.02 -34.63 -12.80
C GLY K 603 66.52 -34.54 -13.12
N LYS K 604 66.90 -33.53 -13.93
CA LYS K 604 68.26 -33.33 -14.40
C LYS K 604 69.07 -32.46 -13.43
N PHE K 605 68.51 -31.30 -13.05
CA PHE K 605 69.21 -30.23 -12.36
C PHE K 605 68.23 -29.35 -11.56
N ASP K 606 68.61 -29.00 -10.32
CA ASP K 606 68.03 -27.86 -9.61
C ASP K 606 68.92 -27.41 -8.45
N SER K 607 69.74 -26.36 -8.69
CA SER K 607 70.60 -25.77 -7.67
C SER K 607 69.86 -25.34 -6.40
N SER K 608 68.56 -25.01 -6.50
CA SER K 608 67.80 -24.52 -5.36
C SER K 608 67.74 -25.53 -4.21
N LEU K 609 67.85 -26.83 -4.51
CA LEU K 609 67.88 -27.85 -3.47
C LEU K 609 69.04 -27.62 -2.48
N LEU K 610 70.18 -27.09 -2.98
CA LEU K 610 71.31 -26.73 -2.14
C LEU K 610 70.96 -25.59 -1.19
N LYS K 611 70.11 -24.65 -1.65
CA LYS K 611 69.55 -23.60 -0.81
C LYS K 611 68.56 -24.17 0.22
N ASN K 612 67.79 -25.21 -0.13
CA ASN K 612 66.97 -25.95 0.83
C ASN K 612 67.82 -26.61 1.93
N ILE K 613 68.99 -27.17 1.59
CA ILE K 613 69.96 -27.67 2.57
C ILE K 613 70.40 -26.53 3.50
N GLN K 614 70.73 -25.37 2.92
CA GLN K 614 71.16 -24.19 3.67
C GLN K 614 70.05 -23.69 4.61
N ALA K 615 68.78 -23.84 4.22
CA ALA K 615 67.60 -23.45 5.01
C ALA K 615 67.32 -24.41 6.18
N ALA K 616 67.66 -25.71 6.02
CA ALA K 616 67.43 -26.73 7.04
C ALA K 616 68.39 -26.59 8.24
N LYS K 617 67.98 -27.14 9.39
CA LYS K 617 68.85 -27.26 10.57
C LYS K 617 69.67 -28.55 10.52
N HIS K 618 69.03 -29.64 10.08
CA HIS K 618 69.58 -30.99 10.08
C HIS K 618 69.56 -31.58 8.67
N PHE K 619 70.55 -32.43 8.38
CA PHE K 619 70.67 -33.08 7.09
C PHE K 619 70.75 -34.60 7.29
N ILE K 620 69.81 -35.33 6.70
CA ILE K 620 69.79 -36.79 6.76
C ILE K 620 70.32 -37.34 5.44
N LEU K 621 71.22 -38.33 5.52
CA LEU K 621 71.68 -39.04 4.33
C LEU K 621 71.23 -40.50 4.40
N VAL K 622 70.44 -40.91 3.40
CA VAL K 622 69.81 -42.23 3.34
C VAL K 622 70.74 -43.21 2.62
N LEU K 623 71.75 -43.69 3.37
CA LEU K 623 72.77 -44.59 2.87
C LEU K 623 72.18 -45.98 2.62
N THR K 624 72.23 -46.41 1.36
CA THR K 624 71.43 -47.51 0.84
C THR K 624 72.25 -48.34 -0.15
N PRO K 625 71.86 -49.61 -0.47
CA PRO K 625 72.59 -50.41 -1.45
C PRO K 625 72.82 -49.68 -2.78
N ASN K 626 74.07 -49.78 -3.26
CA ASN K 626 74.57 -49.16 -4.50
C ASN K 626 74.49 -47.63 -4.49
N SER K 627 74.16 -47.00 -3.34
CA SER K 627 73.88 -45.56 -3.30
C SER K 627 75.09 -44.70 -3.68
N LEU K 628 76.26 -44.98 -3.07
CA LEU K 628 77.43 -44.10 -3.13
C LEU K 628 78.29 -44.29 -4.38
N ASP K 629 77.88 -45.16 -5.32
CA ASP K 629 78.65 -45.48 -6.51
C ASP K 629 79.02 -44.23 -7.32
N ARG K 630 78.10 -43.25 -7.38
CA ARG K 630 78.29 -42.00 -8.11
C ARG K 630 79.35 -41.09 -7.48
N LEU K 631 79.66 -41.26 -6.18
CA LEU K 631 80.72 -40.53 -5.52
C LEU K 631 82.10 -40.92 -6.07
N LEU K 632 82.27 -42.21 -6.41
CA LEU K 632 83.59 -42.77 -6.63
C LEU K 632 84.29 -42.14 -7.83
N ASN K 633 85.43 -41.49 -7.56
CA ASN K 633 86.23 -40.73 -8.52
C ASN K 633 85.53 -39.47 -9.05
N ASP K 634 84.48 -38.98 -8.36
CA ASP K 634 83.75 -37.77 -8.75
C ASP K 634 84.49 -36.50 -8.28
N ASP K 635 85.74 -36.34 -8.71
CA ASP K 635 86.57 -35.18 -8.41
C ASP K 635 85.96 -33.88 -8.96
N ASN K 636 85.17 -34.03 -10.04
CA ASN K 636 84.45 -32.97 -10.73
C ASN K 636 83.23 -32.47 -9.95
N CYS K 637 82.77 -33.25 -8.95
CA CYS K 637 81.54 -33.00 -8.19
C CYS K 637 80.30 -32.87 -9.10
N GLU K 638 80.13 -33.85 -10.02
CA GLU K 638 79.01 -33.93 -10.95
C GLU K 638 77.73 -34.44 -10.27
N ASP K 639 77.89 -35.34 -9.28
CA ASP K 639 76.78 -36.08 -8.68
C ASP K 639 75.97 -35.22 -7.71
N TRP K 640 74.62 -35.30 -7.80
CA TRP K 640 73.73 -34.65 -6.85
C TRP K 640 73.90 -35.12 -5.40
N VAL K 641 74.12 -36.43 -5.16
CA VAL K 641 74.33 -36.89 -3.79
C VAL K 641 75.61 -36.28 -3.22
N HIS K 642 76.70 -36.25 -4.03
CA HIS K 642 77.93 -35.53 -3.73
C HIS K 642 77.67 -34.06 -3.41
N LYS K 643 76.98 -33.32 -4.31
CA LYS K 643 76.67 -31.91 -4.16
C LYS K 643 75.88 -31.63 -2.88
N GLU K 644 74.86 -32.45 -2.61
CA GLU K 644 74.02 -32.36 -1.42
C GLU K 644 74.86 -32.47 -0.15
N LEU K 645 75.61 -33.57 -0.02
CA LEU K 645 76.45 -33.84 1.15
C LEU K 645 77.55 -32.79 1.32
N LYS K 646 78.16 -32.35 0.19
CA LYS K 646 79.15 -31.30 0.16
C LYS K 646 78.59 -29.99 0.73
N CYS K 647 77.41 -29.59 0.25
CA CYS K 647 76.73 -28.40 0.74
C CYS K 647 76.49 -28.48 2.27
N ALA K 648 76.05 -29.65 2.75
CA ALA K 648 75.83 -29.87 4.17
C ALA K 648 77.10 -29.68 5.01
N PHE K 649 78.24 -30.24 4.56
CA PHE K 649 79.54 -30.06 5.22
C PHE K 649 80.03 -28.61 5.14
N GLU K 650 79.89 -27.97 3.97
CA GLU K 650 80.31 -26.59 3.74
C GLU K 650 79.62 -25.60 4.68
N HIS K 651 78.34 -25.87 5.02
CA HIS K 651 77.56 -25.08 5.96
C HIS K 651 77.54 -25.66 7.38
N GLN K 652 78.30 -26.74 7.61
CA GLN K 652 78.49 -27.41 8.89
C GLN K 652 77.15 -27.77 9.57
N LYS K 653 76.20 -28.30 8.78
CA LYS K 653 74.91 -28.75 9.28
C LYS K 653 75.07 -29.99 10.16
N ASN K 654 74.05 -30.24 11.00
CA ASN K 654 73.95 -31.48 11.75
C ASN K 654 73.69 -32.64 10.78
N ILE K 655 74.73 -33.43 10.47
CA ILE K 655 74.64 -34.48 9.45
C ILE K 655 74.41 -35.83 10.12
N ILE K 656 73.38 -36.54 9.62
CA ILE K 656 72.89 -37.79 10.18
C ILE K 656 72.87 -38.85 9.08
N PRO K 657 73.97 -39.63 8.91
CA PRO K 657 73.91 -40.82 8.05
C PRO K 657 73.01 -41.87 8.69
N ILE K 658 72.01 -42.31 7.91
CA ILE K 658 71.16 -43.43 8.27
C ILE K 658 71.44 -44.56 7.29
N PHE K 659 71.83 -45.71 7.83
CA PHE K 659 72.27 -46.86 7.06
C PHE K 659 71.11 -47.85 6.92
N ASP K 660 70.77 -48.22 5.69
CA ASP K 660 69.94 -49.38 5.43
C ASP K 660 70.60 -50.64 6.00
N THR K 661 69.81 -51.67 6.34
CA THR K 661 70.28 -52.85 7.05
C THR K 661 71.42 -53.56 6.29
N ALA K 662 71.43 -53.42 4.95
CA ALA K 662 72.41 -54.04 4.06
C ALA K 662 73.58 -53.12 3.68
N PHE K 663 73.57 -51.84 4.09
CA PHE K 663 74.54 -50.84 3.65
C PHE K 663 75.90 -50.99 4.34
N GLU K 664 76.98 -50.76 3.55
CA GLU K 664 78.34 -50.53 4.01
C GLU K 664 79.02 -49.48 3.14
N PHE K 665 79.89 -48.64 3.75
CA PHE K 665 80.71 -47.70 3.00
C PHE K 665 81.72 -48.42 2.09
N PRO K 666 82.02 -47.89 0.87
CA PRO K 666 83.03 -48.47 -0.01
C PRO K 666 84.45 -48.57 0.60
N THR K 667 85.11 -49.70 0.33
CA THR K 667 86.51 -49.96 0.70
C THR K 667 87.47 -48.98 -0.01
N LYS K 668 87.04 -48.47 -1.17
CA LYS K 668 87.78 -47.53 -2.02
C LYS K 668 87.68 -46.11 -1.47
N GLU K 669 88.14 -45.93 -0.21
CA GLU K 669 87.97 -44.70 0.55
C GLU K 669 88.61 -43.49 -0.14
N ASP K 670 89.78 -43.69 -0.78
CA ASP K 670 90.47 -42.66 -1.54
C ASP K 670 89.66 -42.19 -2.75
N GLN K 671 88.87 -43.10 -3.35
CA GLN K 671 87.97 -42.78 -4.47
C GLN K 671 86.73 -42.02 -4.00
N ILE K 672 86.36 -42.12 -2.71
CA ILE K 672 85.39 -41.18 -2.13
C ILE K 672 86.03 -39.80 -2.08
N PRO K 673 85.44 -38.74 -2.70
CA PRO K 673 86.09 -37.43 -2.79
C PRO K 673 86.46 -36.77 -1.46
N ASN K 674 87.58 -36.06 -1.48
CA ASN K 674 88.26 -35.47 -0.32
C ASN K 674 87.36 -34.52 0.48
N ASP K 675 86.45 -33.83 -0.22
CA ASP K 675 85.57 -32.81 0.33
C ASP K 675 84.41 -33.40 1.16
N ILE K 676 84.17 -34.72 1.07
CA ILE K 676 83.05 -35.39 1.74
C ILE K 676 83.42 -36.67 2.49
N ARG K 677 84.64 -37.22 2.27
CA ARG K 677 85.11 -38.51 2.76
C ARG K 677 84.82 -38.73 4.26
N MET K 678 84.85 -37.66 5.06
CA MET K 678 84.64 -37.70 6.51
C MET K 678 83.29 -38.31 6.91
N ILE K 679 82.31 -38.40 5.98
CA ILE K 679 81.04 -39.10 6.20
C ILE K 679 81.26 -40.54 6.69
N THR K 680 82.32 -41.19 6.20
CA THR K 680 82.70 -42.55 6.59
C THR K 680 83.08 -42.67 8.07
N LYS K 681 83.39 -41.52 8.71
CA LYS K 681 83.85 -41.42 10.10
C LYS K 681 82.77 -40.84 11.03
N TYR K 682 81.69 -40.28 10.45
CA TYR K 682 80.52 -39.81 11.20
C TYR K 682 79.78 -40.97 11.87
N ASN K 683 79.24 -40.72 13.07
CA ASN K 683 78.29 -41.60 13.72
C ASN K 683 76.94 -41.53 13.00
N GLY K 684 76.18 -42.64 13.03
CA GLY K 684 74.88 -42.76 12.36
C GLY K 684 73.98 -43.84 12.95
N VAL K 685 72.81 -44.03 12.32
CA VAL K 685 71.81 -45.00 12.77
C VAL K 685 71.72 -46.17 11.79
N LYS K 686 71.89 -47.40 12.28
CA LYS K 686 71.60 -48.60 11.51
C LYS K 686 70.10 -48.90 11.56
N TRP K 687 69.41 -48.64 10.44
CA TRP K 687 67.98 -48.88 10.30
C TRP K 687 67.69 -50.38 10.20
N VAL K 688 66.66 -50.84 10.94
CA VAL K 688 66.20 -52.23 10.91
C VAL K 688 64.71 -52.24 10.57
N HIS K 689 64.35 -53.00 9.53
CA HIS K 689 63.00 -52.99 8.95
C HIS K 689 61.91 -53.38 9.95
N ASP K 690 62.25 -54.21 10.94
CA ASP K 690 61.34 -54.71 11.96
C ASP K 690 61.15 -53.75 13.14
N TYR K 691 62.07 -52.80 13.35
CA TYR K 691 62.14 -52.00 14.57
C TYR K 691 62.07 -50.49 14.27
N GLN K 692 61.16 -50.10 13.37
CA GLN K 692 61.19 -48.79 12.71
C GLN K 692 61.07 -47.64 13.70
N ASP K 693 60.17 -47.74 14.68
CA ASP K 693 59.98 -46.68 15.68
C ASP K 693 61.17 -46.55 16.63
N ALA K 694 61.82 -47.68 16.97
CA ALA K 694 63.04 -47.66 17.78
C ALA K 694 64.20 -47.00 17.02
N CYS K 695 64.34 -47.34 15.74
CA CYS K 695 65.30 -46.71 14.84
C CYS K 695 65.04 -45.20 14.74
N MET K 696 63.78 -44.83 14.54
CA MET K 696 63.35 -43.43 14.44
C MET K 696 63.63 -42.66 15.73
N ALA K 697 63.41 -43.27 16.91
CA ALA K 697 63.77 -42.69 18.19
C ALA K 697 65.28 -42.41 18.30
N LYS K 698 66.11 -43.32 17.78
CA LYS K 698 67.55 -43.13 17.72
C LYS K 698 67.92 -41.97 16.80
N VAL K 699 67.24 -41.84 15.64
CA VAL K 699 67.39 -40.69 14.76
C VAL K 699 67.01 -39.38 15.48
N VAL K 700 65.93 -39.40 16.26
CA VAL K 700 65.51 -38.24 17.06
C VAL K 700 66.60 -37.83 18.05
N ARG K 701 67.33 -38.79 18.65
CA ARG K 701 68.51 -38.49 19.45
C ARG K 701 69.56 -37.73 18.64
N PHE K 702 69.88 -38.18 17.42
CA PHE K 702 70.78 -37.43 16.53
C PHE K 702 70.25 -36.03 16.17
N ILE K 703 68.93 -35.87 16.05
CA ILE K 703 68.28 -34.59 15.79
C ILE K 703 68.47 -33.59 16.94
N THR K 704 68.85 -34.05 18.14
CA THR K 704 69.25 -33.15 19.22
C THR K 704 70.55 -32.38 18.91
N GLY K 705 71.31 -32.85 17.92
CA GLY K 705 72.52 -32.19 17.42
C GLY K 705 73.81 -32.91 17.81
N GLU K 706 74.63 -33.24 16.80
CA GLU K 706 75.95 -33.85 16.97
C GLU K 706 76.89 -33.42 15.84
N LEU K 707 77.48 -32.23 16.00
CA LEU K 707 78.32 -31.58 14.99
C LEU K 707 79.75 -32.14 15.00
N ASN K 708 79.87 -33.42 14.63
CA ASN K 708 81.11 -34.20 14.66
C ASN K 708 82.23 -33.52 13.86
N GLY L 561 28.19 -40.47 35.76
CA GLY L 561 29.32 -41.44 35.77
C GLY L 561 29.04 -42.64 34.89
N ASP L 562 29.99 -42.96 34.00
CA ASP L 562 29.80 -43.95 32.95
C ASP L 562 30.12 -45.37 33.43
N THR L 563 30.98 -45.49 34.45
CA THR L 563 31.52 -46.77 34.91
C THR L 563 30.44 -47.61 35.60
N PRO L 564 30.44 -48.97 35.42
CA PRO L 564 29.57 -49.83 36.22
C PRO L 564 30.05 -49.92 37.67
N ASP L 565 29.07 -50.04 38.58
CA ASP L 565 29.32 -50.46 39.95
C ASP L 565 29.69 -51.95 39.98
N VAL L 566 28.95 -52.77 39.21
CA VAL L 566 29.00 -54.22 39.31
C VAL L 566 29.18 -54.84 37.92
N PHE L 567 30.06 -55.85 37.83
CA PHE L 567 30.17 -56.74 36.69
C PHE L 567 29.54 -58.10 37.03
N ILE L 568 28.74 -58.67 36.13
CA ILE L 568 28.19 -60.02 36.30
C ILE L 568 28.87 -61.00 35.35
N SER L 569 29.48 -62.04 35.95
CA SER L 569 30.04 -63.19 35.29
C SER L 569 29.10 -64.38 35.44
N TYR L 570 28.86 -65.09 34.32
CA TYR L 570 27.95 -66.22 34.27
C TYR L 570 28.41 -67.20 33.17
N ARG L 571 28.17 -68.50 33.36
CA ARG L 571 28.38 -69.48 32.30
C ARG L 571 27.31 -69.31 31.22
N ARG L 572 27.72 -69.19 29.95
CA ARG L 572 26.85 -68.85 28.82
C ARG L 572 25.68 -69.82 28.62
N SER L 573 25.88 -71.11 28.93
CA SER L 573 24.93 -72.18 28.70
C SER L 573 23.75 -72.16 29.69
N THR L 574 24.05 -72.09 31.00
CA THR L 574 23.08 -72.36 32.06
C THR L 574 22.82 -71.17 33.00
N GLY L 575 23.70 -70.15 32.97
CA GLY L 575 23.66 -69.06 33.95
C GLY L 575 22.84 -67.83 33.54
N ASN L 576 22.41 -67.75 32.27
CA ASN L 576 21.87 -66.54 31.67
C ASN L 576 20.61 -66.01 32.38
N GLN L 577 19.70 -66.90 32.80
CA GLN L 577 18.46 -66.49 33.47
C GLN L 577 18.75 -65.82 34.81
N LEU L 578 19.44 -66.54 35.70
CA LEU L 578 19.75 -66.03 37.04
C LEU L 578 20.62 -64.77 36.95
N ALA L 579 21.56 -64.73 36.01
CA ALA L 579 22.37 -63.55 35.72
C ALA L 579 21.49 -62.35 35.35
N SER L 580 20.55 -62.52 34.40
CA SER L 580 19.61 -61.50 33.96
C SER L 580 18.76 -60.99 35.11
N LEU L 581 18.27 -61.93 35.93
CA LEU L 581 17.42 -61.62 37.07
C LEU L 581 18.16 -60.74 38.07
N ILE L 582 19.38 -61.14 38.45
CA ILE L 582 20.24 -60.39 39.37
C ILE L 582 20.57 -59.02 38.77
N LYS L 583 20.87 -58.98 37.47
CA LYS L 583 21.14 -57.75 36.73
C LYS L 583 19.98 -56.77 36.86
N VAL L 584 18.74 -57.24 36.60
CA VAL L 584 17.54 -56.43 36.71
C VAL L 584 17.32 -55.97 38.15
N LEU L 585 17.36 -56.90 39.12
CA LEU L 585 17.06 -56.59 40.51
C LEU L 585 18.04 -55.58 41.12
N LEU L 586 19.31 -55.60 40.68
CA LEU L 586 20.31 -54.61 41.04
C LEU L 586 20.13 -53.28 40.29
N GLN L 587 19.79 -53.35 38.99
CA GLN L 587 19.52 -52.17 38.17
C GLN L 587 18.34 -51.36 38.73
N LEU L 588 17.30 -52.06 39.19
CA LEU L 588 16.15 -51.46 39.85
C LEU L 588 16.52 -50.81 41.19
N ARG L 589 17.52 -51.38 41.90
CA ARG L 589 18.12 -50.82 43.11
C ARG L 589 19.08 -49.66 42.81
N GLY L 590 19.25 -49.29 41.53
CA GLY L 590 19.99 -48.11 41.13
C GLY L 590 21.49 -48.34 40.91
N TYR L 591 21.97 -49.59 41.07
CA TYR L 591 23.34 -49.93 40.71
C TYR L 591 23.50 -49.92 39.19
N ARG L 592 24.63 -49.39 38.70
CA ARG L 592 24.98 -49.52 37.29
C ARG L 592 25.65 -50.87 37.10
N VAL L 593 25.01 -51.75 36.31
CA VAL L 593 25.43 -53.16 36.23
C VAL L 593 25.80 -53.51 34.78
N PHE L 594 26.94 -54.19 34.63
CA PHE L 594 27.41 -54.70 33.35
C PHE L 594 27.19 -56.21 33.25
N ILE L 595 26.59 -56.64 32.12
CA ILE L 595 26.56 -58.04 31.70
C ILE L 595 26.88 -58.08 30.20
N ASP L 596 27.69 -59.07 29.78
CA ASP L 596 28.46 -58.97 28.55
C ASP L 596 27.63 -59.21 27.28
N VAL L 597 26.37 -59.66 27.40
CA VAL L 597 25.50 -59.99 26.26
C VAL L 597 26.22 -60.84 25.20
N ASP L 598 26.99 -61.81 25.71
CA ASP L 598 27.94 -62.61 24.94
C ASP L 598 27.29 -63.81 24.26
N LYS L 599 26.11 -64.24 24.75
CA LYS L 599 25.41 -65.41 24.23
C LYS L 599 24.71 -65.07 22.91
N LEU L 600 25.48 -65.20 21.82
CA LEU L 600 25.07 -65.06 20.42
C LEU L 600 26.10 -65.79 19.53
N TYR L 601 25.78 -65.97 18.24
CA TYR L 601 26.57 -66.70 17.26
C TYR L 601 28.04 -66.26 17.21
N ALA L 602 28.29 -64.94 17.31
CA ALA L 602 29.63 -64.36 17.22
C ALA L 602 30.38 -64.34 18.56
N GLY L 603 29.86 -65.04 19.59
CA GLY L 603 30.39 -64.99 20.95
C GLY L 603 31.64 -65.83 21.20
N LYS L 604 32.70 -65.60 20.41
CA LYS L 604 33.95 -66.35 20.45
C LYS L 604 34.94 -65.74 21.44
N PHE L 605 35.16 -64.42 21.31
CA PHE L 605 36.25 -63.70 21.98
C PHE L 605 35.92 -62.22 22.11
N ASP L 606 36.22 -61.65 23.29
CA ASP L 606 36.36 -60.20 23.47
C ASP L 606 37.13 -59.85 24.75
N SER L 607 38.44 -59.59 24.62
CA SER L 607 39.30 -59.19 25.73
C SER L 607 38.78 -57.96 26.49
N SER L 608 38.02 -57.08 25.84
CA SER L 608 37.54 -55.84 26.46
C SER L 608 36.67 -56.11 27.70
N LEU L 609 36.00 -57.27 27.75
CA LEU L 609 35.21 -57.63 28.93
C LEU L 609 36.06 -57.67 30.20
N LEU L 610 37.34 -58.05 30.07
CA LEU L 610 38.29 -58.05 31.18
C LEU L 610 38.56 -56.61 31.65
N LYS L 611 38.58 -55.65 30.71
CA LYS L 611 38.67 -54.23 31.02
C LYS L 611 37.39 -53.72 31.70
N ASN L 612 36.21 -54.26 31.32
CA ASN L 612 34.96 -53.99 32.03
C ASN L 612 35.01 -54.48 33.49
N ILE L 613 35.61 -55.65 33.74
CA ILE L 613 35.87 -56.13 35.11
C ILE L 613 36.75 -55.13 35.86
N GLN L 614 37.84 -54.67 35.20
CA GLN L 614 38.76 -53.71 35.79
C GLN L 614 38.07 -52.37 36.10
N ALA L 615 37.07 -51.97 35.30
CA ALA L 615 36.28 -50.76 35.47
C ALA L 615 35.27 -50.85 36.62
N ALA L 616 34.75 -52.07 36.90
CA ALA L 616 33.75 -52.31 37.95
C ALA L 616 34.36 -52.21 39.36
N LYS L 617 33.51 -51.95 40.36
CA LYS L 617 33.90 -52.01 41.78
C LYS L 617 33.74 -53.42 42.33
N HIS L 618 32.64 -54.08 41.93
CA HIS L 618 32.23 -55.39 42.44
C HIS L 618 32.09 -56.39 41.29
N PHE L 619 32.37 -57.67 41.58
CA PHE L 619 32.28 -58.75 40.60
C PHE L 619 31.36 -59.84 41.17
N ILE L 620 30.28 -60.14 40.44
CA ILE L 620 29.35 -61.20 40.80
C ILE L 620 29.64 -62.42 39.93
N LEU L 621 29.70 -63.61 40.57
CA LEU L 621 29.81 -64.86 39.84
C LEU L 621 28.55 -65.70 40.04
N VAL L 622 27.85 -66.00 38.93
CA VAL L 622 26.56 -66.68 38.94
C VAL L 622 26.78 -68.19 38.85
N LEU L 623 27.14 -68.77 40.01
CA LEU L 623 27.43 -70.19 40.15
C LEU L 623 26.16 -71.02 40.02
N THR L 624 26.15 -71.88 38.99
CA THR L 624 24.94 -72.50 38.46
C THR L 624 25.22 -73.95 38.07
N PRO L 625 24.18 -74.83 37.91
CA PRO L 625 24.41 -76.22 37.48
C PRO L 625 25.27 -76.33 36.22
N ASN L 626 26.25 -77.25 36.28
CA ASN L 626 27.22 -77.54 35.23
C ASN L 626 28.12 -76.35 34.87
N SER L 627 28.07 -75.24 35.64
CA SER L 627 28.74 -73.99 35.26
C SER L 627 30.26 -74.13 35.17
N LEU L 628 30.87 -74.70 36.23
CA LEU L 628 32.33 -74.67 36.43
C LEU L 628 33.08 -75.78 35.68
N ASP L 629 32.38 -76.61 34.88
CA ASP L 629 32.99 -77.73 34.16
C ASP L 629 34.18 -77.31 33.30
N ARG L 630 34.09 -76.11 32.70
CA ARG L 630 35.15 -75.57 31.83
C ARG L 630 36.41 -75.17 32.61
N LEU L 631 36.31 -74.95 33.93
CA LEU L 631 37.48 -74.68 34.76
C LEU L 631 38.37 -75.92 34.88
N LEU L 632 37.77 -77.11 34.92
CA LEU L 632 38.47 -78.31 35.35
C LEU L 632 39.59 -78.68 34.39
N ASN L 633 40.83 -78.68 34.93
CA ASN L 633 42.08 -78.92 34.21
C ASN L 633 42.42 -77.82 33.19
N ASP L 634 41.80 -76.63 33.30
CA ASP L 634 42.06 -75.50 32.41
C ASP L 634 43.33 -74.74 32.82
N ASP L 635 44.46 -75.45 32.87
CA ASP L 635 45.76 -74.86 33.22
C ASP L 635 46.19 -73.80 32.20
N ASN L 636 45.70 -73.94 30.97
CA ASN L 636 45.92 -73.05 29.83
C ASN L 636 45.16 -71.73 29.96
N CYS L 637 44.15 -71.66 30.85
CA CYS L 637 43.24 -70.53 31.01
C CYS L 637 42.53 -70.16 29.70
N GLU L 638 41.95 -71.17 29.03
CA GLU L 638 41.20 -71.02 27.79
C GLU L 638 39.79 -70.47 28.02
N ASP L 639 39.18 -70.82 29.16
CA ASP L 639 37.77 -70.57 29.44
C ASP L 639 37.51 -69.10 29.81
N TRP L 640 36.45 -68.50 29.25
CA TRP L 640 36.02 -67.16 29.61
C TRP L 640 35.60 -67.02 31.07
N VAL L 641 34.92 -68.03 31.67
CA VAL L 641 34.55 -67.92 33.09
C VAL L 641 35.82 -67.90 33.95
N HIS L 642 36.80 -68.77 33.63
CA HIS L 642 38.14 -68.75 34.20
C HIS L 642 38.81 -67.38 34.07
N LYS L 643 38.89 -66.83 32.84
CA LYS L 643 39.51 -65.54 32.55
C LYS L 643 38.86 -64.40 33.33
N GLU L 644 37.51 -64.38 33.37
CA GLU L 644 36.73 -63.39 34.10
C GLU L 644 37.08 -63.40 35.58
N LEU L 645 36.95 -64.57 36.23
CA LEU L 645 37.22 -64.73 37.65
C LEU L 645 38.70 -64.45 37.99
N LYS L 646 39.61 -64.89 37.11
CA LYS L 646 41.04 -64.63 37.24
C LYS L 646 41.33 -63.13 37.24
N CYS L 647 40.75 -62.40 36.27
CA CYS L 647 40.89 -60.95 36.20
C CYS L 647 40.40 -60.28 37.49
N ALA L 648 39.26 -60.72 38.02
CA ALA L 648 38.70 -60.20 39.26
C ALA L 648 39.65 -60.39 40.46
N PHE L 649 40.25 -61.58 40.61
CA PHE L 649 41.24 -61.85 41.66
C PHE L 649 42.54 -61.05 41.45
N GLU L 650 43.03 -60.98 40.20
CA GLU L 650 44.25 -60.26 39.85
C GLU L 650 44.17 -58.77 40.21
N HIS L 651 42.97 -58.17 40.09
CA HIS L 651 42.71 -56.79 40.47
C HIS L 651 42.09 -56.64 41.86
N GLN L 652 41.96 -57.76 42.60
CA GLN L 652 41.46 -57.83 43.98
C GLN L 652 40.10 -57.13 44.15
N LYS L 653 39.18 -57.35 43.20
CA LYS L 653 37.83 -56.82 43.25
C LYS L 653 37.03 -57.47 44.38
N ASN L 654 35.95 -56.79 44.80
CA ASN L 654 34.97 -57.37 45.71
C ASN L 654 34.23 -58.49 44.98
N ILE L 655 34.57 -59.76 45.28
CA ILE L 655 34.03 -60.91 44.57
C ILE L 655 32.89 -61.53 45.37
N ILE L 656 31.75 -61.73 44.68
CA ILE L 656 30.50 -62.19 45.28
C ILE L 656 30.02 -63.42 44.50
N PRO L 657 30.39 -64.64 44.95
CA PRO L 657 29.77 -65.86 44.41
C PRO L 657 28.31 -65.92 44.87
N ILE L 658 27.41 -66.04 43.89
CA ILE L 658 26.00 -66.29 44.14
C ILE L 658 25.68 -67.69 43.61
N PHE L 659 25.17 -68.53 44.50
CA PHE L 659 24.92 -69.94 44.22
C PHE L 659 23.44 -70.13 43.89
N ASP L 660 23.16 -70.73 42.72
CA ASP L 660 21.85 -71.27 42.42
C ASP L 660 21.48 -72.34 43.47
N THR L 661 20.17 -72.55 43.70
CA THR L 661 19.67 -73.41 44.77
C THR L 661 20.22 -74.84 44.68
N ALA L 662 20.56 -75.28 43.45
CA ALA L 662 21.06 -76.62 43.15
C ALA L 662 22.61 -76.70 43.06
N PHE L 663 23.31 -75.56 43.14
CA PHE L 663 24.76 -75.49 42.89
C PHE L 663 25.58 -76.04 44.06
N GLU L 664 26.68 -76.75 43.71
CA GLU L 664 27.79 -77.10 44.60
C GLU L 664 29.12 -77.01 43.85
N PHE L 665 30.19 -76.59 44.55
CA PHE L 665 31.54 -76.62 43.98
C PHE L 665 32.02 -78.05 43.70
N PRO L 666 32.79 -78.30 42.61
CA PRO L 666 33.36 -79.62 42.32
C PRO L 666 34.26 -80.18 43.43
N THR L 667 34.12 -81.49 43.70
CA THR L 667 34.96 -82.26 44.61
C THR L 667 36.42 -82.31 44.13
N LYS L 668 36.61 -82.18 42.81
CA LYS L 668 37.90 -82.21 42.12
C LYS L 668 38.62 -80.86 42.27
N GLU L 669 38.87 -80.46 43.53
CA GLU L 669 39.38 -79.13 43.89
C GLU L 669 40.74 -78.84 43.25
N ASP L 670 41.61 -79.85 43.15
CA ASP L 670 42.92 -79.74 42.51
C ASP L 670 42.79 -79.47 41.01
N GLN L 671 41.72 -79.98 40.37
CA GLN L 671 41.44 -79.72 38.96
C GLN L 671 40.88 -78.31 38.74
N ILE L 672 40.32 -77.67 39.78
CA ILE L 672 40.04 -76.24 39.73
C ILE L 672 41.39 -75.51 39.71
N PRO L 673 41.71 -74.66 38.69
CA PRO L 673 43.04 -74.04 38.57
C PRO L 673 43.49 -73.21 39.76
N ASN L 674 44.81 -73.26 40.02
CA ASN L 674 45.49 -72.70 41.18
C ASN L 674 45.24 -71.20 41.36
N ASP L 675 45.11 -70.49 40.23
CA ASP L 675 44.97 -69.04 40.16
C ASP L 675 43.58 -68.54 40.60
N ILE L 676 42.59 -69.45 40.71
CA ILE L 676 41.21 -69.09 41.03
C ILE L 676 40.57 -69.96 42.13
N ARG L 677 41.20 -71.09 42.51
CA ARG L 677 40.65 -72.10 43.42
C ARG L 677 40.05 -71.52 44.71
N MET L 678 40.60 -70.40 45.21
CA MET L 678 40.16 -69.73 46.43
C MET L 678 38.68 -69.32 46.41
N ILE L 679 38.04 -69.26 45.23
CA ILE L 679 36.60 -69.03 45.10
C ILE L 679 35.79 -70.02 45.94
N THR L 680 36.27 -71.28 46.04
CA THR L 680 35.65 -72.34 46.82
C THR L 680 35.61 -72.02 48.32
N LYS L 681 36.45 -71.07 48.77
CA LYS L 681 36.62 -70.67 50.17
C LYS L 681 35.99 -69.30 50.47
N TYR L 682 35.63 -68.54 49.42
CA TYR L 682 34.90 -67.28 49.55
C TYR L 682 33.49 -67.49 50.11
N ASN L 683 33.04 -66.53 50.94
CA ASN L 683 31.64 -66.44 51.35
C ASN L 683 30.78 -65.97 50.17
N GLY L 684 29.50 -66.40 50.15
CA GLY L 684 28.56 -66.09 49.08
C GLY L 684 27.10 -66.19 49.50
N VAL L 685 26.19 -65.96 48.54
CA VAL L 685 24.74 -66.00 48.77
C VAL L 685 24.12 -67.22 48.10
N LYS L 686 23.40 -68.04 48.88
CA LYS L 686 22.56 -69.10 48.34
C LYS L 686 21.22 -68.52 47.88
N TRP L 687 21.04 -68.41 46.55
CA TRP L 687 19.83 -67.91 45.94
C TRP L 687 18.69 -68.93 46.08
N VAL L 688 17.49 -68.44 46.45
CA VAL L 688 16.28 -69.25 46.54
C VAL L 688 15.20 -68.61 45.67
N HIS L 689 14.62 -69.42 44.76
CA HIS L 689 13.71 -68.95 43.73
C HIS L 689 12.45 -68.26 44.30
N ASP L 690 12.02 -68.67 45.50
CA ASP L 690 10.84 -68.15 46.17
C ASP L 690 11.09 -66.85 46.94
N TYR L 691 12.36 -66.54 47.28
CA TYR L 691 12.70 -65.48 48.23
C TYR L 691 13.63 -64.43 47.61
N GLN L 692 13.33 -64.03 46.36
CA GLN L 692 14.28 -63.33 45.49
C GLN L 692 14.75 -62.00 46.09
N ASP L 693 13.82 -61.20 46.65
CA ASP L 693 14.16 -59.92 47.24
C ASP L 693 14.98 -60.05 48.51
N ALA L 694 14.72 -61.09 49.32
CA ALA L 694 15.52 -61.40 50.50
C ALA L 694 16.95 -61.79 50.12
N CYS L 695 17.07 -62.66 49.10
CA CYS L 695 18.36 -63.04 48.52
C CYS L 695 19.11 -61.81 48.00
N MET L 696 18.41 -60.96 47.26
CA MET L 696 18.98 -59.74 46.70
C MET L 696 19.45 -58.77 47.80
N ALA L 697 18.69 -58.64 48.90
CA ALA L 697 19.11 -57.87 50.07
C ALA L 697 20.41 -58.40 50.68
N LYS L 698 20.57 -59.74 50.72
CA LYS L 698 21.80 -60.36 51.18
C LYS L 698 22.97 -60.06 50.24
N VAL L 699 22.73 -60.07 48.91
CA VAL L 699 23.71 -59.64 47.93
C VAL L 699 24.11 -58.18 48.14
N VAL L 700 23.13 -57.30 48.44
CA VAL L 700 23.40 -55.90 48.74
C VAL L 700 24.34 -55.76 49.96
N ARG L 701 24.18 -56.62 50.97
CA ARG L 701 25.13 -56.69 52.09
C ARG L 701 26.54 -56.99 51.60
N PHE L 702 26.71 -57.99 50.71
CA PHE L 702 28.01 -58.25 50.09
C PHE L 702 28.55 -57.07 49.27
N ILE L 703 27.66 -56.30 48.61
CA ILE L 703 28.01 -55.11 47.84
C ILE L 703 28.58 -54.00 48.74
N THR L 704 28.37 -54.05 50.07
CA THR L 704 29.06 -53.15 50.99
C THR L 704 30.57 -53.38 51.04
N GLY L 705 31.04 -54.52 50.53
CA GLY L 705 32.47 -54.87 50.41
C GLY L 705 32.93 -55.93 51.41
N GLU L 706 33.52 -57.01 50.88
CA GLU L 706 34.11 -58.09 51.68
C GLU L 706 35.30 -58.71 50.91
N LEU L 707 36.47 -58.06 51.03
CA LEU L 707 37.68 -58.40 50.30
C LEU L 707 38.43 -59.56 50.98
N ASN L 708 37.79 -60.75 50.97
CA ASN L 708 38.24 -61.95 51.65
C ASN L 708 39.66 -62.35 51.21
N GLY M 561 -9.70 -30.58 51.77
CA GLY M 561 -9.44 -31.89 52.43
C GLY M 561 -10.26 -33.00 51.80
N ASP M 562 -9.58 -34.09 51.43
CA ASP M 562 -10.15 -35.18 50.64
C ASP M 562 -10.88 -36.22 51.51
N THR M 563 -10.46 -36.34 52.78
CA THR M 563 -10.93 -37.38 53.68
C THR M 563 -12.40 -37.18 54.08
N PRO M 564 -13.20 -38.27 54.22
CA PRO M 564 -14.55 -38.14 54.80
C PRO M 564 -14.49 -37.87 56.31
N ASP M 565 -15.45 -37.08 56.78
CA ASP M 565 -15.77 -36.96 58.20
C ASP M 565 -16.41 -38.26 58.70
N VAL M 566 -17.36 -38.80 57.90
CA VAL M 566 -18.24 -39.88 58.33
C VAL M 566 -18.24 -41.01 57.29
N PHE M 567 -18.20 -42.26 57.77
CA PHE M 567 -18.47 -43.44 56.98
C PHE M 567 -19.84 -43.99 57.36
N ILE M 568 -20.67 -44.38 56.36
CA ILE M 568 -21.95 -45.03 56.61
C ILE M 568 -21.88 -46.51 56.24
N SER M 569 -22.16 -47.36 57.24
CA SER M 569 -22.34 -48.79 57.11
C SER M 569 -23.83 -49.14 57.15
N TYR M 570 -24.25 -50.00 56.22
CA TYR M 570 -25.64 -50.40 56.07
C TYR M 570 -25.71 -51.82 55.48
N ARG M 571 -26.75 -52.58 55.86
CA ARG M 571 -27.00 -53.86 55.20
C ARG M 571 -27.55 -53.62 53.79
N ARG M 572 -26.94 -54.27 52.78
CA ARG M 572 -27.19 -54.01 51.35
C ARG M 572 -28.66 -54.21 50.94
N SER M 573 -29.36 -55.16 51.60
CA SER M 573 -30.72 -55.56 51.26
C SER M 573 -31.78 -54.53 51.68
N THR M 574 -31.73 -54.10 52.97
CA THR M 574 -32.82 -53.37 53.61
C THR M 574 -32.43 -51.96 54.09
N GLY M 575 -31.11 -51.65 54.17
CA GLY M 575 -30.64 -50.43 54.79
C GLY M 575 -30.42 -49.25 53.84
N ASN M 576 -30.49 -49.48 52.52
CA ASN M 576 -30.06 -48.53 51.50
C ASN M 576 -30.80 -47.20 51.55
N GLN M 577 -32.13 -47.21 51.78
CA GLN M 577 -32.93 -46.00 51.81
C GLN M 577 -32.53 -45.09 52.97
N LEU M 578 -32.60 -45.63 54.20
CA LEU M 578 -32.27 -44.86 55.41
C LEU M 578 -30.80 -44.39 55.38
N ALA M 579 -29.90 -45.24 54.87
CA ALA M 579 -28.50 -44.89 54.66
C ALA M 579 -28.36 -43.68 53.72
N SER M 580 -29.03 -43.72 52.56
CA SER M 580 -29.03 -42.64 51.57
C SER M 580 -29.57 -41.35 52.17
N LEU M 581 -30.66 -41.46 52.94
CA LEU M 581 -31.32 -40.34 53.56
C LEU M 581 -30.38 -39.64 54.56
N ILE M 582 -29.75 -40.42 55.45
CA ILE M 582 -28.78 -39.94 56.43
C ILE M 582 -27.58 -39.31 55.71
N LYS M 583 -27.10 -39.97 54.64
CA LYS M 583 -26.00 -39.50 53.81
C LYS M 583 -26.30 -38.10 53.26
N VAL M 584 -27.49 -37.92 52.67
CA VAL M 584 -27.94 -36.64 52.12
C VAL M 584 -28.06 -35.59 53.23
N LEU M 585 -28.78 -35.91 54.32
CA LEU M 585 -29.05 -34.95 55.39
C LEU M 585 -27.77 -34.45 56.08
N LEU M 586 -26.74 -35.32 56.18
CA LEU M 586 -25.41 -34.95 56.66
C LEU M 586 -24.60 -34.16 55.62
N GLN M 587 -24.68 -34.56 54.35
CA GLN M 587 -24.01 -33.87 53.23
C GLN M 587 -24.50 -32.42 53.11
N LEU M 588 -25.82 -32.22 53.28
CA LEU M 588 -26.44 -30.90 53.31
C LEU M 588 -25.97 -30.07 54.51
N ARG M 589 -25.69 -30.73 55.64
CA ARG M 589 -25.09 -30.12 56.83
C ARG M 589 -23.58 -29.87 56.67
N GLY M 590 -23.01 -30.21 55.52
CA GLY M 590 -21.63 -29.87 55.17
C GLY M 590 -20.60 -30.91 55.60
N TYR M 591 -21.03 -32.03 56.19
CA TYR M 591 -20.14 -33.13 56.47
C TYR M 591 -19.75 -33.84 55.17
N ARG M 592 -18.47 -34.23 55.05
CA ARG M 592 -18.04 -35.09 53.95
C ARG M 592 -18.34 -36.53 54.32
N VAL M 593 -19.24 -37.18 53.57
CA VAL M 593 -19.77 -38.49 53.97
C VAL M 593 -19.47 -39.52 52.89
N PHE M 594 -19.00 -40.69 53.34
CA PHE M 594 -18.74 -41.84 52.48
C PHE M 594 -19.83 -42.89 52.64
N ILE M 595 -20.37 -43.37 51.50
CA ILE M 595 -21.19 -44.57 51.41
C ILE M 595 -20.71 -45.38 50.21
N ASP M 596 -20.64 -46.72 50.36
CA ASP M 596 -19.78 -47.55 49.53
C ASP M 596 -20.34 -47.81 48.13
N VAL M 597 -21.61 -47.46 47.86
CA VAL M 597 -22.28 -47.70 46.57
C VAL M 597 -22.08 -49.15 46.09
N ASP M 598 -22.18 -50.08 47.04
CA ASP M 598 -21.82 -51.49 46.89
C ASP M 598 -22.95 -52.32 46.29
N LYS M 599 -24.20 -51.82 46.39
CA LYS M 599 -25.38 -52.55 45.91
C LYS M 599 -25.48 -52.48 44.38
N LEU M 600 -24.78 -53.42 43.73
CA LEU M 600 -24.78 -53.69 42.29
C LEU M 600 -24.29 -55.13 42.05
N TYR M 601 -24.44 -55.62 40.81
CA TYR M 601 -24.13 -56.99 40.40
C TYR M 601 -22.72 -57.45 40.81
N ALA M 602 -21.72 -56.55 40.71
CA ALA M 602 -20.32 -56.85 41.00
C ALA M 602 -19.96 -56.67 42.49
N GLY M 603 -20.96 -56.50 43.37
CA GLY M 603 -20.76 -56.17 44.78
C GLY M 603 -20.37 -57.35 45.67
N LYS M 604 -19.28 -58.05 45.31
CA LYS M 604 -18.80 -59.25 45.99
C LYS M 604 -17.83 -58.89 47.12
N PHE M 605 -16.82 -58.08 46.80
CA PHE M 605 -15.65 -57.83 47.64
C PHE M 605 -15.00 -56.49 47.31
N ASP M 606 -14.62 -55.73 48.36
CA ASP M 606 -13.64 -54.65 48.25
C ASP M 606 -13.06 -54.27 49.61
N SER M 607 -11.87 -54.81 49.94
CA SER M 607 -11.15 -54.50 51.18
C SER M 607 -10.91 -53.00 51.39
N SER M 608 -10.84 -52.20 50.31
CA SER M 608 -10.54 -50.77 50.41
C SER M 608 -11.58 -50.02 51.25
N LEU M 609 -12.82 -50.51 51.30
CA LEU M 609 -13.85 -49.89 52.14
C LEU M 609 -13.44 -49.85 53.61
N LEU M 610 -12.67 -50.87 54.07
CA LEU M 610 -12.13 -50.90 55.42
C LEU M 610 -11.11 -49.77 55.63
N LYS M 611 -10.34 -49.44 54.58
CA LYS M 611 -9.44 -48.29 54.57
C LYS M 611 -10.22 -46.97 54.58
N ASN M 612 -11.39 -46.91 53.91
CA ASN M 612 -12.30 -45.77 54.01
C ASN M 612 -12.81 -45.58 55.45
N ILE M 613 -13.13 -46.67 56.17
CA ILE M 613 -13.46 -46.60 57.59
C ILE M 613 -12.29 -46.01 58.39
N GLN M 614 -11.07 -46.48 58.11
CA GLN M 614 -9.86 -46.01 58.76
C GLN M 614 -9.61 -44.52 58.49
N ALA M 615 -9.99 -44.04 57.30
CA ALA M 615 -9.87 -42.63 56.88
C ALA M 615 -10.90 -41.71 57.56
N ALA M 616 -12.09 -42.24 57.87
CA ALA M 616 -13.17 -41.47 58.49
C ALA M 616 -12.89 -41.14 59.97
N LYS M 617 -13.55 -40.09 60.49
CA LYS M 617 -13.53 -39.77 61.92
C LYS M 617 -14.63 -40.51 62.66
N HIS M 618 -15.82 -40.60 62.03
CA HIS M 618 -17.03 -41.17 62.62
C HIS M 618 -17.56 -42.32 61.76
N PHE M 619 -18.19 -43.30 62.42
CA PHE M 619 -18.77 -44.45 61.75
C PHE M 619 -20.24 -44.57 62.15
N ILE M 620 -21.14 -44.53 61.15
CA ILE M 620 -22.56 -44.70 61.35
C ILE M 620 -22.95 -46.12 60.95
N LEU M 621 -23.75 -46.78 61.81
CA LEU M 621 -24.32 -48.08 61.48
C LEU M 621 -25.85 -47.97 61.37
N VAL M 622 -26.37 -48.28 60.17
CA VAL M 622 -27.78 -48.12 59.84
C VAL M 622 -28.54 -49.41 60.19
N LEU M 623 -28.84 -49.55 61.49
CA LEU M 623 -29.51 -50.71 62.04
C LEU M 623 -30.98 -50.73 61.63
N THR M 624 -31.34 -51.79 60.89
CA THR M 624 -32.57 -51.83 60.09
C THR M 624 -33.19 -53.23 60.17
N PRO M 625 -34.50 -53.42 59.83
CA PRO M 625 -35.11 -54.75 59.84
C PRO M 625 -34.31 -55.80 59.06
N ASN M 626 -34.15 -56.96 59.69
CA ASN M 626 -33.41 -58.12 59.19
C ASN M 626 -31.92 -57.83 58.94
N SER M 627 -31.40 -56.67 59.36
CA SER M 627 -30.05 -56.24 59.00
C SER M 627 -28.96 -57.17 59.53
N LEU M 628 -29.03 -57.49 60.84
CA LEU M 628 -27.93 -58.13 61.56
C LEU M 628 -27.91 -59.66 61.43
N ASP M 629 -28.82 -60.25 60.62
CA ASP M 629 -28.94 -61.70 60.47
C ASP M 629 -27.62 -62.35 60.05
N ARG M 630 -26.84 -61.67 59.21
CA ARG M 630 -25.56 -62.15 58.71
C ARG M 630 -24.47 -62.20 59.80
N LEU M 631 -24.62 -61.44 60.89
CA LEU M 631 -23.71 -61.51 62.03
C LEU M 631 -23.82 -62.85 62.74
N LEU M 632 -25.03 -63.42 62.82
CA LEU M 632 -25.32 -64.51 63.75
C LEU M 632 -24.53 -65.76 63.39
N ASN M 633 -23.68 -66.18 64.34
CA ASN M 633 -22.74 -67.31 64.23
C ASN M 633 -21.62 -67.07 63.20
N ASP M 634 -21.37 -65.81 62.80
CA ASP M 634 -20.32 -65.47 61.84
C ASP M 634 -18.95 -65.38 62.52
N ASP M 635 -18.53 -66.49 63.16
CA ASP M 635 -17.23 -66.59 63.84
C ASP M 635 -16.07 -66.43 62.85
N ASN M 636 -16.34 -66.78 61.58
CA ASN M 636 -15.43 -66.69 60.45
C ASN M 636 -15.19 -65.24 59.99
N CYS M 637 -16.07 -64.31 60.38
CA CYS M 637 -16.09 -62.92 59.93
C CYS M 637 -16.19 -62.80 58.40
N GLU M 638 -17.14 -63.54 57.80
CA GLU M 638 -17.40 -63.54 56.37
C GLU M 638 -18.19 -62.29 55.92
N ASP M 639 -19.07 -61.78 56.80
CA ASP M 639 -20.03 -60.73 56.45
C ASP M 639 -19.37 -59.34 56.37
N TRP M 640 -19.71 -58.57 55.32
CA TRP M 640 -19.27 -57.20 55.17
C TRP M 640 -19.75 -56.28 56.31
N VAL M 641 -20.99 -56.43 56.79
CA VAL M 641 -21.45 -55.60 57.90
C VAL M 641 -20.62 -55.89 59.16
N HIS M 642 -20.36 -57.17 59.43
CA HIS M 642 -19.43 -57.63 60.46
C HIS M 642 -18.04 -56.99 60.28
N LYS M 643 -17.42 -57.13 59.09
CA LYS M 643 -16.10 -56.60 58.78
C LYS M 643 -16.02 -55.08 58.98
N GLU M 644 -17.03 -54.36 58.49
CA GLU M 644 -17.14 -52.91 58.63
C GLU M 644 -17.13 -52.50 60.11
N LEU M 645 -18.07 -53.04 60.89
CA LEU M 645 -18.20 -52.73 62.31
C LEU M 645 -16.95 -53.15 63.11
N LYS M 646 -16.38 -54.31 62.77
CA LYS M 646 -15.16 -54.81 63.37
C LYS M 646 -14.00 -53.82 63.15
N CYS M 647 -13.82 -53.38 61.91
CA CYS M 647 -12.80 -52.39 61.56
C CYS M 647 -12.97 -51.11 62.38
N ALA M 648 -14.22 -50.63 62.53
CA ALA M 648 -14.53 -49.44 63.30
C ALA M 648 -14.13 -49.58 64.79
N PHE M 649 -14.44 -50.73 65.43
CA PHE M 649 -14.02 -51.02 66.79
C PHE M 649 -12.50 -51.19 66.92
N GLU M 650 -11.87 -51.90 65.98
CA GLU M 650 -10.43 -52.13 65.97
C GLU M 650 -9.62 -50.83 65.93
N HIS M 651 -10.14 -49.81 65.23
CA HIS M 651 -9.55 -48.47 65.15
C HIS M 651 -10.17 -47.47 66.14
N GLN M 652 -11.09 -47.95 67.01
CA GLN M 652 -11.75 -47.19 68.07
C GLN M 652 -12.38 -45.88 67.55
N LYS M 653 -13.05 -45.95 66.39
CA LYS M 653 -13.77 -44.82 65.81
C LYS M 653 -14.98 -44.43 66.66
N ASN M 654 -15.45 -43.19 66.48
CA ASN M 654 -16.72 -42.75 67.04
C ASN M 654 -17.86 -43.50 66.36
N ILE M 655 -18.43 -44.51 67.04
CA ILE M 655 -19.44 -45.38 66.45
C ILE M 655 -20.83 -44.93 66.87
N ILE M 656 -21.72 -44.77 65.87
CA ILE M 656 -23.05 -44.22 66.03
C ILE M 656 -24.06 -45.20 65.43
N PRO M 657 -24.61 -46.14 66.24
CA PRO M 657 -25.75 -46.94 65.79
C PRO M 657 -26.98 -46.04 65.66
N ILE M 658 -27.58 -46.07 64.46
CA ILE M 658 -28.85 -45.42 64.21
C ILE M 658 -29.87 -46.51 63.92
N PHE M 659 -30.95 -46.52 64.72
CA PHE M 659 -31.97 -47.56 64.69
C PHE M 659 -33.16 -47.07 63.86
N ASP M 660 -33.54 -47.85 62.85
CA ASP M 660 -34.84 -47.69 62.20
C ASP M 660 -35.96 -47.87 63.24
N THR M 661 -37.14 -47.26 63.00
CA THR M 661 -38.23 -47.21 63.96
C THR M 661 -38.68 -48.61 64.41
N ALA M 662 -38.49 -49.62 63.53
CA ALA M 662 -38.88 -51.01 63.75
C ALA M 662 -37.74 -51.90 64.27
N PHE M 663 -36.50 -51.39 64.35
CA PHE M 663 -35.32 -52.18 64.67
C PHE M 663 -35.22 -52.55 66.17
N GLU M 664 -34.77 -53.79 66.42
CA GLU M 664 -34.29 -54.27 67.71
C GLU M 664 -33.09 -55.20 67.52
N PHE M 665 -32.13 -55.17 68.46
CA PHE M 665 -31.02 -56.11 68.47
C PHE M 665 -31.50 -57.56 68.73
N PRO M 666 -30.89 -58.59 68.10
CA PRO M 666 -31.22 -59.99 68.35
C PRO M 666 -31.06 -60.43 69.82
N THR M 667 -32.04 -61.23 70.28
CA THR M 667 -32.03 -61.87 71.60
C THR M 667 -30.87 -62.87 71.74
N LYS M 668 -30.41 -63.41 70.59
CA LYS M 668 -29.32 -64.38 70.47
C LYS M 668 -27.96 -63.68 70.59
N GLU M 669 -27.73 -63.00 71.72
CA GLU M 669 -26.58 -62.12 71.93
C GLU M 669 -25.25 -62.87 71.82
N ASP M 670 -25.19 -64.12 72.30
CA ASP M 670 -24.03 -64.98 72.18
C ASP M 670 -23.69 -65.32 70.72
N GLN M 671 -24.72 -65.41 69.86
CA GLN M 671 -24.54 -65.64 68.44
C GLN M 671 -24.05 -64.39 67.70
N ILE M 672 -24.25 -63.18 68.28
CA ILE M 672 -23.56 -61.99 67.80
C ILE M 672 -22.08 -62.14 68.15
N PRO M 673 -21.13 -62.09 67.16
CA PRO M 673 -19.72 -62.37 67.42
C PRO M 673 -19.05 -61.49 68.47
N ASN M 674 -18.12 -62.12 69.21
CA ASN M 674 -17.45 -61.58 70.40
C ASN M 674 -16.72 -60.25 70.13
N ASP M 675 -16.21 -60.10 68.91
CA ASP M 675 -15.39 -58.97 68.46
C ASP M 675 -16.21 -57.70 68.22
N ILE M 676 -17.55 -57.82 68.15
CA ILE M 676 -18.45 -56.70 67.83
C ILE M 676 -19.66 -56.57 68.77
N ARG M 677 -19.94 -57.58 69.60
CA ARG M 677 -21.15 -57.69 70.44
C ARG M 677 -21.46 -56.42 71.23
N MET M 678 -20.43 -55.66 71.63
CA MET M 678 -20.56 -54.44 72.42
C MET M 678 -21.44 -53.36 71.75
N ILE M 679 -21.68 -53.47 70.42
CA ILE M 679 -22.62 -52.60 69.71
C ILE M 679 -24.01 -52.58 70.38
N THR M 680 -24.43 -53.73 70.93
CA THR M 680 -25.69 -53.89 71.64
C THR M 680 -25.78 -53.02 72.90
N LYS M 681 -24.62 -52.56 73.41
CA LYS M 681 -24.48 -51.77 74.63
C LYS M 681 -24.15 -50.30 74.36
N TYR M 682 -23.78 -49.96 73.12
CA TYR M 682 -23.58 -48.59 72.67
C TYR M 682 -24.88 -47.78 72.69
N ASN M 683 -24.77 -46.50 73.04
CA ASN M 683 -25.85 -45.53 72.86
C ASN M 683 -26.03 -45.20 71.37
N GLY M 684 -27.26 -44.86 70.97
CA GLY M 684 -27.60 -44.58 69.58
C GLY M 684 -28.86 -43.72 69.41
N VAL M 685 -29.25 -43.48 68.16
CA VAL M 685 -30.41 -42.65 67.83
C VAL M 685 -31.54 -43.53 67.26
N LYS M 686 -32.73 -43.45 67.88
CA LYS M 686 -33.95 -44.03 67.30
C LYS M 686 -34.53 -43.08 66.25
N TRP M 687 -34.37 -43.45 64.97
CA TRP M 687 -34.89 -42.69 63.85
C TRP M 687 -36.41 -42.80 63.77
N VAL M 688 -37.09 -41.66 63.53
CA VAL M 688 -38.54 -41.60 63.34
C VAL M 688 -38.83 -40.91 62.00
N HIS M 689 -39.61 -41.59 61.15
CA HIS M 689 -39.85 -41.19 59.77
C HIS M 689 -40.46 -39.78 59.65
N ASP M 690 -41.25 -39.38 60.65
CA ASP M 690 -41.95 -38.10 60.70
C ASP M 690 -41.08 -36.93 61.19
N TYR M 691 -39.98 -37.22 61.90
CA TYR M 691 -39.21 -36.22 62.64
C TYR M 691 -37.74 -36.17 62.20
N GLN M 692 -37.51 -36.22 60.89
CA GLN M 692 -36.21 -36.54 60.31
C GLN M 692 -35.12 -35.54 60.72
N ASP M 693 -35.43 -34.24 60.70
CA ASP M 693 -34.46 -33.21 61.06
C ASP M 693 -34.13 -33.22 62.56
N ALA M 694 -35.12 -33.54 63.41
CA ALA M 694 -34.90 -33.70 64.85
C ALA M 694 -33.99 -34.91 65.13
N CYS M 695 -34.25 -36.02 64.46
CA CYS M 695 -33.42 -37.22 64.52
C CYS M 695 -32.00 -36.90 64.06
N MET M 696 -31.87 -36.19 62.93
CA MET M 696 -30.59 -35.79 62.38
C MET M 696 -29.81 -34.87 63.33
N ALA M 697 -30.50 -33.94 64.01
CA ALA M 697 -29.89 -33.10 65.03
C ALA M 697 -29.33 -33.93 66.19
N LYS M 698 -30.05 -34.99 66.59
CA LYS M 698 -29.57 -35.92 67.61
C LYS M 698 -28.33 -36.69 67.14
N VAL M 699 -28.30 -37.10 65.86
CA VAL M 699 -27.11 -37.70 65.26
C VAL M 699 -25.93 -36.71 65.27
N VAL M 700 -26.18 -35.43 64.98
CA VAL M 700 -25.16 -34.39 65.04
C VAL M 700 -24.57 -34.28 66.45
N ARG M 701 -25.39 -34.42 67.50
CA ARG M 701 -24.90 -34.51 68.87
C ARG M 701 -23.92 -35.69 69.04
N PHE M 702 -24.26 -36.88 68.53
CA PHE M 702 -23.33 -38.01 68.52
C PHE M 702 -22.05 -37.73 67.72
N ILE M 703 -22.13 -36.96 66.63
CA ILE M 703 -20.99 -36.56 65.81
C ILE M 703 -20.02 -35.65 66.58
N THR M 704 -20.44 -35.05 67.71
CA THR M 704 -19.50 -34.35 68.59
C THR M 704 -18.49 -35.29 69.26
N GLY M 705 -18.77 -36.61 69.25
CA GLY M 705 -17.88 -37.65 69.75
C GLY M 705 -18.35 -38.28 71.06
N GLU M 706 -18.48 -39.62 71.07
CA GLU M 706 -18.84 -40.42 72.23
C GLU M 706 -18.18 -41.80 72.14
N LEU M 707 -16.90 -41.88 72.55
CA LEU M 707 -16.06 -43.06 72.43
C LEU M 707 -16.34 -44.04 73.58
N ASN M 708 -17.55 -44.60 73.59
CA ASN M 708 -18.07 -45.48 74.63
C ASN M 708 -17.16 -46.69 74.88
N GLY N 561 -35.32 3.06 49.55
CA GLY N 561 -36.03 2.21 50.53
C GLY N 561 -37.25 1.54 49.89
N ASP N 562 -37.34 0.21 50.06
CA ASP N 562 -38.32 -0.62 49.36
C ASP N 562 -39.66 -0.68 50.10
N THR N 563 -39.65 -0.46 51.43
CA THR N 563 -40.81 -0.64 52.29
C THR N 563 -41.86 0.44 52.05
N PRO N 564 -43.18 0.10 52.11
CA PRO N 564 -44.22 1.12 52.08
C PRO N 564 -44.26 1.91 53.40
N ASP N 565 -44.60 3.20 53.28
CA ASP N 565 -45.00 4.02 54.41
C ASP N 565 -46.39 3.59 54.89
N VAL N 566 -47.31 3.35 53.94
CA VAL N 566 -48.74 3.17 54.23
C VAL N 566 -49.25 1.90 53.54
N PHE N 567 -50.07 1.13 54.27
CA PHE N 567 -50.89 0.05 53.72
C PHE N 567 -52.35 0.51 53.65
N ILE N 568 -53.04 0.25 52.54
CA ILE N 568 -54.46 0.52 52.40
C ILE N 568 -55.27 -0.78 52.43
N SER N 569 -56.19 -0.87 53.41
CA SER N 569 -57.19 -1.92 53.54
C SER N 569 -58.54 -1.39 53.09
N TYR N 570 -59.24 -2.19 52.28
CA TYR N 570 -60.53 -1.83 51.71
C TYR N 570 -61.35 -3.10 51.46
N ARG N 571 -62.69 -2.99 51.56
CA ARG N 571 -63.58 -4.09 51.17
C ARG N 571 -63.58 -4.20 49.64
N ARG N 572 -63.35 -5.41 49.10
CA ARG N 572 -63.14 -5.66 47.67
C ARG N 572 -64.32 -5.21 46.79
N SER N 573 -65.55 -5.31 47.31
CA SER N 573 -66.78 -5.04 46.58
C SER N 573 -67.03 -3.54 46.34
N THR N 574 -66.94 -2.72 47.41
CA THR N 574 -67.44 -1.34 47.42
C THR N 574 -66.34 -0.29 47.68
N GLY N 575 -65.17 -0.72 48.19
CA GLY N 575 -64.14 0.21 48.65
C GLY N 575 -63.08 0.61 47.62
N ASN N 576 -63.06 -0.07 46.46
CA ASN N 576 -61.95 0.00 45.50
C ASN N 576 -61.71 1.41 44.96
N GLN N 577 -62.78 2.19 44.68
CA GLN N 577 -62.64 3.53 44.12
C GLN N 577 -61.97 4.47 45.12
N LEU N 578 -62.57 4.61 46.31
CA LEU N 578 -62.05 5.49 47.34
C LEU N 578 -60.64 5.09 47.78
N ALA N 579 -60.38 3.77 47.86
CA ALA N 579 -59.06 3.22 48.13
C ALA N 579 -58.04 3.68 47.08
N SER N 580 -58.37 3.52 45.78
CA SER N 580 -57.53 3.94 44.66
C SER N 580 -57.24 5.44 44.70
N LEU N 581 -58.28 6.23 44.99
CA LEU N 581 -58.19 7.67 45.05
C LEU N 581 -57.21 8.11 46.15
N ILE N 582 -57.38 7.56 47.36
CA ILE N 582 -56.51 7.82 48.50
C ILE N 582 -55.08 7.37 48.18
N LYS N 583 -54.93 6.19 47.56
CA LYS N 583 -53.65 5.64 47.12
C LYS N 583 -52.92 6.64 46.21
N VAL N 584 -53.62 7.14 45.18
CA VAL N 584 -53.07 8.11 44.24
C VAL N 584 -52.71 9.42 44.96
N LEU N 585 -53.64 9.99 45.74
CA LEU N 585 -53.44 11.29 46.38
C LEU N 585 -52.27 11.28 47.37
N LEU N 586 -52.04 10.14 48.03
CA LEU N 586 -50.88 9.93 48.90
C LEU N 586 -49.59 9.66 48.11
N GLN N 587 -49.68 8.89 47.02
CA GLN N 587 -48.54 8.62 46.13
C GLN N 587 -48.00 9.91 45.52
N LEU N 588 -48.91 10.82 45.12
CA LEU N 588 -48.57 12.15 44.61
C LEU N 588 -47.91 13.02 45.68
N ARG N 589 -48.30 12.83 46.96
CA ARG N 589 -47.66 13.45 48.11
C ARG N 589 -46.32 12.80 48.50
N GLY N 590 -45.90 11.77 47.75
CA GLY N 590 -44.57 11.18 47.89
C GLY N 590 -44.50 10.04 48.90
N TYR N 591 -45.64 9.66 49.51
CA TYR N 591 -45.69 8.48 50.35
C TYR N 591 -45.60 7.21 49.48
N ARG N 592 -44.84 6.21 49.95
CA ARG N 592 -44.85 4.90 49.31
C ARG N 592 -46.04 4.11 49.85
N VAL N 593 -47.00 3.79 48.98
CA VAL N 593 -48.29 3.25 49.42
C VAL N 593 -48.52 1.87 48.79
N PHE N 594 -48.95 0.92 49.64
CA PHE N 594 -49.32 -0.42 49.23
C PHE N 594 -50.84 -0.58 49.18
N ILE N 595 -51.35 -1.12 48.05
CA ILE N 595 -52.70 -1.64 47.93
C ILE N 595 -52.63 -2.98 47.22
N ASP N 596 -53.43 -3.96 47.67
CA ASP N 596 -53.15 -5.37 47.43
C ASP N 596 -53.49 -5.85 46.01
N VAL N 597 -54.20 -5.04 45.21
CA VAL N 597 -54.65 -5.39 43.86
C VAL N 597 -55.31 -6.79 43.81
N ASP N 598 -56.12 -7.05 44.85
CA ASP N 598 -56.69 -8.35 45.16
C ASP N 598 -57.97 -8.63 44.37
N LYS N 599 -58.64 -7.58 43.87
CA LYS N 599 -59.90 -7.70 43.16
C LYS N 599 -59.67 -8.21 41.73
N LEU N 600 -59.61 -9.55 41.62
CA LEU N 600 -59.52 -10.33 40.38
C LEU N 600 -60.01 -11.76 40.67
N TYR N 601 -60.21 -12.56 39.61
CA TYR N 601 -60.75 -13.92 39.66
C TYR N 601 -60.03 -14.84 40.66
N ALA N 602 -58.68 -14.71 40.76
CA ALA N 602 -57.85 -15.55 41.62
C ALA N 602 -57.73 -15.00 43.05
N GLY N 603 -58.55 -14.00 43.42
CA GLY N 603 -58.43 -13.28 44.69
C GLY N 603 -59.02 -14.01 45.90
N LYS N 604 -58.54 -15.25 46.15
CA LYS N 604 -59.04 -16.12 47.22
C LYS N 604 -58.27 -15.90 48.52
N PHE N 605 -56.93 -15.94 48.43
CA PHE N 605 -56.04 -16.01 49.59
C PHE N 605 -54.65 -15.47 49.23
N ASP N 606 -54.07 -14.68 50.15
CA ASP N 606 -52.63 -14.42 50.19
C ASP N 606 -52.18 -13.88 51.56
N SER N 607 -51.67 -14.77 52.43
CA SER N 607 -51.14 -14.41 53.75
C SER N 607 -50.06 -13.32 53.70
N SER N 608 -49.32 -13.20 52.58
CA SER N 608 -48.23 -12.24 52.47
C SER N 608 -48.69 -10.79 52.66
N LEU N 609 -49.96 -10.49 52.34
CA LEU N 609 -50.51 -9.16 52.55
C LEU N 609 -50.42 -8.75 54.04
N LEU N 610 -50.55 -9.72 54.96
CA LEU N 610 -50.38 -9.47 56.39
C LEU N 610 -48.94 -9.07 56.72
N LYS N 611 -47.97 -9.64 55.99
CA LYS N 611 -46.57 -9.24 56.07
C LYS N 611 -46.35 -7.84 55.49
N ASN N 612 -47.08 -7.46 54.43
CA ASN N 612 -47.09 -6.10 53.93
C ASN N 612 -47.61 -5.10 54.97
N ILE N 613 -48.65 -5.46 55.74
CA ILE N 613 -49.11 -4.67 56.88
C ILE N 613 -47.99 -4.51 57.90
N GLN N 614 -47.30 -5.61 58.23
CA GLN N 614 -46.20 -5.61 59.17
C GLN N 614 -45.03 -4.73 58.69
N ALA N 615 -44.82 -4.65 57.37
CA ALA N 615 -43.78 -3.82 56.73
C ALA N 615 -44.12 -2.33 56.74
N ALA N 616 -45.41 -1.97 56.69
CA ALA N 616 -45.87 -0.59 56.66
C ALA N 616 -45.71 0.11 58.02
N LYS N 617 -45.65 1.46 58.00
CA LYS N 617 -45.67 2.27 59.22
C LYS N 617 -47.12 2.58 59.64
N HIS N 618 -47.97 2.87 58.64
CA HIS N 618 -49.34 3.31 58.83
C HIS N 618 -50.32 2.38 58.10
N PHE N 619 -51.52 2.23 58.67
CA PHE N 619 -52.57 1.39 58.11
C PHE N 619 -53.83 2.23 57.92
N ILE N 620 -54.32 2.31 56.68
CA ILE N 620 -55.55 3.01 56.36
C ILE N 620 -56.67 1.99 56.16
N LEU N 621 -57.83 2.24 56.78
CA LEU N 621 -59.02 1.43 56.55
C LEU N 621 -60.10 2.26 55.84
N VAL N 622 -60.49 1.81 54.63
CA VAL N 622 -61.41 2.52 53.76
C VAL N 622 -62.84 2.09 54.07
N LEU N 623 -63.38 2.66 55.16
CA LEU N 623 -64.72 2.36 55.66
C LEU N 623 -65.78 2.94 54.72
N THR N 624 -66.59 2.04 54.16
CA THR N 624 -67.41 2.31 52.99
C THR N 624 -68.77 1.61 53.12
N PRO N 625 -69.83 2.00 52.36
CA PRO N 625 -71.12 1.32 52.43
C PRO N 625 -71.02 -0.19 52.27
N ASN N 626 -71.74 -0.91 53.16
CA ASN N 626 -71.80 -2.36 53.24
C ASN N 626 -70.44 -3.02 53.53
N SER N 627 -69.39 -2.23 53.85
CA SER N 627 -68.02 -2.76 53.94
C SER N 627 -67.86 -3.81 55.04
N LEU N 628 -68.33 -3.48 56.26
CA LEU N 628 -68.03 -4.24 57.47
C LEU N 628 -68.93 -5.45 57.69
N ASP N 629 -69.86 -5.75 56.75
CA ASP N 629 -70.82 -6.85 56.88
C ASP N 629 -70.13 -8.19 57.17
N ARG N 630 -68.96 -8.42 56.55
CA ARG N 630 -68.20 -9.65 56.71
C ARG N 630 -67.58 -9.81 58.11
N LEU N 631 -67.42 -8.70 58.86
CA LEU N 631 -66.96 -8.78 60.25
C LEU N 631 -68.00 -9.43 61.15
N LEU N 632 -69.29 -9.20 60.87
CA LEU N 632 -70.34 -9.50 61.84
C LEU N 632 -70.46 -11.01 62.10
N ASN N 633 -70.23 -11.37 63.37
CA ASN N 633 -70.19 -12.75 63.87
C ASN N 633 -69.01 -13.57 63.33
N ASP N 634 -67.98 -12.91 62.78
CA ASP N 634 -66.79 -13.58 62.25
C ASP N 634 -65.80 -13.96 63.37
N ASP N 635 -66.27 -14.74 64.35
CA ASP N 635 -65.47 -15.21 65.47
C ASP N 635 -64.31 -16.11 65.00
N ASN N 636 -64.51 -16.74 63.83
CA ASN N 636 -63.55 -17.61 63.15
C ASN N 636 -62.39 -16.83 62.51
N CYS N 637 -62.56 -15.51 62.32
CA CYS N 637 -61.63 -14.64 61.59
C CYS N 637 -61.37 -15.12 60.16
N GLU N 638 -62.45 -15.43 59.42
CA GLU N 638 -62.42 -15.87 58.02
C GLU N 638 -62.16 -14.71 57.06
N ASP N 639 -62.67 -13.52 57.38
CA ASP N 639 -62.69 -12.37 56.48
C ASP N 639 -61.32 -11.70 56.34
N TRP N 640 -60.93 -11.37 55.10
CA TRP N 640 -59.71 -10.61 54.83
C TRP N 640 -59.71 -9.21 55.47
N VAL N 641 -60.84 -8.49 55.47
CA VAL N 641 -60.86 -7.17 56.10
C VAL N 641 -60.62 -7.31 57.61
N HIS N 642 -61.27 -8.30 58.23
CA HIS N 642 -61.00 -8.71 59.61
C HIS N 642 -59.52 -9.02 59.84
N LYS N 643 -58.93 -9.93 59.04
CA LYS N 643 -57.54 -10.35 59.15
C LYS N 643 -56.57 -9.17 59.04
N GLU N 644 -56.82 -8.29 58.04
CA GLU N 644 -56.02 -7.09 57.80
C GLU N 644 -56.01 -6.18 59.04
N LEU N 645 -57.20 -5.79 59.51
CA LEU N 645 -57.36 -4.91 60.66
C LEU N 645 -56.79 -5.54 61.94
N LYS N 646 -57.02 -6.85 62.12
CA LYS N 646 -56.50 -7.62 63.23
C LYS N 646 -54.97 -7.57 63.26
N CYS N 647 -54.33 -7.83 62.11
CA CYS N 647 -52.88 -7.75 61.98
C CYS N 647 -52.36 -6.36 62.37
N ALA N 648 -53.05 -5.30 61.91
CA ALA N 648 -52.67 -3.93 62.23
C ALA N 648 -52.71 -3.64 63.74
N PHE N 649 -53.78 -4.08 64.45
CA PHE N 649 -53.88 -3.97 65.90
C PHE N 649 -52.83 -4.82 66.62
N GLU N 650 -52.62 -6.07 66.18
CA GLU N 650 -51.66 -7.00 66.77
C GLU N 650 -50.24 -6.44 66.76
N HIS N 651 -49.88 -5.69 65.70
CA HIS N 651 -48.58 -5.03 65.57
C HIS N 651 -48.60 -3.55 65.99
N GLN N 652 -49.75 -3.08 66.52
CA GLN N 652 -49.97 -1.73 67.06
C GLN N 652 -49.56 -0.64 66.06
N LYS N 653 -49.92 -0.81 64.78
CA LYS N 653 -49.67 0.17 63.73
C LYS N 653 -50.50 1.44 63.95
N ASN N 654 -50.06 2.54 63.34
CA ASN N 654 -50.85 3.76 63.25
C ASN N 654 -52.07 3.51 62.37
N ILE N 655 -53.25 3.32 62.99
CA ILE N 655 -54.47 2.95 62.28
C ILE N 655 -55.33 4.19 62.03
N ILE N 656 -55.73 4.35 60.75
CA ILE N 656 -56.43 5.52 60.26
C ILE N 656 -57.72 5.06 59.56
N PRO N 657 -58.86 4.97 60.28
CA PRO N 657 -60.15 4.78 59.61
C PRO N 657 -60.51 6.04 58.84
N ILE N 658 -60.78 5.85 57.53
CA ILE N 658 -61.30 6.89 56.67
C ILE N 658 -62.72 6.48 56.26
N PHE N 659 -63.68 7.35 56.58
CA PHE N 659 -65.10 7.07 56.39
C PHE N 659 -65.57 7.73 55.09
N ASP N 660 -66.18 6.93 54.20
CA ASP N 660 -66.95 7.46 53.09
C ASP N 660 -68.10 8.33 53.63
N THR N 661 -68.58 9.29 52.83
CA THR N 661 -69.56 10.30 53.26
C THR N 661 -70.84 9.66 53.81
N ALA N 662 -71.17 8.44 53.31
CA ALA N 662 -72.36 7.69 53.67
C ALA N 662 -72.14 6.64 54.78
N PHE N 663 -70.89 6.42 55.20
CA PHE N 663 -70.54 5.33 56.12
C PHE N 663 -70.94 5.60 57.57
N GLU N 664 -71.40 4.54 58.25
CA GLU N 664 -71.56 4.47 59.70
C GLU N 664 -71.18 3.06 60.20
N PHE N 665 -70.59 2.97 61.41
CA PHE N 665 -70.33 1.69 62.05
C PHE N 665 -71.63 0.96 62.41
N PRO N 666 -71.69 -0.39 62.30
CA PRO N 666 -72.86 -1.18 62.72
C PRO N 666 -73.27 -1.00 64.18
N THR N 667 -74.59 -0.90 64.42
CA THR N 667 -75.21 -0.85 65.74
C THR N 667 -74.96 -2.15 66.53
N LYS N 668 -74.74 -3.26 65.79
CA LYS N 668 -74.50 -4.60 66.32
C LYS N 668 -73.04 -4.74 66.79
N GLU N 669 -72.64 -3.88 67.74
CA GLU N 669 -71.25 -3.73 68.18
C GLU N 669 -70.68 -5.03 68.74
N ASP N 670 -71.49 -5.80 69.46
CA ASP N 670 -71.11 -7.10 70.01
C ASP N 670 -70.81 -8.12 68.90
N GLN N 671 -71.50 -8.01 67.75
CA GLN N 671 -71.26 -8.86 66.59
C GLN N 671 -69.98 -8.46 65.85
N ILE N 672 -69.50 -7.22 66.02
CA ILE N 672 -68.14 -6.86 65.59
C ILE N 672 -67.16 -7.62 66.50
N PRO N 673 -66.24 -8.46 65.97
CA PRO N 673 -65.37 -9.30 66.80
C PRO N 673 -64.50 -8.56 67.81
N ASN N 674 -64.30 -9.21 68.97
CA ASN N 674 -63.67 -8.66 70.17
C ASN N 674 -62.24 -8.15 69.91
N ASP N 675 -61.53 -8.81 68.98
CA ASP N 675 -60.13 -8.55 68.65
C ASP N 675 -59.94 -7.28 67.82
N ILE N 676 -61.02 -6.69 67.28
CA ILE N 676 -60.96 -5.52 66.39
C ILE N 676 -61.96 -4.41 66.75
N ARG N 677 -62.96 -4.70 67.61
CA ARG N 677 -64.09 -3.81 67.93
C ARG N 677 -63.67 -2.36 68.24
N MET N 678 -62.49 -2.17 68.82
CA MET N 678 -61.96 -0.87 69.21
C MET N 678 -61.85 0.13 68.03
N ILE N 679 -61.88 -0.35 66.77
CA ILE N 679 -61.93 0.48 65.58
C ILE N 679 -63.10 1.49 65.64
N THR N 680 -64.23 1.07 66.24
CA THR N 680 -65.41 1.91 66.43
C THR N 680 -65.15 3.11 67.34
N LYS N 681 -64.07 3.07 68.13
CA LYS N 681 -63.69 4.07 69.12
C LYS N 681 -62.48 4.91 68.67
N TYR N 682 -61.78 4.46 67.61
CA TYR N 682 -60.68 5.21 66.98
C TYR N 682 -61.19 6.50 66.32
N ASN N 683 -60.37 7.55 66.39
CA ASN N 683 -60.56 8.77 65.61
C ASN N 683 -60.25 8.49 64.13
N GLY N 684 -60.91 9.23 63.22
CA GLY N 684 -60.76 9.05 61.79
C GLY N 684 -61.16 10.28 60.97
N VAL N 685 -61.09 10.15 59.63
CA VAL N 685 -61.42 11.25 58.71
C VAL N 685 -62.72 10.95 57.96
N LYS N 686 -63.70 11.87 58.04
CA LYS N 686 -64.88 11.84 57.20
C LYS N 686 -64.56 12.42 55.82
N TRP N 687 -64.44 11.54 54.82
CA TRP N 687 -64.17 11.92 53.43
C TRP N 687 -65.39 12.59 52.81
N VAL N 688 -65.17 13.71 52.08
CA VAL N 688 -66.21 14.43 51.35
C VAL N 688 -65.76 14.55 49.89
N HIS N 689 -66.63 14.09 48.97
CA HIS N 689 -66.32 13.96 47.55
C HIS N 689 -65.91 15.28 46.89
N ASP N 690 -66.43 16.41 47.41
CA ASP N 690 -66.18 17.75 46.89
C ASP N 690 -64.89 18.38 47.41
N TYR N 691 -64.34 17.88 48.54
CA TYR N 691 -63.26 18.54 49.28
C TYR N 691 -62.03 17.64 49.44
N GLN N 692 -61.66 16.94 48.35
CA GLN N 692 -60.76 15.80 48.40
C GLN N 692 -59.38 16.16 48.97
N ASP N 693 -58.80 17.29 48.54
CA ASP N 693 -57.48 17.71 49.01
C ASP N 693 -57.51 18.13 50.48
N ALA N 694 -58.60 18.76 50.94
CA ALA N 694 -58.78 19.10 52.34
C ALA N 694 -58.88 17.85 53.22
N CYS N 695 -59.67 16.86 52.75
CA CYS N 695 -59.77 15.56 53.39
C CYS N 695 -58.41 14.86 53.46
N MET N 696 -57.68 14.87 52.34
CA MET N 696 -56.35 14.28 52.24
C MET N 696 -55.35 14.96 53.19
N ALA N 697 -55.41 16.30 53.32
CA ALA N 697 -54.60 17.04 54.29
C ALA N 697 -54.89 16.59 55.74
N LYS N 698 -56.16 16.33 56.06
CA LYS N 698 -56.56 15.79 57.35
C LYS N 698 -55.99 14.38 57.58
N VAL N 699 -56.02 13.53 56.54
CA VAL N 699 -55.37 12.22 56.58
C VAL N 699 -53.86 12.37 56.82
N VAL N 700 -53.20 13.33 56.17
CA VAL N 700 -51.78 13.61 56.39
C VAL N 700 -51.50 13.97 57.85
N ARG N 701 -52.42 14.70 58.52
CA ARG N 701 -52.33 14.94 59.96
C ARG N 701 -52.33 13.62 60.74
N PHE N 702 -53.25 12.69 60.42
CA PHE N 702 -53.22 11.35 61.02
C PHE N 702 -51.93 10.57 60.73
N ILE N 703 -51.34 10.76 59.54
CA ILE N 703 -50.07 10.14 59.15
C ILE N 703 -48.90 10.63 60.02
N THR N 704 -49.05 11.75 60.73
CA THR N 704 -48.05 12.15 61.74
C THR N 704 -47.97 11.19 62.93
N GLY N 705 -48.99 10.34 63.10
CA GLY N 705 -49.05 9.30 64.12
C GLY N 705 -50.02 9.61 65.26
N GLU N 706 -50.95 8.66 65.50
CA GLU N 706 -51.92 8.72 66.60
C GLU N 706 -52.27 7.30 67.07
N LEU N 707 -51.41 6.75 67.94
CA LEU N 707 -51.47 5.37 68.42
C LEU N 707 -52.49 5.24 69.56
N ASN N 708 -53.78 5.46 69.23
CA ASN N 708 -54.89 5.50 70.16
C ASN N 708 -54.99 4.20 70.99
N GLY O 561 -33.61 40.93 30.47
CA GLY O 561 -34.90 41.02 31.20
C GLY O 561 -36.06 40.76 30.24
N ASP O 562 -36.98 39.89 30.66
CA ASP O 562 -38.12 39.48 29.85
C ASP O 562 -39.32 40.43 30.01
N THR O 563 -39.40 41.12 31.16
CA THR O 563 -40.55 41.94 31.53
C THR O 563 -40.65 43.20 30.66
N PRO O 564 -41.88 43.66 30.30
CA PRO O 564 -42.04 44.96 29.65
C PRO O 564 -41.81 46.11 30.64
N ASP O 565 -41.24 47.20 30.12
CA ASP O 565 -41.24 48.49 30.79
C ASP O 565 -42.65 49.08 30.80
N VAL O 566 -43.35 48.99 29.65
CA VAL O 566 -44.59 49.71 29.41
C VAL O 566 -45.65 48.75 28.88
N PHE O 567 -46.89 48.89 29.39
CA PHE O 567 -48.08 48.28 28.82
C PHE O 567 -48.91 49.36 28.10
N ILE O 568 -49.40 49.07 26.89
CA ILE O 568 -50.31 49.96 26.17
C ILE O 568 -51.74 49.41 26.19
N SER O 569 -52.66 50.22 26.73
CA SER O 569 -54.09 50.02 26.71
C SER O 569 -54.73 50.94 25.67
N TYR O 570 -55.62 50.36 24.85
CA TYR O 570 -56.29 51.08 23.77
C TYR O 570 -57.66 50.46 23.52
N ARG O 571 -58.63 51.27 23.08
CA ARG O 571 -59.92 50.75 22.62
C ARG O 571 -59.74 50.05 21.28
N ARG O 572 -60.22 48.80 21.15
CA ARG O 572 -59.97 47.92 20.01
C ARG O 572 -60.44 48.51 18.67
N SER O 573 -61.54 49.30 18.68
CA SER O 573 -62.19 49.85 17.50
C SER O 573 -61.40 50.99 16.86
N THR O 574 -61.01 52.00 17.67
CA THR O 574 -60.53 53.30 17.19
C THR O 574 -59.08 53.63 17.61
N GLY O 575 -58.54 52.91 18.60
CA GLY O 575 -57.26 53.26 19.20
C GLY O 575 -56.03 52.59 18.59
N ASN O 576 -56.23 51.60 17.70
CA ASN O 576 -55.17 50.69 17.25
C ASN O 576 -54.02 51.40 16.55
N GLN O 577 -54.31 52.42 15.70
CA GLN O 577 -53.27 53.14 14.97
C GLN O 577 -52.35 53.91 15.92
N LEU O 578 -52.93 54.79 16.73
CA LEU O 578 -52.15 55.61 17.66
C LEU O 578 -51.40 54.74 18.67
N ALA O 579 -52.04 53.66 19.14
CA ALA O 579 -51.41 52.66 19.99
C ALA O 579 -50.17 52.05 19.34
N SER O 580 -50.30 51.58 18.08
CA SER O 580 -49.20 51.01 17.30
C SER O 580 -48.06 52.00 17.12
N LEU O 581 -48.42 53.25 16.81
CA LEU O 581 -47.46 54.31 16.59
C LEU O 581 -46.63 54.58 17.85
N ILE O 582 -47.31 54.75 19.00
CA ILE O 582 -46.66 54.94 20.29
C ILE O 582 -45.80 53.73 20.65
N LYS O 583 -46.32 52.52 20.40
CA LYS O 583 -45.60 51.26 20.60
C LYS O 583 -44.27 51.25 19.85
N VAL O 584 -44.30 51.59 18.55
CA VAL O 584 -43.12 51.65 17.70
C VAL O 584 -42.16 52.73 18.20
N LEU O 585 -42.66 53.95 18.41
CA LEU O 585 -41.81 55.09 18.78
C LEU O 585 -41.09 54.88 20.12
N LEU O 586 -41.73 54.16 21.06
CA LEU O 586 -41.12 53.75 22.32
C LEU O 586 -40.16 52.57 22.16
N GLN O 587 -40.52 51.59 21.31
CA GLN O 587 -39.68 50.44 21.00
C GLN O 587 -38.35 50.88 20.37
N LEU O 588 -38.41 51.87 19.47
CA LEU O 588 -37.25 52.49 18.85
C LEU O 588 -36.38 53.23 19.87
N ARG O 589 -37.00 53.81 20.91
CA ARG O 589 -36.33 54.42 22.06
C ARG O 589 -35.79 53.39 23.05
N GLY O 590 -35.97 52.08 22.77
CA GLY O 590 -35.35 51.01 23.53
C GLY O 590 -36.18 50.51 24.71
N TYR O 591 -37.38 51.08 24.91
CA TYR O 591 -38.30 50.54 25.91
C TYR O 591 -38.86 49.20 25.45
N ARG O 592 -38.99 48.23 26.37
CA ARG O 592 -39.70 47.00 26.08
C ARG O 592 -41.20 47.25 26.29
N VAL O 593 -41.98 47.16 25.21
CA VAL O 593 -43.38 47.60 25.25
C VAL O 593 -44.31 46.42 24.90
N PHE O 594 -45.36 46.29 25.70
CA PHE O 594 -46.41 45.29 25.48
C PHE O 594 -47.67 45.94 24.90
N ILE O 595 -48.20 45.34 23.82
CA ILE O 595 -49.53 45.62 23.30
C ILE O 595 -50.20 44.28 22.99
N ASP O 596 -51.50 44.15 23.31
CA ASP O 596 -52.11 42.83 23.52
C ASP O 596 -52.44 42.08 22.21
N VAL O 597 -52.33 42.73 21.05
CA VAL O 597 -52.67 42.16 19.74
C VAL O 597 -54.03 41.43 19.77
N ASP O 598 -54.99 42.08 20.43
CA ASP O 598 -56.29 41.52 20.79
C ASP O 598 -57.31 41.66 19.67
N LYS O 599 -57.08 42.60 18.73
CA LYS O 599 -58.00 42.87 17.64
C LYS O 599 -57.91 41.79 16.56
N LEU O 600 -58.68 40.70 16.78
CA LEU O 600 -58.90 39.58 15.88
C LEU O 600 -60.19 38.86 16.27
N TYR O 601 -60.68 37.94 15.42
CA TYR O 601 -61.94 37.23 15.56
C TYR O 601 -62.12 36.57 16.93
N ALA O 602 -61.04 35.98 17.48
CA ALA O 602 -61.06 35.26 18.75
C ALA O 602 -60.85 36.18 19.98
N GLY O 603 -60.90 37.50 19.78
CA GLY O 603 -60.56 38.49 20.82
C GLY O 603 -61.69 38.75 21.84
N LYS O 604 -62.16 37.68 22.50
CA LYS O 604 -63.26 37.72 23.46
C LYS O 604 -62.77 38.02 24.88
N PHE O 605 -61.75 37.26 25.32
CA PHE O 605 -61.31 37.20 26.72
C PHE O 605 -59.85 36.75 26.80
N ASP O 606 -59.07 37.41 27.67
CA ASP O 606 -57.81 36.88 28.20
C ASP O 606 -57.37 37.60 29.48
N SER O 607 -57.67 37.02 30.64
CA SER O 607 -57.27 37.54 31.94
C SER O 607 -55.75 37.78 32.07
N SER O 608 -54.92 37.04 31.32
CA SER O 608 -53.47 37.15 31.42
C SER O 608 -52.96 38.56 31.09
N LEU O 609 -53.70 39.31 30.26
CA LEU O 609 -53.32 40.69 29.95
C LEU O 609 -53.25 41.56 31.22
N LEU O 610 -54.10 41.26 32.22
CA LEU O 610 -54.07 41.94 33.51
C LEU O 610 -52.77 41.62 34.26
N LYS O 611 -52.27 40.39 34.11
CA LYS O 611 -50.97 40.00 34.63
C LYS O 611 -49.82 40.70 33.88
N ASN O 612 -49.97 40.93 32.56
CA ASN O 612 -49.04 41.77 31.79
C ASN O 612 -49.00 43.20 32.33
N ILE O 613 -50.15 43.79 32.70
CA ILE O 613 -50.21 45.09 33.38
C ILE O 613 -49.42 45.04 34.69
N GLN O 614 -49.63 43.99 35.48
CA GLN O 614 -48.94 43.78 36.75
C GLN O 614 -47.43 43.65 36.56
N ALA O 615 -46.98 43.06 35.44
CA ALA O 615 -45.57 42.89 35.08
C ALA O 615 -44.90 44.19 34.63
N ALA O 616 -45.66 45.11 34.02
CA ALA O 616 -45.15 46.38 33.50
C ALA O 616 -44.82 47.37 34.63
N LYS O 617 -43.95 48.35 34.35
CA LYS O 617 -43.67 49.46 35.25
C LYS O 617 -44.64 50.61 35.02
N HIS O 618 -44.94 50.87 33.73
CA HIS O 618 -45.75 52.00 33.28
C HIS O 618 -46.95 51.51 32.47
N PHE O 619 -48.06 52.25 32.55
CA PHE O 619 -49.29 51.94 31.84
C PHE O 619 -49.71 53.15 31.01
N ILE O 620 -49.82 52.97 29.68
CA ILE O 620 -50.27 54.00 28.77
C ILE O 620 -51.72 53.73 28.40
N LEU O 621 -52.56 54.78 28.45
CA LEU O 621 -53.93 54.70 27.98
C LEU O 621 -54.12 55.59 26.75
N VAL O 622 -54.49 54.97 25.62
CA VAL O 622 -54.60 55.64 24.33
C VAL O 622 -56.03 56.19 24.15
N LEU O 623 -56.27 57.33 24.79
CA LEU O 623 -57.56 58.00 24.81
C LEU O 623 -57.85 58.62 23.44
N THR O 624 -58.94 58.12 22.82
CA THR O 624 -59.20 58.29 21.40
C THR O 624 -60.69 58.53 21.15
N PRO O 625 -61.12 59.06 19.99
CA PRO O 625 -62.55 59.27 19.71
C PRO O 625 -63.39 58.00 19.92
N ASN O 626 -64.53 58.19 20.62
CA ASN O 626 -65.49 57.17 20.99
C ASN O 626 -64.91 56.08 21.91
N SER O 627 -63.67 56.25 22.42
CA SER O 627 -62.98 55.18 23.13
C SER O 627 -63.69 54.76 24.42
N LEU O 628 -64.06 55.74 25.26
CA LEU O 628 -64.50 55.50 26.64
C LEU O 628 -65.98 55.14 26.75
N ASP O 629 -66.72 55.03 25.63
CA ASP O 629 -68.15 54.75 25.62
C ASP O 629 -68.52 53.50 26.43
N ARG O 630 -67.66 52.47 26.37
CA ARG O 630 -67.86 51.21 27.08
C ARG O 630 -67.73 51.33 28.59
N LEU O 631 -67.05 52.38 29.10
CA LEU O 631 -66.98 52.65 30.53
C LEU O 631 -68.34 53.05 31.09
N LEU O 632 -69.14 53.80 30.30
CA LEU O 632 -70.29 54.51 30.83
C LEU O 632 -71.35 53.55 31.36
N ASN O 633 -71.63 53.67 32.67
CA ASN O 633 -72.54 52.81 33.43
C ASN O 633 -72.05 51.36 33.57
N ASP O 634 -70.76 51.09 33.34
CA ASP O 634 -70.17 49.76 33.45
C ASP O 634 -69.85 49.41 34.91
N ASP O 635 -70.86 49.47 35.78
CA ASP O 635 -70.73 49.14 37.21
C ASP O 635 -70.31 47.68 37.41
N ASN O 636 -70.67 46.83 36.43
CA ASN O 636 -70.36 45.41 36.37
C ASN O 636 -68.88 45.13 36.06
N CYS O 637 -68.16 46.13 35.53
CA CYS O 637 -66.78 46.02 35.05
C CYS O 637 -66.64 44.93 33.96
N GLU O 638 -67.52 44.97 32.95
CA GLU O 638 -67.53 44.05 31.82
C GLU O 638 -66.45 44.40 30.78
N ASP O 639 -66.15 45.70 30.63
CA ASP O 639 -65.31 46.20 29.55
C ASP O 639 -63.82 45.93 29.80
N TRP O 640 -63.10 45.48 28.76
CA TRP O 640 -61.65 45.30 28.83
C TRP O 640 -60.89 46.61 29.08
N VAL O 641 -61.30 47.75 28.49
CA VAL O 641 -60.60 49.00 28.77
C VAL O 641 -60.77 49.39 30.25
N HIS O 642 -61.99 49.23 30.78
CA HIS O 642 -62.28 49.34 32.21
C HIS O 642 -61.37 48.43 33.05
N LYS O 643 -61.35 47.11 32.75
CA LYS O 643 -60.56 46.12 33.47
C LYS O 643 -59.07 46.46 33.47
N GLU O 644 -58.54 46.85 32.30
CA GLU O 644 -57.15 47.24 32.11
C GLU O 644 -56.78 48.41 33.03
N LEU O 645 -57.53 49.52 32.91
CA LEU O 645 -57.30 50.72 33.70
C LEU O 645 -57.49 50.48 35.20
N LYS O 646 -58.51 49.68 35.55
CA LYS O 646 -58.77 49.28 36.93
C LYS O 646 -57.57 48.53 37.52
N CYS O 647 -57.04 47.54 36.79
CA CYS O 647 -55.87 46.80 37.20
C CYS O 647 -54.67 47.72 37.43
N ALA O 648 -54.46 48.68 36.54
CA ALA O 648 -53.39 49.67 36.67
C ALA O 648 -53.50 50.50 37.94
N PHE O 649 -54.70 51.01 38.27
CA PHE O 649 -54.95 51.74 39.52
C PHE O 649 -54.81 50.84 40.76
N GLU O 650 -55.35 49.62 40.70
CA GLU O 650 -55.29 48.66 41.81
C GLU O 650 -53.85 48.33 42.22
N HIS O 651 -52.94 48.28 41.24
CA HIS O 651 -51.51 48.05 41.46
C HIS O 651 -50.69 49.35 41.51
N GLN O 652 -51.35 50.51 41.45
CA GLN O 652 -50.78 51.86 41.55
C GLN O 652 -49.61 52.07 40.57
N LYS O 653 -49.78 51.60 39.32
CA LYS O 653 -48.79 51.78 38.26
C LYS O 653 -48.68 53.26 37.86
N ASN O 654 -47.55 53.62 37.23
CA ASN O 654 -47.39 54.91 36.59
C ASN O 654 -48.32 55.00 35.39
N ILE O 655 -49.45 55.72 35.54
CA ILE O 655 -50.48 55.78 34.51
C ILE O 655 -50.34 57.06 33.69
N ILE O 656 -50.32 56.87 32.36
CA ILE O 656 -50.05 57.93 31.40
C ILE O 656 -51.20 57.96 30.38
N PRO O 657 -52.25 58.79 30.60
CA PRO O 657 -53.24 59.04 29.57
C PRO O 657 -52.60 59.86 28.44
N ILE O 658 -52.69 59.33 27.23
CA ILE O 658 -52.31 60.05 26.02
C ILE O 658 -53.57 60.30 25.20
N PHE O 659 -53.82 61.59 24.93
CA PHE O 659 -55.04 62.04 24.29
C PHE O 659 -54.78 62.25 22.79
N ASP O 660 -55.58 61.60 21.95
CA ASP O 660 -55.67 61.96 20.53
C ASP O 660 -56.10 63.43 20.39
N THR O 661 -55.73 64.09 19.27
CA THR O 661 -55.92 65.52 19.07
C THR O 661 -57.40 65.93 19.21
N ALA O 662 -58.31 64.98 18.92
CA ALA O 662 -59.76 65.20 18.94
C ALA O 662 -60.42 64.73 20.26
N PHE O 663 -59.68 64.08 21.17
CA PHE O 663 -60.24 63.45 22.36
C PHE O 663 -60.62 64.45 23.45
N GLU O 664 -61.77 64.18 24.12
CA GLU O 664 -62.18 64.79 25.38
C GLU O 664 -62.85 63.73 26.28
N PHE O 665 -62.66 63.84 27.60
CA PHE O 665 -63.36 63.00 28.56
C PHE O 665 -64.87 63.28 28.56
N PRO O 666 -65.74 62.25 28.74
CA PRO O 666 -67.20 62.45 28.84
C PRO O 666 -67.65 63.38 29.96
N THR O 667 -68.63 64.23 29.64
CA THR O 667 -69.31 65.13 30.60
C THR O 667 -70.06 64.33 31.68
N LYS O 668 -70.45 63.09 31.34
CA LYS O 668 -71.18 62.17 32.21
C LYS O 668 -70.24 61.50 33.21
N GLU O 669 -69.56 62.31 34.03
CA GLU O 669 -68.48 61.88 34.91
C GLU O 669 -68.94 60.84 35.93
N ASP O 670 -70.17 60.97 36.44
CA ASP O 670 -70.79 60.01 37.36
C ASP O 670 -71.00 58.64 36.70
N GLN O 671 -71.26 58.63 35.38
CA GLN O 671 -71.41 57.40 34.61
C GLN O 671 -70.05 56.72 34.34
N ILE O 672 -68.94 57.47 34.40
CA ILE O 672 -67.61 56.86 34.47
C ILE O 672 -67.49 56.15 35.82
N PRO O 673 -67.21 54.82 35.87
CA PRO O 673 -67.22 54.08 37.14
C PRO O 673 -66.26 54.59 38.21
N ASN O 674 -66.71 54.46 39.47
CA ASN O 674 -66.09 55.03 40.67
C ASN O 674 -64.63 54.56 40.86
N ASP O 675 -64.34 53.32 40.44
CA ASP O 675 -63.06 52.65 40.62
C ASP O 675 -61.97 53.18 39.67
N ILE O 676 -62.35 53.97 38.64
CA ILE O 676 -61.41 54.45 37.62
C ILE O 676 -61.56 55.96 37.31
N ARG O 677 -62.64 56.61 37.77
CA ARG O 677 -63.01 57.99 37.43
C ARG O 677 -61.85 59.00 37.54
N MET O 678 -60.92 58.75 38.47
CA MET O 678 -59.78 59.63 38.74
C MET O 678 -58.87 59.84 37.50
N ILE O 679 -58.98 58.97 36.47
CA ILE O 679 -58.28 59.16 35.19
C ILE O 679 -58.57 60.54 34.59
N THR O 680 -59.80 61.06 34.78
CA THR O 680 -60.23 62.37 34.32
C THR O 680 -59.43 63.51 34.97
N LYS O 681 -58.77 63.23 36.10
CA LYS O 681 -58.02 64.20 36.91
C LYS O 681 -56.50 64.02 36.78
N TYR O 682 -56.06 62.89 36.20
CA TYR O 682 -54.65 62.63 35.88
C TYR O 682 -54.13 63.58 34.82
N ASN O 683 -52.85 63.99 34.96
CA ASN O 683 -52.10 64.68 33.92
C ASN O 683 -51.78 63.71 32.77
N GLY O 684 -51.68 64.24 31.54
CA GLY O 684 -51.40 63.44 30.35
C GLY O 684 -50.82 64.25 29.19
N VAL O 685 -50.62 63.59 28.04
CA VAL O 685 -50.03 64.20 26.85
C VAL O 685 -51.09 64.35 25.74
N LYS O 686 -51.28 65.58 25.25
CA LYS O 686 -52.05 65.83 24.05
C LYS O 686 -51.21 65.55 22.80
N TRP O 687 -51.50 64.42 22.13
CA TRP O 687 -50.82 64.01 20.91
C TRP O 687 -51.24 64.90 19.73
N VAL O 688 -50.25 65.33 18.93
CA VAL O 688 -50.46 66.10 17.72
C VAL O 688 -49.80 65.38 16.54
N HIS O 689 -50.60 65.12 15.49
CA HIS O 689 -50.19 64.29 14.36
C HIS O 689 -48.94 64.80 13.63
N ASP O 690 -48.73 66.13 13.66
CA ASP O 690 -47.62 66.80 12.98
C ASP O 690 -46.33 66.81 13.81
N TYR O 691 -46.41 66.60 15.14
CA TYR O 691 -45.30 66.84 16.07
C TYR O 691 -44.95 65.58 16.88
N GLN O 692 -44.91 64.43 16.20
CA GLN O 692 -44.94 63.11 16.84
C GLN O 692 -43.76 62.89 17.79
N ASP O 693 -42.55 63.27 17.37
CA ASP O 693 -41.36 63.10 18.20
C ASP O 693 -41.36 64.01 19.42
N ALA O 694 -41.89 65.24 19.28
CA ALA O 694 -42.06 66.17 20.40
C ALA O 694 -43.06 65.62 21.42
N CYS O 695 -44.20 65.10 20.92
CA CYS O 695 -45.20 64.43 21.75
C CYS O 695 -44.58 63.23 22.48
N MET O 696 -43.83 62.41 21.74
CA MET O 696 -43.18 61.23 22.29
C MET O 696 -42.14 61.60 23.37
N ALA O 697 -41.38 62.69 23.17
CA ALA O 697 -40.47 63.23 24.19
C ALA O 697 -41.22 63.62 25.47
N LYS O 698 -42.41 64.21 25.33
CA LYS O 698 -43.27 64.54 26.47
C LYS O 698 -43.75 63.28 27.19
N VAL O 699 -44.11 62.22 26.44
CA VAL O 699 -44.43 60.92 27.01
C VAL O 699 -43.24 60.34 27.78
N VAL O 700 -42.02 60.47 27.23
CA VAL O 700 -40.80 60.02 27.89
C VAL O 700 -40.62 60.74 29.24
N ARG O 701 -40.97 62.03 29.33
CA ARG O 701 -41.00 62.75 30.61
C ARG O 701 -41.96 62.08 31.60
N PHE O 702 -43.19 61.72 31.17
CA PHE O 702 -44.10 60.96 32.00
C PHE O 702 -43.55 59.57 32.41
N ILE O 703 -42.77 58.92 31.53
CA ILE O 703 -42.13 57.64 31.80
C ILE O 703 -41.07 57.74 32.91
N THR O 704 -40.61 58.96 33.26
CA THR O 704 -39.76 59.14 34.44
C THR O 704 -40.51 58.87 35.75
N GLY O 705 -41.85 58.83 35.70
CA GLY O 705 -42.72 58.48 36.84
C GLY O 705 -43.47 59.69 37.42
N GLU O 706 -44.81 59.56 37.49
CA GLU O 706 -45.70 60.55 38.09
C GLU O 706 -46.92 59.85 38.70
N LEU O 707 -46.75 59.33 39.94
CA LEU O 707 -47.74 58.53 40.64
C LEU O 707 -48.79 59.42 41.31
N ASN O 708 -49.59 60.11 40.48
CA ASN O 708 -50.58 61.11 40.89
C ASN O 708 -51.60 60.52 41.88
N GLY P 561 -5.56 60.44 5.42
CA GLY P 561 -6.56 61.52 5.63
C GLY P 561 -7.45 61.69 4.40
N ASP P 562 -8.77 61.69 4.62
CA ASP P 562 -9.76 61.65 3.54
C ASP P 562 -10.10 63.05 3.01
N THR P 563 -9.93 64.08 3.86
CA THR P 563 -10.37 65.44 3.58
C THR P 563 -9.52 66.08 2.48
N PRO P 564 -10.11 66.91 1.57
CA PRO P 564 -9.32 67.71 0.64
C PRO P 564 -8.60 68.85 1.36
N ASP P 565 -7.40 69.17 0.87
CA ASP P 565 -6.72 70.42 1.19
C ASP P 565 -7.43 71.60 0.52
N VAL P 566 -7.82 71.42 -0.76
CA VAL P 566 -8.28 72.51 -1.62
C VAL P 566 -9.60 72.12 -2.29
N PHE P 567 -10.55 73.07 -2.33
CA PHE P 567 -11.74 73.00 -3.16
C PHE P 567 -11.58 73.94 -4.35
N ILE P 568 -11.94 73.49 -5.57
CA ILE P 568 -11.95 74.34 -6.76
C ILE P 568 -13.38 74.66 -7.18
N SER P 569 -13.68 75.97 -7.22
CA SER P 569 -14.90 76.55 -7.74
C SER P 569 -14.64 77.14 -9.13
N TYR P 570 -15.53 76.84 -10.08
CA TYR P 570 -15.41 77.27 -11.46
C TYR P 570 -16.80 77.42 -12.07
N ARG P 571 -16.97 78.36 -13.01
CA ARG P 571 -18.20 78.44 -13.81
C ARG P 571 -18.26 77.27 -14.79
N ARG P 572 -19.39 76.53 -14.80
CA ARG P 572 -19.55 75.28 -15.54
C ARG P 572 -19.30 75.41 -17.05
N SER P 573 -19.66 76.58 -17.62
CA SER P 573 -19.61 76.84 -19.06
C SER P 573 -18.19 77.04 -19.59
N THR P 574 -17.40 77.93 -18.94
CA THR P 574 -16.15 78.44 -19.48
C THR P 574 -14.91 78.12 -18.62
N GLY P 575 -15.11 77.71 -17.37
CA GLY P 575 -14.02 77.55 -16.42
C GLY P 575 -13.39 76.16 -16.34
N ASN P 576 -13.99 75.15 -16.99
CA ASN P 576 -13.68 73.74 -16.78
C ASN P 576 -12.22 73.40 -17.14
N GLN P 577 -11.67 73.97 -18.22
CA GLN P 577 -10.30 73.67 -18.65
C GLN P 577 -9.28 74.15 -17.62
N LEU P 578 -9.32 75.46 -17.30
CA LEU P 578 -8.38 76.05 -16.36
C LEU P 578 -8.52 75.42 -14.97
N ALA P 579 -9.76 75.12 -14.55
CA ALA P 579 -10.04 74.40 -13.32
C ALA P 579 -9.36 73.03 -13.30
N SER P 580 -9.53 72.23 -14.37
CA SER P 580 -8.93 70.91 -14.52
C SER P 580 -7.40 71.00 -14.46
N LEU P 581 -6.84 71.99 -15.16
CA LEU P 581 -5.41 72.21 -15.23
C LEU P 581 -4.84 72.49 -13.84
N ILE P 582 -5.44 73.43 -13.11
CA ILE P 582 -5.05 73.79 -11.75
C ILE P 582 -5.20 72.57 -10.83
N LYS P 583 -6.30 71.83 -10.98
CA LYS P 583 -6.57 70.60 -10.23
C LYS P 583 -5.43 69.60 -10.40
N VAL P 584 -5.03 69.32 -11.65
CA VAL P 584 -3.94 68.41 -11.97
C VAL P 584 -2.62 68.93 -11.40
N LEU P 585 -2.27 70.20 -11.67
CA LEU P 585 -0.98 70.76 -11.28
C LEU P 585 -0.79 70.79 -9.76
N LEU P 586 -1.89 70.96 -8.99
CA LEU P 586 -1.90 70.85 -7.54
C LEU P 586 -1.86 69.40 -7.06
N GLN P 587 -2.60 68.51 -7.73
CA GLN P 587 -2.62 67.08 -7.43
C GLN P 587 -1.23 66.46 -7.58
N LEU P 588 -0.51 66.87 -8.64
CA LEU P 588 0.88 66.47 -8.88
C LEU P 588 1.82 67.00 -7.80
N ARG P 589 1.52 68.18 -7.24
CA ARG P 589 2.22 68.77 -6.09
C ARG P 589 1.83 68.11 -4.76
N GLY P 590 0.93 67.11 -4.80
CA GLY P 590 0.61 66.30 -3.63
C GLY P 590 -0.54 66.83 -2.77
N TYR P 591 -1.14 67.95 -3.19
CA TYR P 591 -2.35 68.45 -2.52
C TYR P 591 -3.53 67.54 -2.86
N ARG P 592 -4.38 67.26 -1.86
CA ARG P 592 -5.66 66.58 -2.12
C ARG P 592 -6.67 67.63 -2.55
N VAL P 593 -7.15 67.52 -3.80
CA VAL P 593 -7.95 68.58 -4.41
C VAL P 593 -9.32 68.04 -4.81
N PHE P 594 -10.36 68.81 -4.47
CA PHE P 594 -11.74 68.52 -4.85
C PHE P 594 -12.20 69.42 -5.99
N ILE P 595 -12.79 68.80 -7.03
CA ILE P 595 -13.55 69.49 -8.07
C ILE P 595 -14.84 68.70 -8.30
N ASP P 596 -15.97 69.41 -8.48
CA ASP P 596 -17.28 68.82 -8.24
C ASP P 596 -17.78 67.90 -9.36
N VAL P 597 -17.09 67.86 -10.51
CA VAL P 597 -17.48 67.07 -11.68
C VAL P 597 -18.98 67.23 -12.02
N ASP P 598 -19.43 68.48 -11.93
CA ASP P 598 -20.83 68.88 -11.99
C ASP P 598 -21.33 69.05 -13.42
N LYS P 599 -20.42 69.26 -14.38
CA LYS P 599 -20.76 69.50 -15.78
C LYS P 599 -21.17 68.18 -16.46
N LEU P 600 -22.47 67.86 -16.32
CA LEU P 600 -23.17 66.74 -16.94
C LEU P 600 -24.68 67.04 -16.94
N TYR P 601 -25.47 66.24 -17.67
CA TYR P 601 -26.91 66.40 -17.87
C TYR P 601 -27.69 66.57 -16.55
N ALA P 602 -27.31 65.81 -15.50
CA ALA P 602 -27.99 65.82 -14.21
C ALA P 602 -27.48 66.91 -13.25
N GLY P 603 -26.67 67.86 -13.76
CA GLY P 603 -25.98 68.87 -12.94
C GLY P 603 -26.87 70.05 -12.51
N LYS P 604 -28.00 69.74 -11.84
CA LYS P 604 -28.99 70.73 -11.41
C LYS P 604 -28.67 71.27 -10.02
N PHE P 605 -28.44 70.35 -9.06
CA PHE P 605 -28.38 70.66 -7.64
C PHE P 605 -27.56 69.59 -6.89
N ASP P 606 -26.69 70.05 -5.96
CA ASP P 606 -26.16 69.20 -4.90
C ASP P 606 -25.59 70.04 -3.74
N SER P 607 -26.38 70.23 -2.69
CA SER P 607 -25.97 70.95 -1.48
C SER P 607 -24.68 70.41 -0.84
N SER P 608 -24.38 69.11 -1.03
CA SER P 608 -23.22 68.49 -0.40
C SER P 608 -21.90 69.14 -0.82
N LEU P 609 -21.85 69.75 -2.02
CA LEU P 609 -20.66 70.47 -2.47
C LEU P 609 -20.29 71.60 -1.49
N LEU P 610 -21.29 72.23 -0.85
CA LEU P 610 -21.06 73.25 0.15
C LEU P 610 -20.40 72.65 1.41
N LYS P 611 -20.74 71.39 1.73
CA LYS P 611 -20.09 70.64 2.79
C LYS P 611 -18.65 70.26 2.40
N ASN P 612 -18.38 69.99 1.11
CA ASN P 612 -17.03 69.81 0.60
C ASN P 612 -16.19 71.09 0.76
N ILE P 613 -16.78 72.28 0.53
CA ILE P 613 -16.13 73.55 0.83
C ILE P 613 -15.78 73.64 2.31
N GLN P 614 -16.74 73.29 3.18
CA GLN P 614 -16.55 73.30 4.62
C GLN P 614 -15.45 72.34 5.07
N ALA P 615 -15.28 71.21 4.36
CA ALA P 615 -14.25 70.20 4.62
C ALA P 615 -12.85 70.65 4.17
N ALA P 616 -12.76 71.48 3.13
CA ALA P 616 -11.48 71.97 2.59
C ALA P 616 -10.81 73.00 3.50
N LYS P 617 -9.48 73.16 3.37
CA LYS P 617 -8.74 74.22 4.04
C LYS P 617 -8.73 75.51 3.19
N HIS P 618 -8.57 75.33 1.86
CA HIS P 618 -8.42 76.41 0.90
C HIS P 618 -9.50 76.33 -0.18
N PHE P 619 -9.90 77.50 -0.70
CA PHE P 619 -10.91 77.60 -1.74
C PHE P 619 -10.34 78.40 -2.92
N ILE P 620 -10.31 77.77 -4.10
CA ILE P 620 -9.85 78.41 -5.32
C ILE P 620 -11.07 78.81 -6.15
N LEU P 621 -11.06 80.05 -6.66
CA LEU P 621 -12.08 80.50 -7.60
C LEU P 621 -11.47 80.77 -8.97
N VAL P 622 -11.94 80.03 -9.98
CA VAL P 622 -11.39 80.06 -11.34
C VAL P 622 -12.11 81.13 -12.16
N LEU P 623 -11.69 82.39 -11.93
CA LEU P 623 -12.26 83.57 -12.57
C LEU P 623 -11.88 83.62 -14.05
N THR P 624 -12.90 83.55 -14.90
CA THR P 624 -12.76 83.23 -16.32
C THR P 624 -13.71 84.08 -17.16
N PRO P 625 -13.50 84.24 -18.50
CA PRO P 625 -14.42 85.01 -19.33
C PRO P 625 -15.89 84.58 -19.17
N ASN P 626 -16.76 85.59 -19.04
CA ASN P 626 -18.21 85.48 -18.85
C ASN P 626 -18.58 84.73 -17.56
N SER P 627 -17.63 84.44 -16.66
CA SER P 627 -17.87 83.56 -15.52
C SER P 627 -18.90 84.14 -14.54
N LEU P 628 -18.72 85.42 -14.14
CA LEU P 628 -19.45 86.02 -13.03
C LEU P 628 -20.82 86.58 -13.41
N ASP P 629 -21.26 86.40 -14.68
CA ASP P 629 -22.53 86.93 -15.18
C ASP P 629 -23.72 86.52 -14.31
N ARG P 630 -23.70 85.27 -13.80
CA ARG P 630 -24.76 84.71 -12.96
C ARG P 630 -24.85 85.37 -11.57
N LEU P 631 -23.76 86.01 -11.11
CA LEU P 631 -23.77 86.76 -9.86
C LEU P 631 -24.67 88.00 -9.97
N LEU P 632 -24.68 88.65 -11.14
CA LEU P 632 -25.21 89.99 -11.27
C LEU P 632 -26.72 90.04 -10.98
N ASN P 633 -27.08 90.81 -9.94
CA ASN P 633 -28.44 90.95 -9.42
C ASN P 633 -28.99 89.66 -8.78
N ASP P 634 -28.12 88.70 -8.43
CA ASP P 634 -28.52 87.44 -7.80
C ASP P 634 -28.73 87.61 -6.30
N ASP P 635 -29.63 88.53 -5.91
CA ASP P 635 -29.97 88.80 -4.52
C ASP P 635 -30.60 87.57 -3.85
N ASN P 636 -31.22 86.72 -4.67
CA ASN P 636 -31.86 85.46 -4.28
C ASN P 636 -30.85 84.36 -3.94
N CYS P 637 -29.59 84.52 -4.35
CA CYS P 637 -28.52 83.52 -4.24
C CYS P 637 -28.89 82.20 -4.91
N GLU P 638 -29.38 82.27 -6.16
CA GLU P 638 -29.77 81.11 -6.98
C GLU P 638 -28.54 80.39 -7.57
N ASP P 639 -27.48 81.15 -7.89
CA ASP P 639 -26.33 80.64 -8.64
C ASP P 639 -25.40 79.77 -7.79
N TRP P 640 -24.96 78.64 -8.34
CA TRP P 640 -23.97 77.79 -7.69
C TRP P 640 -22.63 78.47 -7.46
N VAL P 641 -22.13 79.30 -8.40
CA VAL P 641 -20.87 80.00 -8.17
C VAL P 641 -21.00 80.97 -6.99
N HIS P 642 -22.12 81.71 -6.95
CA HIS P 642 -22.52 82.53 -5.81
C HIS P 642 -22.55 81.71 -4.50
N LYS P 643 -23.29 80.60 -4.46
CA LYS P 643 -23.43 79.74 -3.29
C LYS P 643 -22.07 79.21 -2.80
N GLU P 644 -21.23 78.75 -3.73
CA GLU P 644 -19.89 78.25 -3.46
C GLU P 644 -19.04 79.32 -2.76
N LEU P 645 -18.90 80.49 -3.40
CA LEU P 645 -18.11 81.60 -2.88
C LEU P 645 -18.67 82.13 -1.54
N LYS P 646 -20.00 82.20 -1.43
CA LYS P 646 -20.69 82.59 -0.21
C LYS P 646 -20.34 81.66 0.94
N CYS P 647 -20.43 80.34 0.71
CA CYS P 647 -20.07 79.34 1.69
C CYS P 647 -18.62 79.51 2.16
N ALA P 648 -17.69 79.76 1.22
CA ALA P 648 -16.29 79.98 1.52
C ALA P 648 -16.08 81.20 2.44
N PHE P 649 -16.73 82.34 2.16
CA PHE P 649 -16.69 83.52 3.01
C PHE P 649 -17.34 83.29 4.38
N GLU P 650 -18.51 82.62 4.40
CA GLU P 650 -19.26 82.32 5.63
C GLU P 650 -18.43 81.49 6.63
N HIS P 651 -17.58 80.58 6.11
CA HIS P 651 -16.68 79.77 6.91
C HIS P 651 -15.25 80.33 6.97
N GLN P 652 -15.03 81.53 6.40
CA GLN P 652 -13.78 82.28 6.41
C GLN P 652 -12.59 81.43 5.94
N LYS P 653 -12.79 80.67 4.86
CA LYS P 653 -11.73 79.85 4.25
C LYS P 653 -10.66 80.75 3.60
N ASN P 654 -9.47 80.17 3.39
CA ASN P 654 -8.43 80.80 2.59
C ASN P 654 -8.89 80.85 1.13
N ILE P 655 -9.33 82.04 0.66
CA ILE P 655 -9.90 82.21 -0.66
C ILE P 655 -8.85 82.75 -1.63
N ILE P 656 -8.72 82.06 -2.78
CA ILE P 656 -7.70 82.32 -3.77
C ILE P 656 -8.38 82.52 -5.12
N PRO P 657 -8.72 83.77 -5.51
CA PRO P 657 -9.13 84.05 -6.88
C PRO P 657 -7.94 83.89 -7.82
N ILE P 658 -8.14 83.04 -8.84
CA ILE P 658 -7.20 82.88 -9.93
C ILE P 658 -7.86 83.40 -11.19
N PHE P 659 -7.21 84.38 -11.83
CA PHE P 659 -7.74 85.08 -12.98
C PHE P 659 -7.15 84.50 -14.25
N ASP P 660 -8.02 84.08 -15.18
CA ASP P 660 -7.62 83.81 -16.56
C ASP P 660 -7.01 85.08 -17.18
N THR P 661 -6.13 84.92 -18.18
CA THR P 661 -5.35 86.02 -18.76
C THR P 661 -6.26 87.14 -19.29
N ALA P 662 -7.49 86.80 -19.70
CA ALA P 662 -8.47 87.71 -20.27
C ALA P 662 -9.50 88.24 -19.26
N PHE P 663 -9.49 87.74 -18.00
CA PHE P 663 -10.52 88.05 -17.00
C PHE P 663 -10.37 89.45 -16.40
N GLU P 664 -11.53 90.10 -16.17
CA GLU P 664 -11.69 91.29 -15.34
C GLU P 664 -13.01 91.21 -14.56
N PHE P 665 -13.02 91.74 -13.32
CA PHE P 665 -14.25 91.86 -12.55
C PHE P 665 -15.24 92.85 -13.20
N PRO P 666 -16.57 92.60 -13.14
CA PRO P 666 -17.58 93.54 -13.65
C PRO P 666 -17.53 94.94 -13.03
N THR P 667 -17.70 95.96 -13.89
CA THR P 667 -17.83 97.37 -13.49
C THR P 667 -19.08 97.61 -12.63
N LYS P 668 -20.09 96.74 -12.80
CA LYS P 668 -21.37 96.78 -12.10
C LYS P 668 -21.24 96.19 -10.69
N GLU P 669 -20.35 96.79 -9.88
CA GLU P 669 -19.95 96.27 -8.57
C GLU P 669 -21.12 96.13 -7.60
N ASP P 670 -22.07 97.08 -7.65
CA ASP P 670 -23.29 97.06 -6.85
C ASP P 670 -24.19 95.87 -7.20
N GLN P 671 -24.18 95.46 -8.48
CA GLN P 671 -24.92 94.28 -8.96
C GLN P 671 -24.25 92.97 -8.53
N ILE P 672 -22.95 92.99 -8.21
CA ILE P 672 -22.32 91.87 -7.51
C ILE P 672 -22.90 91.83 -6.09
N PRO P 673 -23.53 90.70 -5.64
CA PRO P 673 -24.20 90.66 -4.35
C PRO P 673 -23.34 90.99 -3.13
N ASN P 674 -23.97 91.64 -2.15
CA ASN P 674 -23.36 92.24 -0.96
C ASN P 674 -22.57 91.22 -0.12
N ASP P 675 -23.05 89.96 -0.11
CA ASP P 675 -22.51 88.87 0.69
C ASP P 675 -21.19 88.31 0.14
N ILE P 676 -20.82 88.67 -1.10
CA ILE P 676 -19.63 88.14 -1.77
C ILE P 676 -18.75 89.21 -2.44
N ARG P 677 -19.24 90.45 -2.60
CA ARG P 677 -18.61 91.54 -3.35
C ARG P 677 -17.12 91.75 -3.03
N MET P 678 -16.72 91.47 -1.77
CA MET P 678 -15.35 91.63 -1.30
C MET P 678 -14.32 90.82 -2.10
N ILE P 679 -14.75 89.80 -2.88
CA ILE P 679 -13.90 89.06 -3.81
C ILE P 679 -13.14 90.00 -4.76
N THR P 680 -13.80 91.10 -5.17
CA THR P 680 -13.23 92.12 -6.04
C THR P 680 -12.02 92.83 -5.41
N LYS P 681 -11.88 92.74 -4.08
CA LYS P 681 -10.85 93.41 -3.29
C LYS P 681 -9.79 92.43 -2.78
N TYR P 682 -10.05 91.12 -2.87
CA TYR P 682 -9.08 90.06 -2.56
C TYR P 682 -7.89 90.08 -3.54
N ASN P 683 -6.70 89.77 -3.00
CA ASN P 683 -5.52 89.49 -3.81
C ASN P 683 -5.67 88.12 -4.49
N GLY P 684 -5.06 87.97 -5.69
CA GLY P 684 -5.14 86.75 -6.47
C GLY P 684 -3.99 86.57 -7.47
N VAL P 685 -4.05 85.50 -8.26
CA VAL P 685 -3.02 85.17 -9.24
C VAL P 685 -3.54 85.38 -10.67
N LYS P 686 -2.83 86.19 -11.46
CA LYS P 686 -3.07 86.29 -12.89
C LYS P 686 -2.38 85.13 -13.62
N TRP P 687 -3.19 84.16 -14.08
CA TRP P 687 -2.72 83.00 -14.82
C TRP P 687 -2.27 83.39 -16.23
N VAL P 688 -1.11 82.87 -16.67
CA VAL P 688 -0.58 83.08 -18.01
C VAL P 688 -0.33 81.71 -18.65
N HIS P 689 -0.92 81.49 -19.84
CA HIS P 689 -0.93 80.20 -20.51
C HIS P 689 0.48 79.64 -20.79
N ASP P 690 1.45 80.54 -20.99
CA ASP P 690 2.83 80.20 -21.32
C ASP P 690 3.69 79.87 -20.08
N TYR P 691 3.26 80.30 -18.88
CA TYR P 691 4.10 80.29 -17.68
C TYR P 691 3.46 79.50 -16.54
N GLN P 692 2.88 78.33 -16.87
CA GLN P 692 1.93 77.62 -16.02
C GLN P 692 2.53 77.23 -14.66
N ASP P 693 3.78 76.72 -14.65
CA ASP P 693 4.43 76.31 -13.42
C ASP P 693 4.79 77.50 -12.52
N ALA P 694 5.17 78.64 -13.13
CA ALA P 694 5.42 79.88 -12.40
C ALA P 694 4.14 80.41 -11.75
N CYS P 695 3.04 80.40 -12.51
CA CYS P 695 1.71 80.75 -12.01
C CYS P 695 1.30 79.83 -10.85
N MET P 696 1.50 78.52 -11.03
CA MET P 696 1.18 77.52 -10.03
C MET P 696 2.01 77.71 -8.75
N ALA P 697 3.31 78.05 -8.88
CA ALA P 697 4.15 78.40 -7.73
C ALA P 697 3.61 79.60 -6.96
N LYS P 698 3.08 80.62 -7.67
CA LYS P 698 2.44 81.77 -7.06
C LYS P 698 1.16 81.36 -6.32
N VAL P 699 0.36 80.46 -6.90
CA VAL P 699 -0.79 79.87 -6.21
C VAL P 699 -0.37 79.13 -4.94
N VAL P 700 0.74 78.37 -5.00
CA VAL P 700 1.28 77.68 -3.83
C VAL P 700 1.63 78.67 -2.71
N ARG P 701 2.15 79.86 -3.05
CA ARG P 701 2.35 80.93 -2.08
C ARG P 701 1.03 81.33 -1.41
N PHE P 702 -0.06 81.52 -2.18
CA PHE P 702 -1.38 81.77 -1.61
C PHE P 702 -1.88 80.61 -0.73
N ILE P 703 -1.54 79.35 -1.08
CA ILE P 703 -1.89 78.17 -0.31
C ILE P 703 -1.21 78.15 1.07
N THR P 704 -0.16 78.97 1.29
CA THR P 704 0.40 79.15 2.63
C THR P 704 -0.57 79.87 3.58
N GLY P 705 -1.62 80.52 3.04
CA GLY P 705 -2.68 81.16 3.79
C GLY P 705 -2.62 82.69 3.76
N GLU P 706 -3.73 83.31 3.34
CA GLU P 706 -3.90 84.77 3.33
C GLU P 706 -5.37 85.13 3.55
N LEU P 707 -5.77 85.16 4.83
CA LEU P 707 -7.16 85.36 5.27
C LEU P 707 -7.52 86.85 5.26
N ASN P 708 -7.56 87.44 4.06
CA ASN P 708 -7.77 88.85 3.82
C ASN P 708 -9.08 89.36 4.44
#